data_6BF9
#
_entry.id   6BF9
#
_cell.length_a   1
_cell.length_b   1
_cell.length_c   1
_cell.angle_alpha   90.00
_cell.angle_beta   90.00
_cell.angle_gamma   90.00
#
_symmetry.space_group_name_H-M   'P 1'
#
loop_
_entity.id
_entity.type
_entity.pdbx_description
1 polymer 'Insulin-degrading enzyme'
2 polymer 'Fab H11-E heavy chain'
3 polymer 'Fab H11-E light chain'
#
loop_
_entity_poly.entity_id
_entity_poly.type
_entity_poly.pdbx_seq_one_letter_code
_entity_poly.pdbx_strand_id
1 'polypeptide(L)'
;AIKRIGNHITKSPEDKREYRGLELANGIKVLLISDPTTDKSSAALDVHIGSLSDPPNIAGLSHFLEHMLFLGTKKYPKEN
EYSQFLSEHAGSSNAFTSGEHTNYYFDVSHEHLEGALDRFAQFFLSPLFDESAKDREVNAVDSEHEKNVMNDAWRLFQLE
KATGNPKHPFSKFGTGNKYTLETRPNQEGIDVRQELLKFHSAYYSSNLMAVVVLGRESLDDLTNLVVKLFSEVENKNVPL
PEFPEHPFQEEHLKQLYKIVPIKDIRNLYVTFPIPDLQKYYKSNPGHYLGHLIGHEGPGSLLSELKSKGWVNTLVGGQKE
GARGFMFFIINVDLTEEGLLHVEDIILHMFQYIQKLRAEGPQEWVFQELKDLNAVAFRFKDKERPRGYTSKIAGILHYYP
LEEVLTAEYLLEEFRPDLIEMVLDKLRPENVRVAIVSKSFEGKTDRTEEWYGTQYKQEAIPDEVIKKWQNADLNGKFKLP
TKNEFIPTNFEILPLEKEATPYPALIKDTAMSKLWFKQDDKFFLPKANLNFEFFSPFAYVDPLHSNMAYLYLELLKDSLN
EYAYAAELAGLSYDLQNTIYGMYLSVKGYNDKQPILLKKIIEKMATFEIDEKRFEIIKEAYMRSLNNFRAEQPHQHAMYY
LRLLMTEVAWTKDELKEALDDVTLPRLKAFIPQLLSRLHIEALLHGNITKQAALGIMQMVEDTLIEHAHTKPLLPSQLVR
YREVQLPDRGWFVYQQRNEVHNNSGIEIYYQTDMQSTSENMFLELFAQIISEPAFNTLRTKEQLGYIVFSGPRRANGIQG
LRFIIQSEKPPHYLESRVEAFLITMEKSIEDMTEEAFQKHIQALAIRRLDKPKKLSAESAKYWGEIISQQYNFDRDNTEV
AYLKTLTKEDIIKFYKEMLAVDAPRRHKVSVHVLAREMDSCPVVGEFPCQNDINLSQAPALPQPEVIQNMTEFKRGLPLF
PLVKPH
;
A,B
2 'polypeptide(L)'
;EVQLVESGGGLVQPGGSLRLSCAASGFNISSSSIHWVRQAPGKGLEWVASIYSYSGSTYYADSVKGRFTISADTSKNTAY
LQMNSLRAEDTAVYYCARHYSAVAGLDYWGQGTLVTVFNQIKPPSVFPLAPSSKSTSGGTAALGCLVKDYFPEPVTVSWN
SGALTSGVHTFPAVLQSSGLYSLSSVVTVPSSSLGTQTYICNVNHKPSNTKVDKKVEP
;
C,E
3 'polypeptide(L)'
;DIQMTQSPSSLSASVGDRVTITCRASQSVSSAVAWYQQKPGKAPKLLIYSASSLYSGVPSRFSGSRSGTDYTLTISSLQP
EDFATYYCQQSYFNPITFGQGTKVEIKRTVAAPSVFIFPPSDEQLKSGTASVVCLLNNFYPREAKVQWKVDNALQSGNSQ
ESVTEQDSKDSTYSLSSTLTLSKADYEKHKVYACEVTHQGLSSPVTKSFNR
;
D,F
#
# COMPACT_ATOMS: atom_id res chain seq x y z
N ALA A 1 -64.92 32.93 38.11
CA ALA A 1 -64.25 34.04 37.44
C ALA A 1 -64.37 33.91 35.92
N ILE A 2 -65.62 33.82 35.49
CA ILE A 2 -66.03 33.48 34.13
C ILE A 2 -65.96 34.70 33.22
N LYS A 3 -64.82 34.90 32.56
CA LYS A 3 -64.71 35.97 31.57
C LYS A 3 -64.19 35.42 30.25
N ARG A 4 -64.71 35.98 29.15
CA ARG A 4 -64.46 35.47 27.81
C ARG A 4 -64.15 36.63 26.87
N ILE A 5 -63.10 36.46 26.08
CA ILE A 5 -62.59 37.45 25.12
C ILE A 5 -61.96 36.68 23.97
N GLY A 6 -62.42 36.89 22.74
CA GLY A 6 -61.59 36.46 21.63
C GLY A 6 -61.81 37.19 20.32
N ASN A 7 -60.83 37.03 19.44
CA ASN A 7 -60.78 37.65 18.12
C ASN A 7 -59.74 36.91 17.29
N HIS A 8 -59.50 37.42 16.08
CA HIS A 8 -58.43 36.92 15.20
C HIS A 8 -57.06 36.82 15.87
N ILE A 9 -56.42 35.67 15.66
CA ILE A 9 -55.10 35.38 16.20
C ILE A 9 -54.22 35.21 14.98
N THR A 10 -53.07 35.89 14.97
CA THR A 10 -52.14 35.74 13.85
C THR A 10 -51.49 34.37 13.92
N LYS A 11 -51.98 33.43 13.12
CA LYS A 11 -51.58 32.03 13.21
C LYS A 11 -50.80 31.51 11.99
N SER A 12 -49.95 32.37 11.42
CA SER A 12 -49.06 32.13 10.24
C SER A 12 -49.80 32.13 8.90
N GLU A 14 -50.45 29.00 7.44
CA GLU A 14 -50.25 27.72 6.78
C GLU A 14 -51.12 26.68 7.50
N ASP A 15 -51.30 26.94 8.79
CA ASP A 15 -52.08 26.13 9.71
C ASP A 15 -53.59 26.29 9.48
N LYS A 16 -54.33 25.23 9.77
CA LYS A 16 -55.78 25.25 9.65
C LYS A 16 -56.45 25.17 11.02
N ARG A 17 -55.65 25.07 12.09
CA ARG A 17 -56.14 24.94 13.47
C ARG A 17 -56.67 26.27 13.98
N GLU A 18 -57.97 26.35 14.24
CA GLU A 18 -58.57 27.61 14.65
C GLU A 18 -58.24 27.90 16.11
N TYR A 19 -58.02 29.18 16.42
CA TYR A 19 -57.44 29.55 17.69
C TYR A 19 -58.23 30.68 18.31
N ARG A 20 -58.19 30.76 19.63
CA ARG A 20 -58.68 31.90 20.38
C ARG A 20 -57.90 31.91 21.69
N GLY A 21 -57.75 33.08 22.29
CA GLY A 21 -57.14 33.17 23.60
C GLY A 21 -57.96 34.07 24.49
N LEU A 22 -57.99 33.74 25.79
CA LEU A 22 -58.69 34.56 26.75
C LEU A 22 -58.05 34.42 28.12
N GLU A 23 -58.58 35.16 29.08
CA GLU A 23 -58.04 35.13 30.44
C GLU A 23 -59.16 35.32 31.45
N LEU A 24 -59.21 34.44 32.44
CA LEU A 24 -60.25 34.44 33.46
C LEU A 24 -59.79 35.34 34.59
N ALA A 25 -60.77 35.97 35.27
CA ALA A 25 -60.50 37.03 36.24
C ALA A 25 -59.73 36.58 37.47
N ASN A 26 -59.66 35.28 37.72
CA ASN A 26 -58.83 34.73 38.78
C ASN A 26 -57.36 34.51 38.35
N GLY A 27 -56.89 35.19 37.31
CA GLY A 27 -55.50 35.08 36.91
C GLY A 27 -55.13 33.79 36.21
N ILE A 28 -55.91 33.41 35.21
CA ILE A 28 -55.65 32.17 34.49
C ILE A 28 -55.56 32.50 33.02
N LYS A 29 -54.41 32.26 32.41
CA LYS A 29 -54.30 32.45 30.99
C LYS A 29 -54.93 31.27 30.28
N VAL A 30 -55.71 31.55 29.24
CA VAL A 30 -56.50 30.54 28.55
C VAL A 30 -56.21 30.62 27.06
N LEU A 31 -55.85 29.50 26.46
CA LEU A 31 -55.77 29.43 25.02
C LEU A 31 -56.74 28.39 24.52
N LEU A 32 -57.55 28.77 23.53
CA LEU A 32 -58.58 27.92 22.95
C LEU A 32 -58.08 27.45 21.59
N ILE A 33 -57.92 26.14 21.44
CA ILE A 33 -57.48 25.56 20.18
C ILE A 33 -58.62 24.75 19.57
N SER A 34 -58.97 25.07 18.33
CA SER A 34 -60.02 24.35 17.62
C SER A 34 -59.46 23.78 16.32
N ASP A 35 -59.73 22.50 16.07
CA ASP A 35 -59.24 21.79 14.89
C ASP A 35 -60.23 20.66 14.67
N PRO A 36 -60.88 20.52 13.52
CA PRO A 36 -61.84 19.41 13.39
C PRO A 36 -61.23 18.14 12.81
N THR A 37 -59.93 18.14 12.55
CA THR A 37 -59.25 16.97 11.98
C THR A 37 -58.24 16.32 12.90
N THR A 38 -58.10 16.77 14.15
CA THR A 38 -57.08 16.17 15.02
C THR A 38 -57.70 15.04 15.84
N ASP A 39 -56.97 13.92 15.91
CA ASP A 39 -57.39 12.85 16.80
C ASP A 39 -57.23 13.23 18.25
N LYS A 40 -56.00 13.47 18.68
CA LYS A 40 -55.78 13.56 20.12
C LYS A 40 -56.04 14.98 20.57
N SER A 41 -56.92 15.11 21.55
CA SER A 41 -57.20 16.39 22.16
C SER A 41 -56.36 16.54 23.42
N SER A 42 -56.14 17.79 23.84
CA SER A 42 -55.21 18.00 24.94
C SER A 42 -55.53 19.27 25.71
N ALA A 43 -54.85 19.40 26.85
CA ALA A 43 -54.87 20.59 27.69
C ALA A 43 -53.65 20.54 28.59
N ALA A 44 -53.26 21.72 29.09
CA ALA A 44 -51.99 21.84 29.82
C ALA A 44 -52.00 23.09 30.68
N LEU A 45 -51.91 22.91 32.00
CA LEU A 45 -51.89 24.06 32.91
C LEU A 45 -50.48 24.37 33.37
N ASP A 46 -50.11 25.65 33.32
CA ASP A 46 -48.82 26.15 33.78
C ASP A 46 -49.02 27.19 34.86
N VAL A 47 -48.49 26.92 36.04
CA VAL A 47 -48.48 27.86 37.14
C VAL A 47 -47.20 28.68 37.06
N HIS A 48 -47.32 30.01 37.08
CA HIS A 48 -46.14 30.88 37.12
C HIS A 48 -45.66 31.04 38.57
N ILE A 49 -45.31 29.90 39.14
CA ILE A 49 -44.66 29.75 40.44
C ILE A 49 -43.65 28.64 40.26
N GLY A 50 -42.39 28.90 40.60
CA GLY A 50 -41.36 27.90 40.51
C GLY A 50 -40.87 27.40 41.85
N SER A 51 -39.77 26.67 41.80
CA SER A 51 -39.10 26.10 42.96
C SER A 51 -38.06 27.02 43.56
N LEU A 52 -37.90 28.23 43.02
CA LEU A 52 -37.15 29.22 43.75
C LEU A 52 -38.01 29.98 44.73
N SER A 53 -39.32 29.74 44.71
CA SER A 53 -40.24 30.37 45.65
C SER A 53 -40.53 29.49 46.86
N ASP A 54 -39.66 28.52 47.13
CA ASP A 54 -39.83 27.62 48.26
C ASP A 54 -39.46 28.33 49.58
N PRO A 55 -39.93 27.81 50.71
CA PRO A 55 -39.44 28.30 51.99
C PRO A 55 -37.96 27.99 52.15
N PRO A 56 -37.22 28.84 52.88
CA PRO A 56 -35.76 28.72 52.93
C PRO A 56 -35.24 27.47 53.61
N ASN A 57 -36.08 26.74 54.32
CA ASN A 57 -35.63 25.55 55.03
C ASN A 57 -35.81 24.25 54.27
N ILE A 58 -36.86 24.13 53.46
CA ILE A 58 -37.18 22.88 52.78
C ILE A 58 -37.09 23.06 51.27
N ALA A 59 -36.27 22.24 50.63
CA ALA A 59 -36.00 22.32 49.20
C ALA A 59 -36.91 21.38 48.41
N GLY A 60 -37.32 21.83 47.23
CA GLY A 60 -38.17 21.05 46.36
C GLY A 60 -39.54 20.84 46.97
N LEU A 61 -40.04 21.85 47.68
CA LEU A 61 -41.32 21.70 48.36
C LEU A 61 -42.46 21.87 47.38
N SER A 62 -42.35 22.86 46.50
CA SER A 62 -43.35 23.04 45.47
C SER A 62 -43.26 21.90 44.47
N HIS A 63 -42.04 21.42 44.26
CA HIS A 63 -41.75 20.24 43.46
C HIS A 63 -42.45 19.01 43.99
N PHE A 64 -42.36 18.81 45.29
CA PHE A 64 -43.02 17.69 45.89
C PHE A 64 -44.52 17.88 45.94
N LEU A 65 -45.00 19.11 46.06
CA LEU A 65 -46.45 19.31 46.10
C LEU A 65 -47.06 19.05 44.74
N GLU A 66 -46.43 19.58 43.68
CA GLU A 66 -46.96 19.35 42.35
C GLU A 66 -46.81 17.91 41.94
N HIS A 67 -45.92 17.17 42.60
CA HIS A 67 -45.99 15.73 42.57
C HIS A 67 -47.24 15.23 43.26
N MET A 68 -47.48 15.70 44.47
CA MET A 68 -48.57 15.23 45.31
C MET A 68 -49.92 15.76 44.86
N LEU A 69 -49.93 16.75 43.97
CA LEU A 69 -51.19 17.30 43.50
C LEU A 69 -51.85 16.43 42.45
N PHE A 70 -51.15 15.40 41.99
CA PHE A 70 -51.74 14.41 41.10
C PHE A 70 -52.86 13.66 41.79
N LEU A 71 -52.51 13.03 42.91
CA LEU A 71 -53.28 11.96 43.51
C LEU A 71 -54.32 12.49 44.51
N GLY A 72 -55.58 12.15 44.30
CA GLY A 72 -56.54 12.37 45.37
C GLY A 72 -57.39 13.62 45.23
N THR A 73 -58.67 13.43 44.97
CA THR A 73 -59.66 14.50 44.98
C THR A 73 -60.80 14.17 45.93
N LYS A 74 -61.67 15.14 46.12
CA LYS A 74 -62.87 14.86 46.89
C LYS A 74 -63.87 14.05 46.06
N LYS A 75 -63.87 14.22 44.74
CA LYS A 75 -64.81 13.48 43.92
C LYS A 75 -64.33 12.09 43.60
N TYR A 76 -63.02 11.89 43.56
CA TYR A 76 -62.42 10.58 43.22
C TYR A 76 -61.14 10.41 44.00
N PRO A 77 -61.24 10.01 45.27
CA PRO A 77 -60.08 9.99 46.16
C PRO A 77 -59.11 8.86 45.88
N LYS A 78 -59.41 8.02 44.90
CA LYS A 78 -58.53 6.94 44.49
C LYS A 78 -57.28 7.48 43.84
N GLU A 79 -56.23 6.67 43.86
CA GLU A 79 -54.89 7.19 43.65
C GLU A 79 -54.60 7.47 42.18
N ASN A 80 -54.52 6.42 41.37
CA ASN A 80 -54.16 6.56 39.97
C ASN A 80 -55.34 6.85 39.07
N GLU A 81 -56.45 7.32 39.66
CA GLU A 81 -57.76 7.34 39.00
C GLU A 81 -57.74 8.17 37.73
N TYR A 82 -57.29 9.41 37.84
CA TYR A 82 -56.94 10.25 36.69
C TYR A 82 -56.03 9.49 35.72
N SER A 83 -54.90 9.00 36.23
CA SER A 83 -53.89 8.35 35.41
C SER A 83 -54.42 7.07 34.79
N GLN A 84 -55.19 6.30 35.55
CA GLN A 84 -55.81 5.11 34.97
C GLN A 84 -56.86 5.48 33.95
N PHE A 85 -57.52 6.62 34.14
CA PHE A 85 -58.48 7.09 33.15
C PHE A 85 -57.76 7.54 31.88
N LEU A 86 -56.50 7.94 32.00
CA LEU A 86 -55.69 8.13 30.81
C LEU A 86 -54.94 6.89 30.43
N SER A 87 -55.18 5.80 31.14
CA SER A 87 -54.72 4.52 30.67
C SER A 87 -55.83 3.83 29.91
N GLU A 88 -57.06 4.30 30.10
CA GLU A 88 -58.17 3.77 29.34
C GLU A 88 -58.13 4.29 27.92
N HIS A 89 -57.85 5.57 27.77
CA HIS A 89 -57.96 6.23 26.49
C HIS A 89 -56.62 6.81 26.03
N ALA A 90 -55.52 6.12 26.36
CA ALA A 90 -54.21 6.28 25.74
C ALA A 90 -53.54 7.59 26.14
N GLY A 91 -54.06 8.28 27.14
CA GLY A 91 -53.48 9.55 27.53
C GLY A 91 -52.19 9.40 28.30
N SER A 92 -51.39 10.47 28.30
CA SER A 92 -50.12 10.42 28.99
C SER A 92 -49.83 11.81 29.56
N SER A 93 -50.15 11.98 30.83
CA SER A 93 -49.86 13.24 31.45
C SER A 93 -48.45 13.25 31.99
N ASN A 94 -47.91 14.45 32.13
CA ASN A 94 -46.66 14.66 32.80
C ASN A 94 -46.60 16.13 33.16
N ALA A 95 -45.69 16.48 34.04
CA ALA A 95 -45.55 17.86 34.47
C ALA A 95 -44.08 18.14 34.72
N PHE A 96 -43.72 19.41 34.66
CA PHE A 96 -42.34 19.77 34.92
C PHE A 96 -42.34 21.12 35.62
N THR A 97 -41.17 21.44 36.14
CA THR A 97 -40.96 22.52 37.09
C THR A 97 -39.75 23.35 36.68
N SER A 98 -39.87 24.66 36.76
CA SER A 98 -38.75 25.54 36.46
C SER A 98 -38.61 26.50 37.62
N GLY A 99 -37.66 27.43 37.51
CA GLY A 99 -37.45 28.44 38.53
C GLY A 99 -38.65 29.31 38.81
N GLU A 100 -39.49 29.53 37.80
CA GLU A 100 -40.68 30.33 37.97
C GLU A 100 -41.93 29.64 37.48
N HIS A 101 -41.82 28.43 36.95
CA HIS A 101 -42.99 27.77 36.40
C HIS A 101 -43.07 26.33 36.83
N THR A 102 -44.30 25.87 36.94
CA THR A 102 -44.58 24.45 37.03
C THR A 102 -45.74 24.16 36.12
N ASN A 103 -45.56 23.18 35.23
CA ASN A 103 -46.39 23.09 34.04
C ASN A 103 -46.89 21.68 33.86
N TYR A 104 -48.17 21.50 34.15
CA TYR A 104 -48.87 20.25 33.97
C TYR A 104 -49.30 20.11 32.53
N TYR A 105 -49.27 18.90 31.99
CA TYR A 105 -49.77 18.73 30.64
C TYR A 105 -50.26 17.31 30.47
N PHE A 106 -51.28 17.16 29.65
CA PHE A 106 -51.82 15.85 29.34
C PHE A 106 -52.45 15.91 27.96
N ASP A 107 -52.88 14.74 27.49
CA ASP A 107 -53.65 14.61 26.27
C ASP A 107 -54.80 13.65 26.53
N VAL A 108 -55.47 13.24 25.45
CA VAL A 108 -56.64 12.37 25.57
C VAL A 108 -56.95 11.86 24.17
N SER A 109 -57.68 10.74 24.10
CA SER A 109 -57.82 9.96 22.88
C SER A 109 -58.46 10.70 21.72
N HIS A 110 -59.76 10.98 21.82
CA HIS A 110 -60.32 11.76 20.73
C HIS A 110 -61.16 12.93 21.23
N GLU A 111 -62.17 12.63 22.04
CA GLU A 111 -63.18 13.61 22.43
C GLU A 111 -63.43 13.64 23.92
N HIS A 112 -62.79 12.77 24.65
CA HIS A 112 -63.01 12.41 26.04
C HIS A 112 -62.58 13.50 27.06
N LEU A 113 -62.19 14.69 26.57
CA LEU A 113 -61.71 15.82 27.39
C LEU A 113 -62.48 16.05 28.68
N GLU A 114 -63.82 16.03 28.58
CA GLU A 114 -64.70 16.25 29.73
C GLU A 114 -64.33 15.43 30.95
N GLY A 115 -63.95 14.17 30.76
CA GLY A 115 -63.55 13.29 31.84
C GLY A 115 -62.29 13.73 32.54
N ALA A 116 -61.23 13.91 31.76
CA ALA A 116 -59.94 14.29 32.34
C ALA A 116 -60.00 15.69 32.93
N LEU A 117 -60.73 16.58 32.28
CA LEU A 117 -60.89 17.92 32.81
C LEU A 117 -61.73 17.93 34.06
N ASP A 118 -62.71 17.02 34.15
CA ASP A 118 -63.45 16.81 35.38
C ASP A 118 -62.56 16.24 36.47
N ARG A 119 -61.56 15.46 36.09
CA ARG A 119 -60.61 14.90 37.03
C ARG A 119 -59.37 15.75 37.16
N PHE A 120 -59.40 16.97 36.62
CA PHE A 120 -58.24 17.83 36.63
C PHE A 120 -58.53 19.19 37.24
N ALA A 121 -59.79 19.61 37.14
CA ALA A 121 -60.16 20.94 37.61
C ALA A 121 -60.17 21.03 39.12
N GLN A 122 -60.68 20.00 39.78
CA GLN A 122 -60.86 19.99 41.22
C GLN A 122 -59.60 19.64 42.00
N PHE A 123 -58.45 19.67 41.34
CA PHE A 123 -57.17 19.66 42.03
C PHE A 123 -57.03 20.86 42.96
N PHE A 124 -57.61 22.00 42.60
CA PHE A 124 -57.45 23.22 43.37
C PHE A 124 -58.32 23.25 44.60
N LEU A 125 -59.46 22.54 44.57
CA LEU A 125 -60.36 22.51 45.71
C LEU A 125 -59.88 21.60 46.83
N SER A 126 -59.59 20.33 46.53
CA SER A 126 -59.36 19.32 47.55
C SER A 126 -58.13 18.48 47.25
N PRO A 127 -56.98 18.89 47.77
CA PRO A 127 -55.85 17.96 47.86
C PRO A 127 -55.92 17.17 49.16
N LEU A 128 -55.47 15.93 49.06
CA LEU A 128 -55.71 14.88 50.03
C LEU A 128 -54.50 14.52 50.89
N PHE A 129 -53.34 14.39 50.25
CA PHE A 129 -52.03 14.15 50.87
C PHE A 129 -51.99 12.81 51.60
N ASP A 130 -52.22 11.74 50.84
CA ASP A 130 -52.57 10.48 51.46
C ASP A 130 -51.32 9.79 52.03
N GLU A 131 -51.56 8.60 52.61
CA GLU A 131 -50.51 7.66 52.95
C GLU A 131 -49.63 7.29 51.77
N SER A 132 -50.26 6.70 50.74
CA SER A 132 -49.54 6.00 49.69
C SER A 132 -48.88 6.96 48.73
N ALA A 133 -49.56 8.07 48.46
CA ALA A 133 -49.05 9.14 47.63
C ALA A 133 -47.71 9.63 48.17
N LYS A 134 -47.72 10.17 49.39
CA LYS A 134 -46.53 10.57 50.14
C LYS A 134 -45.46 9.47 50.14
N ASP A 135 -45.79 8.30 50.66
CA ASP A 135 -44.79 7.27 50.95
C ASP A 135 -44.19 6.64 49.70
N ARG A 136 -44.84 6.76 48.54
CA ARG A 136 -44.22 6.32 47.30
C ARG A 136 -43.57 7.46 46.56
N GLU A 137 -44.14 8.65 46.67
CA GLU A 137 -43.61 9.79 45.96
C GLU A 137 -42.28 10.26 46.54
N VAL A 138 -42.04 10.04 47.84
CA VAL A 138 -40.71 10.36 48.38
C VAL A 138 -39.64 9.47 47.75
N ASN A 139 -40.01 8.23 47.43
CA ASN A 139 -39.09 7.35 46.71
C ASN A 139 -38.95 7.79 45.26
N ALA A 140 -40.03 8.28 44.66
CA ALA A 140 -39.95 8.76 43.29
C ALA A 140 -39.13 10.03 43.16
N VAL A 141 -39.23 10.94 44.13
CA VAL A 141 -38.38 12.13 44.16
C VAL A 141 -36.93 11.77 44.42
N ASP A 142 -36.68 10.81 45.30
CA ASP A 142 -35.30 10.42 45.55
C ASP A 142 -34.68 9.75 44.33
N SER A 143 -35.46 8.95 43.58
CA SER A 143 -34.93 8.40 42.35
C SER A 143 -34.78 9.45 41.27
N GLU A 144 -35.67 10.44 41.28
CA GLU A 144 -35.61 11.55 40.34
C GLU A 144 -34.33 12.35 40.53
N HIS A 145 -33.95 12.57 41.79
CA HIS A 145 -32.66 13.18 42.08
C HIS A 145 -31.52 12.21 41.83
N GLU A 146 -31.78 10.92 42.03
CA GLU A 146 -30.71 9.94 41.99
C GLU A 146 -30.21 9.73 40.57
N LYS A 147 -31.10 9.83 39.59
CA LYS A 147 -30.69 9.79 38.20
C LYS A 147 -30.01 11.09 37.81
N ASN A 148 -30.26 12.15 38.57
CA ASN A 148 -29.65 13.44 38.35
C ASN A 148 -28.41 13.64 39.19
N VAL A 149 -27.97 12.59 39.88
CA VAL A 149 -26.74 12.68 40.68
C VAL A 149 -25.55 12.89 39.76
N MET A 150 -25.35 11.97 38.83
CA MET A 150 -24.16 11.95 38.01
C MET A 150 -24.40 12.53 36.62
N ASN A 151 -25.58 13.10 36.37
CA ASN A 151 -25.83 13.71 35.07
C ASN A 151 -25.14 15.07 35.02
N ASP A 152 -24.17 15.19 34.10
CA ASP A 152 -23.25 16.32 34.11
C ASP A 152 -23.90 17.62 33.66
N ALA A 153 -24.94 17.54 32.83
CA ALA A 153 -25.65 18.75 32.42
C ALA A 153 -26.32 19.43 33.60
N TRP A 154 -27.20 18.70 34.28
CA TRP A 154 -27.79 19.16 35.52
C TRP A 154 -26.75 19.43 36.60
N ARG A 155 -25.66 18.67 36.62
CA ARG A 155 -24.60 18.91 37.60
C ARG A 155 -23.95 20.28 37.42
N LEU A 156 -23.46 20.57 36.22
CA LEU A 156 -22.87 21.87 35.92
C LEU A 156 -23.92 22.96 35.99
N PHE A 157 -25.16 22.61 35.69
CA PHE A 157 -26.29 23.50 35.84
C PHE A 157 -26.41 23.95 37.28
N GLN A 158 -26.56 23.00 38.18
CA GLN A 158 -26.69 23.30 39.59
C GLN A 158 -25.42 23.96 40.13
N LEU A 159 -24.27 23.64 39.57
CA LEU A 159 -23.05 24.33 39.99
C LEU A 159 -23.07 25.80 39.58
N GLU A 160 -23.73 26.12 38.47
CA GLU A 160 -24.00 27.52 38.19
C GLU A 160 -25.02 28.06 39.15
N LYS A 161 -26.00 27.24 39.50
CA LYS A 161 -27.07 27.65 40.40
C LYS A 161 -26.52 27.89 41.80
N ALA A 162 -25.42 27.24 42.13
CA ALA A 162 -24.94 27.09 43.49
C ALA A 162 -23.81 28.01 43.85
N THR A 163 -23.08 28.56 42.89
CA THR A 163 -21.93 29.36 43.25
C THR A 163 -22.25 30.83 43.28
N GLY A 164 -23.49 31.18 43.64
CA GLY A 164 -23.84 32.58 43.78
C GLY A 164 -24.05 33.17 45.16
N ASN A 165 -25.07 34.05 45.25
CA ASN A 165 -25.57 34.62 46.50
C ASN A 165 -26.33 33.60 47.33
N PRO A 166 -25.91 33.31 48.56
CA PRO A 166 -26.75 32.47 49.43
C PRO A 166 -27.97 33.20 49.96
N LYS A 167 -28.03 34.52 49.80
CA LYS A 167 -29.19 35.31 50.18
C LYS A 167 -30.25 35.37 49.09
N HIS A 168 -29.85 35.27 47.84
CA HIS A 168 -30.81 35.37 46.76
C HIS A 168 -31.66 34.11 46.73
N PRO A 169 -32.97 34.22 46.49
CA PRO A 169 -33.82 33.02 46.40
C PRO A 169 -33.53 32.14 45.19
N PHE A 170 -32.67 32.60 44.30
CA PHE A 170 -32.07 31.78 43.25
C PHE A 170 -31.30 30.58 43.84
N SER A 171 -30.83 30.71 45.09
CA SER A 171 -30.00 29.73 45.78
C SER A 171 -30.78 28.57 46.38
N LYS A 172 -31.98 28.28 45.87
CA LYS A 172 -32.75 27.14 46.35
C LYS A 172 -32.33 25.90 45.58
N PHE A 173 -32.56 24.75 46.21
CA PHE A 173 -32.24 23.47 45.60
C PHE A 173 -33.53 22.93 45.00
N GLY A 174 -33.50 22.61 43.71
CA GLY A 174 -34.75 22.46 42.99
C GLY A 174 -35.49 21.16 43.23
N THR A 175 -34.80 20.05 43.07
CA THR A 175 -35.49 18.76 43.13
C THR A 175 -35.59 18.26 44.56
N GLY A 176 -34.44 18.15 45.23
CA GLY A 176 -34.44 17.66 46.59
C GLY A 176 -34.32 16.16 46.62
N ASN A 177 -33.42 15.60 47.42
CA ASN A 177 -33.40 14.16 47.57
C ASN A 177 -34.23 13.81 48.79
N LYS A 178 -34.22 12.54 49.20
CA LYS A 178 -35.00 12.10 50.34
C LYS A 178 -34.47 12.67 51.66
N TYR A 179 -33.22 13.12 51.67
CA TYR A 179 -32.65 13.67 52.89
C TYR A 179 -33.19 15.05 53.17
N THR A 180 -33.44 15.82 52.14
CA THR A 180 -33.95 17.15 52.34
C THR A 180 -35.46 17.16 52.28
N LEU A 181 -36.04 16.15 51.62
CA LEU A 181 -37.47 16.11 51.40
C LEU A 181 -38.24 15.69 52.64
N GLU A 182 -37.99 14.48 53.11
CA GLU A 182 -38.64 14.00 54.31
C GLU A 182 -37.73 13.79 55.51
N THR A 183 -36.43 13.58 55.30
CA THR A 183 -35.54 13.41 56.44
C THR A 183 -35.29 14.73 57.16
N ARG A 184 -35.26 15.84 56.43
CA ARG A 184 -35.02 17.16 56.99
C ARG A 184 -36.18 17.72 57.85
N PRO A 185 -37.50 17.59 57.49
CA PRO A 185 -38.54 18.18 58.35
C PRO A 185 -38.76 17.44 59.65
N ASN A 186 -38.88 16.11 59.60
CA ASN A 186 -39.15 15.36 60.82
C ASN A 186 -37.96 15.35 61.78
N GLN A 187 -36.72 15.49 61.29
CA GLN A 187 -35.61 15.68 62.23
C GLN A 187 -35.61 17.08 62.80
N GLU A 188 -36.37 17.98 62.20
CA GLU A 188 -36.65 19.30 62.72
C GLU A 188 -38.02 19.36 63.36
N GLY A 189 -38.74 18.25 63.36
CA GLY A 189 -40.08 18.18 63.90
C GLY A 189 -41.15 18.82 63.05
N ILE A 190 -40.81 19.27 61.85
CA ILE A 190 -41.78 19.97 61.02
C ILE A 190 -42.65 18.94 60.33
N ASP A 191 -43.97 19.12 60.44
CA ASP A 191 -44.87 18.25 59.70
C ASP A 191 -44.81 18.62 58.24
N VAL A 192 -44.54 17.63 57.40
CA VAL A 192 -44.53 17.84 55.96
C VAL A 192 -45.92 18.23 55.43
N ARG A 193 -46.95 17.48 55.83
CA ARG A 193 -48.31 17.74 55.34
C ARG A 193 -48.91 19.08 55.75
N GLN A 194 -48.70 19.54 56.98
CA GLN A 194 -49.29 20.83 57.34
C GLN A 194 -48.64 21.97 56.60
N GLU A 195 -47.35 21.85 56.33
CA GLU A 195 -46.68 22.75 55.41
C GLU A 195 -47.29 22.68 54.01
N LEU A 196 -47.47 21.46 53.49
CA LEU A 196 -48.17 21.24 52.22
C LEU A 196 -49.50 21.98 52.15
N LEU A 197 -50.29 21.92 53.22
CA LEU A 197 -51.56 22.61 53.24
C LEU A 197 -51.35 24.12 53.30
N LYS A 198 -50.31 24.55 54.03
CA LYS A 198 -49.95 25.96 54.11
C LYS A 198 -49.57 26.50 52.74
N PHE A 199 -48.76 25.73 52.02
CA PHE A 199 -48.18 26.15 50.77
C PHE A 199 -49.25 26.19 49.69
N HIS A 200 -50.14 25.18 49.71
CA HIS A 200 -51.26 25.10 48.78
C HIS A 200 -52.27 26.21 49.01
N SER A 201 -52.54 26.51 50.28
CA SER A 201 -53.53 27.54 50.58
C SER A 201 -52.98 28.92 50.24
N ALA A 202 -51.78 29.22 50.71
CA ALA A 202 -51.24 30.57 50.57
C ALA A 202 -50.81 30.88 49.15
N TYR A 203 -50.03 30.01 48.53
CA TYR A 203 -49.37 30.39 47.29
C TYR A 203 -50.19 30.16 46.03
N TYR A 204 -50.75 28.96 45.87
CA TYR A 204 -51.12 28.47 44.55
C TYR A 204 -52.33 29.18 43.97
N SER A 205 -53.38 29.37 44.77
CA SER A 205 -54.73 29.59 44.28
C SER A 205 -54.93 30.92 43.57
N SER A 206 -53.99 31.86 43.67
CA SER A 206 -54.26 33.25 43.33
C SER A 206 -54.41 33.58 41.86
N ASN A 207 -53.33 33.48 41.11
CA ASN A 207 -53.21 34.04 39.78
C ASN A 207 -52.19 33.23 39.01
N LEU A 208 -51.94 33.65 37.77
CA LEU A 208 -50.77 33.32 36.99
C LEU A 208 -50.83 31.90 36.43
N MET A 209 -52.03 31.32 36.39
CA MET A 209 -52.18 30.05 35.71
C MET A 209 -52.10 30.28 34.21
N ALA A 210 -51.78 29.22 33.48
CA ALA A 210 -51.81 29.28 32.03
C ALA A 210 -52.37 27.98 31.46
N VAL A 211 -53.64 27.98 31.21
CA VAL A 211 -54.26 26.82 30.60
C VAL A 211 -54.28 27.02 29.09
N VAL A 212 -54.24 25.91 28.40
CA VAL A 212 -54.50 25.82 26.98
C VAL A 212 -55.46 24.66 26.91
N VAL A 213 -56.16 24.53 25.78
CA VAL A 213 -57.13 23.46 25.57
C VAL A 213 -57.10 23.11 24.09
N LEU A 214 -56.37 22.07 23.79
CA LEU A 214 -56.28 21.59 22.44
C LEU A 214 -57.55 20.79 22.27
N GLY A 215 -58.61 21.43 21.78
CA GLY A 215 -59.83 20.66 21.61
C GLY A 215 -60.23 20.51 20.17
N ARG A 216 -60.98 19.46 19.86
CA ARG A 216 -61.35 19.21 18.48
C ARG A 216 -62.84 19.41 18.20
N GLU A 217 -63.50 20.27 18.98
CA GLU A 217 -64.92 20.48 18.73
C GLU A 217 -65.26 21.72 17.91
N SER A 218 -65.02 22.89 18.51
CA SER A 218 -65.21 24.20 17.91
C SER A 218 -64.45 25.17 18.80
N LEU A 219 -64.76 26.46 18.68
CA LEU A 219 -64.34 27.36 19.73
C LEU A 219 -65.43 27.56 20.78
N ASP A 220 -66.66 27.89 20.36
CA ASP A 220 -67.70 28.32 21.29
C ASP A 220 -68.16 27.23 22.26
N ASP A 221 -68.25 25.97 21.83
CA ASP A 221 -68.80 24.97 22.74
C ASP A 221 -67.78 24.57 23.80
N LEU A 222 -66.52 24.59 23.41
CA LEU A 222 -65.46 24.33 24.36
C LEU A 222 -65.28 25.54 25.25
N THR A 223 -65.59 26.71 24.71
CA THR A 223 -65.50 27.96 25.45
C THR A 223 -66.48 27.98 26.59
N ASN A 224 -67.77 27.89 26.27
CA ASN A 224 -68.76 27.92 27.35
C ASN A 224 -68.84 26.62 28.14
N LEU A 225 -68.13 25.57 27.73
CA LEU A 225 -67.87 24.53 28.69
C LEU A 225 -66.87 25.00 29.73
N VAL A 226 -65.68 25.42 29.30
CA VAL A 226 -64.61 25.56 30.29
C VAL A 226 -64.65 26.84 31.09
N VAL A 227 -65.23 27.93 30.56
CA VAL A 227 -65.39 29.12 31.38
C VAL A 227 -66.32 28.81 32.54
N LYS A 228 -67.45 28.18 32.22
CA LYS A 228 -68.33 27.62 33.22
C LYS A 228 -67.61 26.63 34.11
N LEU A 229 -66.76 25.79 33.51
CA LEU A 229 -66.14 24.74 34.31
C LEU A 229 -65.06 25.32 35.21
N PHE A 230 -64.53 26.49 34.87
CA PHE A 230 -63.52 27.19 35.66
C PHE A 230 -64.08 28.50 36.19
N SER A 231 -64.74 28.40 37.32
CA SER A 231 -65.01 29.49 38.22
C SER A 231 -64.67 29.13 39.65
N GLU A 232 -64.36 27.86 39.93
CA GLU A 232 -63.97 27.42 41.25
C GLU A 232 -62.55 27.81 41.63
N VAL A 233 -61.70 28.15 40.67
CA VAL A 233 -60.42 28.73 41.05
C VAL A 233 -60.67 30.17 41.49
N GLU A 234 -60.20 30.52 42.67
CA GLU A 234 -60.50 31.77 43.31
C GLU A 234 -59.27 32.63 43.50
N ASN A 235 -59.35 33.88 43.03
CA ASN A 235 -58.24 34.81 43.11
C ASN A 235 -57.90 35.18 44.55
N LYS A 236 -56.60 35.28 44.80
CA LYS A 236 -56.05 35.63 46.10
C LYS A 236 -55.13 36.83 46.02
N ASN A 237 -54.71 37.24 44.81
CA ASN A 237 -53.85 38.41 44.55
C ASN A 237 -52.44 38.22 45.11
N VAL A 238 -51.84 37.07 44.85
CA VAL A 238 -50.41 36.97 45.17
C VAL A 238 -49.64 37.83 44.18
N PRO A 239 -48.75 38.70 44.65
CA PRO A 239 -47.97 39.56 43.74
C PRO A 239 -46.95 38.78 42.93
N LEU A 240 -46.55 39.41 41.84
CA LEU A 240 -45.66 38.79 40.87
C LEU A 240 -44.23 38.71 41.40
N PRO A 241 -43.68 37.51 41.56
CA PRO A 241 -42.35 37.35 42.15
C PRO A 241 -41.20 37.76 41.24
N GLU A 242 -40.53 38.84 41.58
CA GLU A 242 -39.40 39.28 40.80
C GLU A 242 -38.20 39.48 41.69
N PHE A 243 -37.05 39.54 41.03
CA PHE A 243 -35.77 39.75 41.67
C PHE A 243 -35.21 41.06 41.20
N PRO A 244 -34.91 42.02 42.07
CA PRO A 244 -34.48 43.34 41.62
C PRO A 244 -32.97 43.47 41.39
N GLU A 245 -32.24 42.36 41.34
CA GLU A 245 -30.80 42.38 41.17
C GLU A 245 -30.34 41.01 40.72
N HIS A 246 -29.24 40.99 40.04
CA HIS A 246 -28.63 39.74 39.69
C HIS A 246 -27.96 39.18 40.95
N PRO A 247 -27.81 37.88 41.06
CA PRO A 247 -27.29 37.33 42.31
C PRO A 247 -25.79 37.50 42.52
N PHE A 248 -25.10 38.25 41.67
CA PHE A 248 -23.65 38.30 41.76
C PHE A 248 -23.25 39.72 42.13
N GLN A 249 -23.38 40.03 43.41
CA GLN A 249 -23.21 41.40 43.88
C GLN A 249 -21.74 41.71 44.23
N GLU A 250 -20.82 41.46 43.29
CA GLU A 250 -19.40 41.79 43.32
C GLU A 250 -18.57 40.87 44.22
N GLU A 251 -19.16 40.02 45.05
CA GLU A 251 -18.32 39.00 45.68
C GLU A 251 -17.88 37.98 44.66
N HIS A 252 -18.71 37.77 43.64
CA HIS A 252 -18.53 36.66 42.72
C HIS A 252 -18.25 37.14 41.31
N LEU A 253 -17.95 38.43 41.12
CA LEU A 253 -17.70 38.90 39.77
C LEU A 253 -16.21 38.91 39.42
N LYS A 254 -15.96 38.89 38.10
CA LYS A 254 -14.62 38.75 37.51
C LYS A 254 -13.88 37.55 38.10
N GLN A 255 -14.53 36.39 38.03
CA GLN A 255 -14.02 35.22 38.71
C GLN A 255 -13.89 34.01 37.82
N LEU A 256 -12.92 33.20 38.18
CA LEU A 256 -12.61 31.95 37.51
C LEU A 256 -12.93 30.79 38.43
N TYR A 257 -13.09 29.63 37.82
CA TYR A 257 -13.19 28.38 38.54
C TYR A 257 -12.55 27.29 37.71
N LYS A 258 -12.01 26.28 38.38
CA LYS A 258 -11.37 25.13 37.76
C LYS A 258 -12.09 23.89 38.27
N ILE A 259 -12.84 23.25 37.39
CA ILE A 259 -13.83 22.24 37.74
C ILE A 259 -13.39 20.88 37.21
N VAL A 260 -13.61 19.85 38.01
CA VAL A 260 -13.34 18.47 37.63
C VAL A 260 -14.66 17.80 37.27
N PRO A 261 -14.83 17.32 36.06
CA PRO A 261 -16.12 16.80 35.63
C PRO A 261 -16.24 15.32 35.96
N ILE A 262 -17.32 14.69 35.55
CA ILE A 262 -17.43 13.25 35.72
C ILE A 262 -16.92 12.61 34.44
N LYS A 263 -17.61 12.87 33.33
CA LYS A 263 -17.07 12.39 32.07
C LYS A 263 -15.84 13.22 31.73
N ASP A 264 -14.87 12.58 31.09
CA ASP A 264 -13.62 13.28 30.84
C ASP A 264 -13.80 14.26 29.69
N ILE A 265 -14.25 15.46 30.01
CA ILE A 265 -14.46 16.48 29.00
C ILE A 265 -13.60 17.68 29.39
N ARG A 266 -13.41 18.58 28.42
CA ARG A 266 -12.68 19.80 28.70
C ARG A 266 -13.46 20.93 28.07
N ASN A 267 -13.93 21.85 28.91
CA ASN A 267 -14.74 22.95 28.43
C ASN A 267 -14.34 24.20 29.18
N LEU A 268 -14.62 25.32 28.53
CA LEU A 268 -14.39 26.61 29.12
C LEU A 268 -15.65 27.42 28.98
N TYR A 269 -16.03 28.06 30.07
CA TYR A 269 -17.37 28.60 30.23
C TYR A 269 -17.23 30.07 30.55
N VAL A 270 -17.95 30.88 29.77
CA VAL A 270 -17.95 32.33 29.92
C VAL A 270 -19.39 32.73 30.15
N THR A 271 -19.61 33.52 31.20
CA THR A 271 -20.98 33.81 31.59
C THR A 271 -21.15 35.27 31.92
N PHE A 272 -22.27 35.83 31.45
CA PHE A 272 -22.62 37.20 31.73
C PHE A 272 -23.98 37.20 32.40
N PRO A 273 -24.10 37.72 33.62
CA PRO A 273 -25.43 38.02 34.16
C PRO A 273 -25.87 39.37 33.63
N ILE A 274 -27.07 39.42 33.06
CA ILE A 274 -27.50 40.62 32.35
C ILE A 274 -28.94 40.91 32.68
N PRO A 275 -29.32 42.18 32.69
CA PRO A 275 -30.71 42.52 32.99
C PRO A 275 -31.63 42.16 31.85
N ASP A 276 -32.91 42.31 32.14
CA ASP A 276 -33.93 41.81 31.24
C ASP A 276 -34.20 42.79 30.11
N LEU A 277 -34.39 42.21 28.94
CA LEU A 277 -34.87 42.87 27.75
C LEU A 277 -36.15 42.21 27.21
N GLN A 278 -36.93 41.60 28.12
CA GLN A 278 -38.19 40.97 27.76
C GLN A 278 -39.22 41.97 27.25
N LYS A 279 -39.17 43.20 27.73
CA LYS A 279 -39.99 44.24 27.15
C LYS A 279 -39.56 44.53 25.71
N TYR A 280 -38.29 44.30 25.40
CA TYR A 280 -37.82 44.48 24.03
C TYR A 280 -37.94 43.20 23.25
N TYR A 281 -39.11 42.56 23.28
CA TYR A 281 -39.30 41.41 22.43
C TYR A 281 -39.59 41.81 21.00
N LYS A 282 -39.84 43.08 20.77
CA LYS A 282 -40.05 43.59 19.43
C LYS A 282 -38.74 43.67 18.69
N SER A 283 -37.70 44.19 19.33
CA SER A 283 -36.44 44.35 18.64
C SER A 283 -35.47 43.21 18.89
N ASN A 284 -35.44 42.65 20.12
CA ASN A 284 -34.78 41.40 20.48
C ASN A 284 -33.28 41.37 20.20
N PRO A 285 -32.48 42.26 20.83
CA PRO A 285 -31.02 42.23 20.64
C PRO A 285 -30.36 40.90 20.95
N GLY A 286 -31.00 40.06 21.76
CA GLY A 286 -30.43 38.76 22.07
C GLY A 286 -30.31 37.83 20.90
N HIS A 287 -31.25 37.90 19.95
CA HIS A 287 -31.05 37.16 18.71
C HIS A 287 -29.90 37.71 17.90
N TYR A 288 -29.69 39.02 17.97
CA TYR A 288 -28.57 39.64 17.27
C TYR A 288 -27.26 39.25 17.92
N LEU A 289 -27.25 39.18 19.24
CA LEU A 289 -26.06 38.79 19.96
C LEU A 289 -25.73 37.33 19.74
N GLY A 290 -26.72 36.45 19.82
CA GLY A 290 -26.47 35.04 19.58
C GLY A 290 -26.10 34.80 18.13
N HIS A 291 -26.65 35.59 17.25
CA HIS A 291 -26.33 35.48 15.85
C HIS A 291 -24.93 35.96 15.56
N LEU A 292 -24.50 36.99 16.26
CA LEU A 292 -23.23 37.62 15.99
C LEU A 292 -22.08 36.99 16.73
N ILE A 293 -22.30 36.47 17.91
CA ILE A 293 -21.19 35.95 18.69
C ILE A 293 -20.79 34.59 18.16
N GLY A 294 -21.73 33.66 18.12
CA GLY A 294 -21.41 32.32 17.74
C GLY A 294 -21.41 32.11 16.23
N HIS A 295 -21.24 33.18 15.47
CA HIS A 295 -21.14 33.04 14.04
C HIS A 295 -19.83 32.32 13.67
N GLU A 296 -19.83 31.67 12.51
CA GLU A 296 -18.69 30.90 12.01
C GLU A 296 -18.43 31.23 10.54
N GLY A 297 -17.67 32.28 10.28
CA GLY A 297 -17.38 32.67 8.91
C GLY A 297 -15.96 33.19 8.70
N PRO A 298 -15.69 33.74 7.52
CA PRO A 298 -14.35 34.29 7.27
C PRO A 298 -14.11 35.53 8.12
N GLY A 299 -12.97 35.55 8.81
CA GLY A 299 -12.64 36.60 9.75
C GLY A 299 -13.40 36.51 11.06
N SER A 300 -14.01 35.37 11.34
CA SER A 300 -14.71 35.17 12.60
C SER A 300 -13.75 34.78 13.71
N LEU A 301 -14.29 34.75 14.92
CA LEU A 301 -13.54 34.33 16.09
C LEU A 301 -13.26 32.84 16.02
N LEU A 302 -14.30 32.08 15.67
CA LEU A 302 -14.19 30.63 15.58
C LEU A 302 -13.27 30.23 14.45
N SER A 303 -13.23 31.03 13.39
CA SER A 303 -12.30 30.77 12.31
C SER A 303 -10.86 30.86 12.80
N GLU A 304 -10.56 31.86 13.63
CA GLU A 304 -9.23 31.99 14.21
C GLU A 304 -8.92 30.88 15.21
N LEU A 305 -9.92 30.46 15.99
CA LEU A 305 -9.66 29.44 16.99
C LEU A 305 -9.47 28.08 16.35
N LYS A 306 -10.21 27.81 15.27
CA LYS A 306 -9.91 26.67 14.42
C LYS A 306 -8.53 26.85 13.83
N SER A 307 -8.25 28.07 13.38
CA SER A 307 -6.98 28.38 12.74
C SER A 307 -5.83 28.27 13.71
N LYS A 308 -6.09 28.47 14.99
CA LYS A 308 -5.06 28.09 15.93
C LYS A 308 -5.28 26.71 16.47
N GLY A 309 -6.46 26.14 16.22
CA GLY A 309 -6.66 24.74 16.54
C GLY A 309 -6.91 24.55 17.99
N TRP A 310 -7.31 25.59 18.69
CA TRP A 310 -7.45 25.44 20.13
C TRP A 310 -8.83 24.99 20.54
N VAL A 311 -9.85 25.29 19.75
CA VAL A 311 -11.21 25.03 20.14
C VAL A 311 -11.80 24.19 19.03
N ASN A 312 -12.36 23.05 19.41
CA ASN A 312 -12.99 22.19 18.43
C ASN A 312 -14.28 22.80 17.93
N THR A 313 -15.26 22.96 18.82
CA THR A 313 -16.57 23.52 18.50
C THR A 313 -16.99 24.35 19.70
N LEU A 314 -18.04 25.14 19.51
CA LEU A 314 -18.57 25.90 20.64
C LEU A 314 -20.06 26.13 20.47
N VAL A 315 -20.66 26.58 21.56
CA VAL A 315 -21.97 27.19 21.53
C VAL A 315 -21.97 28.25 22.63
N GLY A 316 -22.60 29.38 22.35
CA GLY A 316 -22.67 30.44 23.32
C GLY A 316 -23.98 31.17 23.07
N GLY A 317 -24.26 32.18 23.88
CA GLY A 317 -25.43 32.93 23.54
C GLY A 317 -26.22 33.35 24.75
N GLN A 318 -27.41 33.85 24.46
CA GLN A 318 -28.34 34.29 25.47
C GLN A 318 -28.96 33.14 26.22
N LYS A 319 -28.79 33.12 27.52
CA LYS A 319 -29.41 32.11 28.36
C LYS A 319 -30.58 32.74 29.08
N GLU A 320 -31.75 32.11 29.01
CA GLU A 320 -32.89 32.65 29.71
C GLU A 320 -32.66 32.48 31.22
N GLY A 321 -33.20 33.41 32.00
CA GLY A 321 -32.99 33.29 33.43
C GLY A 321 -34.19 33.64 34.28
N ALA A 322 -34.01 34.55 35.24
CA ALA A 322 -35.09 35.01 36.08
C ALA A 322 -35.83 36.19 35.45
N ARG A 323 -36.93 36.57 36.13
CA ARG A 323 -37.70 37.74 35.75
C ARG A 323 -36.85 39.01 35.72
N GLY A 324 -36.04 39.22 36.75
CA GLY A 324 -35.19 40.39 36.81
C GLY A 324 -33.94 40.30 35.95
N PHE A 325 -33.06 39.37 36.29
CA PHE A 325 -31.79 39.19 35.60
C PHE A 325 -31.93 38.07 34.58
N MET A 326 -31.02 38.06 33.61
CA MET A 326 -30.90 36.99 32.65
C MET A 326 -29.43 36.71 32.40
N PHE A 327 -29.16 35.65 31.65
CA PHE A 327 -27.79 35.25 31.45
C PHE A 327 -27.35 35.34 30.00
N PHE A 328 -26.04 35.27 29.82
CA PHE A 328 -25.40 35.31 28.51
C PHE A 328 -24.13 34.48 28.53
N ILE A 329 -24.14 33.38 27.78
CA ILE A 329 -23.12 32.39 27.93
C ILE A 329 -22.28 32.32 26.67
N ILE A 330 -21.08 31.76 26.83
CA ILE A 330 -20.15 31.37 25.77
C ILE A 330 -19.46 30.13 26.31
N ASN A 331 -19.61 29.02 25.60
CA ASN A 331 -19.08 27.76 26.08
C ASN A 331 -18.23 27.17 24.98
N VAL A 332 -16.93 27.03 25.23
CA VAL A 332 -16.05 26.55 24.18
C VAL A 332 -15.36 25.25 24.60
N ASP A 333 -14.92 24.50 23.58
CA ASP A 333 -14.18 23.26 23.74
C ASP A 333 -12.69 23.61 23.83
N LEU A 334 -11.92 22.70 24.42
CA LEU A 334 -10.50 22.92 24.60
C LEU A 334 -9.65 21.81 24.03
N THR A 335 -8.54 22.19 23.45
CA THR A 335 -7.44 21.28 23.19
C THR A 335 -6.40 21.36 24.30
N GLU A 336 -5.31 20.62 24.08
CA GLU A 336 -4.20 20.51 25.02
C GLU A 336 -3.63 21.85 25.42
N GLU A 337 -3.04 22.58 24.47
CA GLU A 337 -2.58 23.88 24.89
C GLU A 337 -3.70 24.89 24.81
N GLY A 338 -4.86 24.48 24.31
CA GLY A 338 -6.05 25.25 24.54
C GLY A 338 -6.42 25.19 25.99
N LEU A 339 -6.12 24.06 26.63
CA LEU A 339 -6.21 23.99 28.08
C LEU A 339 -5.11 24.82 28.74
N LEU A 340 -3.96 24.92 28.09
CA LEU A 340 -2.83 25.59 28.70
C LEU A 340 -2.71 27.07 28.37
N HIS A 341 -3.29 27.53 27.27
CA HIS A 341 -3.10 28.92 26.90
C HIS A 341 -4.45 29.63 26.79
N VAL A 342 -5.21 29.58 27.87
CA VAL A 342 -6.58 30.10 27.93
C VAL A 342 -6.67 31.62 27.83
N GLU A 343 -5.76 32.33 28.50
CA GLU A 343 -5.78 33.79 28.57
C GLU A 343 -5.77 34.45 27.20
N ASP A 344 -4.95 33.93 26.30
CA ASP A 344 -4.91 34.45 24.93
C ASP A 344 -6.22 34.17 24.21
N ILE A 345 -6.87 33.05 24.52
CA ILE A 345 -8.19 32.78 23.95
C ILE A 345 -9.14 33.86 24.39
N ILE A 346 -9.08 34.22 25.66
CA ILE A 346 -9.89 35.30 26.20
C ILE A 346 -9.51 36.62 25.55
N LEU A 347 -8.24 36.76 25.22
CA LEU A 347 -7.77 37.92 24.47
C LEU A 347 -8.39 37.96 23.08
N HIS A 348 -8.46 36.82 22.43
CA HIS A 348 -9.07 36.72 21.11
C HIS A 348 -10.56 37.02 21.17
N MET A 349 -11.19 36.59 22.26
CA MET A 349 -12.57 36.97 22.54
C MET A 349 -12.70 38.47 22.67
N PHE A 350 -11.76 39.11 23.38
CA PHE A 350 -11.75 40.55 23.53
C PHE A 350 -11.43 41.28 22.23
N GLN A 351 -10.72 40.62 21.34
CA GLN A 351 -10.52 41.17 20.01
C GLN A 351 -11.81 41.10 19.22
N TYR A 352 -12.56 40.03 19.42
CA TYR A 352 -13.85 39.91 18.75
C TYR A 352 -14.83 40.92 19.29
N ILE A 353 -14.79 41.12 20.60
CA ILE A 353 -15.53 42.20 21.23
C ILE A 353 -15.13 43.56 20.67
N GLN A 354 -13.84 43.78 20.46
CA GLN A 354 -13.39 45.02 19.86
C GLN A 354 -13.87 45.16 18.42
N LYS A 355 -13.97 44.02 17.71
CA LYS A 355 -14.56 44.05 16.38
C LYS A 355 -16.02 44.48 16.46
N LEU A 356 -16.70 44.07 17.52
CA LEU A 356 -18.08 44.51 17.71
C LEU A 356 -18.12 45.96 18.13
N ARG A 357 -17.03 46.43 18.72
CA ARG A 357 -16.90 47.81 19.17
C ARG A 357 -16.56 48.74 18.03
N ALA A 358 -16.01 48.20 16.94
CA ALA A 358 -15.69 49.07 15.81
C ALA A 358 -16.88 49.33 14.91
N GLU A 359 -17.43 48.29 14.29
CA GLU A 359 -18.57 48.50 13.40
C GLU A 359 -19.84 48.90 14.12
N GLY A 360 -19.98 48.52 15.38
CA GLY A 360 -21.17 48.84 16.12
C GLY A 360 -22.27 47.92 15.61
N PRO A 361 -23.51 48.36 15.71
CA PRO A 361 -24.61 47.58 15.17
C PRO A 361 -24.65 47.67 13.65
N GLN A 362 -25.41 46.75 13.07
CA GLN A 362 -25.58 46.73 11.63
C GLN A 362 -27.06 46.55 11.35
N GLU A 363 -27.50 47.10 10.23
CA GLU A 363 -28.90 47.11 9.84
C GLU A 363 -29.22 46.06 8.81
N TRP A 364 -28.32 45.86 7.85
CA TRP A 364 -28.52 44.83 6.85
C TRP A 364 -28.52 43.45 7.47
N VAL A 365 -27.81 43.28 8.58
CA VAL A 365 -27.93 42.09 9.39
C VAL A 365 -29.33 41.97 9.98
N PHE A 366 -29.86 43.09 10.48
CA PHE A 366 -31.20 43.07 11.04
C PHE A 366 -32.27 42.80 10.00
N GLN A 367 -32.11 43.36 8.81
CA GLN A 367 -33.04 43.05 7.74
C GLN A 367 -32.91 41.61 7.27
N GLU A 368 -31.68 41.10 7.29
CA GLU A 368 -31.41 39.75 6.84
C GLU A 368 -32.03 38.74 7.79
N LEU A 369 -31.80 38.92 9.08
CA LEU A 369 -32.37 38.05 10.08
C LEU A 369 -33.87 38.25 10.17
N LYS A 370 -34.33 39.46 9.89
CA LYS A 370 -35.76 39.74 9.90
C LYS A 370 -36.46 39.03 8.77
N ASP A 371 -35.81 38.94 7.62
CA ASP A 371 -36.39 38.24 6.49
C ASP A 371 -36.36 36.74 6.74
N LEU A 372 -35.32 36.28 7.43
CA LEU A 372 -35.21 34.87 7.71
C LEU A 372 -36.29 34.43 8.67
N ASN A 373 -36.52 35.21 9.70
CA ASN A 373 -37.63 34.90 10.59
C ASN A 373 -38.97 35.23 9.97
N ALA A 374 -39.03 36.12 9.00
CA ALA A 374 -40.25 36.43 8.26
C ALA A 374 -40.76 35.21 7.53
N VAL A 375 -39.97 34.77 6.55
CA VAL A 375 -40.23 33.53 5.83
C VAL A 375 -40.46 32.35 6.78
N ALA A 376 -39.52 32.15 7.71
CA ALA A 376 -39.55 30.95 8.55
C ALA A 376 -40.71 30.93 9.52
N PHE A 377 -41.12 32.08 10.02
CA PHE A 377 -42.31 32.12 10.82
C PHE A 377 -43.53 32.00 9.95
N ARG A 378 -43.46 32.52 8.72
CA ARG A 378 -44.61 32.41 7.85
C ARG A 378 -44.82 30.97 7.48
N PHE A 379 -43.75 30.28 7.14
CA PHE A 379 -43.87 28.92 6.69
C PHE A 379 -43.63 28.01 7.88
N LYS A 380 -44.63 27.90 8.73
CA LYS A 380 -44.60 26.93 9.82
C LYS A 380 -45.52 25.76 9.47
N ASP A 381 -45.07 24.55 9.85
CA ASP A 381 -45.72 23.34 9.38
C ASP A 381 -46.99 22.95 10.14
N LYS A 382 -46.83 22.64 11.41
CA LYS A 382 -47.77 22.06 12.36
C LYS A 382 -47.09 22.08 13.70
N GLU A 383 -47.75 21.48 14.68
CA GLU A 383 -47.29 21.53 16.05
C GLU A 383 -47.46 20.13 16.62
N ARG A 384 -46.64 19.84 17.60
CA ARG A 384 -46.74 18.57 18.30
C ARG A 384 -47.82 18.65 19.35
N PRO A 385 -48.75 17.69 19.39
CA PRO A 385 -49.81 17.78 20.41
C PRO A 385 -49.25 17.67 21.82
N ARG A 386 -48.11 17.02 22.00
CA ARG A 386 -47.35 17.11 23.24
C ARG A 386 -46.14 18.03 23.09
N GLY A 387 -45.92 18.89 24.07
CA GLY A 387 -44.71 19.68 24.07
C GLY A 387 -44.78 21.10 23.55
N TYR A 388 -45.46 21.26 22.42
CA TYR A 388 -45.71 22.59 21.87
C TYR A 388 -46.57 23.42 22.79
N THR A 389 -47.68 22.84 23.23
CA THR A 389 -48.64 23.56 24.05
C THR A 389 -48.02 23.94 25.38
N SER A 390 -47.21 23.04 25.94
CA SER A 390 -46.48 23.35 27.15
C SER A 390 -45.40 24.38 26.93
N LYS A 391 -44.82 24.41 25.73
CA LYS A 391 -43.78 25.38 25.48
C LYS A 391 -44.36 26.79 25.36
N ILE A 392 -45.37 26.93 24.50
CA ILE A 392 -46.09 28.20 24.34
C ILE A 392 -46.66 28.66 25.68
N ALA A 393 -47.33 27.77 26.40
CA ALA A 393 -47.81 28.06 27.74
C ALA A 393 -46.69 28.44 28.71
N GLY A 394 -45.46 27.99 28.44
CA GLY A 394 -44.34 28.51 29.20
C GLY A 394 -44.07 29.96 28.86
N ILE A 395 -44.22 30.32 27.59
CA ILE A 395 -43.98 31.70 27.15
C ILE A 395 -45.25 32.54 27.11
N LEU A 396 -46.37 31.93 27.47
CA LEU A 396 -47.68 32.60 27.48
C LEU A 396 -47.80 33.66 28.56
N HIS A 397 -46.92 33.62 29.56
CA HIS A 397 -46.96 34.53 30.69
C HIS A 397 -46.80 35.99 30.31
N TYR A 398 -46.02 36.28 29.31
CA TYR A 398 -45.71 37.66 29.01
C TYR A 398 -46.47 38.23 27.84
N TYR A 399 -47.40 37.48 27.22
CA TYR A 399 -47.96 38.10 26.03
C TYR A 399 -49.47 38.02 25.91
N PRO A 400 -50.08 39.03 25.30
CA PRO A 400 -51.52 39.00 25.01
C PRO A 400 -51.88 37.92 24.01
N LEU A 401 -53.18 37.66 23.95
CA LEU A 401 -53.74 36.50 23.28
C LEU A 401 -53.55 36.52 21.76
N GLU A 402 -53.27 37.67 21.17
CA GLU A 402 -52.89 37.69 19.77
C GLU A 402 -51.39 37.59 19.58
N GLU A 403 -50.62 37.82 20.64
CA GLU A 403 -49.18 37.75 20.51
C GLU A 403 -48.64 36.40 20.90
N VAL A 404 -49.52 35.41 21.03
CA VAL A 404 -49.09 34.10 21.50
C VAL A 404 -48.33 33.34 20.43
N LEU A 405 -48.49 33.72 19.17
CA LEU A 405 -47.87 33.00 18.06
C LEU A 405 -46.69 33.79 17.51
N THR A 406 -46.90 35.08 17.26
CA THR A 406 -45.81 36.02 17.03
C THR A 406 -45.18 36.36 18.38
N ALA A 407 -44.49 35.37 18.94
CA ALA A 407 -44.05 35.39 20.33
C ALA A 407 -42.71 36.10 20.43
N GLU A 408 -41.70 35.51 19.81
CA GLU A 408 -40.41 36.13 19.63
C GLU A 408 -40.01 35.86 18.20
N TYR A 409 -40.88 35.17 17.48
CA TYR A 409 -40.61 34.70 16.14
C TYR A 409 -41.06 35.71 15.11
N LEU A 410 -41.14 36.97 15.51
CA LEU A 410 -41.50 38.09 14.66
C LEU A 410 -40.94 39.32 15.32
N LEU A 411 -40.26 40.16 14.55
CA LEU A 411 -39.60 41.30 15.12
C LEU A 411 -39.97 42.51 14.30
N GLU A 412 -40.42 43.55 14.97
CA GLU A 412 -40.93 44.74 14.28
C GLU A 412 -39.83 45.75 13.97
N GLU A 413 -39.09 46.18 14.98
CA GLU A 413 -38.33 47.41 14.95
C GLU A 413 -36.86 47.20 15.24
N PHE A 414 -36.06 48.20 14.87
CA PHE A 414 -34.62 48.20 15.07
C PHE A 414 -34.28 49.20 16.16
N ARG A 415 -33.60 48.71 17.18
CA ARG A 415 -33.24 49.50 18.36
C ARG A 415 -31.77 49.40 18.65
N PRO A 416 -30.97 50.25 18.00
CA PRO A 416 -29.52 50.19 18.19
C PRO A 416 -29.08 50.63 19.56
N ASP A 417 -29.93 51.36 20.29
CA ASP A 417 -29.64 51.71 21.68
C ASP A 417 -29.57 50.48 22.56
N LEU A 418 -30.37 49.46 22.25
CA LEU A 418 -30.27 48.19 22.94
C LEU A 418 -28.92 47.55 22.67
N ILE A 419 -28.49 47.60 21.41
CA ILE A 419 -27.21 47.08 21.02
C ILE A 419 -26.07 47.86 21.66
N GLU A 420 -26.26 49.15 21.85
CA GLU A 420 -25.34 49.98 22.64
C GLU A 420 -25.33 49.57 24.10
N MET A 421 -26.47 49.12 24.60
CA MET A 421 -26.56 48.75 26.00
C MET A 421 -25.83 47.44 26.23
N VAL A 422 -26.10 46.45 25.38
CA VAL A 422 -25.46 45.17 25.56
C VAL A 422 -23.99 45.24 25.17
N LEU A 423 -23.63 46.15 24.26
CA LEU A 423 -22.22 46.40 24.01
C LEU A 423 -21.55 47.01 25.23
N ASP A 424 -22.23 47.98 25.84
CA ASP A 424 -21.77 48.54 27.09
C ASP A 424 -21.83 47.52 28.21
N LYS A 425 -22.70 46.53 28.09
CA LYS A 425 -22.77 45.54 29.15
C LYS A 425 -21.62 44.55 29.06
N LEU A 426 -21.31 44.10 27.85
CA LEU A 426 -20.30 43.07 27.63
C LEU A 426 -18.90 43.61 27.83
N ARG A 427 -18.39 43.50 29.04
CA ARG A 427 -17.13 44.12 29.42
C ARG A 427 -16.38 43.10 30.24
N PRO A 428 -15.06 43.28 30.43
CA PRO A 428 -14.31 42.38 31.32
C PRO A 428 -14.75 42.46 32.77
N GLU A 429 -15.52 43.48 33.09
CA GLU A 429 -16.15 43.64 34.39
C GLU A 429 -17.19 42.56 34.65
N ASN A 430 -17.87 42.10 33.59
CA ASN A 430 -19.09 41.31 33.72
C ASN A 430 -18.82 39.83 33.47
N VAL A 431 -17.57 39.44 33.30
CA VAL A 431 -17.24 38.09 32.86
C VAL A 431 -17.25 37.16 34.06
N ARG A 432 -17.88 35.99 33.89
CA ARG A 432 -17.69 34.87 34.79
C ARG A 432 -16.96 33.77 34.03
N VAL A 433 -15.99 33.12 34.67
CA VAL A 433 -15.14 32.14 34.01
C VAL A 433 -15.25 30.81 34.72
N ALA A 434 -15.26 29.72 33.95
CA ALA A 434 -15.26 28.39 34.54
C ALA A 434 -14.51 27.43 33.65
N ILE A 435 -13.48 26.79 34.23
CA ILE A 435 -12.61 25.87 33.52
C ILE A 435 -13.00 24.45 33.92
N VAL A 436 -13.18 23.59 32.93
CA VAL A 436 -13.54 22.19 33.16
C VAL A 436 -12.38 21.28 32.77
N SER A 437 -11.73 20.65 33.73
CA SER A 437 -10.66 19.71 33.39
C SER A 437 -10.59 18.61 34.44
N LYS A 438 -10.23 17.42 33.99
CA LYS A 438 -10.17 16.29 34.91
C LYS A 438 -8.93 16.31 35.79
N SER A 439 -7.83 16.87 35.30
CA SER A 439 -6.49 16.84 35.91
C SER A 439 -6.32 17.69 37.14
N PHE A 440 -7.36 18.26 37.75
CA PHE A 440 -7.18 19.18 38.87
C PHE A 440 -7.30 18.45 40.21
N GLU A 441 -6.43 17.48 40.43
CA GLU A 441 -6.56 16.63 41.59
C GLU A 441 -5.59 17.09 42.67
N GLY A 442 -6.02 17.02 43.92
CA GLY A 442 -5.19 17.51 45.01
C GLY A 442 -5.11 19.02 45.09
N LYS A 443 -5.81 19.71 44.19
CA LYS A 443 -5.74 21.15 44.01
C LYS A 443 -7.02 21.91 44.33
N THR A 444 -8.17 21.25 44.41
CA THR A 444 -9.47 21.88 44.59
C THR A 444 -10.04 21.54 45.97
N ASP A 445 -10.25 22.55 46.80
CA ASP A 445 -10.76 22.27 48.14
C ASP A 445 -12.27 22.39 48.30
N ARG A 446 -12.91 23.39 47.70
CA ARG A 446 -14.31 23.65 48.04
C ARG A 446 -15.20 22.60 47.38
N THR A 447 -15.69 21.69 48.19
CA THR A 447 -16.47 20.56 47.71
C THR A 447 -17.94 20.92 47.64
N GLU A 448 -18.60 20.44 46.59
CA GLU A 448 -20.05 20.49 46.53
C GLU A 448 -20.71 19.69 47.64
N GLU A 449 -21.82 20.23 48.16
CA GLU A 449 -22.50 19.68 49.33
C GLU A 449 -23.37 18.51 48.94
N TRP A 450 -24.09 18.63 47.83
CA TRP A 450 -24.99 17.57 47.40
C TRP A 450 -24.27 16.55 46.56
N TYR A 451 -23.68 17.01 45.47
CA TYR A 451 -23.09 16.11 44.50
C TYR A 451 -21.65 15.74 44.79
N GLY A 452 -20.83 16.70 45.17
CA GLY A 452 -19.51 16.45 45.66
C GLY A 452 -18.35 16.79 44.75
N THR A 453 -18.57 17.61 43.72
CA THR A 453 -17.43 18.06 42.95
C THR A 453 -16.67 19.11 43.76
N GLN A 454 -15.43 19.38 43.36
CA GLN A 454 -14.56 20.23 44.16
C GLN A 454 -13.91 21.31 43.32
N TYR A 455 -13.79 22.50 43.90
CA TYR A 455 -13.42 23.68 43.13
C TYR A 455 -12.74 24.70 44.03
N LYS A 456 -12.30 25.79 43.41
CA LYS A 456 -11.53 26.86 44.04
C LYS A 456 -11.83 28.21 43.39
N GLN A 457 -11.82 29.26 44.22
CA GLN A 457 -12.14 30.60 43.72
C GLN A 457 -10.99 31.19 42.94
N GLU A 458 -9.91 31.55 43.67
CA GLU A 458 -8.67 32.09 43.14
C GLU A 458 -8.86 33.17 42.09
N ALA A 459 -9.27 34.35 42.56
CA ALA A 459 -9.57 35.49 41.70
C ALA A 459 -8.35 35.99 40.94
N ILE A 460 -8.60 36.37 39.70
CA ILE A 460 -7.61 36.77 38.69
C ILE A 460 -6.88 38.02 39.18
N PRO A 461 -5.55 38.05 39.20
CA PRO A 461 -4.86 39.29 39.56
C PRO A 461 -4.96 40.35 38.47
N ASP A 462 -4.47 41.52 38.84
CA ASP A 462 -4.76 42.75 38.12
C ASP A 462 -3.94 42.90 36.86
N GLU A 463 -2.81 42.22 36.78
CA GLU A 463 -1.98 42.36 35.60
C GLU A 463 -2.70 41.84 34.36
N VAL A 464 -3.43 40.75 34.52
CA VAL A 464 -4.19 40.16 33.43
C VAL A 464 -5.40 41.00 33.15
N ILE A 465 -5.96 41.59 34.19
CA ILE A 465 -7.13 42.42 34.05
C ILE A 465 -6.80 43.69 33.30
N LYS A 466 -5.80 44.40 33.80
CA LYS A 466 -5.31 45.62 33.18
C LYS A 466 -4.93 45.39 31.73
N LYS A 467 -4.23 44.28 31.46
CA LYS A 467 -3.96 43.95 30.07
C LYS A 467 -5.22 43.58 29.30
N TRP A 468 -6.26 43.10 29.99
CA TRP A 468 -7.50 42.78 29.29
C TRP A 468 -8.32 43.99 28.90
N GLN A 469 -8.43 45.01 29.73
CA GLN A 469 -9.27 46.11 29.32
C GLN A 469 -8.61 46.93 28.21
N ASN A 470 -7.36 47.37 28.42
CA ASN A 470 -6.74 48.29 27.47
C ASN A 470 -6.41 47.65 26.13
N ALA A 471 -6.04 46.37 26.13
CA ALA A 471 -5.63 45.69 24.91
C ALA A 471 -6.86 44.95 24.39
N ASP A 472 -7.70 45.73 23.71
CA ASP A 472 -8.86 45.28 22.96
C ASP A 472 -8.69 45.95 21.61
N LEU A 473 -8.11 45.22 20.67
CA LEU A 473 -7.77 45.73 19.36
C LEU A 473 -8.19 44.70 18.33
N ASN A 474 -7.89 44.95 17.06
CA ASN A 474 -8.23 44.01 15.99
C ASN A 474 -6.99 43.39 15.38
N GLY A 475 -7.10 42.11 15.01
CA GLY A 475 -6.01 41.43 14.36
C GLY A 475 -6.31 41.15 12.91
N LYS A 476 -6.90 39.99 12.67
CA LYS A 476 -7.29 39.53 11.34
C LYS A 476 -8.79 39.24 11.29
N PHE A 477 -9.52 39.87 12.18
CA PHE A 477 -10.96 39.67 12.34
C PHE A 477 -11.80 40.59 11.48
N LYS A 478 -12.79 40.01 10.82
CA LYS A 478 -13.64 40.70 9.87
C LYS A 478 -15.10 40.47 10.23
N LEU A 479 -15.95 41.34 9.68
CA LEU A 479 -17.39 41.17 9.78
C LEU A 479 -17.86 39.98 8.94
N PRO A 480 -18.91 39.29 9.39
CA PRO A 480 -19.40 38.13 8.64
C PRO A 480 -20.16 38.60 7.41
N THR A 481 -19.75 38.09 6.26
CA THR A 481 -20.37 38.43 4.98
C THR A 481 -21.85 38.09 4.96
N LYS A 482 -22.59 38.89 4.20
CA LYS A 482 -24.00 38.66 3.96
C LYS A 482 -24.27 37.25 3.44
N ASN A 483 -25.37 36.65 3.88
CA ASN A 483 -25.78 35.38 3.33
C ASN A 483 -26.20 35.54 1.89
N GLU A 484 -25.98 34.47 1.15
CA GLU A 484 -26.44 34.29 -0.20
C GLU A 484 -27.36 33.11 -0.36
N PHE A 485 -27.46 32.25 0.64
CA PHE A 485 -28.31 31.06 0.64
C PHE A 485 -29.75 31.39 0.97
N ILE A 486 -30.10 32.65 0.96
CA ILE A 486 -31.49 33.07 1.11
C ILE A 486 -32.30 32.67 -0.11
N PRO A 487 -33.50 32.16 0.08
CA PRO A 487 -34.28 31.59 -1.03
C PRO A 487 -35.21 32.61 -1.66
N THR A 488 -35.48 32.36 -2.93
CA THR A 488 -36.57 32.98 -3.65
C THR A 488 -37.47 31.91 -4.24
N ASN A 489 -37.23 30.65 -3.87
CA ASN A 489 -38.03 29.55 -4.38
C ASN A 489 -39.15 29.32 -3.39
N PHE A 490 -40.31 29.87 -3.71
CA PHE A 490 -41.49 29.74 -2.89
C PHE A 490 -42.66 29.18 -3.67
N GLU A 491 -42.38 28.52 -4.79
CA GLU A 491 -43.37 28.15 -5.77
C GLU A 491 -43.82 26.71 -5.58
N ILE A 492 -45.11 26.53 -5.32
CA ILE A 492 -45.65 25.20 -5.08
C ILE A 492 -45.77 24.47 -6.40
N LEU A 493 -45.12 23.33 -6.50
CA LEU A 493 -45.13 22.60 -7.75
C LEU A 493 -46.40 21.77 -7.84
N PRO A 494 -47.17 21.89 -8.92
CA PRO A 494 -48.40 21.09 -9.05
C PRO A 494 -48.07 19.64 -9.31
N LEU A 495 -48.75 18.75 -8.59
CA LEU A 495 -48.57 17.31 -8.72
C LEU A 495 -48.88 16.82 -10.13
N GLU A 496 -48.12 15.83 -10.59
CA GLU A 496 -48.15 15.47 -12.00
C GLU A 496 -49.20 14.38 -12.28
N LYS A 497 -49.29 13.99 -13.56
CA LYS A 497 -50.04 12.80 -13.99
C LYS A 497 -49.62 11.53 -13.27
N GLU A 498 -48.34 11.43 -12.91
CA GLU A 498 -47.74 10.33 -12.17
C GLU A 498 -48.16 10.32 -10.71
N ALA A 499 -49.38 9.91 -10.44
CA ALA A 499 -49.97 10.03 -9.11
C ALA A 499 -49.75 8.78 -8.26
N THR A 500 -48.48 8.35 -8.13
CA THR A 500 -48.17 7.19 -7.31
C THR A 500 -48.17 7.60 -5.83
N PRO A 501 -48.63 6.73 -4.94
CA PRO A 501 -48.50 7.06 -3.51
C PRO A 501 -47.21 6.58 -2.89
N TYR A 502 -46.33 5.95 -3.66
CA TYR A 502 -45.08 5.45 -3.12
C TYR A 502 -43.95 5.61 -4.13
N PRO A 503 -42.71 5.78 -3.66
CA PRO A 503 -41.59 6.07 -4.56
C PRO A 503 -41.27 4.87 -5.46
N ALA A 504 -41.21 5.14 -6.75
CA ALA A 504 -40.93 4.13 -7.76
C ALA A 504 -39.45 4.19 -8.11
N LEU A 505 -38.90 3.07 -8.56
CA LEU A 505 -37.49 3.07 -8.94
C LEU A 505 -37.40 3.75 -10.30
N ILE A 506 -37.19 5.06 -10.28
CA ILE A 506 -37.16 5.81 -11.52
C ILE A 506 -35.81 5.75 -12.20
N LYS A 507 -34.77 5.33 -11.49
CA LYS A 507 -33.46 5.20 -12.12
C LYS A 507 -32.78 3.98 -11.55
N ASP A 508 -32.31 3.13 -12.45
CA ASP A 508 -31.58 1.93 -12.13
C ASP A 508 -30.33 1.88 -12.96
N THR A 509 -29.19 1.74 -12.30
CA THR A 509 -27.95 1.48 -12.98
C THR A 509 -27.31 0.30 -12.27
N ALA A 510 -26.13 -0.08 -12.76
CA ALA A 510 -25.29 -0.98 -11.96
C ALA A 510 -24.57 -0.23 -10.87
N MET A 511 -24.65 1.09 -10.87
CA MET A 511 -24.03 1.90 -9.85
C MET A 511 -24.98 2.20 -8.69
N SER A 512 -26.23 2.58 -8.99
CA SER A 512 -27.09 3.09 -7.94
C SER A 512 -28.52 2.57 -8.05
N LYS A 513 -29.34 3.10 -7.13
CA LYS A 513 -30.76 2.76 -7.01
C LYS A 513 -31.42 3.93 -6.29
N LEU A 514 -32.45 4.54 -6.88
CA LEU A 514 -32.91 5.86 -6.45
C LEU A 514 -34.41 5.91 -6.23
N TRP A 515 -34.80 6.28 -5.02
CA TRP A 515 -36.20 6.35 -4.65
C TRP A 515 -36.60 7.77 -4.27
N PHE A 516 -37.80 8.18 -4.66
CA PHE A 516 -38.18 9.58 -4.57
C PHE A 516 -39.69 9.73 -4.42
N LYS A 517 -40.15 10.59 -3.51
CA LYS A 517 -41.56 10.97 -3.58
C LYS A 517 -41.61 12.49 -3.39
N GLN A 518 -42.81 13.09 -3.45
CA GLN A 518 -43.06 14.50 -3.19
C GLN A 518 -44.35 14.61 -2.35
N ASP A 519 -44.46 15.65 -1.52
CA ASP A 519 -45.55 15.81 -0.55
C ASP A 519 -46.85 16.36 -1.15
N ASP A 520 -47.86 15.50 -1.24
CA ASP A 520 -49.18 15.92 -1.69
C ASP A 520 -49.90 16.68 -0.59
N LYS A 521 -49.59 16.36 0.66
CA LYS A 521 -50.31 16.93 1.78
C LYS A 521 -49.62 18.17 2.30
N PHE A 522 -48.34 18.02 2.61
CA PHE A 522 -47.67 18.87 3.59
C PHE A 522 -47.36 20.26 3.04
N PHE A 523 -46.98 20.35 1.77
CA PHE A 523 -46.81 21.60 1.03
C PHE A 523 -45.76 22.57 1.59
N LEU A 524 -44.52 22.09 1.71
CA LEU A 524 -43.47 22.98 2.18
C LEU A 524 -42.32 23.02 1.17
N PRO A 525 -41.56 24.15 1.09
CA PRO A 525 -40.41 24.24 0.19
C PRO A 525 -39.13 23.61 0.73
N LYS A 526 -39.25 22.38 1.18
CA LYS A 526 -38.15 21.71 1.84
C LYS A 526 -37.98 20.32 1.24
N ALA A 527 -36.81 19.74 1.48
CA ALA A 527 -36.54 18.45 0.86
C ALA A 527 -35.58 17.64 1.71
N ASN A 528 -35.61 16.32 1.50
CA ASN A 528 -34.76 15.41 2.24
C ASN A 528 -33.82 14.64 1.32
N LEU A 529 -32.71 14.21 1.90
CA LEU A 529 -31.60 13.64 1.14
C LEU A 529 -30.91 12.68 2.08
N ASN A 530 -30.82 11.41 1.73
CA ASN A 530 -30.30 10.41 2.67
C ASN A 530 -29.23 9.51 2.10
N PHE A 531 -28.32 10.09 1.31
CA PHE A 531 -27.24 9.37 0.63
C PHE A 531 -26.46 8.46 1.55
N GLU A 532 -26.20 7.26 1.07
CA GLU A 532 -25.51 6.25 1.86
C GLU A 532 -24.38 5.69 1.03
N PHE A 533 -23.16 5.79 1.54
CA PHE A 533 -22.05 5.30 0.76
C PHE A 533 -21.92 3.87 1.23
N PHE A 534 -21.58 2.98 0.33
CA PHE A 534 -21.48 1.57 0.69
C PHE A 534 -20.19 1.01 0.17
N SER A 535 -19.49 0.26 1.01
CA SER A 535 -18.11 -0.10 0.72
C SER A 535 -17.80 -1.34 1.51
N PRO A 536 -16.96 -2.18 1.02
CA PRO A 536 -16.65 -3.41 1.74
C PRO A 536 -15.71 -3.05 2.86
N PHE A 537 -14.87 -2.05 2.60
CA PHE A 537 -13.68 -1.79 3.38
C PHE A 537 -13.97 -1.06 4.67
N ALA A 538 -15.24 -0.83 4.96
CA ALA A 538 -15.62 0.00 6.10
C ALA A 538 -15.37 -0.73 7.41
N TYR A 539 -15.82 -1.98 7.49
CA TYR A 539 -15.82 -2.70 8.75
C TYR A 539 -14.89 -3.90 8.73
N VAL A 540 -14.12 -4.08 7.65
CA VAL A 540 -13.11 -5.13 7.49
C VAL A 540 -12.24 -5.27 8.72
N ASP A 541 -11.81 -4.16 9.30
CA ASP A 541 -10.87 -4.24 10.40
C ASP A 541 -11.12 -3.07 11.33
N PRO A 542 -10.49 -3.07 12.51
CA PRO A 542 -10.45 -1.85 13.30
C PRO A 542 -9.76 -0.71 12.61
N LEU A 543 -8.69 -1.01 11.90
CA LEU A 543 -7.76 0.01 11.41
C LEU A 543 -8.36 0.91 10.34
N HIS A 544 -8.97 0.32 9.32
CA HIS A 544 -9.54 1.16 8.27
C HIS A 544 -10.81 1.84 8.74
N SER A 545 -11.52 1.22 9.68
CA SER A 545 -12.69 1.85 10.27
C SER A 545 -12.29 3.07 11.09
N ASN A 546 -11.18 2.95 11.82
CA ASN A 546 -10.60 4.09 12.54
C ASN A 546 -10.25 5.20 11.59
N MET A 547 -9.70 4.84 10.44
CA MET A 547 -9.35 5.85 9.46
C MET A 547 -10.60 6.48 8.85
N ALA A 548 -11.68 5.71 8.73
CA ALA A 548 -12.93 6.21 8.19
C ALA A 548 -13.56 7.23 9.12
N TYR A 549 -13.54 6.92 10.41
CA TYR A 549 -14.13 7.81 11.40
C TYR A 549 -13.32 9.09 11.53
N LEU A 550 -12.00 8.98 11.50
CA LEU A 550 -11.16 10.16 11.61
C LEU A 550 -11.25 11.01 10.34
N TYR A 551 -11.42 10.33 9.20
CA TYR A 551 -11.62 11.00 7.93
C TYR A 551 -12.87 11.84 7.94
N LEU A 552 -13.98 11.22 8.27
CA LEU A 552 -15.24 11.95 8.24
C LEU A 552 -15.26 13.03 9.30
N GLU A 553 -14.53 12.82 10.40
CA GLU A 553 -14.43 13.82 11.44
C GLU A 553 -13.72 15.07 10.95
N LEU A 554 -12.53 14.88 10.37
CA LEU A 554 -11.80 16.01 9.86
C LEU A 554 -12.44 16.59 8.59
N LEU A 555 -13.20 15.77 7.87
CA LEU A 555 -14.02 16.22 6.75
C LEU A 555 -15.04 17.26 7.14
N LYS A 556 -15.89 16.95 8.12
CA LYS A 556 -16.87 17.94 8.56
C LYS A 556 -16.20 19.10 9.23
N ASP A 557 -15.10 18.83 9.93
CA ASP A 557 -14.36 19.88 10.62
C ASP A 557 -13.78 20.89 9.65
N SER A 558 -13.37 20.44 8.48
CA SER A 558 -12.91 21.39 7.49
C SER A 558 -14.06 22.20 6.91
N LEU A 559 -15.09 21.50 6.42
CA LEU A 559 -16.22 22.12 5.75
C LEU A 559 -17.25 22.73 6.72
N ASN A 560 -16.91 22.94 7.98
CA ASN A 560 -17.87 23.52 8.92
C ASN A 560 -18.03 25.03 8.73
N GLU A 561 -16.91 25.73 8.55
CA GLU A 561 -16.88 27.19 8.55
C GLU A 561 -17.70 27.74 7.39
N TYR A 562 -17.69 27.02 6.26
CA TYR A 562 -18.64 27.28 5.18
C TYR A 562 -20.06 26.86 5.56
N ALA A 563 -20.20 25.78 6.33
CA ALA A 563 -21.50 25.14 6.53
C ALA A 563 -22.40 25.94 7.44
N TYR A 564 -21.82 26.83 8.23
CA TYR A 564 -22.56 27.53 9.28
C TYR A 564 -23.68 28.41 8.73
N ALA A 565 -23.44 29.07 7.61
CA ALA A 565 -24.46 29.94 7.03
C ALA A 565 -25.65 29.13 6.54
N ALA A 566 -25.39 27.93 6.04
CA ALA A 566 -26.47 27.04 5.62
C ALA A 566 -27.20 26.52 6.83
N GLU A 567 -26.44 26.21 7.88
CA GLU A 567 -27.03 25.65 9.08
C GLU A 567 -27.85 26.70 9.78
N LEU A 568 -27.44 27.95 9.66
CA LEU A 568 -28.21 29.04 10.20
C LEU A 568 -29.44 29.29 9.37
N ALA A 569 -29.44 28.88 8.11
CA ALA A 569 -30.59 29.15 7.26
C ALA A 569 -31.63 28.06 7.26
N GLY A 570 -31.33 26.89 7.81
CA GLY A 570 -32.33 25.85 7.77
C GLY A 570 -31.90 24.87 6.72
N LEU A 571 -30.60 24.71 6.55
CA LEU A 571 -30.08 23.74 5.59
C LEU A 571 -29.14 22.82 6.34
N SER A 572 -29.66 21.66 6.69
CA SER A 572 -28.92 20.72 7.50
C SER A 572 -28.35 19.60 6.66
N TYR A 573 -27.34 18.97 7.23
CA TYR A 573 -26.60 17.91 6.58
C TYR A 573 -26.14 17.04 7.74
N ASP A 574 -25.65 15.87 7.43
CA ASP A 574 -25.02 15.05 8.46
C ASP A 574 -24.16 14.05 7.72
N LEU A 575 -22.87 14.05 8.01
CA LEU A 575 -22.01 12.93 7.67
C LEU A 575 -21.85 11.99 8.85
N GLN A 576 -22.05 10.71 8.58
CA GLN A 576 -22.01 9.67 9.60
C GLN A 576 -21.36 8.45 8.95
N ASN A 577 -20.97 7.48 9.75
CA ASN A 577 -20.42 6.22 9.27
C ASN A 577 -21.39 5.14 9.71
N THR A 578 -21.45 4.05 8.96
CA THR A 578 -22.17 2.86 9.39
C THR A 578 -21.27 1.65 9.32
N ILE A 579 -21.81 0.52 9.78
CA ILE A 579 -21.21 -0.78 9.49
C ILE A 579 -21.14 -1.03 7.99
N TYR A 580 -21.98 -0.37 7.21
CA TYR A 580 -22.03 -0.57 5.77
C TYR A 580 -20.96 0.31 5.15
N GLY A 581 -21.09 1.62 5.36
CA GLY A 581 -20.19 2.60 4.81
C GLY A 581 -20.28 3.91 5.57
N MET A 582 -20.33 5.01 4.82
CA MET A 582 -20.54 6.32 5.42
C MET A 582 -21.94 6.81 5.09
N TYR A 583 -22.50 7.57 6.03
CA TYR A 583 -23.90 7.94 6.04
C TYR A 583 -24.09 9.43 5.93
N LEU A 584 -24.86 9.82 4.93
CA LEU A 584 -25.14 11.21 4.64
C LEU A 584 -26.63 11.45 4.76
N SER A 585 -26.99 12.51 5.47
CA SER A 585 -28.39 12.87 5.52
C SER A 585 -28.45 14.38 5.54
N VAL A 586 -28.83 14.92 4.41
CA VAL A 586 -29.10 16.33 4.24
C VAL A 586 -30.60 16.55 4.36
N LYS A 587 -30.97 17.70 4.90
CA LYS A 587 -32.36 18.09 4.99
C LYS A 587 -32.41 19.59 5.03
N GLY A 588 -33.35 20.14 4.29
CA GLY A 588 -33.58 21.56 4.42
C GLY A 588 -34.41 22.04 3.25
N TYR A 589 -34.13 23.27 2.88
CA TYR A 589 -34.92 24.02 1.91
C TYR A 589 -34.60 23.67 0.47
N ASN A 590 -35.35 24.32 -0.43
CA ASN A 590 -35.38 24.05 -1.86
C ASN A 590 -34.56 25.07 -2.66
N ASP A 591 -33.53 25.66 -2.06
CA ASP A 591 -32.88 26.81 -2.70
C ASP A 591 -31.70 26.40 -3.57
N LYS A 592 -30.65 25.89 -2.94
CA LYS A 592 -29.38 25.63 -3.61
C LYS A 592 -29.02 24.17 -3.41
N GLN A 593 -30.04 23.35 -3.35
CA GLN A 593 -30.06 21.92 -3.26
C GLN A 593 -29.10 21.22 -4.25
N PRO A 594 -29.30 21.19 -5.59
CA PRO A 594 -28.22 20.65 -6.43
C PRO A 594 -26.89 21.34 -6.27
N ILE A 595 -26.90 22.65 -5.96
CA ILE A 595 -25.69 23.43 -5.92
C ILE A 595 -24.85 23.11 -4.69
N LEU A 596 -25.50 23.15 -3.53
CA LEU A 596 -24.80 22.82 -2.30
C LEU A 596 -24.38 21.37 -2.33
N LEU A 597 -25.27 20.48 -2.81
CA LEU A 597 -24.94 19.08 -2.92
C LEU A 597 -23.77 18.83 -3.85
N LYS A 598 -23.74 19.54 -4.97
CA LYS A 598 -22.59 19.53 -5.87
C LYS A 598 -21.31 19.89 -5.16
N LYS A 599 -21.36 20.95 -4.35
CA LYS A 599 -20.17 21.38 -3.60
C LYS A 599 -19.73 20.32 -2.62
N ILE A 600 -20.66 19.84 -1.79
CA ILE A 600 -20.39 18.77 -0.83
C ILE A 600 -19.74 17.56 -1.48
N ILE A 601 -20.35 17.06 -2.56
CA ILE A 601 -19.83 15.87 -3.22
C ILE A 601 -18.47 16.13 -3.82
N GLU A 602 -18.29 17.29 -4.46
CA GLU A 602 -17.00 17.63 -5.01
C GLU A 602 -15.95 17.88 -3.95
N LYS A 603 -16.36 18.28 -2.75
CA LYS A 603 -15.39 18.57 -1.71
C LYS A 603 -14.92 17.30 -1.07
N MET A 604 -15.84 16.42 -0.71
CA MET A 604 -15.40 15.20 -0.09
C MET A 604 -14.87 14.23 -1.13
N ALA A 605 -15.09 14.54 -2.39
CA ALA A 605 -14.43 13.81 -3.45
C ALA A 605 -12.94 14.10 -3.45
N THR A 606 -12.56 15.34 -3.68
CA THR A 606 -11.15 15.74 -3.61
C THR A 606 -10.90 16.52 -2.33
N PHE A 607 -10.28 15.85 -1.37
CA PHE A 607 -10.19 16.40 -0.04
C PHE A 607 -8.75 16.33 0.44
N GLU A 608 -8.33 17.32 1.20
CA GLU A 608 -6.96 17.41 1.67
C GLU A 608 -6.91 17.48 3.18
N ILE A 609 -5.71 17.26 3.71
CA ILE A 609 -5.49 17.09 5.13
C ILE A 609 -4.43 18.06 5.62
N ASP A 610 -4.68 18.70 6.75
CA ASP A 610 -3.65 19.43 7.47
C ASP A 610 -3.00 18.55 8.53
N GLU A 611 -1.77 18.92 8.90
CA GLU A 611 -0.96 18.12 9.80
C GLU A 611 -1.45 18.19 11.24
N LYS A 612 -1.43 19.38 11.81
CA LYS A 612 -1.78 19.53 13.21
C LYS A 612 -3.27 19.30 13.41
N ARG A 613 -4.05 19.53 12.35
CA ARG A 613 -5.46 19.16 12.33
C ARG A 613 -5.62 17.66 12.53
N PHE A 614 -4.83 16.88 11.79
CA PHE A 614 -4.78 15.43 11.97
C PHE A 614 -4.34 15.02 13.36
N GLU A 615 -3.41 15.79 13.95
CA GLU A 615 -2.97 15.50 15.31
C GLU A 615 -4.10 15.70 16.31
N ILE A 616 -4.88 16.75 16.08
CA ILE A 616 -5.99 17.07 16.97
C ILE A 616 -7.11 16.05 16.83
N ILE A 617 -7.44 15.64 15.60
CA ILE A 617 -8.52 14.67 15.42
C ILE A 617 -8.12 13.33 16.01
N LYS A 618 -6.84 12.97 15.87
CA LYS A 618 -6.32 11.74 16.43
C LYS A 618 -6.40 11.73 17.95
N GLU A 619 -5.68 12.66 18.58
CA GLU A 619 -5.69 12.83 20.03
C GLU A 619 -7.08 12.96 20.61
N ALA A 620 -7.93 13.76 19.99
CA ALA A 620 -9.23 14.03 20.59
C ALA A 620 -10.16 12.84 20.53
N TYR A 621 -10.27 12.16 19.38
CA TYR A 621 -11.13 10.99 19.41
C TYR A 621 -10.50 9.85 20.21
N MET A 622 -9.17 9.81 20.25
CA MET A 622 -8.45 8.89 21.14
C MET A 622 -8.79 9.14 22.61
N ARG A 623 -8.99 10.40 22.97
CA ARG A 623 -9.46 10.68 24.33
C ARG A 623 -10.92 10.29 24.46
N SER A 624 -11.67 10.37 23.37
CA SER A 624 -13.09 10.02 23.38
C SER A 624 -13.31 8.52 23.44
N LEU A 625 -12.28 7.72 23.18
CA LEU A 625 -12.41 6.28 23.17
C LEU A 625 -12.62 5.66 24.55
N ASN A 626 -11.67 5.88 25.47
CA ASN A 626 -11.81 5.24 26.78
C ASN A 626 -12.90 5.81 27.67
N ASN A 627 -13.64 6.82 27.21
CA ASN A 627 -14.85 7.23 27.92
C ASN A 627 -15.93 6.16 27.80
N PHE A 628 -15.83 5.25 26.84
CA PHE A 628 -16.92 4.31 26.68
C PHE A 628 -16.84 3.16 27.69
N ARG A 629 -15.84 3.14 28.56
CA ARG A 629 -15.97 2.30 29.74
C ARG A 629 -17.05 2.83 30.68
N ALA A 630 -17.23 4.14 30.72
CA ALA A 630 -17.94 4.80 31.81
C ALA A 630 -19.46 4.93 31.65
N GLU A 631 -20.08 4.42 30.58
CA GLU A 631 -21.50 4.75 30.54
C GLU A 631 -22.35 3.77 31.31
N GLN A 632 -23.64 4.14 31.39
CA GLN A 632 -24.64 3.32 32.05
C GLN A 632 -24.71 1.95 31.41
N PRO A 633 -25.02 0.93 32.20
CA PRO A 633 -25.02 -0.43 31.66
C PRO A 633 -26.22 -0.75 30.81
N HIS A 634 -27.25 0.09 30.77
CA HIS A 634 -28.30 -0.18 29.81
C HIS A 634 -27.84 0.16 28.41
N GLN A 635 -27.09 1.25 28.28
CA GLN A 635 -26.49 1.63 27.03
C GLN A 635 -25.40 0.66 26.64
N HIS A 636 -24.59 0.31 27.62
CA HIS A 636 -23.49 -0.60 27.41
C HIS A 636 -24.00 -1.99 27.04
N ALA A 637 -25.09 -2.39 27.68
CA ALA A 637 -25.74 -3.66 27.38
C ALA A 637 -26.39 -3.66 26.00
N MET A 638 -27.01 -2.55 25.59
CA MET A 638 -27.54 -2.50 24.23
C MET A 638 -26.42 -2.54 23.20
N TYR A 639 -25.24 -2.04 23.57
CA TYR A 639 -24.07 -2.19 22.72
C TYR A 639 -23.71 -3.65 22.60
N TYR A 640 -23.78 -4.36 23.71
CA TYR A 640 -23.54 -5.80 23.65
C TYR A 640 -24.64 -6.53 22.92
N LEU A 641 -25.87 -6.02 22.97
CA LEU A 641 -26.94 -6.66 22.24
C LEU A 641 -26.71 -6.57 20.75
N ARG A 642 -26.34 -5.38 20.27
CA ARG A 642 -26.00 -5.32 18.85
C ARG A 642 -24.66 -5.95 18.56
N LEU A 643 -23.86 -6.21 19.60
CA LEU A 643 -22.65 -6.98 19.43
C LEU A 643 -22.96 -8.44 19.17
N LEU A 644 -23.77 -9.05 20.03
CA LEU A 644 -23.96 -10.48 19.93
C LEU A 644 -24.84 -10.86 18.76
N MET A 645 -25.78 -10.02 18.40
CA MET A 645 -26.81 -10.38 17.45
C MET A 645 -26.48 -9.90 16.04
N THR A 646 -25.20 -9.75 15.74
CA THR A 646 -24.71 -9.63 14.37
C THR A 646 -23.71 -10.70 13.98
N GLU A 647 -23.27 -10.57 12.74
CA GLU A 647 -22.31 -11.51 12.15
C GLU A 647 -20.90 -11.22 12.63
N VAL A 648 -20.36 -10.06 12.30
CA VAL A 648 -19.04 -9.65 12.76
C VAL A 648 -19.24 -8.42 13.63
N ALA A 649 -18.38 -8.24 14.63
CA ALA A 649 -18.53 -7.10 15.53
C ALA A 649 -17.21 -6.80 16.21
N TRP A 650 -16.75 -5.56 16.09
CA TRP A 650 -15.48 -5.17 16.69
C TRP A 650 -15.74 -4.55 18.05
N THR A 651 -15.02 -5.00 19.07
CA THR A 651 -15.29 -4.40 20.36
C THR A 651 -14.57 -3.07 20.44
N LYS A 652 -14.91 -2.28 21.44
CA LYS A 652 -14.27 -0.97 21.55
C LYS A 652 -12.84 -0.98 22.06
N ASP A 653 -12.38 -2.04 22.72
CA ASP A 653 -10.98 -2.08 23.17
C ASP A 653 -10.03 -2.31 22.01
N GLU A 654 -10.29 -3.34 21.22
CA GLU A 654 -9.47 -3.63 20.05
C GLU A 654 -9.50 -2.47 19.07
N LEU A 655 -10.68 -1.86 18.89
CA LEU A 655 -10.79 -0.68 18.06
C LEU A 655 -10.01 0.48 18.68
N LYS A 656 -9.96 0.54 20.01
CA LYS A 656 -9.21 1.57 20.70
C LYS A 656 -7.71 1.41 20.51
N GLU A 657 -7.23 0.17 20.57
CA GLU A 657 -5.80 -0.04 20.57
C GLU A 657 -5.21 0.20 19.18
N ALA A 658 -6.02 0.03 18.13
CA ALA A 658 -5.51 0.01 16.76
C ALA A 658 -5.09 1.38 16.26
N LEU A 659 -5.40 2.45 16.98
CA LEU A 659 -4.95 3.80 16.67
C LEU A 659 -3.55 4.11 17.15
N ASP A 660 -2.81 3.14 17.68
CA ASP A 660 -1.47 3.43 18.12
C ASP A 660 -0.48 3.64 16.98
N ASP A 661 -0.83 3.24 15.77
CA ASP A 661 0.10 3.25 14.65
C ASP A 661 -0.39 4.06 13.45
N VAL A 662 -1.51 4.76 13.60
CA VAL A 662 -2.16 5.44 12.49
C VAL A 662 -1.43 6.76 12.19
N THR A 663 -0.64 6.76 11.12
CA THR A 663 0.00 7.96 10.62
C THR A 663 -0.73 8.50 9.40
N LEU A 664 -0.48 9.76 9.13
CA LEU A 664 -1.15 10.46 8.03
C LEU A 664 -0.88 9.93 6.63
N PRO A 665 0.34 9.51 6.22
CA PRO A 665 0.47 8.94 4.87
C PRO A 665 -0.27 7.65 4.65
N ARG A 666 -0.48 6.83 5.68
CA ARG A 666 -1.25 5.61 5.48
C ARG A 666 -2.70 5.93 5.14
N LEU A 667 -3.27 6.89 5.86
CA LEU A 667 -4.63 7.33 5.57
C LEU A 667 -4.72 7.94 4.20
N LYS A 668 -3.78 8.81 3.88
CA LYS A 668 -3.84 9.50 2.61
C LYS A 668 -3.61 8.58 1.43
N ALA A 669 -2.92 7.46 1.65
CA ALA A 669 -2.91 6.42 0.64
C ALA A 669 -4.23 5.68 0.61
N PHE A 670 -4.84 5.51 1.77
CA PHE A 670 -6.05 4.72 1.89
C PHE A 670 -7.22 5.36 1.18
N ILE A 671 -7.29 6.69 1.25
CA ILE A 671 -8.52 7.41 0.92
C ILE A 671 -9.03 7.16 -0.50
N PRO A 672 -8.25 7.34 -1.58
CA PRO A 672 -8.85 7.11 -2.89
C PRO A 672 -9.11 5.64 -3.15
N GLN A 673 -8.41 4.77 -2.44
CA GLN A 673 -8.68 3.35 -2.55
C GLN A 673 -10.03 3.05 -1.97
N LEU A 674 -10.33 3.66 -0.82
CA LEU A 674 -11.69 3.64 -0.32
C LEU A 674 -12.65 4.20 -1.34
N LEU A 675 -12.31 5.36 -1.87
CA LEU A 675 -13.18 6.04 -2.81
C LEU A 675 -13.18 5.43 -4.19
N SER A 676 -12.38 4.37 -4.42
CA SER A 676 -12.31 3.77 -5.74
C SER A 676 -13.66 3.19 -6.16
N ARG A 677 -14.19 2.29 -5.38
CA ARG A 677 -15.50 1.76 -5.71
C ARG A 677 -16.38 1.86 -4.48
N LEU A 678 -17.67 2.09 -4.72
CA LEU A 678 -18.68 2.28 -3.69
C LEU A 678 -20.06 2.44 -4.31
N HIS A 679 -21.09 2.30 -3.46
CA HIS A 679 -22.49 2.36 -3.85
C HIS A 679 -23.25 3.41 -3.06
N ILE A 680 -24.19 4.02 -3.77
CA ILE A 680 -25.06 5.02 -3.20
C ILE A 680 -26.47 4.61 -3.55
N GLU A 681 -27.34 4.65 -2.57
CA GLU A 681 -28.73 4.31 -2.76
C GLU A 681 -29.44 5.37 -1.95
N ALA A 682 -30.34 6.11 -2.56
CA ALA A 682 -30.81 7.31 -1.91
C ALA A 682 -32.31 7.47 -1.98
N LEU A 683 -32.82 8.06 -0.92
CA LEU A 683 -34.21 8.48 -0.84
C LEU A 683 -34.21 9.99 -0.83
N LEU A 684 -34.95 10.54 -1.76
CA LEU A 684 -35.12 11.97 -1.94
C LEU A 684 -36.57 12.30 -1.76
N HIS A 685 -36.87 13.22 -0.87
CA HIS A 685 -38.26 13.51 -0.65
C HIS A 685 -38.42 15.00 -0.43
N GLY A 686 -39.32 15.59 -1.20
CA GLY A 686 -39.73 16.97 -1.05
C GLY A 686 -39.97 17.74 -2.34
N ASN A 687 -39.76 19.06 -2.31
CA ASN A 687 -40.29 19.95 -3.34
C ASN A 687 -39.40 20.08 -4.57
N ILE A 688 -39.26 18.98 -5.32
CA ILE A 688 -38.56 18.96 -6.60
C ILE A 688 -39.33 18.04 -7.54
N THR A 689 -38.83 17.88 -8.77
CA THR A 689 -39.46 17.03 -9.76
C THR A 689 -38.68 15.75 -10.02
N LYS A 690 -39.28 14.92 -10.88
CA LYS A 690 -38.73 13.62 -11.23
C LYS A 690 -37.50 13.75 -12.12
N GLN A 691 -37.62 14.58 -13.13
CA GLN A 691 -36.55 14.72 -14.10
C GLN A 691 -35.36 15.45 -13.49
N ALA A 692 -35.64 16.45 -12.66
CA ALA A 692 -34.57 17.12 -11.94
C ALA A 692 -33.91 16.22 -10.93
N ALA A 693 -34.66 15.26 -10.37
CA ALA A 693 -34.04 14.25 -9.52
C ALA A 693 -33.11 13.35 -10.31
N LEU A 694 -33.52 12.99 -11.54
CA LEU A 694 -32.64 12.21 -12.40
C LEU A 694 -31.38 12.97 -12.73
N GLY A 695 -31.51 14.28 -12.89
CA GLY A 695 -30.35 15.11 -13.15
C GLY A 695 -29.46 15.27 -11.93
N ILE A 696 -30.06 15.34 -10.75
CA ILE A 696 -29.30 15.40 -9.51
C ILE A 696 -28.52 14.12 -9.29
N MET A 697 -29.15 12.98 -9.55
CA MET A 697 -28.45 11.71 -9.38
C MET A 697 -27.30 11.56 -10.37
N GLN A 698 -27.59 11.86 -11.64
CA GLN A 698 -26.58 11.86 -12.69
C GLN A 698 -25.41 12.77 -12.35
N MET A 699 -25.70 14.04 -12.05
CA MET A 699 -24.79 14.98 -11.43
C MET A 699 -23.86 14.39 -10.39
N VAL A 700 -24.45 13.70 -9.42
CA VAL A 700 -23.66 13.15 -8.31
C VAL A 700 -22.70 12.08 -8.81
N GLU A 701 -23.24 11.09 -9.52
CA GLU A 701 -22.38 9.99 -9.95
C GLU A 701 -21.36 10.42 -10.97
N ASP A 702 -21.71 11.39 -11.81
CA ASP A 702 -20.76 11.94 -12.75
C ASP A 702 -19.67 12.73 -12.04
N THR A 703 -20.01 13.38 -10.94
CA THR A 703 -19.02 14.09 -10.13
C THR A 703 -18.03 13.11 -9.52
N LEU A 704 -18.55 11.96 -9.12
CA LEU A 704 -17.71 10.92 -8.55
C LEU A 704 -16.76 10.34 -9.58
N ILE A 705 -17.30 9.99 -10.74
CA ILE A 705 -16.50 9.44 -11.83
C ILE A 705 -15.49 10.47 -12.30
N GLU A 706 -15.85 11.75 -12.20
CA GLU A 706 -14.94 12.84 -12.52
C GLU A 706 -13.77 12.87 -11.55
N HIS A 707 -14.02 12.67 -10.28
CA HIS A 707 -12.90 12.84 -9.36
C HIS A 707 -12.08 11.57 -9.22
N ALA A 708 -12.69 10.51 -8.70
CA ALA A 708 -11.93 9.36 -8.27
C ALA A 708 -12.17 8.17 -9.17
N HIS A 709 -12.89 8.39 -10.26
CA HIS A 709 -13.11 7.45 -11.36
C HIS A 709 -13.81 6.20 -10.87
N THR A 710 -14.81 6.42 -10.01
CA THR A 710 -15.67 5.35 -9.50
C THR A 710 -16.39 4.61 -10.62
N LYS A 711 -16.33 3.30 -10.56
CA LYS A 711 -16.94 2.36 -11.45
C LYS A 711 -18.00 1.59 -10.68
N PRO A 712 -19.03 1.04 -11.32
CA PRO A 712 -20.10 0.41 -10.55
C PRO A 712 -19.67 -0.92 -9.93
N LEU A 713 -20.50 -1.39 -9.01
CA LEU A 713 -20.24 -2.65 -8.33
C LEU A 713 -20.90 -3.78 -9.13
N LEU A 714 -20.48 -4.92 -8.87
CA LEU A 714 -21.20 -6.09 -9.34
C LEU A 714 -22.14 -6.61 -8.25
N PRO A 715 -23.34 -7.16 -8.56
CA PRO A 715 -24.28 -7.48 -7.47
C PRO A 715 -23.95 -8.69 -6.62
N SER A 716 -22.70 -9.17 -6.63
CA SER A 716 -22.27 -10.18 -5.68
C SER A 716 -21.62 -9.59 -4.46
N GLN A 717 -21.31 -8.31 -4.48
CA GLN A 717 -20.74 -7.65 -3.32
C GLN A 717 -21.76 -6.70 -2.72
N LEU A 718 -23.03 -7.07 -2.87
CA LEU A 718 -24.15 -6.50 -2.14
C LEU A 718 -24.40 -7.32 -0.88
N VAL A 719 -23.38 -7.45 -0.06
CA VAL A 719 -23.50 -8.33 1.08
C VAL A 719 -24.28 -7.64 2.21
N ARG A 720 -24.81 -8.46 3.11
CA ARG A 720 -25.31 -8.05 4.41
C ARG A 720 -24.76 -9.01 5.46
N TYR A 721 -24.94 -8.63 6.71
CA TYR A 721 -24.46 -9.42 7.82
C TYR A 721 -25.58 -10.34 8.30
N ARG A 722 -25.22 -11.55 8.69
CA ARG A 722 -26.23 -12.47 9.19
C ARG A 722 -26.31 -12.41 10.71
N GLU A 723 -27.26 -13.17 11.26
CA GLU A 723 -27.52 -13.15 12.68
C GLU A 723 -27.49 -14.56 13.24
N VAL A 724 -27.12 -14.64 14.50
CA VAL A 724 -26.70 -15.89 15.12
C VAL A 724 -27.88 -16.76 15.51
N GLN A 725 -27.83 -18.02 15.09
CA GLN A 725 -28.77 -19.03 15.52
C GLN A 725 -28.49 -19.46 16.96
N LEU A 726 -29.55 -19.81 17.68
CA LEU A 726 -29.53 -20.38 19.01
C LEU A 726 -29.85 -21.87 18.93
N PRO A 727 -29.31 -22.72 19.81
CA PRO A 727 -29.47 -24.16 19.60
C PRO A 727 -30.79 -24.70 20.13
N ASP A 728 -31.88 -23.98 19.86
CA ASP A 728 -33.28 -24.41 19.85
C ASP A 728 -33.82 -24.78 21.22
N ARG A 729 -32.96 -24.85 22.22
CA ARG A 729 -33.42 -25.10 23.58
C ARG A 729 -32.54 -24.36 24.58
N GLY A 730 -31.54 -23.62 24.14
CA GLY A 730 -30.51 -23.15 25.03
C GLY A 730 -30.93 -21.83 25.66
N TRP A 731 -30.50 -21.62 26.90
CA TRP A 731 -30.57 -20.32 27.56
C TRP A 731 -29.16 -19.91 27.96
N PHE A 732 -28.58 -19.01 27.20
CA PHE A 732 -27.19 -18.61 27.36
C PHE A 732 -27.09 -17.19 27.91
N VAL A 733 -26.01 -16.94 28.66
CA VAL A 733 -25.82 -15.66 29.35
C VAL A 733 -24.34 -15.52 29.68
N TYR A 734 -23.89 -14.27 29.82
CA TYR A 734 -22.59 -14.00 30.47
C TYR A 734 -22.66 -12.57 30.98
N GLN A 735 -21.59 -12.15 31.63
CA GLN A 735 -21.57 -10.93 32.42
C GLN A 735 -20.35 -10.13 32.05
N GLN A 736 -20.48 -8.81 32.16
CA GLN A 736 -19.35 -7.91 32.16
C GLN A 736 -19.41 -7.13 33.46
N ARG A 737 -18.37 -6.36 33.74
CA ARG A 737 -18.37 -5.58 34.97
C ARG A 737 -17.93 -4.15 34.76
N ASN A 738 -18.80 -3.22 35.14
CA ASN A 738 -18.54 -1.79 35.19
C ASN A 738 -17.77 -1.42 36.45
N GLU A 739 -16.99 -0.35 36.37
CA GLU A 739 -16.21 0.10 37.51
C GLU A 739 -16.92 1.18 38.29
N VAL A 740 -17.55 2.13 37.59
CA VAL A 740 -18.09 3.30 38.26
C VAL A 740 -19.41 2.98 38.95
N HIS A 741 -20.38 2.47 38.19
CA HIS A 741 -21.72 2.37 38.72
C HIS A 741 -21.82 1.22 39.70
N ASN A 742 -22.59 1.42 40.75
CA ASN A 742 -22.88 0.34 41.68
C ASN A 742 -24.24 -0.26 41.35
N ASN A 743 -24.40 -0.68 40.10
CA ASN A 743 -25.65 -1.24 39.62
C ASN A 743 -25.37 -2.32 38.61
N SER A 744 -26.23 -3.33 38.60
CA SER A 744 -26.19 -4.37 37.60
C SER A 744 -27.29 -4.15 36.58
N GLY A 745 -26.95 -4.39 35.31
CA GLY A 745 -27.91 -4.32 34.24
C GLY A 745 -28.14 -5.68 33.59
N ILE A 746 -29.19 -5.73 32.78
CA ILE A 746 -29.56 -6.97 32.11
C ILE A 746 -30.39 -6.63 30.88
N GLU A 747 -30.25 -7.46 29.86
CA GLU A 747 -31.11 -7.34 28.69
C GLU A 747 -31.40 -8.78 28.29
N ILE A 748 -32.66 -9.07 28.03
CA ILE A 748 -33.12 -10.45 27.99
C ILE A 748 -33.68 -10.76 26.61
N TYR A 749 -32.82 -11.22 25.71
CA TYR A 749 -33.22 -11.38 24.31
C TYR A 749 -33.93 -12.68 23.98
N TYR A 750 -34.87 -12.57 23.04
CA TYR A 750 -35.72 -13.66 22.56
C TYR A 750 -35.81 -13.60 21.05
N GLN A 751 -35.34 -14.65 20.40
CA GLN A 751 -35.48 -14.77 18.96
C GLN A 751 -36.82 -15.44 18.73
N THR A 752 -37.82 -14.68 18.29
CA THR A 752 -38.97 -15.34 17.71
C THR A 752 -38.71 -15.87 16.31
N ASP A 753 -38.54 -14.95 15.36
CA ASP A 753 -38.73 -15.24 13.94
C ASP A 753 -38.46 -13.97 13.13
N MET A 754 -38.30 -14.16 11.83
CA MET A 754 -38.36 -13.09 10.85
C MET A 754 -39.73 -12.43 10.85
N GLN A 755 -39.81 -11.25 10.23
CA GLN A 755 -41.10 -10.58 10.16
C GLN A 755 -41.86 -11.30 9.06
N SER A 756 -42.57 -12.34 9.45
CA SER A 756 -43.69 -12.84 8.67
C SER A 756 -44.97 -12.25 9.21
N THR A 757 -46.00 -12.27 8.34
CA THR A 757 -47.30 -11.66 8.57
C THR A 757 -47.94 -12.08 9.88
N SER A 758 -47.72 -13.32 10.29
CA SER A 758 -48.24 -13.77 11.56
C SER A 758 -47.43 -13.18 12.71
N GLU A 759 -46.10 -13.18 12.56
CA GLU A 759 -45.19 -12.86 13.66
C GLU A 759 -45.23 -11.40 14.04
N ASN A 760 -45.49 -10.52 13.06
CA ASN A 760 -45.64 -9.10 13.37
C ASN A 760 -46.79 -8.84 14.33
N MET A 761 -47.93 -9.47 14.10
CA MET A 761 -49.07 -9.12 14.94
C MET A 761 -49.02 -9.91 16.23
N PHE A 762 -48.40 -11.08 16.18
CA PHE A 762 -48.11 -11.86 17.38
C PHE A 762 -47.22 -11.09 18.34
N LEU A 763 -46.07 -10.62 17.85
CA LEU A 763 -45.11 -9.99 18.74
C LEU A 763 -45.59 -8.62 19.17
N GLU A 764 -46.23 -7.88 18.26
CA GLU A 764 -46.79 -6.59 18.63
C GLU A 764 -47.86 -6.74 19.71
N LEU A 765 -48.74 -7.73 19.57
CA LEU A 765 -49.81 -7.92 20.53
C LEU A 765 -49.26 -8.35 21.87
N PHE A 766 -48.28 -9.24 21.82
CA PHE A 766 -47.59 -9.65 23.02
C PHE A 766 -46.84 -8.51 23.65
N ALA A 767 -46.28 -7.62 22.84
CA ALA A 767 -45.54 -6.47 23.36
C ALA A 767 -46.45 -5.52 24.11
N GLN A 768 -47.66 -5.28 23.59
CA GLN A 768 -48.55 -4.38 24.33
C GLN A 768 -49.08 -5.05 25.58
N ILE A 769 -49.31 -6.36 25.53
CA ILE A 769 -49.80 -7.00 26.74
C ILE A 769 -48.69 -7.16 27.76
N ILE A 770 -47.43 -7.10 27.36
CA ILE A 770 -46.35 -7.08 28.34
C ILE A 770 -45.88 -5.67 28.60
N SER A 771 -46.53 -4.68 28.00
CA SER A 771 -46.10 -3.31 28.20
C SER A 771 -46.58 -2.79 29.54
N GLU A 772 -47.87 -2.64 29.69
CA GLU A 772 -48.37 -2.01 30.90
C GLU A 772 -48.29 -2.84 32.17
N PRO A 773 -48.64 -4.15 32.19
CA PRO A 773 -48.46 -4.89 33.45
C PRO A 773 -47.04 -5.05 33.92
N ALA A 774 -46.03 -5.08 33.04
CA ALA A 774 -44.67 -5.08 33.56
C ALA A 774 -44.32 -3.77 34.23
N PHE A 775 -44.83 -2.66 33.70
CA PHE A 775 -44.59 -1.38 34.32
C PHE A 775 -45.37 -1.28 35.60
N ASN A 776 -46.50 -1.95 35.65
CA ASN A 776 -47.36 -1.91 36.81
C ASN A 776 -46.84 -2.76 37.94
N THR A 777 -46.41 -3.97 37.65
CA THR A 777 -46.02 -4.81 38.76
C THR A 777 -44.54 -4.84 39.05
N LEU A 778 -43.69 -4.76 38.03
CA LEU A 778 -42.29 -4.99 38.33
C LEU A 778 -41.60 -3.74 38.82
N ARG A 779 -41.63 -2.71 38.01
CA ARG A 779 -40.96 -1.48 38.37
C ARG A 779 -41.76 -0.72 39.41
N THR A 780 -43.08 -0.67 39.23
CA THR A 780 -43.89 0.11 40.16
C THR A 780 -44.14 -0.69 41.43
N LYS A 781 -44.71 -1.88 41.28
CA LYS A 781 -45.23 -2.55 42.46
C LYS A 781 -44.11 -3.27 43.19
N GLU A 782 -43.28 -4.00 42.45
CA GLU A 782 -42.21 -4.71 43.12
C GLU A 782 -41.00 -3.84 43.44
N GLN A 783 -40.90 -2.66 42.80
CA GLN A 783 -39.85 -1.67 43.07
C GLN A 783 -38.48 -2.29 42.83
N LEU A 784 -38.35 -2.91 41.68
CA LEU A 784 -37.10 -3.51 41.28
C LEU A 784 -36.03 -2.44 41.02
N GLY A 785 -36.31 -1.53 40.11
CA GLY A 785 -35.38 -0.45 39.85
C GLY A 785 -36.03 0.70 39.11
N TYR A 786 -35.20 1.55 38.53
CA TYR A 786 -35.66 2.71 37.78
C TYR A 786 -35.44 2.59 36.27
N ILE A 787 -34.40 1.87 35.86
CA ILE A 787 -34.04 1.74 34.45
C ILE A 787 -34.75 0.51 33.89
N VAL A 788 -35.87 0.15 34.48
CA VAL A 788 -36.63 -1.01 34.05
C VAL A 788 -37.27 -0.76 32.69
N PHE A 789 -36.97 -1.64 31.73
CA PHE A 789 -37.48 -1.49 30.37
C PHE A 789 -37.87 -2.87 29.88
N SER A 790 -38.92 -2.89 29.08
CA SER A 790 -39.45 -4.09 28.49
C SER A 790 -39.85 -3.80 27.06
N GLY A 791 -39.81 -4.83 26.23
CA GLY A 791 -40.46 -4.70 24.95
C GLY A 791 -39.73 -5.31 23.77
N PRO A 792 -40.16 -4.91 22.58
CA PRO A 792 -39.69 -5.53 21.34
C PRO A 792 -38.26 -5.12 20.99
N ARG A 793 -37.73 -5.85 20.03
CA ARG A 793 -36.45 -5.51 19.42
C ARG A 793 -36.59 -5.89 17.96
N ARG A 794 -36.31 -4.96 17.08
CA ARG A 794 -36.40 -5.26 15.66
C ARG A 794 -35.12 -4.77 15.01
N ALA A 795 -34.34 -5.72 14.50
CA ALA A 795 -33.04 -5.44 13.95
C ALA A 795 -32.73 -6.50 12.92
N ASN A 796 -32.17 -6.06 11.81
CA ASN A 796 -31.71 -6.90 10.70
C ASN A 796 -32.83 -7.73 10.11
N GLY A 797 -34.04 -7.17 10.05
CA GLY A 797 -35.13 -7.97 9.54
C GLY A 797 -35.55 -9.09 10.45
N ILE A 798 -35.20 -9.02 11.72
CA ILE A 798 -35.45 -10.08 12.67
C ILE A 798 -36.23 -9.48 13.83
N GLN A 799 -37.33 -10.14 14.20
CA GLN A 799 -38.03 -9.67 15.37
C GLN A 799 -37.27 -10.10 16.64
N GLY A 800 -37.64 -9.52 17.75
CA GLY A 800 -37.01 -9.87 19.01
C GLY A 800 -37.75 -9.27 20.18
N LEU A 801 -37.48 -9.83 21.34
CA LEU A 801 -38.06 -9.37 22.58
C LEU A 801 -36.98 -9.25 23.65
N ARG A 802 -36.95 -8.11 24.33
CA ARG A 802 -35.82 -7.81 25.17
C ARG A 802 -36.36 -7.14 26.43
N PHE A 803 -35.57 -7.18 27.50
CA PHE A 803 -35.99 -6.56 28.75
C PHE A 803 -34.79 -5.87 29.36
N ILE A 804 -34.78 -4.55 29.37
CA ILE A 804 -33.60 -3.82 29.79
C ILE A 804 -33.80 -3.35 31.21
N ILE A 805 -33.03 -3.89 32.17
CA ILE A 805 -33.23 -3.55 33.57
C ILE A 805 -31.88 -3.31 34.23
N GLN A 806 -31.59 -2.06 34.58
CA GLN A 806 -30.48 -1.72 35.45
C GLN A 806 -30.98 -1.48 36.88
N SER A 807 -30.39 -2.19 37.84
CA SER A 807 -30.72 -2.03 39.24
C SER A 807 -29.54 -2.51 40.09
N GLU A 808 -29.72 -2.44 41.40
CA GLU A 808 -28.77 -2.98 42.37
C GLU A 808 -29.35 -4.26 42.95
N LYS A 809 -29.15 -5.37 42.23
CA LYS A 809 -29.75 -6.65 42.60
C LYS A 809 -28.77 -7.74 42.19
N PRO A 810 -28.92 -8.95 42.73
CA PRO A 810 -28.36 -10.12 42.05
C PRO A 810 -29.11 -10.38 40.74
N PRO A 811 -28.39 -10.61 39.65
CA PRO A 811 -29.06 -10.69 38.35
C PRO A 811 -29.84 -11.97 38.17
N HIS A 812 -29.44 -13.03 38.83
CA HIS A 812 -30.16 -14.29 38.75
C HIS A 812 -31.42 -14.27 39.60
N TYR A 813 -31.33 -13.64 40.77
CA TYR A 813 -32.48 -13.21 41.54
C TYR A 813 -33.45 -12.42 40.67
N LEU A 814 -32.89 -11.49 39.90
CA LEU A 814 -33.68 -10.68 38.99
C LEU A 814 -34.32 -11.52 37.91
N GLU A 815 -33.55 -12.45 37.32
CA GLU A 815 -34.07 -13.45 36.40
C GLU A 815 -35.23 -14.20 36.97
N SER A 816 -35.12 -14.55 38.23
CA SER A 816 -36.14 -15.34 38.88
C SER A 816 -37.43 -14.57 38.95
N ARG A 817 -37.33 -13.27 39.23
CA ARG A 817 -38.57 -12.52 39.21
C ARG A 817 -39.02 -12.12 37.83
N VAL A 818 -38.11 -12.14 36.87
CA VAL A 818 -38.53 -11.99 35.48
C VAL A 818 -39.39 -13.16 35.09
N GLU A 819 -38.91 -14.35 35.41
CA GLU A 819 -39.62 -15.57 35.13
C GLU A 819 -40.90 -15.67 35.95
N ALA A 820 -40.88 -15.13 37.16
CA ALA A 820 -42.09 -15.05 37.95
C ALA A 820 -43.12 -14.16 37.28
N PHE A 821 -42.67 -13.05 36.69
CA PHE A 821 -43.55 -12.22 35.91
C PHE A 821 -44.04 -12.93 34.66
N LEU A 822 -43.22 -13.82 34.13
CA LEU A 822 -43.66 -14.61 32.98
C LEU A 822 -44.77 -15.54 33.37
N ILE A 823 -44.67 -16.15 34.55
CA ILE A 823 -45.75 -16.99 35.06
C ILE A 823 -46.98 -16.16 35.34
N THR A 824 -46.76 -14.96 35.85
CA THR A 824 -47.85 -14.04 36.15
C THR A 824 -48.59 -13.65 34.89
N MET A 825 -47.87 -13.43 33.82
CA MET A 825 -48.50 -13.10 32.56
C MET A 825 -49.18 -14.30 31.98
N GLU A 826 -48.53 -15.46 32.10
CA GLU A 826 -49.05 -16.74 31.67
C GLU A 826 -50.42 -17.01 32.26
N LYS A 827 -50.55 -16.79 33.57
CA LYS A 827 -51.86 -16.88 34.18
C LYS A 827 -52.76 -15.73 33.73
N SER A 828 -52.17 -14.56 33.49
CA SER A 828 -52.96 -13.39 33.12
C SER A 828 -53.50 -13.48 31.71
N ILE A 829 -53.02 -14.45 30.94
CA ILE A 829 -53.51 -14.66 29.59
C ILE A 829 -54.94 -15.13 29.67
N GLU A 830 -55.15 -16.22 30.39
CA GLU A 830 -56.37 -17.00 30.36
C GLU A 830 -57.51 -16.26 31.02
N ASP A 831 -57.18 -15.18 31.70
CA ASP A 831 -58.09 -14.31 32.40
C ASP A 831 -58.61 -13.19 31.51
N MET A 832 -58.25 -13.17 30.24
CA MET A 832 -58.72 -12.10 29.37
C MET A 832 -60.16 -12.32 28.93
N THR A 833 -60.98 -11.29 29.11
CA THR A 833 -62.35 -11.20 28.64
C THR A 833 -62.36 -10.69 27.20
N GLU A 834 -63.53 -10.33 26.69
CA GLU A 834 -63.60 -9.75 25.36
C GLU A 834 -63.41 -8.24 25.38
N GLU A 835 -63.40 -7.61 26.54
CA GLU A 835 -63.21 -6.16 26.61
C GLU A 835 -61.74 -5.82 26.58
N ALA A 836 -60.95 -6.51 27.40
CA ALA A 836 -59.49 -6.40 27.39
C ALA A 836 -58.99 -6.66 25.99
N PHE A 837 -59.35 -7.83 25.45
CA PHE A 837 -59.22 -8.18 24.04
C PHE A 837 -59.49 -7.07 23.05
N GLN A 838 -60.72 -6.52 23.04
CA GLN A 838 -61.06 -5.58 21.99
C GLN A 838 -60.44 -4.20 22.18
N LYS A 839 -60.44 -3.69 23.41
CA LYS A 839 -59.76 -2.44 23.70
C LYS A 839 -58.26 -2.55 23.51
N HIS A 840 -57.70 -3.72 23.78
CA HIS A 840 -56.27 -3.90 23.68
C HIS A 840 -55.84 -3.94 22.22
N ILE A 841 -56.58 -4.66 21.38
CA ILE A 841 -56.20 -4.67 19.96
C ILE A 841 -56.56 -3.36 19.26
N GLN A 842 -57.57 -2.64 19.72
CA GLN A 842 -57.82 -1.35 19.11
C GLN A 842 -56.77 -0.32 19.51
N ALA A 843 -56.31 -0.37 20.76
CA ALA A 843 -55.21 0.50 21.18
C ALA A 843 -53.90 0.12 20.52
N LEU A 844 -53.74 -1.16 20.19
CA LEU A 844 -52.58 -1.55 19.39
C LEU A 844 -52.67 -1.01 17.98
N ALA A 845 -53.89 -0.97 17.44
CA ALA A 845 -54.10 -0.46 16.09
C ALA A 845 -53.78 1.01 16.03
N ILE A 846 -54.30 1.78 16.99
CA ILE A 846 -54.07 3.22 16.99
C ILE A 846 -52.63 3.54 17.40
N ARG A 847 -52.00 2.67 18.17
CA ARG A 847 -50.57 2.82 18.40
C ARG A 847 -49.80 2.63 17.11
N ARG A 848 -50.18 1.63 16.33
CA ARG A 848 -49.46 1.41 15.08
C ARG A 848 -49.91 2.39 14.01
N LEU A 849 -51.22 2.50 13.79
CA LEU A 849 -51.75 3.35 12.73
C LEU A 849 -51.73 4.82 13.14
N ASP A 850 -51.03 5.64 12.36
CA ASP A 850 -51.11 7.10 12.44
C ASP A 850 -50.55 7.71 11.16
N LYS A 851 -51.24 8.73 10.63
CA LYS A 851 -50.64 9.32 9.44
C LYS A 851 -49.57 10.30 9.91
N PRO A 852 -48.42 10.32 9.22
CA PRO A 852 -47.34 11.24 9.58
C PRO A 852 -47.68 12.72 9.58
N LYS A 853 -47.15 13.42 10.59
CA LYS A 853 -47.34 14.86 10.74
C LYS A 853 -46.15 15.63 10.20
N LYS A 854 -44.93 15.34 10.68
CA LYS A 854 -43.77 16.00 10.12
C LYS A 854 -43.24 15.16 8.97
N LEU A 855 -42.76 15.83 7.93
CA LEU A 855 -42.23 15.13 6.78
C LEU A 855 -40.91 14.45 7.12
N SER A 856 -40.17 15.02 8.08
CA SER A 856 -38.91 14.41 8.49
C SER A 856 -39.12 13.09 9.20
N ALA A 857 -40.27 12.91 9.84
CA ALA A 857 -40.52 11.68 10.57
C ALA A 857 -40.71 10.52 9.60
N GLU A 858 -41.63 10.69 8.64
CA GLU A 858 -42.01 9.62 7.73
C GLU A 858 -40.84 9.23 6.85
N SER A 859 -39.97 10.19 6.57
CA SER A 859 -38.76 9.94 5.84
C SER A 859 -37.80 9.09 6.65
N ALA A 860 -37.76 9.32 7.97
CA ALA A 860 -36.90 8.48 8.79
C ALA A 860 -37.44 7.06 8.89
N LYS A 861 -38.75 6.89 8.83
CA LYS A 861 -39.34 5.55 8.87
C LYS A 861 -39.11 4.82 7.56
N TYR A 862 -39.38 5.50 6.45
CA TYR A 862 -39.16 4.93 5.14
C TYR A 862 -37.69 4.63 4.95
N TRP A 863 -36.83 5.55 5.37
CA TRP A 863 -35.40 5.34 5.29
C TRP A 863 -34.98 4.14 6.10
N GLY A 864 -35.50 4.03 7.33
CA GLY A 864 -35.25 2.91 8.19
C GLY A 864 -35.71 1.59 7.60
N GLU A 865 -36.58 1.65 6.59
CA GLU A 865 -37.00 0.46 5.88
C GLU A 865 -36.20 0.26 4.60
N ILE A 866 -35.60 1.33 4.11
CA ILE A 866 -34.79 1.16 2.92
C ILE A 866 -33.44 0.60 3.32
N ILE A 867 -32.93 0.99 4.49
CA ILE A 867 -31.68 0.42 4.97
C ILE A 867 -31.86 -1.01 5.40
N SER A 868 -33.10 -1.42 5.68
CA SER A 868 -33.36 -2.79 6.06
C SER A 868 -33.80 -3.58 4.85
N GLN A 869 -33.83 -2.93 3.69
CA GLN A 869 -34.10 -3.54 2.39
C GLN A 869 -35.47 -4.20 2.32
N GLN A 870 -36.42 -3.76 3.13
CA GLN A 870 -37.71 -4.43 3.11
C GLN A 870 -38.62 -3.86 2.03
N TYR A 871 -38.84 -2.55 2.10
CA TYR A 871 -39.57 -1.69 1.18
C TYR A 871 -41.07 -1.94 1.18
N ASN A 872 -41.59 -2.87 1.99
CA ASN A 872 -43.03 -3.12 1.90
C ASN A 872 -43.79 -2.01 2.59
N PHE A 873 -44.06 -0.96 1.81
CA PHE A 873 -44.68 0.22 2.37
C PHE A 873 -46.15 -0.01 2.71
N ASP A 874 -46.77 -1.03 2.14
CA ASP A 874 -48.19 -1.25 2.37
C ASP A 874 -48.38 -2.39 3.36
N ARG A 875 -47.40 -2.54 4.24
CA ARG A 875 -47.46 -3.36 5.43
C ARG A 875 -48.60 -2.98 6.35
N ASP A 876 -49.12 -1.76 6.27
CA ASP A 876 -50.18 -1.33 7.17
C ASP A 876 -51.47 -2.08 6.90
N ASN A 877 -51.90 -2.10 5.63
CA ASN A 877 -53.08 -2.88 5.23
C ASN A 877 -52.85 -4.34 5.55
N THR A 878 -51.65 -4.83 5.26
CA THR A 878 -51.22 -6.19 5.58
C THR A 878 -51.43 -6.52 7.06
N GLU A 879 -50.95 -5.64 7.94
CA GLU A 879 -51.00 -5.87 9.38
C GLU A 879 -52.41 -5.79 9.91
N VAL A 880 -53.19 -4.83 9.43
CA VAL A 880 -54.57 -4.68 9.91
C VAL A 880 -55.44 -5.83 9.42
N ALA A 881 -55.25 -6.25 8.16
CA ALA A 881 -55.97 -7.40 7.62
C ALA A 881 -55.59 -8.69 8.33
N TYR A 882 -54.32 -8.83 8.75
CA TYR A 882 -53.98 -10.03 9.52
C TYR A 882 -54.57 -9.93 10.92
N LEU A 883 -54.71 -8.70 11.43
CA LEU A 883 -54.97 -8.48 12.85
C LEU A 883 -56.35 -8.98 13.22
N LYS A 884 -57.28 -8.96 12.27
CA LYS A 884 -58.65 -9.34 12.55
C LYS A 884 -58.79 -10.83 12.74
N THR A 885 -57.80 -11.58 12.27
CA THR A 885 -57.71 -13.03 12.39
C THR A 885 -56.81 -13.49 13.53
N LEU A 886 -57.08 -13.10 14.78
CA LEU A 886 -56.30 -13.64 15.89
C LEU A 886 -57.23 -14.14 16.99
N THR A 887 -56.73 -15.09 17.79
CA THR A 887 -57.47 -15.58 18.95
C THR A 887 -56.58 -15.45 20.16
N LYS A 888 -57.08 -15.87 21.31
CA LYS A 888 -56.22 -15.83 22.49
C LYS A 888 -55.45 -17.13 22.63
N GLU A 889 -56.01 -18.23 22.14
CA GLU A 889 -55.32 -19.52 22.27
C GLU A 889 -54.13 -19.60 21.36
N ASP A 890 -54.14 -18.80 20.29
CA ASP A 890 -52.97 -18.61 19.46
C ASP A 890 -51.80 -18.07 20.26
N ILE A 891 -52.07 -17.18 21.22
CA ILE A 891 -50.95 -16.63 21.94
C ILE A 891 -50.44 -17.59 23.00
N ILE A 892 -51.25 -18.58 23.41
CA ILE A 892 -50.69 -19.69 24.16
C ILE A 892 -49.84 -20.53 23.24
N LYS A 893 -50.30 -20.70 22.01
CA LYS A 893 -49.52 -21.39 21.00
C LYS A 893 -48.28 -20.60 20.70
N PHE A 894 -48.35 -19.29 20.87
CA PHE A 894 -47.14 -18.49 20.82
C PHE A 894 -46.32 -18.71 22.07
N TYR A 895 -46.99 -18.96 23.19
CA TYR A 895 -46.28 -18.93 24.45
C TYR A 895 -45.50 -20.20 24.69
N LYS A 896 -46.06 -21.34 24.33
CA LYS A 896 -45.58 -22.59 24.89
C LYS A 896 -44.22 -23.01 24.33
N GLU A 897 -44.15 -23.24 23.02
CA GLU A 897 -42.90 -23.73 22.44
C GLU A 897 -41.85 -22.63 22.36
N MET A 898 -42.25 -21.38 22.23
CA MET A 898 -41.26 -20.32 22.13
C MET A 898 -40.93 -19.64 23.45
N LEU A 899 -41.91 -19.42 24.33
CA LEU A 899 -41.63 -18.57 25.47
C LEU A 899 -41.58 -19.31 26.79
N ALA A 900 -42.27 -20.44 26.91
CA ALA A 900 -42.31 -21.09 28.21
C ALA A 900 -40.97 -21.77 28.53
N VAL A 901 -40.87 -22.26 29.77
CA VAL A 901 -39.63 -22.89 30.19
C VAL A 901 -39.57 -24.33 29.74
N ASP A 902 -40.72 -24.99 29.56
CA ASP A 902 -40.74 -26.36 29.06
C ASP A 902 -40.83 -26.39 27.53
N ALA A 903 -39.95 -25.71 26.94
CA ALA A 903 -40.09 -25.46 25.54
C ALA A 903 -39.13 -26.34 24.76
N PRO A 904 -39.60 -27.06 23.76
CA PRO A 904 -38.67 -27.75 22.85
C PRO A 904 -38.00 -26.80 21.89
N ARG A 905 -38.70 -25.71 21.56
CA ARG A 905 -38.27 -24.66 20.65
C ARG A 905 -37.78 -23.43 21.39
N ARG A 906 -37.25 -23.61 22.61
CA ARG A 906 -36.79 -22.55 23.50
C ARG A 906 -35.65 -21.73 22.90
N HIS A 907 -35.89 -20.45 22.63
CA HIS A 907 -34.82 -19.55 22.18
C HIS A 907 -34.76 -18.43 23.19
N LYS A 908 -33.97 -18.67 24.24
CA LYS A 908 -33.85 -17.80 25.39
C LYS A 908 -32.40 -17.36 25.51
N VAL A 909 -32.20 -16.08 25.82
CA VAL A 909 -30.85 -15.58 26.07
C VAL A 909 -30.89 -14.29 26.87
N SER A 910 -30.07 -14.20 27.91
CA SER A 910 -29.99 -13.03 28.73
C SER A 910 -28.56 -12.53 28.66
N VAL A 911 -28.33 -11.33 29.15
CA VAL A 911 -26.99 -10.76 29.22
C VAL A 911 -26.82 -10.12 30.58
N HIS A 912 -25.82 -10.53 31.33
CA HIS A 912 -25.52 -9.88 32.58
C HIS A 912 -24.46 -8.81 32.43
N VAL A 913 -24.54 -7.83 33.32
CA VAL A 913 -23.56 -6.77 33.50
C VAL A 913 -23.45 -6.57 35.00
N LEU A 914 -22.28 -6.85 35.56
CA LEU A 914 -22.12 -6.84 36.99
C LEU A 914 -22.11 -5.42 37.53
N ALA A 915 -22.26 -5.32 38.85
CA ALA A 915 -22.04 -4.07 39.58
C ALA A 915 -20.55 -3.85 39.78
N ARG A 916 -20.21 -2.74 40.44
CA ARG A 916 -18.80 -2.41 40.64
C ARG A 916 -18.09 -3.33 41.63
N GLU A 917 -18.72 -3.68 42.74
CA GLU A 917 -17.97 -4.44 43.73
C GLU A 917 -18.01 -5.95 43.55
N MET A 918 -19.06 -6.51 42.95
CA MET A 918 -19.12 -7.96 42.79
C MET A 918 -18.09 -8.48 41.79
N SER A 936 -43.37 -14.37 44.72
CA SER A 936 -42.11 -14.45 45.43
C SER A 936 -41.59 -15.88 45.49
N GLN A 937 -41.69 -16.61 44.38
CA GLN A 937 -41.28 -18.01 44.37
C GLN A 937 -40.93 -18.41 42.94
N ALA A 938 -39.72 -18.95 42.77
CA ALA A 938 -39.14 -19.32 41.49
C ALA A 938 -38.81 -20.81 41.42
N PRO A 939 -39.11 -21.49 40.33
CA PRO A 939 -38.74 -22.90 40.22
C PRO A 939 -37.26 -23.02 39.80
N ALA A 940 -36.83 -24.26 39.58
CA ALA A 940 -35.45 -24.51 39.14
C ALA A 940 -35.35 -24.53 37.61
N LEU A 941 -34.91 -23.42 37.04
CA LEU A 941 -34.59 -23.35 35.62
C LEU A 941 -33.29 -24.12 35.33
N PRO A 942 -33.11 -24.60 34.10
CA PRO A 942 -31.84 -25.23 33.73
C PRO A 942 -30.65 -24.27 33.80
N GLN A 943 -29.48 -24.89 33.91
CA GLN A 943 -28.21 -24.21 34.09
C GLN A 943 -27.77 -23.42 32.86
N PRO A 944 -27.18 -22.26 33.06
CA PRO A 944 -26.61 -21.49 31.95
C PRO A 944 -25.20 -21.97 31.63
N GLU A 945 -24.66 -21.43 30.54
CA GLU A 945 -23.26 -21.62 30.17
C GLU A 945 -22.38 -20.43 30.54
N VAL A 946 -21.14 -20.75 30.86
CA VAL A 946 -20.16 -19.69 30.99
C VAL A 946 -19.70 -19.37 29.58
N ILE A 947 -19.33 -18.13 29.32
CA ILE A 947 -18.90 -17.71 28.00
C ILE A 947 -17.56 -16.99 28.12
N GLN A 948 -16.46 -17.70 27.92
CA GLN A 948 -15.17 -17.03 28.00
C GLN A 948 -14.87 -16.25 26.73
N ASN A 949 -14.84 -16.93 25.59
CA ASN A 949 -14.52 -16.32 24.31
C ASN A 949 -15.78 -16.19 23.46
N MET A 950 -16.15 -14.95 23.16
CA MET A 950 -17.34 -14.72 22.37
C MET A 950 -17.12 -15.15 20.94
N THR A 951 -15.87 -15.07 20.48
CA THR A 951 -15.50 -15.58 19.18
C THR A 951 -15.59 -17.10 19.11
N GLU A 952 -15.02 -17.78 20.11
CA GLU A 952 -15.11 -19.23 20.15
C GLU A 952 -16.53 -19.68 20.41
N PHE A 953 -17.33 -18.82 21.05
CA PHE A 953 -18.75 -19.06 21.09
C PHE A 953 -19.36 -19.02 19.71
N LYS A 954 -19.17 -17.93 19.00
CA LYS A 954 -19.82 -17.79 17.72
C LYS A 954 -19.22 -18.67 16.64
N ARG A 955 -18.12 -19.37 16.93
CA ARG A 955 -17.37 -20.16 15.97
C ARG A 955 -18.24 -21.24 15.35
N GLY A 956 -18.67 -22.18 16.16
CA GLY A 956 -19.61 -23.09 15.58
C GLY A 956 -20.99 -22.73 16.09
N LEU A 957 -21.67 -21.95 15.25
CA LEU A 957 -23.02 -21.51 15.43
C LEU A 957 -23.54 -21.21 14.05
N PRO A 958 -24.79 -21.56 13.75
CA PRO A 958 -25.33 -21.34 12.41
C PRO A 958 -25.67 -19.86 12.24
N LEU A 959 -26.05 -19.53 11.02
CA LEU A 959 -26.47 -18.18 10.70
C LEU A 959 -27.81 -18.21 10.00
N PHE A 960 -28.55 -17.17 10.27
CA PHE A 960 -29.91 -17.02 9.84
C PHE A 960 -29.97 -16.78 8.34
N PRO A 961 -31.09 -17.07 7.71
CA PRO A 961 -31.27 -16.63 6.33
C PRO A 961 -31.47 -15.14 6.28
N LEU A 962 -31.50 -14.59 5.07
CA LEU A 962 -31.85 -13.20 4.98
C LEU A 962 -33.25 -13.10 4.35
N VAL A 963 -33.73 -11.88 4.21
CA VAL A 963 -35.12 -11.64 3.87
C VAL A 963 -35.29 -11.43 2.38
N LYS A 964 -36.36 -12.01 1.80
CA LYS A 964 -36.75 -11.68 0.44
C LYS A 964 -37.28 -10.24 0.41
N PRO A 965 -36.67 -9.32 -0.36
CA PRO A 965 -37.10 -7.92 -0.31
C PRO A 965 -38.43 -7.69 -1.03
N HIS A 966 -39.29 -6.90 -0.40
CA HIS A 966 -40.56 -6.59 -1.04
C HIS A 966 -40.32 -5.45 -2.01
N ALA B 1 36.35 -74.50 -13.37
CA ALA B 1 37.24 -73.37 -13.56
C ALA B 1 37.24 -72.50 -12.33
N ILE B 2 37.49 -73.13 -11.19
CA ILE B 2 37.30 -72.51 -9.88
C ILE B 2 38.53 -71.68 -9.53
N LYS B 3 38.48 -70.41 -9.88
CA LYS B 3 39.47 -69.46 -9.39
C LYS B 3 38.70 -68.41 -8.61
N ARG B 4 39.22 -68.06 -7.45
CA ARG B 4 38.55 -67.13 -6.57
C ARG B 4 39.58 -66.15 -6.03
N ILE B 5 39.22 -64.87 -6.06
CA ILE B 5 40.02 -63.78 -5.50
C ILE B 5 39.05 -62.75 -4.93
N GLY B 6 38.92 -62.72 -3.61
CA GLY B 6 38.19 -61.64 -2.98
C GLY B 6 38.49 -61.49 -1.50
N ASN B 7 37.95 -60.42 -0.94
CA ASN B 7 38.08 -60.09 0.47
C ASN B 7 36.92 -59.19 0.88
N HIS B 8 36.98 -58.72 2.13
CA HIS B 8 36.01 -57.78 2.68
C HIS B 8 35.85 -56.52 1.82
N ILE B 9 34.59 -56.13 1.59
CA ILE B 9 34.23 -55.02 0.72
C ILE B 9 33.59 -53.92 1.55
N THR B 10 34.05 -52.68 1.35
CA THR B 10 33.44 -51.53 2.02
C THR B 10 32.08 -51.19 1.41
N LYS B 11 31.02 -51.34 2.20
CA LYS B 11 29.66 -51.03 1.77
C LYS B 11 29.04 -49.99 2.71
N SER B 12 28.40 -48.99 2.11
CA SER B 12 27.81 -47.88 2.85
C SER B 12 26.71 -48.41 3.77
N PRO B 13 26.69 -48.02 5.05
CA PRO B 13 26.06 -48.85 6.10
C PRO B 13 24.55 -49.01 5.98
N GLU B 14 23.89 -48.18 5.16
CA GLU B 14 22.51 -48.44 4.75
C GLU B 14 22.31 -49.85 4.21
N ASP B 15 23.25 -50.34 3.41
CA ASP B 15 23.16 -51.69 2.86
C ASP B 15 23.55 -52.74 3.88
N LYS B 16 22.80 -53.85 3.88
CA LYS B 16 23.11 -54.99 4.72
C LYS B 16 23.40 -56.25 3.91
N ARG B 17 23.20 -56.23 2.60
CA ARG B 17 23.46 -57.36 1.73
C ARG B 17 24.96 -57.65 1.63
N GLU B 18 25.38 -58.85 1.99
CA GLU B 18 26.79 -59.19 1.98
C GLU B 18 27.22 -59.64 0.59
N TYR B 19 28.35 -59.10 0.16
CA TYR B 19 28.82 -59.21 -1.21
C TYR B 19 30.20 -59.84 -1.22
N ARG B 20 30.58 -60.34 -2.39
CA ARG B 20 31.94 -60.79 -2.61
C ARG B 20 32.18 -60.82 -4.11
N GLY B 21 33.26 -60.18 -4.56
CA GLY B 21 33.63 -60.19 -5.97
C GLY B 21 34.79 -61.13 -6.17
N LEU B 22 34.77 -61.86 -7.28
CA LEU B 22 35.86 -62.75 -7.64
C LEU B 22 35.85 -62.94 -9.15
N GLU B 23 36.83 -63.72 -9.63
CA GLU B 23 36.90 -64.01 -11.06
C GLU B 23 37.41 -65.42 -11.28
N LEU B 24 36.68 -66.19 -12.08
CA LEU B 24 36.93 -67.59 -12.36
C LEU B 24 37.92 -67.72 -13.51
N ALA B 25 38.68 -68.83 -13.49
CA ALA B 25 39.82 -69.03 -14.38
C ALA B 25 39.44 -69.10 -15.85
N ASN B 26 38.17 -69.37 -16.18
CA ASN B 26 37.71 -69.29 -17.57
C ASN B 26 37.31 -67.87 -17.96
N GLY B 27 37.72 -66.86 -17.20
CA GLY B 27 37.47 -65.46 -17.53
C GLY B 27 36.07 -64.97 -17.26
N ILE B 28 35.56 -65.14 -16.05
CA ILE B 28 34.21 -64.70 -15.74
C ILE B 28 34.26 -63.80 -14.51
N LYS B 29 33.80 -62.56 -14.66
CA LYS B 29 33.69 -61.65 -13.53
C LYS B 29 32.46 -62.04 -12.73
N VAL B 30 32.61 -62.16 -11.41
CA VAL B 30 31.54 -62.68 -10.56
C VAL B 30 31.28 -61.75 -9.41
N LEU B 31 30.04 -61.31 -9.25
CA LEU B 31 29.63 -60.67 -8.02
C LEU B 31 28.55 -61.52 -7.38
N LEU B 32 28.45 -61.43 -6.05
CA LEU B 32 27.58 -62.30 -5.29
C LEU B 32 26.68 -61.45 -4.39
N ILE B 33 25.38 -61.52 -4.59
CA ILE B 33 24.44 -60.76 -3.78
C ILE B 33 23.71 -61.74 -2.89
N SER B 34 23.75 -61.51 -1.58
CA SER B 34 23.06 -62.40 -0.65
C SER B 34 22.16 -61.56 0.24
N ASP B 35 20.85 -61.64 -0.02
CA ASP B 35 19.84 -60.94 0.77
C ASP B 35 18.77 -61.95 1.11
N PRO B 36 18.80 -62.54 2.29
CA PRO B 36 17.80 -63.58 2.64
C PRO B 36 16.41 -63.02 2.94
N THR B 37 16.23 -61.73 2.69
CA THR B 37 14.98 -61.02 2.90
C THR B 37 14.29 -60.67 1.60
N THR B 38 14.79 -61.14 0.47
CA THR B 38 14.17 -60.84 -0.81
C THR B 38 13.09 -61.87 -1.09
N ASP B 39 11.97 -61.40 -1.62
CA ASP B 39 10.91 -62.32 -2.01
C ASP B 39 11.30 -63.12 -3.24
N LYS B 40 11.74 -62.43 -4.29
CA LYS B 40 12.08 -63.08 -5.55
C LYS B 40 13.58 -62.99 -5.79
N SER B 41 14.19 -64.12 -6.08
CA SER B 41 15.62 -64.12 -6.33
C SER B 41 15.85 -63.89 -7.82
N SER B 42 17.05 -63.46 -8.16
CA SER B 42 17.31 -63.10 -9.55
C SER B 42 18.77 -63.32 -9.88
N ALA B 43 19.05 -63.27 -11.18
CA ALA B 43 20.41 -63.44 -11.66
C ALA B 43 20.52 -62.78 -13.00
N ALA B 44 21.75 -62.46 -13.36
CA ALA B 44 21.99 -61.69 -14.58
C ALA B 44 23.36 -62.06 -15.08
N LEU B 45 23.49 -62.07 -16.40
CA LEU B 45 24.75 -62.42 -17.01
C LEU B 45 25.03 -61.46 -18.15
N ASP B 46 26.22 -60.88 -18.13
CA ASP B 46 26.64 -59.93 -19.15
C ASP B 46 27.82 -60.52 -19.89
N VAL B 47 27.69 -60.61 -21.20
CA VAL B 47 28.76 -61.08 -22.06
C VAL B 47 29.33 -59.84 -22.71
N HIS B 48 30.61 -59.58 -22.51
CA HIS B 48 31.20 -58.42 -23.16
C HIS B 48 31.71 -58.82 -24.55
N ILE B 49 30.76 -59.25 -25.37
CA ILE B 49 30.94 -59.52 -26.78
C ILE B 49 29.75 -58.87 -27.44
N GLY B 50 30.01 -57.93 -28.34
CA GLY B 50 28.97 -57.22 -29.03
C GLY B 50 28.90 -57.51 -30.51
N SER B 51 28.07 -56.74 -31.15
CA SER B 51 27.81 -56.72 -32.57
C SER B 51 29.02 -56.20 -33.40
N LEU B 52 30.21 -55.96 -32.83
CA LEU B 52 31.40 -55.64 -33.62
C LEU B 52 32.05 -56.85 -34.24
N SER B 53 31.71 -58.07 -33.80
CA SER B 53 32.31 -59.24 -34.43
C SER B 53 31.34 -59.93 -35.40
N ASP B 54 30.36 -59.20 -35.91
CA ASP B 54 29.34 -59.77 -36.77
C ASP B 54 29.94 -60.06 -38.14
N PRO B 55 29.37 -61.01 -38.89
CA PRO B 55 29.81 -61.22 -40.26
C PRO B 55 29.49 -60.03 -41.14
N PRO B 56 30.33 -59.74 -42.13
CA PRO B 56 30.10 -58.54 -42.95
C PRO B 56 28.93 -58.69 -43.90
N ASN B 57 28.48 -59.90 -44.14
CA ASN B 57 27.38 -60.19 -45.06
C ASN B 57 26.03 -60.29 -44.36
N ILE B 58 26.00 -60.78 -43.14
CA ILE B 58 24.76 -60.98 -42.39
C ILE B 58 24.81 -60.11 -41.17
N ALA B 59 23.81 -59.23 -41.04
CA ALA B 59 23.78 -58.25 -39.98
C ALA B 59 22.95 -58.77 -38.82
N GLY B 60 23.36 -58.41 -37.61
CA GLY B 60 22.64 -58.70 -36.39
C GLY B 60 22.58 -60.17 -36.03
N LEU B 61 23.70 -60.89 -36.16
CA LEU B 61 23.67 -62.32 -35.95
C LEU B 61 23.59 -62.66 -34.46
N SER B 62 24.29 -61.87 -33.64
CA SER B 62 24.30 -62.10 -32.20
C SER B 62 22.95 -61.79 -31.56
N HIS B 63 22.18 -60.86 -32.14
CA HIS B 63 20.79 -60.65 -31.73
C HIS B 63 19.92 -61.88 -31.97
N PHE B 64 20.03 -62.47 -33.16
CA PHE B 64 19.25 -63.66 -33.43
C PHE B 64 19.75 -64.84 -32.62
N LEU B 65 21.02 -64.82 -32.21
CA LEU B 65 21.52 -65.89 -31.37
C LEU B 65 21.02 -65.74 -29.95
N GLU B 66 21.02 -64.52 -29.41
CA GLU B 66 20.52 -64.32 -28.05
C GLU B 66 19.02 -64.51 -27.99
N HIS B 67 18.33 -64.41 -29.13
CA HIS B 67 16.98 -64.96 -29.17
C HIS B 67 17.03 -66.49 -29.18
N MET B 68 17.86 -67.07 -30.06
CA MET B 68 17.90 -68.51 -30.22
C MET B 68 18.60 -69.27 -29.10
N LEU B 69 19.36 -68.59 -28.25
CA LEU B 69 20.04 -69.33 -27.19
C LEU B 69 19.12 -69.65 -26.03
N PHE B 70 17.96 -69.01 -25.98
CA PHE B 70 16.98 -69.21 -24.91
C PHE B 70 16.49 -70.66 -24.85
N LEU B 71 15.92 -71.16 -25.93
CA LEU B 71 15.19 -72.43 -25.89
C LEU B 71 16.15 -73.58 -26.17
N GLY B 72 16.16 -74.56 -25.27
CA GLY B 72 16.76 -75.86 -25.56
C GLY B 72 18.14 -76.07 -24.98
N THR B 73 18.22 -76.98 -24.01
CA THR B 73 19.45 -77.52 -23.46
C THR B 73 19.45 -79.02 -23.65
N LYS B 74 20.56 -79.67 -23.35
CA LYS B 74 20.58 -81.12 -23.48
C LYS B 74 19.91 -81.76 -22.28
N LYS B 75 19.98 -81.12 -21.12
CA LYS B 75 19.31 -81.65 -19.94
C LYS B 75 17.79 -81.52 -20.07
N TYR B 76 17.32 -80.57 -20.86
CA TYR B 76 15.89 -80.31 -21.05
C TYR B 76 15.61 -80.00 -22.51
N PRO B 77 15.60 -81.02 -23.37
CA PRO B 77 15.51 -80.79 -24.81
C PRO B 77 14.12 -80.39 -25.29
N LYS B 78 13.14 -80.29 -24.40
CA LYS B 78 11.82 -79.84 -24.77
C LYS B 78 11.83 -78.36 -25.12
N GLU B 79 10.79 -77.96 -25.86
CA GLU B 79 10.81 -76.69 -26.57
C GLU B 79 10.66 -75.50 -25.64
N ASN B 80 9.50 -75.42 -24.98
CA ASN B 80 9.16 -74.32 -24.09
C ASN B 80 9.61 -74.52 -22.65
N GLU B 81 10.47 -75.50 -22.37
CA GLU B 81 10.63 -76.00 -21.00
C GLU B 81 11.27 -74.96 -20.10
N TYR B 82 12.21 -74.19 -20.63
CA TYR B 82 12.70 -73.00 -19.94
C TYR B 82 11.58 -71.98 -19.77
N SER B 83 10.89 -71.69 -20.87
CA SER B 83 9.80 -70.72 -20.87
C SER B 83 8.65 -71.17 -19.98
N GLN B 84 8.35 -72.47 -19.98
CA GLN B 84 7.33 -72.98 -19.07
C GLN B 84 7.79 -72.91 -17.63
N PHE B 85 9.09 -73.11 -17.37
CA PHE B 85 9.61 -72.98 -16.02
C PHE B 85 9.59 -71.55 -15.53
N LEU B 86 9.65 -70.60 -16.44
CA LEU B 86 9.47 -69.21 -16.08
C LEU B 86 8.02 -68.77 -16.14
N SER B 87 7.16 -69.55 -16.79
CA SER B 87 5.73 -69.28 -16.73
C SER B 87 5.13 -69.80 -15.45
N GLU B 88 5.73 -70.85 -14.89
CA GLU B 88 5.29 -71.37 -13.61
C GLU B 88 5.75 -70.50 -12.46
N HIS B 89 7.04 -70.14 -12.44
CA HIS B 89 7.64 -69.45 -11.32
C HIS B 89 7.90 -67.98 -11.57
N ALA B 90 7.08 -67.35 -12.43
CA ALA B 90 6.90 -65.91 -12.57
C ALA B 90 8.11 -65.24 -13.21
N GLY B 91 9.04 -66.03 -13.74
CA GLY B 91 10.29 -65.51 -14.23
C GLY B 91 10.15 -64.81 -15.56
N SER B 92 11.08 -63.91 -15.85
CA SER B 92 11.05 -63.24 -17.15
C SER B 92 12.49 -62.89 -17.54
N SER B 93 12.88 -63.37 -18.71
CA SER B 93 14.17 -63.10 -19.30
C SER B 93 14.04 -62.18 -20.52
N ASN B 94 15.14 -61.46 -20.78
CA ASN B 94 15.23 -60.50 -21.87
C ASN B 94 16.68 -60.05 -21.99
N ALA B 95 17.23 -60.11 -23.19
CA ALA B 95 18.58 -59.64 -23.42
C ALA B 95 18.55 -58.71 -24.61
N PHE B 96 19.58 -57.89 -24.70
CA PHE B 96 19.80 -56.97 -25.79
C PHE B 96 21.14 -57.27 -26.46
N THR B 97 21.44 -56.47 -27.49
CA THR B 97 22.68 -56.60 -28.26
C THR B 97 23.19 -55.22 -28.58
N SER B 98 24.43 -54.95 -28.19
CA SER B 98 25.09 -53.68 -28.40
C SER B 98 26.43 -53.94 -29.06
N GLY B 99 27.17 -52.86 -29.28
CA GLY B 99 28.50 -52.98 -29.86
C GLY B 99 29.48 -53.78 -29.01
N GLU B 100 29.28 -53.82 -27.69
CA GLU B 100 30.18 -54.58 -26.84
C GLU B 100 29.47 -55.37 -25.75
N HIS B 101 28.16 -55.51 -25.80
CA HIS B 101 27.48 -56.26 -24.77
C HIS B 101 26.28 -57.04 -25.30
N THR B 102 26.08 -58.20 -24.68
CA THR B 102 24.84 -58.96 -24.71
C THR B 102 24.60 -59.38 -23.27
N ASN B 103 23.43 -59.04 -22.71
CA ASN B 103 23.29 -59.04 -21.26
C ASN B 103 21.99 -59.72 -20.84
N TYR B 104 22.12 -60.99 -20.51
CA TYR B 104 21.00 -61.83 -20.17
C TYR B 104 20.66 -61.57 -18.71
N TYR B 105 19.37 -61.49 -18.38
CA TYR B 105 19.00 -61.41 -16.97
C TYR B 105 17.64 -62.05 -16.80
N PHE B 106 17.35 -62.44 -15.57
CA PHE B 106 16.09 -63.08 -15.23
C PHE B 106 15.86 -63.05 -13.74
N ASP B 107 14.66 -63.47 -13.35
CA ASP B 107 14.26 -63.62 -11.96
C ASP B 107 13.47 -64.93 -11.84
N VAL B 108 13.02 -65.22 -10.62
CA VAL B 108 12.37 -66.50 -10.28
C VAL B 108 11.56 -66.25 -9.04
N SER B 109 10.57 -67.13 -8.79
CA SER B 109 9.57 -66.91 -7.75
C SER B 109 10.16 -66.86 -6.35
N HIS B 110 10.67 -67.98 -5.85
CA HIS B 110 11.23 -67.95 -4.50
C HIS B 110 12.64 -68.54 -4.37
N GLU B 111 12.79 -69.79 -4.76
CA GLU B 111 13.96 -70.58 -4.39
C GLU B 111 14.62 -71.26 -5.58
N HIS B 112 14.10 -71.04 -6.78
CA HIS B 112 14.40 -71.89 -7.92
C HIS B 112 15.75 -71.57 -8.55
N LEU B 113 16.80 -71.77 -7.74
CA LEU B 113 18.16 -71.50 -8.17
C LEU B 113 18.67 -72.65 -9.02
N GLU B 114 18.75 -73.83 -8.42
CA GLU B 114 18.97 -75.10 -9.09
C GLU B 114 18.24 -75.27 -10.41
N GLY B 115 16.91 -75.16 -10.41
CA GLY B 115 16.10 -75.25 -11.62
C GLY B 115 16.50 -74.35 -12.77
N ALA B 116 16.49 -73.05 -12.52
CA ALA B 116 16.83 -72.09 -13.56
C ALA B 116 18.30 -72.19 -13.94
N LEU B 117 19.16 -72.49 -12.99
CA LEU B 117 20.58 -72.68 -13.30
C LEU B 117 20.82 -73.94 -14.10
N ASP B 118 20.01 -74.98 -13.87
CA ASP B 118 20.01 -76.18 -14.70
C ASP B 118 19.48 -75.88 -16.10
N ARG B 119 18.62 -74.87 -16.22
CA ARG B 119 18.13 -74.42 -17.52
C ARG B 119 18.93 -73.25 -18.06
N PHE B 120 20.05 -72.95 -17.42
CA PHE B 120 20.83 -71.79 -17.79
C PHE B 120 22.30 -72.07 -18.07
N ALA B 121 22.87 -73.07 -17.41
CA ALA B 121 24.29 -73.37 -17.60
C ALA B 121 24.55 -74.05 -18.94
N GLN B 122 23.69 -75.00 -19.33
CA GLN B 122 23.93 -75.79 -20.54
C GLN B 122 23.57 -75.05 -21.81
N PHE B 123 23.29 -73.75 -21.72
CA PHE B 123 23.39 -72.90 -22.90
C PHE B 123 24.82 -72.93 -23.44
N PHE B 124 25.79 -73.00 -22.54
CA PHE B 124 27.20 -73.03 -22.90
C PHE B 124 27.64 -74.41 -23.35
N LEU B 125 27.03 -75.45 -22.77
CA LEU B 125 27.28 -76.79 -23.24
C LEU B 125 26.62 -77.04 -24.58
N SER B 126 25.29 -76.95 -24.64
CA SER B 126 24.53 -77.42 -25.80
C SER B 126 23.46 -76.44 -26.19
N PRO B 127 23.69 -75.61 -27.20
CA PRO B 127 22.59 -75.00 -27.93
C PRO B 127 22.12 -75.89 -29.07
N LEU B 128 20.82 -75.83 -29.33
CA LEU B 128 20.09 -76.84 -30.09
C LEU B 128 19.74 -76.37 -31.50
N PHE B 129 19.12 -75.19 -31.60
CA PHE B 129 18.77 -74.50 -32.85
C PHE B 129 17.86 -75.30 -33.77
N ASP B 130 16.72 -75.74 -33.26
CA ASP B 130 15.93 -76.63 -34.10
C ASP B 130 15.06 -75.77 -35.02
N GLU B 131 14.35 -76.46 -35.93
CA GLU B 131 13.33 -75.89 -36.83
C GLU B 131 12.41 -74.82 -36.25
N SER B 132 11.76 -75.11 -35.11
CA SER B 132 10.62 -74.30 -34.68
C SER B 132 11.10 -73.06 -33.94
N ALA B 133 12.14 -73.22 -33.11
CA ALA B 133 12.80 -72.10 -32.44
C ALA B 133 13.26 -71.08 -33.47
N LYS B 134 14.15 -71.51 -34.38
CA LYS B 134 14.57 -70.78 -35.57
C LYS B 134 13.43 -70.00 -36.22
N ASP B 135 12.39 -70.71 -36.67
CA ASP B 135 11.33 -70.09 -37.46
C ASP B 135 10.44 -69.17 -36.64
N ARG B 136 10.44 -69.28 -35.31
CA ARG B 136 9.69 -68.32 -34.51
C ARG B 136 10.54 -67.14 -34.08
N GLU B 137 11.80 -67.37 -33.72
CA GLU B 137 12.64 -66.27 -33.31
C GLU B 137 13.06 -65.40 -34.48
N VAL B 138 12.98 -65.90 -35.72
CA VAL B 138 13.23 -65.00 -36.85
C VAL B 138 12.06 -64.01 -36.98
N ASN B 139 10.85 -64.45 -36.68
CA ASN B 139 9.72 -63.55 -36.58
C ASN B 139 9.83 -62.64 -35.37
N ALA B 140 10.47 -63.11 -34.29
CA ALA B 140 10.70 -62.26 -33.14
C ALA B 140 11.71 -61.15 -33.44
N VAL B 141 12.73 -61.44 -34.26
CA VAL B 141 13.66 -60.41 -34.71
C VAL B 141 12.94 -59.44 -35.65
N ASP B 142 12.10 -59.97 -36.55
CA ASP B 142 11.39 -59.12 -37.49
C ASP B 142 10.37 -58.23 -36.78
N SER B 143 9.72 -58.74 -35.73
CA SER B 143 8.82 -57.89 -34.96
C SER B 143 9.58 -56.89 -34.10
N GLU B 144 10.78 -57.24 -33.61
CA GLU B 144 11.61 -56.27 -32.91
C GLU B 144 12.05 -55.15 -33.83
N HIS B 145 12.42 -55.51 -35.06
CA HIS B 145 12.74 -54.49 -36.04
C HIS B 145 11.49 -53.73 -36.47
N GLU B 146 10.34 -54.40 -36.48
CA GLU B 146 9.10 -53.79 -36.91
C GLU B 146 8.60 -52.76 -35.90
N LYS B 147 8.76 -53.04 -34.61
CA LYS B 147 8.46 -52.06 -33.57
C LYS B 147 9.57 -51.03 -33.42
N ASN B 148 10.78 -51.33 -33.86
CA ASN B 148 11.82 -50.33 -33.86
C ASN B 148 11.87 -49.56 -35.17
N VAL B 149 10.88 -49.76 -36.05
CA VAL B 149 10.77 -48.90 -37.24
C VAL B 149 10.48 -47.48 -36.80
N MET B 150 9.40 -47.28 -36.04
CA MET B 150 9.02 -45.95 -35.62
C MET B 150 9.70 -45.52 -34.33
N ASN B 151 10.57 -46.34 -33.75
CA ASN B 151 11.23 -45.97 -32.51
C ASN B 151 12.35 -44.99 -32.83
N ASP B 152 12.21 -43.75 -32.34
CA ASP B 152 13.06 -42.66 -32.79
C ASP B 152 14.47 -42.72 -32.23
N ALA B 153 14.63 -43.37 -31.08
CA ALA B 153 15.92 -43.52 -30.41
C ALA B 153 16.91 -44.26 -31.30
N TRP B 154 16.60 -45.53 -31.56
CA TRP B 154 17.31 -46.34 -32.57
C TRP B 154 17.51 -45.65 -33.91
N ARG B 155 16.54 -44.87 -34.39
CA ARG B 155 16.70 -44.25 -35.71
C ARG B 155 17.74 -43.14 -35.71
N LEU B 156 17.63 -42.22 -34.75
CA LEU B 156 18.62 -41.15 -34.67
C LEU B 156 19.99 -41.68 -34.29
N PHE B 157 20.00 -42.72 -33.45
CA PHE B 157 21.23 -43.39 -33.10
C PHE B 157 21.86 -44.03 -34.33
N GLN B 158 21.09 -44.78 -35.11
CA GLN B 158 21.57 -45.34 -36.39
C GLN B 158 22.06 -44.28 -37.36
N LEU B 159 21.37 -43.14 -37.42
CA LEU B 159 21.83 -42.03 -38.24
C LEU B 159 23.15 -41.46 -37.74
N GLU B 160 23.44 -41.67 -36.45
CA GLU B 160 24.74 -41.32 -35.89
C GLU B 160 25.78 -42.41 -36.15
N LYS B 161 25.32 -43.66 -36.21
CA LYS B 161 26.23 -44.78 -36.47
C LYS B 161 26.66 -44.82 -37.92
N ALA B 162 25.79 -44.41 -38.84
CA ALA B 162 25.90 -44.78 -40.23
C ALA B 162 26.49 -43.70 -41.13
N THR B 163 26.48 -42.44 -40.71
CA THR B 163 26.97 -41.38 -41.57
C THR B 163 28.44 -41.04 -41.33
N GLY B 164 29.25 -42.01 -40.93
CA GLY B 164 30.69 -41.86 -40.86
C GLY B 164 31.41 -42.60 -41.97
N ASN B 165 32.48 -43.32 -41.62
CA ASN B 165 33.10 -44.31 -42.51
C ASN B 165 32.12 -45.46 -42.70
N PRO B 166 31.68 -45.76 -43.93
CA PRO B 166 30.81 -46.95 -44.14
C PRO B 166 31.53 -48.27 -44.05
N LYS B 167 32.85 -48.27 -43.92
CA LYS B 167 33.57 -49.51 -43.70
C LYS B 167 33.82 -49.79 -42.22
N HIS B 168 33.82 -48.75 -41.40
CA HIS B 168 34.16 -48.91 -40.00
C HIS B 168 33.04 -49.64 -39.26
N PRO B 169 33.38 -50.52 -38.31
CA PRO B 169 32.34 -51.35 -37.66
C PRO B 169 31.40 -50.56 -36.78
N PHE B 170 31.71 -49.29 -36.52
CA PHE B 170 30.76 -48.36 -35.93
C PHE B 170 29.56 -48.18 -36.85
N SER B 171 29.77 -48.33 -38.16
CA SER B 171 28.71 -48.27 -39.14
C SER B 171 28.03 -49.61 -39.36
N LYS B 172 28.13 -50.52 -38.41
CA LYS B 172 27.45 -51.79 -38.58
C LYS B 172 26.03 -51.67 -38.01
N PHE B 173 25.19 -52.62 -38.35
CA PHE B 173 23.80 -52.61 -37.92
C PHE B 173 23.59 -53.60 -36.77
N GLY B 174 22.99 -53.12 -35.69
CA GLY B 174 22.99 -53.85 -34.44
C GLY B 174 22.03 -55.01 -34.38
N THR B 175 20.81 -54.80 -34.86
CA THR B 175 19.68 -55.71 -34.70
C THR B 175 19.65 -56.77 -35.80
N GLY B 176 19.73 -56.34 -37.04
CA GLY B 176 19.67 -57.23 -38.19
C GLY B 176 18.23 -57.41 -38.58
N ASN B 177 17.92 -57.20 -39.85
CA ASN B 177 16.56 -57.31 -40.32
C ASN B 177 16.31 -58.69 -40.91
N LYS B 178 15.13 -58.86 -41.51
CA LYS B 178 14.79 -60.16 -42.10
C LYS B 178 15.56 -60.38 -43.40
N TYR B 179 16.12 -59.32 -43.98
CA TYR B 179 16.81 -59.50 -45.26
C TYR B 179 18.17 -60.17 -45.08
N THR B 180 18.89 -59.85 -44.00
CA THR B 180 20.21 -60.45 -43.84
C THR B 180 20.16 -61.79 -43.15
N LEU B 181 19.14 -62.00 -42.32
CA LEU B 181 19.00 -63.22 -41.56
C LEU B 181 18.47 -64.39 -42.40
N GLU B 182 17.29 -64.25 -43.00
CA GLU B 182 16.78 -65.35 -43.80
C GLU B 182 16.45 -65.03 -45.26
N THR B 183 16.85 -63.87 -45.79
CA THR B 183 16.56 -63.66 -47.20
C THR B 183 17.79 -63.86 -48.09
N ARG B 184 18.90 -63.17 -47.79
CA ARG B 184 20.15 -63.47 -48.48
C ARG B 184 20.89 -64.79 -48.19
N PRO B 185 20.83 -65.43 -46.97
CA PRO B 185 21.61 -66.67 -46.84
C PRO B 185 21.01 -67.87 -47.54
N ASN B 186 19.68 -68.01 -47.50
CA ASN B 186 19.09 -69.22 -48.06
C ASN B 186 19.09 -69.21 -49.58
N GLN B 187 19.04 -68.01 -50.18
CA GLN B 187 19.25 -67.91 -51.62
C GLN B 187 20.72 -68.07 -52.01
N GLU B 188 21.65 -67.81 -51.09
CA GLU B 188 23.03 -68.22 -51.29
C GLU B 188 23.38 -69.57 -50.68
N GLY B 189 22.43 -70.24 -50.04
CA GLY B 189 22.67 -71.56 -49.50
C GLY B 189 23.56 -71.65 -48.27
N ILE B 190 23.89 -70.52 -47.64
CA ILE B 190 24.83 -70.53 -46.53
C ILE B 190 24.14 -71.05 -45.28
N ASP B 191 24.77 -72.01 -44.60
CA ASP B 191 24.23 -72.52 -43.34
C ASP B 191 24.47 -71.48 -42.25
N VAL B 192 23.38 -71.02 -41.64
CA VAL B 192 23.47 -70.11 -40.52
C VAL B 192 24.04 -70.80 -39.28
N ARG B 193 23.60 -72.04 -39.03
CA ARG B 193 23.97 -72.81 -37.83
C ARG B 193 25.48 -72.96 -37.66
N GLN B 194 26.20 -73.30 -38.73
CA GLN B 194 27.63 -73.50 -38.60
C GLN B 194 28.36 -72.20 -38.28
N GLU B 195 27.87 -71.10 -38.82
CA GLU B 195 28.41 -69.80 -38.44
C GLU B 195 28.04 -69.43 -37.03
N LEU B 196 26.85 -69.86 -36.58
CA LEU B 196 26.42 -69.58 -35.21
C LEU B 196 27.24 -70.37 -34.21
N LEU B 197 27.53 -71.63 -34.51
CA LEU B 197 28.38 -72.43 -33.64
C LEU B 197 29.81 -71.93 -33.69
N LYS B 198 30.25 -71.44 -34.83
CA LYS B 198 31.53 -70.77 -34.95
C LYS B 198 31.62 -69.57 -34.02
N PHE B 199 30.66 -68.65 -34.17
CA PHE B 199 30.55 -67.44 -33.36
C PHE B 199 30.48 -67.76 -31.88
N HIS B 200 29.65 -68.74 -31.52
CA HIS B 200 29.42 -69.08 -30.13
C HIS B 200 30.61 -69.79 -29.52
N SER B 201 31.19 -70.74 -30.24
CA SER B 201 32.29 -71.51 -29.69
C SER B 201 33.55 -70.68 -29.64
N ALA B 202 33.91 -70.07 -30.76
CA ALA B 202 35.17 -69.34 -30.82
C ALA B 202 35.07 -68.06 -30.03
N TYR B 203 34.02 -67.27 -30.27
CA TYR B 203 33.96 -65.90 -29.78
C TYR B 203 33.40 -65.76 -28.37
N TYR B 204 32.24 -66.38 -28.09
CA TYR B 204 31.55 -66.10 -26.84
C TYR B 204 32.30 -66.64 -25.64
N SER B 205 32.79 -67.88 -25.75
CA SER B 205 33.20 -68.68 -24.62
C SER B 205 34.44 -68.16 -23.91
N SER B 206 35.13 -67.17 -24.46
CA SER B 206 36.51 -66.94 -24.09
C SER B 206 36.67 -66.33 -22.71
N ASN B 207 36.03 -65.21 -22.45
CA ASN B 207 36.34 -64.42 -21.26
C ASN B 207 35.24 -63.40 -21.06
N LEU B 208 35.43 -62.53 -20.06
CA LEU B 208 34.73 -61.26 -19.87
C LEU B 208 33.24 -61.42 -19.58
N MET B 209 32.82 -62.57 -19.08
CA MET B 209 31.47 -62.69 -18.59
C MET B 209 31.32 -61.87 -17.30
N ALA B 210 30.08 -61.49 -16.98
CA ALA B 210 29.80 -60.72 -15.79
C ALA B 210 28.58 -61.25 -15.04
N VAL B 211 28.65 -62.53 -14.67
CA VAL B 211 27.61 -63.16 -13.86
C VAL B 211 27.43 -62.47 -12.51
N VAL B 212 26.19 -62.39 -12.08
CA VAL B 212 25.84 -61.84 -10.78
C VAL B 212 24.51 -62.49 -10.38
N VAL B 213 24.35 -62.73 -9.08
CA VAL B 213 23.20 -63.47 -8.56
C VAL B 213 22.59 -62.75 -7.36
N LEU B 214 21.41 -62.17 -7.57
CA LEU B 214 20.58 -61.78 -6.45
C LEU B 214 20.05 -63.04 -5.79
N GLY B 215 20.71 -63.53 -4.74
CA GLY B 215 20.24 -64.71 -4.05
C GLY B 215 19.88 -64.45 -2.59
N ARG B 216 19.15 -65.41 -2.03
CA ARG B 216 18.71 -65.39 -0.64
C ARG B 216 19.10 -66.66 0.11
N GLU B 217 20.17 -67.32 -0.33
CA GLU B 217 20.54 -68.59 0.28
C GLU B 217 21.59 -68.49 1.37
N SER B 218 22.81 -68.06 1.03
CA SER B 218 23.94 -67.96 1.94
C SER B 218 25.15 -67.38 1.23
N LEU B 219 26.29 -67.28 1.91
CA LEU B 219 27.51 -66.82 1.26
C LEU B 219 28.25 -67.91 0.50
N ASP B 220 27.83 -69.16 0.61
CA ASP B 220 28.55 -70.26 -0.02
C ASP B 220 27.72 -71.16 -0.92
N ASP B 221 26.48 -71.48 -0.52
CA ASP B 221 25.58 -72.34 -1.30
C ASP B 221 25.49 -71.94 -2.77
N LEU B 222 24.98 -70.74 -3.03
CA LEU B 222 25.00 -70.16 -4.36
C LEU B 222 26.40 -70.02 -4.97
N THR B 223 27.44 -69.91 -4.13
CA THR B 223 28.81 -69.80 -4.63
C THR B 223 29.24 -71.09 -5.29
N ASN B 224 29.30 -72.17 -4.53
CA ASN B 224 29.65 -73.43 -5.15
C ASN B 224 28.49 -74.04 -5.95
N LEU B 225 27.36 -73.34 -6.06
CA LEU B 225 26.24 -73.75 -6.89
C LEU B 225 26.42 -73.25 -8.32
N VAL B 226 26.97 -72.05 -8.48
CA VAL B 226 27.17 -71.58 -9.84
C VAL B 226 28.60 -71.91 -10.27
N VAL B 227 29.53 -72.04 -9.33
CA VAL B 227 30.90 -72.30 -9.76
C VAL B 227 31.00 -73.76 -10.19
N LYS B 228 30.17 -74.62 -9.59
CA LYS B 228 30.02 -76.00 -10.06
C LYS B 228 29.46 -76.04 -11.48
N LEU B 229 28.36 -75.34 -11.72
CA LEU B 229 27.76 -75.44 -13.04
C LEU B 229 28.30 -74.44 -14.03
N PHE B 230 29.28 -73.62 -13.65
CA PHE B 230 30.00 -72.84 -14.66
C PHE B 230 31.45 -73.25 -14.51
N SER B 231 31.76 -74.40 -15.09
CA SER B 231 33.10 -74.79 -15.48
C SER B 231 33.15 -75.30 -16.91
N GLU B 232 31.99 -75.53 -17.54
CA GLU B 232 31.96 -75.96 -18.92
C GLU B 232 32.27 -74.79 -19.85
N VAL B 233 32.24 -73.58 -19.31
CA VAL B 233 32.69 -72.44 -20.09
C VAL B 233 34.20 -72.55 -20.18
N GLU B 234 34.71 -72.50 -21.40
CA GLU B 234 36.12 -72.73 -21.66
C GLU B 234 36.73 -71.53 -22.36
N ASN B 235 37.86 -71.06 -21.84
CA ASN B 235 38.55 -69.90 -22.39
C ASN B 235 39.02 -70.16 -23.81
N LYS B 236 38.94 -69.12 -24.63
CA LYS B 236 39.40 -69.09 -26.00
C LYS B 236 40.38 -67.96 -26.26
N ASN B 237 40.40 -66.94 -25.38
CA ASN B 237 41.32 -65.79 -25.45
C ASN B 237 41.06 -64.95 -26.70
N VAL B 238 39.79 -64.71 -26.98
CA VAL B 238 39.41 -63.78 -28.05
C VAL B 238 39.86 -62.37 -27.66
N PRO B 239 40.56 -61.66 -28.53
CA PRO B 239 41.00 -60.30 -28.19
C PRO B 239 39.83 -59.35 -28.16
N LEU B 240 40.02 -58.27 -27.42
CA LEU B 240 38.97 -57.29 -27.20
C LEU B 240 38.81 -56.42 -28.45
N PRO B 241 37.63 -56.43 -29.11
CA PRO B 241 37.50 -55.59 -30.31
C PRO B 241 37.38 -54.14 -29.86
N GLU B 242 38.44 -53.41 -30.11
CA GLU B 242 38.54 -52.00 -29.78
C GLU B 242 38.98 -51.25 -31.02
N PHE B 243 38.75 -49.95 -30.99
CA PHE B 243 39.03 -49.14 -32.17
C PHE B 243 40.10 -48.13 -31.80
N PRO B 244 41.21 -48.11 -32.53
CA PRO B 244 42.32 -47.21 -32.21
C PRO B 244 42.16 -45.89 -32.94
N GLU B 245 40.98 -45.72 -33.52
CA GLU B 245 40.69 -44.53 -34.29
C GLU B 245 39.21 -44.24 -34.23
N HIS B 246 38.89 -42.95 -34.24
CA HIS B 246 37.53 -42.49 -34.17
C HIS B 246 36.88 -42.74 -35.52
N PRO B 247 35.59 -43.05 -35.60
CA PRO B 247 34.98 -43.30 -36.90
C PRO B 247 34.60 -42.07 -37.69
N PHE B 248 34.81 -40.87 -37.15
CA PHE B 248 34.45 -39.62 -37.81
C PHE B 248 35.75 -38.90 -38.13
N GLN B 249 36.37 -39.30 -39.22
CA GLN B 249 37.72 -38.85 -39.54
C GLN B 249 37.71 -37.72 -40.56
N GLU B 250 37.12 -36.60 -40.13
CA GLU B 250 37.28 -35.29 -40.74
C GLU B 250 36.56 -35.16 -42.09
N GLU B 251 36.06 -36.28 -42.62
CA GLU B 251 35.22 -36.24 -43.81
C GLU B 251 33.87 -35.67 -43.48
N HIS B 252 33.40 -35.92 -42.26
CA HIS B 252 32.04 -35.63 -41.87
C HIS B 252 32.01 -34.58 -40.76
N LEU B 253 33.10 -33.85 -40.56
CA LEU B 253 33.07 -32.76 -39.60
C LEU B 253 32.57 -31.51 -40.26
N LYS B 254 32.03 -30.62 -39.43
CA LYS B 254 31.44 -29.35 -39.83
C LYS B 254 30.32 -29.60 -40.86
N GLN B 255 29.37 -30.44 -40.44
CA GLN B 255 28.31 -30.86 -41.33
C GLN B 255 27.00 -30.81 -40.57
N LEU B 256 25.94 -30.57 -41.33
CA LEU B 256 24.59 -30.51 -40.81
C LEU B 256 23.83 -31.72 -41.31
N TYR B 257 22.67 -31.98 -40.70
CA TYR B 257 21.72 -32.95 -41.21
C TYR B 257 20.32 -32.40 -41.01
N LYS B 258 19.43 -32.79 -41.90
CA LYS B 258 18.03 -32.38 -41.89
C LYS B 258 17.14 -33.61 -41.82
N ILE B 259 16.49 -33.80 -40.68
CA ILE B 259 15.89 -35.09 -40.37
C ILE B 259 14.38 -34.92 -40.49
N VAL B 260 13.74 -35.92 -41.11
CA VAL B 260 12.29 -35.92 -41.31
C VAL B 260 11.67 -36.89 -40.31
N PRO B 261 10.88 -36.42 -39.34
CA PRO B 261 10.30 -37.35 -38.37
C PRO B 261 8.87 -37.73 -38.71
N ILE B 262 8.40 -38.87 -38.18
CA ILE B 262 6.98 -39.19 -38.28
C ILE B 262 6.19 -38.26 -37.37
N LYS B 263 6.48 -38.32 -36.07
CA LYS B 263 5.86 -37.43 -35.10
C LYS B 263 6.33 -36.00 -35.31
N ASP B 264 5.43 -35.04 -35.09
CA ASP B 264 5.70 -33.63 -35.31
C ASP B 264 6.56 -33.07 -34.18
N ILE B 265 7.86 -33.30 -34.27
CA ILE B 265 8.80 -32.82 -33.28
C ILE B 265 9.83 -32.02 -34.03
N ARG B 266 10.56 -31.17 -33.30
CA ARG B 266 11.62 -30.39 -33.93
C ARG B 266 12.80 -30.30 -32.98
N ASN B 267 13.97 -30.77 -33.42
CA ASN B 267 15.11 -30.82 -32.51
C ASN B 267 16.41 -30.48 -33.21
N LEU B 268 17.37 -30.05 -32.40
CA LEU B 268 18.70 -29.65 -32.86
C LEU B 268 19.74 -30.43 -32.08
N TYR B 269 20.72 -30.97 -32.79
CA TYR B 269 21.61 -32.01 -32.27
C TYR B 269 23.05 -31.62 -32.57
N VAL B 270 23.79 -31.23 -31.54
CA VAL B 270 25.21 -30.88 -31.64
C VAL B 270 26.04 -32.03 -31.10
N THR B 271 27.03 -32.50 -31.86
CA THR B 271 27.83 -33.65 -31.47
C THR B 271 29.33 -33.39 -31.59
N PHE B 272 30.08 -33.77 -30.54
CA PHE B 272 31.54 -33.70 -30.49
C PHE B 272 32.13 -35.08 -30.21
N PRO B 273 32.93 -35.67 -31.08
CA PRO B 273 33.69 -36.88 -30.72
C PRO B 273 34.97 -36.54 -29.94
N ILE B 274 35.22 -37.30 -28.87
CA ILE B 274 36.29 -36.96 -27.93
C ILE B 274 37.03 -38.24 -27.52
N PRO B 275 38.33 -38.11 -27.16
CA PRO B 275 39.10 -39.30 -26.78
C PRO B 275 38.74 -39.90 -25.44
N ASP B 276 39.48 -40.95 -25.08
CA ASP B 276 39.16 -41.77 -23.93
C ASP B 276 39.65 -41.07 -22.67
N LEU B 277 38.74 -40.83 -21.74
CA LEU B 277 39.09 -40.43 -20.38
C LEU B 277 38.57 -41.43 -19.35
N GLN B 278 38.34 -42.68 -19.77
CA GLN B 278 37.85 -43.68 -18.83
C GLN B 278 38.91 -44.05 -17.80
N LYS B 279 40.19 -44.02 -18.21
CA LYS B 279 41.26 -44.16 -17.22
C LYS B 279 41.27 -42.97 -16.27
N TYR B 280 40.82 -41.81 -16.75
CA TYR B 280 40.77 -40.61 -15.93
C TYR B 280 39.40 -40.50 -15.23
N TYR B 281 39.13 -41.48 -14.39
CA TYR B 281 37.92 -41.48 -13.57
C TYR B 281 38.10 -40.63 -12.32
N LYS B 282 39.29 -40.08 -12.11
CA LYS B 282 39.59 -39.31 -10.92
C LYS B 282 38.92 -37.94 -10.91
N SER B 283 38.93 -37.25 -12.04
CA SER B 283 38.29 -35.94 -12.15
C SER B 283 37.00 -35.93 -12.95
N ASN B 284 36.93 -36.75 -14.00
CA ASN B 284 35.79 -37.01 -14.88
C ASN B 284 35.30 -35.71 -15.52
N PRO B 285 36.19 -34.99 -16.24
CA PRO B 285 35.79 -33.71 -16.85
C PRO B 285 34.59 -33.76 -17.79
N GLY B 286 34.30 -34.90 -18.40
CA GLY B 286 33.15 -34.98 -19.30
C GLY B 286 31.82 -34.87 -18.57
N HIS B 287 31.73 -35.52 -17.41
CA HIS B 287 30.57 -35.30 -16.57
C HIS B 287 30.63 -33.94 -15.93
N TYR B 288 31.82 -33.39 -15.75
CA TYR B 288 31.94 -32.02 -15.25
C TYR B 288 31.37 -31.07 -16.28
N LEU B 289 31.60 -31.35 -17.55
CA LEU B 289 30.99 -30.57 -18.62
C LEU B 289 29.50 -30.81 -18.64
N GLY B 290 29.05 -32.04 -18.36
CA GLY B 290 27.62 -32.28 -18.24
C GLY B 290 27.00 -31.51 -17.09
N HIS B 291 27.80 -31.25 -16.05
CA HIS B 291 27.39 -30.40 -14.95
C HIS B 291 27.29 -28.97 -15.41
N LEU B 292 28.26 -28.52 -16.18
CA LEU B 292 28.32 -27.11 -16.55
C LEU B 292 27.42 -26.76 -17.73
N ILE B 293 27.08 -27.72 -18.59
CA ILE B 293 26.17 -27.45 -19.69
C ILE B 293 24.73 -27.44 -19.20
N GLY B 294 24.30 -28.53 -18.57
CA GLY B 294 22.90 -28.56 -18.19
C GLY B 294 22.63 -27.86 -16.87
N HIS B 295 23.57 -27.03 -16.43
CA HIS B 295 23.31 -26.18 -15.28
C HIS B 295 22.36 -25.06 -15.68
N GLU B 296 21.46 -24.70 -14.76
CA GLU B 296 20.50 -23.63 -14.92
C GLU B 296 20.65 -22.66 -13.75
N GLY B 297 21.53 -21.67 -13.88
CA GLY B 297 21.86 -20.82 -12.77
C GLY B 297 22.21 -19.39 -13.15
N PRO B 298 22.74 -18.62 -12.19
CA PRO B 298 23.12 -17.22 -12.45
C PRO B 298 24.15 -17.06 -13.55
N GLY B 299 23.79 -16.26 -14.55
CA GLY B 299 24.66 -16.06 -15.68
C GLY B 299 24.75 -17.26 -16.59
N SER B 300 23.78 -18.17 -16.52
CA SER B 300 23.91 -19.35 -17.35
C SER B 300 23.47 -19.07 -18.78
N LEU B 301 23.77 -20.05 -19.60
CA LEU B 301 23.46 -19.99 -21.03
C LEU B 301 21.98 -20.11 -21.28
N LEU B 302 21.35 -21.14 -20.69
CA LEU B 302 19.93 -21.38 -20.87
C LEU B 302 19.10 -20.28 -20.23
N SER B 303 19.68 -19.59 -19.24
CA SER B 303 19.01 -18.43 -18.66
C SER B 303 18.80 -17.38 -19.72
N GLU B 304 19.84 -17.08 -20.49
CA GLU B 304 19.70 -16.14 -21.58
C GLU B 304 18.90 -16.72 -22.74
N LEU B 305 18.99 -18.03 -22.98
CA LEU B 305 18.26 -18.63 -24.09
C LEU B 305 16.76 -18.60 -23.86
N LYS B 306 16.35 -18.78 -22.62
CA LYS B 306 14.98 -18.48 -22.25
C LYS B 306 14.73 -16.99 -22.38
N SER B 307 15.70 -16.18 -21.94
CA SER B 307 15.57 -14.73 -22.03
C SER B 307 15.57 -14.26 -23.47
N LYS B 308 16.12 -15.05 -24.39
CA LYS B 308 15.98 -14.76 -25.80
C LYS B 308 14.82 -15.51 -26.43
N GLY B 309 14.24 -16.47 -25.72
CA GLY B 309 12.98 -17.06 -26.15
C GLY B 309 13.11 -18.01 -27.30
N TRP B 310 14.28 -18.57 -27.49
CA TRP B 310 14.55 -19.44 -28.62
C TRP B 310 14.50 -20.89 -28.25
N VAL B 311 14.89 -21.21 -27.03
CA VAL B 311 15.24 -22.57 -26.65
C VAL B 311 14.38 -22.94 -25.47
N ASN B 312 13.68 -24.06 -25.62
CA ASN B 312 12.93 -24.61 -24.52
C ASN B 312 13.89 -25.19 -23.50
N THR B 313 14.62 -26.23 -23.89
CA THR B 313 15.48 -26.98 -23.01
C THR B 313 16.75 -27.33 -23.75
N LEU B 314 17.72 -27.85 -23.00
CA LEU B 314 18.95 -28.32 -23.60
C LEU B 314 19.39 -29.53 -22.79
N VAL B 315 20.34 -30.27 -23.34
CA VAL B 315 21.08 -31.28 -22.59
C VAL B 315 22.47 -31.38 -23.16
N GLY B 316 23.47 -31.58 -22.31
CA GLY B 316 24.79 -31.73 -22.85
C GLY B 316 25.52 -32.66 -21.91
N GLY B 317 26.71 -33.04 -22.30
CA GLY B 317 27.51 -33.85 -21.43
C GLY B 317 28.25 -34.91 -22.19
N GLN B 318 28.93 -35.77 -21.44
CA GLN B 318 29.74 -36.82 -22.04
C GLN B 318 28.86 -37.99 -22.46
N LYS B 319 28.97 -38.39 -23.73
CA LYS B 319 28.25 -39.53 -24.28
C LYS B 319 29.23 -40.66 -24.56
N GLU B 320 29.05 -41.80 -23.88
CA GLU B 320 29.94 -42.91 -24.10
C GLU B 320 29.76 -43.48 -25.52
N GLY B 321 30.81 -44.12 -26.00
CA GLY B 321 30.82 -44.78 -27.29
C GLY B 321 31.48 -46.12 -27.09
N ALA B 322 32.52 -46.37 -27.87
CA ALA B 322 33.34 -47.56 -27.69
C ALA B 322 34.40 -47.28 -26.63
N ARG B 323 35.20 -48.30 -26.33
CA ARG B 323 36.31 -48.18 -25.39
C ARG B 323 37.23 -47.03 -25.78
N GLY B 324 37.54 -46.93 -27.08
CA GLY B 324 38.47 -45.96 -27.59
C GLY B 324 37.97 -44.52 -27.61
N PHE B 325 36.89 -44.27 -28.36
CA PHE B 325 36.37 -42.93 -28.49
C PHE B 325 35.23 -42.70 -27.52
N MET B 326 34.92 -41.44 -27.34
CA MET B 326 33.73 -41.05 -26.60
C MET B 326 33.13 -39.88 -27.35
N PHE B 327 31.89 -39.57 -27.01
CA PHE B 327 31.18 -38.49 -27.67
C PHE B 327 30.82 -37.42 -26.65
N PHE B 328 30.44 -36.27 -27.17
CA PHE B 328 29.97 -35.13 -26.38
C PHE B 328 28.84 -34.55 -27.20
N ILE B 329 27.62 -34.67 -26.69
CA ILE B 329 26.48 -34.37 -27.53
C ILE B 329 25.73 -33.23 -26.88
N ILE B 330 25.03 -32.45 -27.72
CA ILE B 330 24.09 -31.47 -27.24
C ILE B 330 22.83 -31.57 -28.08
N ASN B 331 21.70 -31.87 -27.43
CA ASN B 331 20.45 -32.16 -28.11
C ASN B 331 19.42 -31.18 -27.59
N VAL B 332 18.97 -30.28 -28.45
CA VAL B 332 18.13 -29.18 -28.03
C VAL B 332 16.76 -29.29 -28.71
N ASP B 333 15.73 -28.80 -28.04
CA ASP B 333 14.37 -28.74 -28.57
C ASP B 333 14.27 -27.45 -29.38
N LEU B 334 13.27 -27.39 -30.26
CA LEU B 334 13.17 -26.22 -31.09
C LEU B 334 11.82 -25.51 -30.96
N THR B 335 11.88 -24.18 -30.92
CA THR B 335 10.69 -23.37 -31.10
C THR B 335 10.55 -23.02 -32.58
N GLU B 336 9.58 -22.17 -32.91
CA GLU B 336 9.41 -21.66 -34.27
C GLU B 336 10.60 -20.81 -34.70
N GLU B 337 10.91 -19.77 -33.92
CA GLU B 337 12.00 -18.83 -34.20
C GLU B 337 13.35 -19.33 -33.75
N GLY B 338 13.40 -20.53 -33.19
CA GLY B 338 14.68 -21.18 -32.97
C GLY B 338 15.31 -21.62 -34.27
N LEU B 339 14.49 -21.80 -35.30
CA LEU B 339 14.93 -22.24 -36.61
C LEU B 339 15.59 -21.14 -37.41
N LEU B 340 15.54 -19.91 -36.94
CA LEU B 340 16.17 -18.84 -37.67
C LEU B 340 17.47 -18.38 -37.04
N HIS B 341 17.72 -18.75 -35.79
CA HIS B 341 18.83 -18.18 -35.05
C HIS B 341 19.87 -19.21 -34.68
N VAL B 342 19.89 -20.33 -35.41
CA VAL B 342 20.68 -21.52 -35.10
C VAL B 342 22.13 -21.19 -34.79
N GLU B 343 22.76 -20.45 -35.69
CA GLU B 343 24.15 -20.04 -35.54
C GLU B 343 24.36 -19.11 -34.37
N ASP B 344 23.38 -18.27 -34.07
CA ASP B 344 23.45 -17.39 -32.92
C ASP B 344 23.56 -18.19 -31.63
N ILE B 345 22.58 -19.06 -31.42
CA ILE B 345 22.57 -20.08 -30.38
C ILE B 345 23.94 -20.73 -30.24
N ILE B 346 24.49 -21.21 -31.36
CA ILE B 346 25.80 -21.84 -31.33
C ILE B 346 26.89 -20.84 -30.97
N LEU B 347 26.71 -19.60 -31.37
CA LEU B 347 27.63 -18.54 -30.98
C LEU B 347 27.60 -18.34 -29.49
N HIS B 348 26.42 -18.38 -28.89
CA HIS B 348 26.31 -18.27 -27.45
C HIS B 348 26.96 -19.44 -26.75
N MET B 349 26.88 -20.61 -27.38
CA MET B 349 27.56 -21.79 -26.87
C MET B 349 29.06 -21.53 -26.85
N PHE B 350 29.54 -20.91 -27.92
CA PHE B 350 30.93 -20.54 -28.04
C PHE B 350 31.33 -19.53 -26.99
N GLN B 351 30.53 -18.48 -26.83
CA GLN B 351 30.62 -17.54 -25.72
C GLN B 351 30.83 -18.24 -24.40
N TYR B 352 30.03 -19.28 -24.15
CA TYR B 352 30.16 -20.07 -22.92
C TYR B 352 31.52 -20.73 -22.85
N ILE B 353 31.89 -21.44 -23.92
CA ILE B 353 33.22 -22.05 -24.05
C ILE B 353 34.32 -21.02 -23.78
N GLN B 354 34.13 -19.81 -24.29
CA GLN B 354 35.07 -18.73 -24.09
C GLN B 354 35.08 -18.25 -22.65
N LYS B 355 33.93 -18.27 -21.99
CA LYS B 355 33.89 -17.95 -20.58
C LYS B 355 34.69 -18.96 -19.78
N LEU B 356 34.63 -20.20 -20.19
CA LEU B 356 35.51 -21.19 -19.61
C LEU B 356 36.96 -20.99 -20.04
N ARG B 357 37.18 -20.39 -21.21
CA ARG B 357 38.52 -20.15 -21.71
C ARG B 357 39.18 -18.92 -21.09
N ALA B 358 38.39 -18.01 -20.55
CA ALA B 358 38.94 -16.82 -19.93
C ALA B 358 39.40 -17.08 -18.51
N GLU B 359 38.49 -17.51 -17.65
CA GLU B 359 38.77 -17.74 -16.26
C GLU B 359 39.38 -19.11 -16.00
N GLY B 360 39.50 -19.92 -17.04
CA GLY B 360 40.17 -21.20 -16.92
C GLY B 360 39.36 -22.20 -16.12
N PRO B 361 40.04 -23.19 -15.56
CA PRO B 361 39.38 -24.21 -14.74
C PRO B 361 39.02 -23.68 -13.36
N GLN B 362 38.17 -24.45 -12.67
CA GLN B 362 37.70 -24.10 -11.33
C GLN B 362 37.86 -25.31 -10.42
N GLU B 363 38.16 -25.02 -9.16
CA GLU B 363 38.45 -26.01 -8.14
C GLU B 363 37.34 -26.17 -7.13
N TRP B 364 36.77 -25.05 -6.67
CA TRP B 364 35.70 -25.08 -5.69
C TRP B 364 34.41 -25.66 -6.26
N VAL B 365 34.18 -25.50 -7.56
CA VAL B 365 33.08 -26.19 -8.23
C VAL B 365 33.27 -27.69 -8.14
N PHE B 366 34.51 -28.14 -8.35
CA PHE B 366 34.81 -29.56 -8.29
C PHE B 366 34.67 -30.08 -6.87
N GLN B 367 35.05 -29.28 -5.88
CA GLN B 367 34.90 -29.69 -4.49
C GLN B 367 33.45 -29.70 -4.06
N GLU B 368 32.68 -28.75 -4.55
CA GLU B 368 31.27 -28.67 -4.23
C GLU B 368 30.49 -29.83 -4.83
N LEU B 369 30.76 -30.11 -6.10
CA LEU B 369 30.10 -31.22 -6.76
C LEU B 369 30.60 -32.56 -6.20
N LYS B 370 31.84 -32.57 -5.70
CA LYS B 370 32.41 -33.76 -5.09
C LYS B 370 31.76 -34.07 -3.76
N ASP B 371 31.52 -33.06 -2.96
CA ASP B 371 30.91 -33.28 -1.66
C ASP B 371 29.43 -33.62 -1.83
N LEU B 372 28.77 -32.99 -2.80
CA LEU B 372 27.36 -33.26 -3.02
C LEU B 372 27.11 -34.65 -3.59
N ASN B 373 27.92 -35.10 -4.53
CA ASN B 373 27.77 -36.49 -4.94
C ASN B 373 28.31 -37.48 -3.92
N ALA B 374 29.22 -37.07 -3.03
CA ALA B 374 29.60 -37.95 -1.94
C ALA B 374 28.44 -38.20 -1.00
N VAL B 375 27.70 -37.14 -0.66
CA VAL B 375 26.52 -37.29 0.18
C VAL B 375 25.42 -38.06 -0.54
N ALA B 376 25.21 -37.76 -1.85
CA ALA B 376 24.16 -38.44 -2.61
C ALA B 376 24.48 -39.91 -2.82
N PHE B 377 25.75 -40.28 -2.84
CA PHE B 377 26.08 -41.69 -2.85
C PHE B 377 25.91 -42.29 -1.47
N ARG B 378 26.18 -41.50 -0.42
CA ARG B 378 26.12 -42.04 0.93
C ARG B 378 24.68 -42.33 1.31
N PHE B 379 23.75 -41.52 0.86
CA PHE B 379 22.39 -41.58 1.35
C PHE B 379 21.44 -41.98 0.25
N LYS B 380 21.88 -42.94 -0.57
CA LYS B 380 21.06 -43.54 -1.62
C LYS B 380 19.76 -44.10 -1.11
N ASP B 381 18.81 -44.33 -2.01
CA ASP B 381 17.47 -44.68 -1.58
C ASP B 381 17.11 -46.15 -1.72
N LYS B 382 17.41 -46.78 -2.86
CA LYS B 382 16.93 -48.12 -3.21
C LYS B 382 17.53 -48.61 -4.51
N GLU B 383 17.05 -49.77 -4.94
CA GLU B 383 17.43 -50.34 -6.22
C GLU B 383 16.33 -51.33 -6.55
N ARG B 384 15.91 -51.31 -7.79
CA ARG B 384 14.98 -52.32 -8.22
C ARG B 384 15.73 -53.63 -8.24
N PRO B 385 15.16 -54.71 -7.72
CA PRO B 385 15.90 -55.98 -7.70
C PRO B 385 16.10 -56.55 -9.08
N ARG B 386 15.23 -56.26 -10.04
CA ARG B 386 15.55 -56.57 -11.42
C ARG B 386 16.01 -55.29 -12.13
N GLY B 387 17.06 -55.44 -12.92
CA GLY B 387 17.65 -54.40 -13.72
C GLY B 387 18.91 -53.85 -13.12
N TYR B 388 18.95 -53.75 -11.79
CA TYR B 388 20.13 -53.31 -11.05
C TYR B 388 21.32 -54.17 -11.40
N THR B 389 21.12 -55.48 -11.20
CA THR B 389 22.13 -56.49 -11.48
C THR B 389 22.63 -56.40 -12.91
N SER B 390 21.72 -56.14 -13.86
CA SER B 390 22.16 -55.96 -15.24
C SER B 390 22.96 -54.68 -15.42
N LYS B 391 22.70 -53.67 -14.60
CA LYS B 391 23.44 -52.42 -14.70
C LYS B 391 24.87 -52.59 -14.19
N ILE B 392 25.00 -53.06 -12.94
CA ILE B 392 26.32 -53.18 -12.35
C ILE B 392 27.10 -54.30 -13.00
N ALA B 393 26.41 -55.29 -13.57
CA ALA B 393 27.06 -56.25 -14.46
C ALA B 393 27.46 -55.61 -15.77
N GLY B 394 26.78 -54.54 -16.17
CA GLY B 394 27.21 -53.79 -17.32
C GLY B 394 28.54 -53.11 -17.07
N ILE B 395 28.73 -52.60 -15.85
CA ILE B 395 29.99 -51.95 -15.54
C ILE B 395 30.96 -52.89 -14.86
N LEU B 396 30.59 -54.15 -14.67
CA LEU B 396 31.51 -55.10 -14.05
C LEU B 396 32.69 -55.42 -14.96
N HIS B 397 32.48 -55.31 -16.28
CA HIS B 397 33.53 -55.57 -17.24
C HIS B 397 34.65 -54.55 -17.18
N TYR B 398 34.35 -53.33 -16.83
CA TYR B 398 35.30 -52.24 -17.04
C TYR B 398 36.02 -51.83 -15.78
N TYR B 399 35.66 -52.39 -14.63
CA TYR B 399 36.16 -51.84 -13.40
C TYR B 399 36.63 -52.94 -12.47
N PRO B 400 37.66 -52.67 -11.67
CA PRO B 400 38.09 -53.62 -10.65
C PRO B 400 37.01 -53.77 -9.59
N LEU B 401 37.16 -54.81 -8.78
CA LEU B 401 36.13 -55.21 -7.82
C LEU B 401 35.91 -54.19 -6.71
N GLU B 402 36.81 -53.22 -6.56
CA GLU B 402 36.57 -52.14 -5.61
C GLU B 402 35.81 -51.00 -6.25
N GLU B 403 35.75 -50.93 -7.57
CA GLU B 403 35.10 -49.82 -8.27
C GLU B 403 33.70 -50.15 -8.76
N VAL B 404 33.17 -51.33 -8.42
CA VAL B 404 31.90 -51.77 -8.99
C VAL B 404 30.69 -51.10 -8.34
N LEU B 405 30.85 -50.53 -7.15
CA LEU B 405 29.77 -49.79 -6.50
C LEU B 405 30.06 -48.30 -6.48
N THR B 406 31.26 -47.91 -6.05
CA THR B 406 31.75 -46.54 -6.26
C THR B 406 32.16 -46.42 -7.72
N ALA B 407 31.14 -46.33 -8.57
CA ALA B 407 31.28 -46.57 -10.00
C ALA B 407 31.80 -45.30 -10.67
N GLU B 408 31.04 -44.23 -10.52
CA GLU B 408 31.45 -42.90 -10.94
C GLU B 408 31.15 -41.93 -9.82
N TYR B 409 30.75 -42.47 -8.68
CA TYR B 409 30.22 -41.73 -7.56
C TYR B 409 31.29 -41.30 -6.56
N LEU B 410 32.54 -41.22 -7.00
CA LEU B 410 33.64 -40.83 -6.13
C LEU B 410 34.77 -40.32 -7.01
N LEU B 411 35.42 -39.23 -6.58
CA LEU B 411 36.43 -38.59 -7.42
C LEU B 411 37.71 -38.32 -6.63
N GLU B 412 38.83 -38.82 -7.15
CA GLU B 412 40.11 -38.69 -6.46
C GLU B 412 40.80 -37.34 -6.67
N GLU B 413 41.11 -37.03 -7.92
CA GLU B 413 42.12 -36.02 -8.25
C GLU B 413 41.59 -34.97 -9.21
N PHE B 414 42.41 -33.92 -9.38
CA PHE B 414 42.15 -32.80 -10.26
C PHE B 414 43.09 -32.78 -11.46
N ARG B 415 42.49 -32.62 -12.65
CA ARG B 415 43.16 -32.71 -13.95
C ARG B 415 42.96 -31.46 -14.78
N PRO B 416 43.76 -30.40 -14.59
CA PRO B 416 43.53 -29.18 -15.38
C PRO B 416 43.94 -29.33 -16.83
N ASP B 417 44.88 -30.22 -17.10
CA ASP B 417 45.30 -30.52 -18.46
C ASP B 417 44.20 -31.17 -19.28
N LEU B 418 43.38 -32.00 -18.65
CA LEU B 418 42.25 -32.61 -19.36
C LEU B 418 41.21 -31.57 -19.69
N ILE B 419 40.97 -30.66 -18.76
CA ILE B 419 40.00 -29.60 -18.99
C ILE B 419 40.47 -28.69 -20.10
N GLU B 420 41.78 -28.48 -20.19
CA GLU B 420 42.35 -27.83 -21.36
C GLU B 420 42.18 -28.68 -22.61
N MET B 421 42.22 -30.00 -22.48
CA MET B 421 42.13 -30.88 -23.64
C MET B 421 40.73 -30.87 -24.22
N VAL B 422 39.72 -31.04 -23.37
CA VAL B 422 38.35 -31.02 -23.85
C VAL B 422 37.93 -29.62 -24.25
N LEU B 423 38.56 -28.58 -23.68
CA LEU B 423 38.35 -27.24 -24.18
C LEU B 423 38.92 -27.10 -25.59
N ASP B 424 40.03 -27.78 -25.84
CA ASP B 424 40.53 -27.90 -27.19
C ASP B 424 39.65 -28.81 -28.03
N LYS B 425 38.87 -29.70 -27.40
CA LYS B 425 37.96 -30.52 -28.20
C LYS B 425 36.70 -29.76 -28.54
N LEU B 426 36.30 -28.82 -27.70
CA LEU B 426 35.11 -28.05 -27.99
C LEU B 426 35.52 -26.89 -28.87
N ARG B 427 35.63 -27.19 -30.15
CA ARG B 427 35.96 -26.21 -31.17
C ARG B 427 35.04 -26.42 -32.35
N PRO B 428 34.86 -25.38 -33.19
CA PRO B 428 33.97 -25.53 -34.37
C PRO B 428 34.52 -26.45 -35.43
N GLU B 429 35.79 -26.81 -35.38
CA GLU B 429 36.33 -27.84 -36.26
C GLU B 429 35.68 -29.19 -35.98
N ASN B 430 35.20 -29.38 -34.76
CA ASN B 430 34.80 -30.65 -34.17
C ASN B 430 33.30 -30.89 -34.27
N VAL B 431 32.53 -29.87 -34.62
CA VAL B 431 31.07 -29.91 -34.50
C VAL B 431 30.43 -30.85 -35.52
N ARG B 432 29.39 -31.56 -35.06
CA ARG B 432 28.55 -32.39 -35.91
C ARG B 432 27.11 -31.94 -35.63
N VAL B 433 26.39 -31.54 -36.68
CA VAL B 433 25.05 -30.98 -36.53
C VAL B 433 23.99 -31.89 -37.14
N ALA B 434 22.86 -32.03 -36.45
CA ALA B 434 21.69 -32.67 -37.03
C ALA B 434 20.46 -31.88 -36.61
N ILE B 435 19.52 -31.73 -37.54
CA ILE B 435 18.32 -30.92 -37.30
C ILE B 435 17.10 -31.75 -37.61
N VAL B 436 16.15 -31.77 -36.69
CA VAL B 436 14.86 -32.43 -36.86
C VAL B 436 13.79 -31.37 -37.10
N SER B 437 12.93 -31.61 -38.09
CA SER B 437 11.84 -30.71 -38.48
C SER B 437 10.91 -31.39 -39.46
N LYS B 438 9.61 -31.13 -39.28
CA LYS B 438 8.59 -31.73 -40.15
C LYS B 438 8.62 -31.10 -41.52
N SER B 439 9.04 -29.85 -41.60
CA SER B 439 9.08 -28.93 -42.72
C SER B 439 10.13 -29.30 -43.74
N PHE B 440 10.79 -30.45 -43.60
CA PHE B 440 11.84 -30.88 -44.50
C PHE B 440 11.27 -31.79 -45.58
N GLU B 441 10.27 -31.30 -46.29
CA GLU B 441 9.60 -32.13 -47.27
C GLU B 441 10.15 -31.78 -48.65
N GLY B 442 10.43 -32.81 -49.46
CA GLY B 442 11.02 -32.52 -50.76
C GLY B 442 12.44 -32.02 -50.75
N LYS B 443 13.11 -31.94 -49.59
CA LYS B 443 14.41 -31.29 -49.48
C LYS B 443 15.58 -32.21 -49.19
N THR B 444 15.35 -33.40 -48.68
CA THR B 444 16.43 -34.31 -48.31
C THR B 444 16.50 -35.52 -49.23
N ASP B 445 17.54 -35.59 -50.05
CA ASP B 445 17.67 -36.68 -51.00
C ASP B 445 18.46 -37.87 -50.46
N ARG B 446 19.50 -37.62 -49.66
CA ARG B 446 20.43 -38.66 -49.23
C ARG B 446 19.73 -39.55 -48.21
N THR B 447 19.35 -40.75 -48.63
CA THR B 447 18.53 -41.64 -47.82
C THR B 447 19.39 -42.55 -46.94
N GLU B 448 18.93 -42.74 -45.69
CA GLU B 448 19.47 -43.74 -44.77
C GLU B 448 19.30 -45.16 -45.32
N GLU B 449 20.24 -46.05 -44.98
CA GLU B 449 20.38 -47.34 -45.61
C GLU B 449 19.32 -48.35 -45.15
N TRP B 450 19.06 -48.40 -43.84
CA TRP B 450 18.17 -49.41 -43.29
C TRP B 450 16.72 -48.95 -43.19
N TYR B 451 16.47 -47.84 -42.50
CA TYR B 451 15.09 -47.44 -42.26
C TYR B 451 14.49 -46.77 -43.48
N GLY B 452 15.24 -45.86 -44.08
CA GLY B 452 14.91 -45.22 -45.32
C GLY B 452 14.52 -43.78 -45.14
N THR B 453 14.87 -43.17 -44.01
CA THR B 453 14.69 -41.74 -43.86
C THR B 453 15.76 -41.01 -44.67
N GLN B 454 15.53 -39.72 -44.86
CA GLN B 454 16.28 -38.95 -45.83
C GLN B 454 16.87 -37.71 -45.17
N TYR B 455 18.11 -37.38 -45.54
CA TYR B 455 18.92 -36.38 -44.86
C TYR B 455 19.87 -35.75 -45.88
N LYS B 456 20.70 -34.81 -45.42
CA LYS B 456 21.55 -34.03 -46.32
C LYS B 456 22.85 -33.63 -45.64
N GLN B 457 23.95 -33.65 -46.40
CA GLN B 457 25.27 -33.35 -45.86
C GLN B 457 25.43 -31.86 -45.57
N GLU B 458 25.33 -31.03 -46.62
CA GLU B 458 25.09 -29.58 -46.58
C GLU B 458 26.02 -28.79 -45.63
N ALA B 459 27.31 -28.84 -45.94
CA ALA B 459 28.34 -28.24 -45.09
C ALA B 459 28.16 -26.74 -44.87
N ILE B 460 28.46 -26.31 -43.64
CA ILE B 460 28.43 -24.90 -43.23
C ILE B 460 29.57 -24.17 -43.94
N PRO B 461 29.34 -23.03 -44.58
CA PRO B 461 30.47 -22.29 -45.16
C PRO B 461 31.35 -21.66 -44.10
N ASP B 462 32.53 -21.22 -44.57
CA ASP B 462 33.65 -20.90 -43.70
C ASP B 462 33.56 -19.51 -43.07
N GLU B 463 32.83 -18.58 -43.69
CA GLU B 463 32.67 -17.25 -43.12
C GLU B 463 31.92 -17.32 -41.80
N VAL B 464 30.98 -18.25 -41.71
CA VAL B 464 30.21 -18.46 -40.50
C VAL B 464 31.12 -19.13 -39.50
N ILE B 465 32.05 -19.95 -39.99
CA ILE B 465 32.99 -20.66 -39.14
C ILE B 465 33.98 -19.68 -38.53
N LYS B 466 34.69 -18.91 -39.39
CA LYS B 466 35.78 -18.05 -38.93
C LYS B 466 35.34 -16.95 -37.98
N LYS B 467 34.10 -16.49 -38.07
CA LYS B 467 33.60 -15.48 -37.14
C LYS B 467 33.53 -15.98 -35.70
N TRP B 468 33.45 -17.28 -35.51
CA TRP B 468 33.30 -17.85 -34.19
C TRP B 468 34.57 -17.81 -33.36
N GLN B 469 35.69 -18.14 -33.97
CA GLN B 469 36.92 -18.38 -33.23
C GLN B 469 37.58 -17.09 -32.78
N ASN B 470 37.98 -16.27 -33.73
CA ASN B 470 38.80 -15.10 -33.46
C ASN B 470 38.00 -13.98 -32.83
N ALA B 471 36.74 -13.85 -33.19
CA ALA B 471 35.87 -12.83 -32.61
C ALA B 471 35.22 -13.46 -31.39
N ASP B 472 35.76 -13.15 -30.21
CA ASP B 472 35.29 -13.75 -28.97
C ASP B 472 35.34 -12.71 -27.85
N LEU B 473 34.18 -12.47 -27.24
CA LEU B 473 33.95 -11.47 -26.19
C LEU B 473 32.83 -11.97 -25.31
N ASN B 474 32.54 -11.23 -24.25
CA ASN B 474 31.61 -11.69 -23.23
C ASN B 474 30.40 -10.77 -23.15
N GLY B 475 29.22 -11.35 -22.91
CA GLY B 475 28.05 -10.52 -22.71
C GLY B 475 27.48 -10.55 -21.31
N LYS B 476 26.37 -11.25 -21.13
CA LYS B 476 25.69 -11.34 -19.84
C LYS B 476 25.92 -12.68 -19.15
N PHE B 477 27.03 -13.34 -19.41
CA PHE B 477 27.29 -14.66 -18.87
C PHE B 477 28.31 -14.65 -17.75
N LYS B 478 27.94 -15.26 -16.63
CA LYS B 478 28.78 -15.30 -15.46
C LYS B 478 28.61 -16.70 -14.90
N LEU B 479 29.63 -17.19 -14.21
CA LEU B 479 29.54 -18.52 -13.64
C LEU B 479 28.51 -18.58 -12.51
N PRO B 480 28.08 -19.78 -12.13
CA PRO B 480 27.14 -19.90 -11.01
C PRO B 480 27.80 -19.87 -9.65
N THR B 481 27.01 -19.46 -8.67
CA THR B 481 27.47 -19.29 -7.31
C THR B 481 27.20 -20.54 -6.48
N LYS B 482 27.79 -20.56 -5.29
CA LYS B 482 27.77 -21.71 -4.40
C LYS B 482 26.65 -21.69 -3.36
N ASN B 483 26.27 -22.90 -2.91
CA ASN B 483 25.28 -23.11 -1.85
C ASN B 483 25.97 -24.10 -0.93
N GLU B 484 26.95 -23.62 -0.16
CA GLU B 484 27.73 -24.51 0.68
C GLU B 484 26.95 -24.86 1.93
N PHE B 485 26.78 -23.85 2.79
CA PHE B 485 25.74 -23.75 3.80
C PHE B 485 25.91 -24.82 4.90
N ILE B 486 27.16 -25.24 5.12
CA ILE B 486 27.60 -26.20 6.15
C ILE B 486 26.88 -27.55 6.04
N PRO B 487 27.14 -28.37 4.98
CA PRO B 487 26.48 -29.67 4.84
C PRO B 487 27.05 -30.80 5.70
N THR B 488 27.20 -30.54 7.00
CA THR B 488 27.85 -31.49 7.89
C THR B 488 26.88 -32.40 8.62
N ASN B 489 25.92 -31.82 9.34
CA ASN B 489 25.15 -32.52 10.37
C ASN B 489 24.03 -33.29 9.69
N PHE B 490 24.29 -34.55 9.39
CA PHE B 490 23.27 -35.48 8.96
C PHE B 490 22.90 -36.48 10.04
N GLU B 491 23.36 -36.25 11.27
CA GLU B 491 23.16 -37.19 12.36
C GLU B 491 21.68 -37.33 12.69
N ILE B 492 21.32 -38.52 13.14
CA ILE B 492 19.99 -38.77 13.67
C ILE B 492 19.96 -38.36 15.14
N LEU B 493 18.83 -37.80 15.57
CA LEU B 493 18.66 -37.38 16.95
C LEU B 493 17.75 -38.34 17.70
N PRO B 494 18.15 -38.81 18.87
CA PRO B 494 17.33 -39.78 19.60
C PRO B 494 16.14 -39.13 20.27
N LEU B 495 15.05 -39.90 20.36
CA LEU B 495 13.79 -39.38 20.86
C LEU B 495 13.87 -39.13 22.37
N GLU B 496 13.32 -38.00 22.79
CA GLU B 496 13.40 -37.51 24.16
C GLU B 496 12.13 -37.88 24.94
N LYS B 497 12.05 -37.35 26.16
CA LYS B 497 10.88 -37.47 27.05
C LYS B 497 9.56 -37.19 26.35
N GLU B 498 9.54 -36.28 25.38
CA GLU B 498 8.35 -36.01 24.59
C GLU B 498 8.16 -37.16 23.60
N ALA B 499 7.73 -38.31 24.11
CA ALA B 499 7.62 -39.53 23.32
C ALA B 499 6.22 -39.66 22.72
N THR B 500 5.77 -38.59 22.10
CA THR B 500 4.49 -38.58 21.44
C THR B 500 4.59 -39.20 20.04
N PRO B 501 3.55 -39.89 19.59
CA PRO B 501 3.49 -40.33 18.21
C PRO B 501 2.82 -39.36 17.27
N TYR B 502 2.40 -38.20 17.77
CA TYR B 502 1.69 -37.21 17.00
C TYR B 502 2.15 -35.81 17.35
N PRO B 503 2.09 -34.86 16.41
CA PRO B 503 2.70 -33.55 16.63
C PRO B 503 2.01 -32.77 17.73
N ALA B 504 2.79 -32.28 18.69
CA ALA B 504 2.26 -31.51 19.80
C ALA B 504 2.42 -30.02 19.52
N LEU B 505 1.47 -29.25 20.02
CA LEU B 505 1.47 -27.79 19.89
C LEU B 505 2.44 -27.22 20.90
N ILE B 506 3.68 -27.02 20.47
CA ILE B 506 4.70 -26.57 21.40
C ILE B 506 4.69 -25.07 21.60
N LYS B 507 4.09 -24.29 20.71
CA LYS B 507 4.01 -22.86 20.94
C LYS B 507 2.73 -22.31 20.34
N ASP B 508 2.01 -21.52 21.13
CA ASP B 508 0.86 -20.76 20.65
C ASP B 508 1.00 -19.34 21.14
N THR B 509 0.93 -18.38 20.21
CA THR B 509 0.80 -16.96 20.52
C THR B 509 -0.33 -16.39 19.68
N ALA B 510 -0.55 -15.09 19.81
CA ALA B 510 -1.44 -14.43 18.87
C ALA B 510 -0.74 -14.12 17.56
N MET B 511 0.57 -14.31 17.51
CA MET B 511 1.33 -14.12 16.29
C MET B 511 1.41 -15.41 15.51
N SER B 512 1.70 -16.52 16.19
CA SER B 512 1.96 -17.78 15.50
C SER B 512 1.28 -18.90 16.26
N LYS B 513 1.47 -20.12 15.77
CA LYS B 513 0.97 -21.32 16.43
C LYS B 513 1.85 -22.47 15.94
N LEU B 514 2.48 -23.20 16.85
CA LEU B 514 3.60 -24.05 16.47
C LEU B 514 3.46 -25.49 16.97
N TRP B 515 3.44 -26.43 16.02
CA TRP B 515 3.34 -27.86 16.27
C TRP B 515 4.64 -28.55 15.87
N PHE B 516 5.00 -29.65 16.56
CA PHE B 516 6.34 -30.22 16.46
C PHE B 516 6.27 -31.74 16.56
N LYS B 517 7.11 -32.46 15.80
CA LYS B 517 7.08 -33.92 15.81
C LYS B 517 8.40 -34.55 15.33
N GLN B 518 9.17 -35.11 16.26
CA GLN B 518 10.33 -35.87 15.83
C GLN B 518 9.89 -37.16 15.11
N ASP B 519 10.71 -37.62 14.17
CA ASP B 519 10.48 -38.84 13.38
C ASP B 519 10.74 -40.10 14.21
N ASP B 520 9.70 -40.88 14.47
CA ASP B 520 9.89 -42.18 15.10
C ASP B 520 10.24 -43.29 14.11
N LYS B 521 9.45 -43.48 13.05
CA LYS B 521 9.57 -44.72 12.28
C LYS B 521 10.70 -44.78 11.26
N PHE B 522 11.12 -43.67 10.68
CA PHE B 522 12.04 -43.81 9.57
C PHE B 522 13.49 -43.48 9.85
N PHE B 523 13.75 -42.53 10.76
CA PHE B 523 15.11 -42.24 11.26
C PHE B 523 16.03 -41.77 10.14
N LEU B 524 15.52 -40.88 9.33
CA LEU B 524 16.24 -40.52 8.13
C LEU B 524 16.93 -39.18 8.36
N PRO B 525 17.99 -38.86 7.63
CA PRO B 525 18.63 -37.54 7.78
C PRO B 525 17.92 -36.41 7.05
N LYS B 526 16.61 -36.32 7.22
CA LYS B 526 15.80 -35.38 6.45
C LYS B 526 14.86 -34.60 7.34
N ALA B 527 14.33 -33.52 6.77
CA ALA B 527 13.39 -32.68 7.47
C ALA B 527 12.45 -32.10 6.42
N ASN B 528 11.20 -31.88 6.85
CA ASN B 528 10.18 -31.27 6.03
C ASN B 528 9.50 -30.18 6.83
N LEU B 529 9.22 -29.06 6.19
CA LEU B 529 8.65 -27.89 6.86
C LEU B 529 7.54 -27.30 6.02
N ASN B 530 6.42 -27.03 6.67
CA ASN B 530 5.27 -26.44 6.03
C ASN B 530 4.80 -25.27 6.84
N PHE B 531 4.42 -24.21 6.14
CA PHE B 531 4.17 -22.92 6.77
C PHE B 531 2.93 -22.33 6.15
N GLU B 532 2.03 -21.83 6.99
CA GLU B 532 0.91 -21.06 6.52
C GLU B 532 1.06 -19.69 7.16
N PHE B 533 0.88 -18.67 6.35
CA PHE B 533 0.93 -17.30 6.80
C PHE B 533 -0.48 -16.79 6.61
N PHE B 534 -1.21 -16.65 7.70
CA PHE B 534 -2.60 -16.25 7.63
C PHE B 534 -2.67 -14.74 7.73
N SER B 535 -3.52 -14.14 6.90
CA SER B 535 -3.58 -12.70 6.77
C SER B 535 -4.94 -12.33 6.21
N PRO B 536 -5.50 -11.18 6.59
CA PRO B 536 -6.89 -10.89 6.21
C PRO B 536 -7.05 -10.53 4.77
N PHE B 537 -6.02 -10.01 4.15
CA PHE B 537 -6.11 -9.30 2.88
C PHE B 537 -6.32 -10.23 1.71
N ALA B 538 -6.51 -11.52 1.97
CA ALA B 538 -6.55 -12.51 0.91
C ALA B 538 -7.80 -12.46 0.05
N TYR B 539 -8.98 -12.51 0.65
CA TYR B 539 -10.11 -12.70 -0.25
C TYR B 539 -11.02 -11.50 -0.16
N VAL B 540 -10.40 -10.36 0.17
CA VAL B 540 -11.15 -9.12 0.32
C VAL B 540 -11.85 -8.70 -0.97
N ASP B 541 -11.18 -8.79 -2.11
CA ASP B 541 -11.81 -8.40 -3.36
C ASP B 541 -11.02 -9.03 -4.50
N PRO B 542 -11.63 -9.21 -5.68
CA PRO B 542 -10.89 -9.76 -6.84
C PRO B 542 -9.56 -9.06 -7.15
N LEU B 543 -9.46 -7.77 -6.83
CA LEU B 543 -8.23 -7.03 -7.06
C LEU B 543 -7.14 -7.44 -6.10
N HIS B 544 -7.48 -7.61 -4.81
CA HIS B 544 -6.50 -8.05 -3.85
C HIS B 544 -6.04 -9.45 -4.15
N SER B 545 -6.94 -10.29 -4.64
CA SER B 545 -6.60 -11.67 -4.97
C SER B 545 -5.65 -11.72 -6.14
N ASN B 546 -5.90 -10.90 -7.15
CA ASN B 546 -4.96 -10.78 -8.25
C ASN B 546 -3.61 -10.29 -7.78
N MET B 547 -3.59 -9.31 -6.88
CA MET B 547 -2.32 -8.79 -6.37
C MET B 547 -1.56 -9.81 -5.55
N ALA B 548 -2.27 -10.58 -4.73
CA ALA B 548 -1.65 -11.65 -3.97
C ALA B 548 -1.07 -12.69 -4.91
N TYR B 549 -1.84 -13.01 -5.95
CA TYR B 549 -1.42 -13.97 -6.94
C TYR B 549 -0.12 -13.54 -7.58
N LEU B 550 -0.17 -12.40 -8.27
CA LEU B 550 1.01 -11.78 -8.88
C LEU B 550 2.17 -11.62 -7.91
N TYR B 551 1.89 -11.35 -6.63
CA TYR B 551 2.97 -11.24 -5.66
C TYR B 551 3.69 -12.54 -5.52
N LEU B 552 2.94 -13.59 -5.24
CA LEU B 552 3.59 -14.86 -5.06
C LEU B 552 4.12 -15.39 -6.37
N GLU B 553 3.42 -15.10 -7.46
CA GLU B 553 3.82 -15.55 -8.77
C GLU B 553 5.15 -14.95 -9.20
N LEU B 554 5.26 -13.61 -9.13
CA LEU B 554 6.50 -12.95 -9.48
C LEU B 554 7.55 -13.17 -8.41
N LEU B 555 7.11 -13.40 -7.19
CA LEU B 555 7.99 -13.80 -6.12
C LEU B 555 8.69 -15.11 -6.48
N LYS B 556 7.92 -16.07 -7.00
CA LYS B 556 8.50 -17.31 -7.50
C LYS B 556 9.43 -17.05 -8.66
N ASP B 557 9.01 -16.15 -9.55
CA ASP B 557 9.85 -15.82 -10.69
C ASP B 557 11.14 -15.13 -10.27
N SER B 558 11.08 -14.39 -9.17
CA SER B 558 12.28 -13.75 -8.65
C SER B 558 13.21 -14.76 -8.03
N LEU B 559 12.68 -15.65 -7.19
CA LEU B 559 13.59 -16.43 -6.39
C LEU B 559 14.07 -17.66 -7.09
N ASN B 560 13.44 -18.02 -8.21
CA ASN B 560 13.75 -19.26 -8.91
C ASN B 560 15.19 -19.24 -9.36
N GLU B 561 15.60 -18.10 -9.89
CA GLU B 561 16.95 -17.93 -10.40
C GLU B 561 17.96 -18.04 -9.27
N TYR B 562 17.61 -17.52 -8.09
CA TYR B 562 18.51 -17.76 -6.96
C TYR B 562 18.36 -19.18 -6.42
N ALA B 563 17.13 -19.70 -6.37
CA ALA B 563 16.88 -20.91 -5.58
C ALA B 563 17.28 -22.22 -6.26
N TYR B 564 17.35 -22.28 -7.60
CA TYR B 564 17.45 -23.58 -8.25
C TYR B 564 18.77 -24.31 -8.00
N ALA B 565 19.89 -23.61 -7.88
CA ALA B 565 21.14 -24.30 -7.58
C ALA B 565 21.14 -24.91 -6.17
N ALA B 566 20.51 -24.25 -5.20
CA ALA B 566 20.33 -24.91 -3.91
C ALA B 566 19.35 -26.06 -4.00
N GLU B 567 18.33 -25.93 -4.87
CA GLU B 567 17.39 -27.02 -5.09
C GLU B 567 18.07 -28.20 -5.74
N LEU B 568 19.14 -27.92 -6.48
CA LEU B 568 19.95 -28.91 -7.14
C LEU B 568 20.74 -29.70 -6.13
N ALA B 569 20.85 -29.20 -4.91
CA ALA B 569 21.64 -29.83 -3.87
C ALA B 569 20.81 -30.87 -3.13
N GLY B 570 19.51 -30.94 -3.43
CA GLY B 570 18.65 -31.94 -2.81
C GLY B 570 17.71 -31.40 -1.76
N LEU B 571 17.33 -30.13 -1.87
CA LEU B 571 16.34 -29.52 -0.99
C LEU B 571 15.27 -28.90 -1.87
N SER B 572 14.11 -29.56 -1.95
CA SER B 572 13.02 -29.07 -2.77
C SER B 572 12.01 -28.32 -1.92
N TYR B 573 11.22 -27.49 -2.58
CA TYR B 573 10.33 -26.59 -1.90
C TYR B 573 9.10 -26.34 -2.78
N ASP B 574 8.12 -25.66 -2.21
CA ASP B 574 7.03 -25.11 -2.99
C ASP B 574 6.45 -23.91 -2.26
N LEU B 575 6.18 -22.87 -3.04
CA LEU B 575 5.40 -21.72 -2.64
C LEU B 575 4.08 -21.74 -3.38
N GLN B 576 2.99 -21.72 -2.63
CA GLN B 576 1.68 -21.67 -3.24
C GLN B 576 0.84 -20.78 -2.32
N ASN B 577 -0.42 -20.59 -2.64
CA ASN B 577 -1.32 -19.70 -1.93
C ASN B 577 -2.49 -20.48 -1.36
N THR B 578 -3.16 -19.84 -0.42
CA THR B 578 -4.41 -20.38 0.05
C THR B 578 -5.42 -19.29 -0.29
N ILE B 579 -6.71 -19.61 -0.23
CA ILE B 579 -7.71 -18.56 -0.24
C ILE B 579 -7.61 -17.73 1.03
N TYR B 580 -7.07 -18.32 2.10
CA TYR B 580 -6.87 -17.73 3.41
C TYR B 580 -5.53 -17.01 3.50
N GLY B 581 -4.45 -17.68 3.14
CA GLY B 581 -3.13 -17.10 3.21
C GLY B 581 -2.15 -17.66 2.20
N MET B 582 -0.91 -17.81 2.63
CA MET B 582 0.19 -18.26 1.79
C MET B 582 0.67 -19.63 2.21
N TYR B 583 1.17 -20.38 1.24
CA TYR B 583 1.58 -21.76 1.46
C TYR B 583 3.07 -21.87 1.17
N LEU B 584 3.81 -22.30 2.19
CA LEU B 584 5.25 -22.46 2.14
C LEU B 584 5.64 -23.88 2.48
N SER B 585 6.43 -24.48 1.61
CA SER B 585 6.98 -25.81 1.79
C SER B 585 8.49 -25.71 1.82
N VAL B 586 9.13 -26.32 2.81
CA VAL B 586 10.57 -26.44 2.86
C VAL B 586 10.86 -27.90 3.14
N LYS B 587 11.49 -28.58 2.19
CA LYS B 587 11.77 -29.99 2.32
C LYS B 587 13.24 -30.26 2.04
N GLY B 588 13.83 -31.11 2.86
CA GLY B 588 15.20 -31.49 2.59
C GLY B 588 15.96 -32.04 3.77
N TYR B 589 17.24 -31.71 3.83
CA TYR B 589 18.12 -32.19 4.85
C TYR B 589 18.10 -31.27 6.05
N ASN B 590 18.75 -31.71 7.13
CA ASN B 590 18.71 -30.97 8.37
C ASN B 590 19.82 -29.95 8.42
N ASP B 591 20.78 -30.07 7.51
CA ASP B 591 22.04 -29.34 7.60
C ASP B 591 21.89 -27.85 7.36
N LYS B 592 21.01 -27.42 6.47
CA LYS B 592 21.06 -26.01 6.10
C LYS B 592 19.73 -25.34 5.83
N GLN B 593 18.61 -26.00 6.10
CA GLN B 593 17.32 -25.33 6.19
C GLN B 593 17.22 -24.09 7.07
N PRO B 594 17.89 -23.96 8.23
CA PRO B 594 17.82 -22.65 8.92
C PRO B 594 18.46 -21.50 8.18
N ILE B 595 19.56 -21.73 7.49
CA ILE B 595 20.20 -20.63 6.82
C ILE B 595 19.46 -20.32 5.53
N LEU B 596 18.95 -21.37 4.89
CA LEU B 596 18.26 -21.17 3.62
C LEU B 596 16.94 -20.49 3.83
N LEU B 597 16.16 -20.99 4.79
CA LEU B 597 14.86 -20.39 5.10
C LEU B 597 15.04 -18.98 5.62
N LYS B 598 16.11 -18.73 6.38
CA LYS B 598 16.45 -17.37 6.79
C LYS B 598 16.60 -16.47 5.59
N LYS B 599 17.39 -16.90 4.61
CA LYS B 599 17.55 -16.05 3.45
C LYS B 599 16.29 -15.99 2.60
N ILE B 600 15.40 -16.99 2.71
CA ILE B 600 14.13 -16.94 1.97
C ILE B 600 13.24 -15.86 2.56
N ILE B 601 13.22 -15.76 3.88
CA ILE B 601 12.38 -14.78 4.55
C ILE B 601 12.92 -13.39 4.30
N GLU B 602 14.25 -13.26 4.35
CA GLU B 602 14.91 -11.99 4.07
C GLU B 602 14.72 -11.60 2.62
N LYS B 603 14.54 -12.57 1.75
CA LYS B 603 14.43 -12.34 0.33
C LYS B 603 13.01 -11.90 -0.01
N MET B 604 12.00 -12.64 0.47
CA MET B 604 10.62 -12.33 0.13
C MET B 604 10.06 -11.20 0.98
N ALA B 605 10.82 -10.79 2.00
CA ALA B 605 10.52 -9.56 2.73
C ALA B 605 10.80 -8.34 1.85
N THR B 606 12.01 -8.21 1.37
CA THR B 606 12.44 -7.06 0.58
C THR B 606 12.29 -7.43 -0.89
N PHE B 607 11.24 -6.92 -1.52
CA PHE B 607 10.80 -7.40 -2.83
C PHE B 607 10.60 -6.23 -3.78
N GLU B 608 11.01 -6.43 -5.03
CA GLU B 608 10.99 -5.40 -6.06
C GLU B 608 10.24 -5.89 -7.29
N ILE B 609 9.93 -4.95 -8.20
CA ILE B 609 9.16 -5.23 -9.40
C ILE B 609 9.95 -4.75 -10.62
N ASP B 610 10.05 -5.59 -11.66
CA ASP B 610 10.49 -5.11 -12.96
C ASP B 610 9.27 -4.83 -13.83
N GLU B 611 9.46 -3.95 -14.80
CA GLU B 611 8.32 -3.45 -15.55
C GLU B 611 7.84 -4.48 -16.56
N LYS B 612 8.70 -4.82 -17.52
CA LYS B 612 8.29 -5.71 -18.60
C LYS B 612 8.07 -7.12 -18.09
N ARG B 613 8.75 -7.47 -17.01
CA ARG B 613 8.49 -8.72 -16.32
C ARG B 613 7.07 -8.78 -15.80
N PHE B 614 6.65 -7.68 -15.15
CA PHE B 614 5.27 -7.55 -14.71
C PHE B 614 4.29 -7.62 -15.86
N GLU B 615 4.65 -7.06 -17.01
CA GLU B 615 3.76 -7.15 -18.15
C GLU B 615 3.65 -8.56 -18.72
N ILE B 616 4.76 -9.30 -18.77
CA ILE B 616 4.72 -10.65 -19.31
C ILE B 616 3.96 -11.58 -18.41
N ILE B 617 4.19 -11.46 -17.11
CA ILE B 617 3.48 -12.31 -16.16
C ILE B 617 2.01 -11.95 -16.13
N LYS B 618 1.72 -10.65 -16.26
CA LYS B 618 0.37 -10.14 -16.25
C LYS B 618 -0.39 -10.72 -17.44
N GLU B 619 0.07 -10.41 -18.65
CA GLU B 619 -0.42 -11.03 -19.87
C GLU B 619 -0.52 -12.55 -19.77
N ALA B 620 0.44 -13.18 -19.13
CA ALA B 620 0.48 -14.63 -19.09
C ALA B 620 -0.67 -15.18 -18.26
N TYR B 621 -0.87 -14.61 -17.07
CA TYR B 621 -2.00 -15.04 -16.28
C TYR B 621 -3.30 -14.56 -16.90
N MET B 622 -3.27 -13.42 -17.59
CA MET B 622 -4.40 -12.97 -18.39
C MET B 622 -4.80 -13.98 -19.44
N ARG B 623 -3.82 -14.65 -20.02
CA ARG B 623 -4.11 -15.74 -20.93
C ARG B 623 -4.69 -16.91 -20.18
N SER B 624 -4.06 -17.26 -19.06
CA SER B 624 -4.56 -18.38 -18.25
C SER B 624 -5.98 -18.14 -17.75
N LEU B 625 -6.36 -16.88 -17.60
CA LEU B 625 -7.69 -16.52 -17.15
C LEU B 625 -8.69 -16.64 -18.28
N ASN B 626 -8.48 -15.90 -19.38
CA ASN B 626 -9.51 -16.07 -20.41
C ASN B 626 -9.40 -17.39 -21.15
N ASN B 627 -8.37 -18.18 -20.84
CA ASN B 627 -8.30 -19.57 -21.20
C ASN B 627 -9.40 -20.40 -20.55
N PHE B 628 -9.83 -20.03 -19.33
CA PHE B 628 -10.74 -20.81 -18.50
C PHE B 628 -12.12 -21.05 -19.12
N ARG B 629 -12.43 -20.41 -20.24
CA ARG B 629 -13.49 -20.81 -21.13
C ARG B 629 -13.22 -22.12 -21.86
N ALA B 630 -11.96 -22.58 -21.91
CA ALA B 630 -11.58 -23.69 -22.80
C ALA B 630 -11.08 -24.96 -22.09
N GLU B 631 -11.39 -25.17 -20.81
CA GLU B 631 -10.90 -26.38 -20.15
C GLU B 631 -11.98 -27.42 -19.90
N GLN B 632 -11.51 -28.50 -19.28
CA GLN B 632 -12.26 -29.73 -19.09
C GLN B 632 -13.43 -29.54 -18.14
N PRO B 633 -14.64 -30.00 -18.53
CA PRO B 633 -15.85 -29.71 -17.75
C PRO B 633 -15.89 -30.35 -16.37
N HIS B 634 -15.02 -31.30 -16.02
CA HIS B 634 -15.01 -31.75 -14.63
C HIS B 634 -14.41 -30.67 -13.72
N GLN B 635 -13.40 -29.96 -14.20
CA GLN B 635 -12.84 -28.82 -13.49
C GLN B 635 -13.86 -27.67 -13.43
N HIS B 636 -14.61 -27.48 -14.52
CA HIS B 636 -15.69 -26.50 -14.61
C HIS B 636 -16.77 -26.78 -13.57
N ALA B 637 -17.11 -28.06 -13.41
CA ALA B 637 -18.15 -28.46 -12.47
C ALA B 637 -17.68 -28.27 -11.03
N MET B 638 -16.42 -28.66 -10.74
CA MET B 638 -15.89 -28.47 -9.40
C MET B 638 -15.73 -26.99 -9.06
N TYR B 639 -15.46 -26.17 -10.07
CA TYR B 639 -15.37 -24.73 -9.86
C TYR B 639 -16.73 -24.13 -9.54
N TYR B 640 -17.76 -24.52 -10.27
CA TYR B 640 -19.09 -24.00 -9.95
C TYR B 640 -19.64 -24.56 -8.65
N LEU B 641 -19.27 -25.78 -8.29
CA LEU B 641 -19.69 -26.30 -7.00
C LEU B 641 -19.02 -25.56 -5.87
N ARG B 642 -17.71 -25.32 -5.98
CA ARG B 642 -17.06 -24.54 -4.94
C ARG B 642 -17.43 -23.08 -5.00
N LEU B 643 -18.04 -22.63 -6.09
CA LEU B 643 -18.67 -21.31 -6.09
C LEU B 643 -19.94 -21.33 -5.26
N LEU B 644 -20.85 -22.24 -5.58
CA LEU B 644 -22.19 -22.15 -5.01
C LEU B 644 -22.21 -22.54 -3.55
N MET B 645 -21.36 -23.47 -3.16
CA MET B 645 -21.44 -24.02 -1.82
C MET B 645 -20.37 -23.43 -0.90
N THR B 646 -19.97 -22.20 -1.11
CA THR B 646 -19.26 -21.46 -0.09
C THR B 646 -20.00 -20.19 0.29
N GLU B 647 -19.38 -19.45 1.19
CA GLU B 647 -20.01 -18.26 1.73
C GLU B 647 -19.94 -17.13 0.71
N VAL B 648 -18.73 -16.67 0.39
CA VAL B 648 -18.46 -15.66 -0.63
C VAL B 648 -17.63 -16.28 -1.75
N ALA B 649 -17.82 -15.79 -2.98
CA ALA B 649 -17.10 -16.36 -4.13
C ALA B 649 -16.99 -15.34 -5.26
N TRP B 650 -15.75 -15.05 -5.67
CA TRP B 650 -15.52 -14.13 -6.79
C TRP B 650 -15.31 -14.88 -8.08
N THR B 651 -16.04 -14.50 -9.13
CA THR B 651 -15.99 -15.27 -10.36
C THR B 651 -14.72 -14.89 -11.14
N LYS B 652 -14.35 -15.73 -12.12
CA LYS B 652 -13.22 -15.45 -13.00
C LYS B 652 -13.51 -14.35 -14.01
N ASP B 653 -14.78 -14.04 -14.23
CA ASP B 653 -15.17 -12.94 -15.11
C ASP B 653 -14.73 -11.62 -14.52
N GLU B 654 -15.03 -11.46 -13.23
CA GLU B 654 -14.64 -10.28 -12.49
C GLU B 654 -13.13 -10.15 -12.48
N LEU B 655 -12.47 -11.29 -12.33
CA LEU B 655 -11.02 -11.35 -12.35
C LEU B 655 -10.49 -10.96 -13.72
N LYS B 656 -11.23 -11.27 -14.76
CA LYS B 656 -10.82 -10.89 -16.11
C LYS B 656 -10.92 -9.40 -16.29
N GLU B 657 -12.03 -8.82 -15.86
CA GLU B 657 -12.28 -7.44 -16.18
C GLU B 657 -11.40 -6.53 -15.34
N ALA B 658 -11.04 -6.97 -14.14
CA ALA B 658 -10.35 -6.11 -13.21
C ALA B 658 -8.88 -5.94 -13.51
N LEU B 659 -8.33 -6.64 -14.49
CA LEU B 659 -6.90 -6.53 -14.70
C LEU B 659 -6.49 -5.26 -15.41
N ASP B 660 -7.42 -4.36 -15.70
CA ASP B 660 -7.07 -3.12 -16.35
C ASP B 660 -6.36 -2.17 -15.42
N ASP B 661 -6.36 -2.45 -14.12
CA ASP B 661 -6.03 -1.48 -13.12
C ASP B 661 -4.83 -1.91 -12.32
N VAL B 662 -4.21 -3.02 -12.70
CA VAL B 662 -3.10 -3.49 -11.89
C VAL B 662 -1.90 -2.68 -12.31
N THR B 663 -1.61 -1.65 -11.54
CA THR B 663 -0.43 -0.84 -11.76
C THR B 663 0.64 -1.12 -10.72
N LEU B 664 1.86 -0.74 -11.06
CA LEU B 664 3.01 -0.91 -10.16
C LEU B 664 2.83 -0.13 -8.86
N PRO B 665 2.58 1.21 -8.85
CA PRO B 665 2.27 1.89 -7.57
C PRO B 665 1.15 1.30 -6.75
N ARG B 666 0.06 0.81 -7.37
CA ARG B 666 -1.02 0.25 -6.58
C ARG B 666 -0.62 -1.02 -5.88
N LEU B 667 0.08 -1.91 -6.57
CA LEU B 667 0.61 -3.08 -5.91
C LEU B 667 1.65 -2.72 -4.88
N LYS B 668 2.52 -1.76 -5.22
CA LYS B 668 3.59 -1.29 -4.35
C LYS B 668 3.07 -0.60 -3.10
N ALA B 669 1.87 -0.04 -3.14
CA ALA B 669 1.20 0.37 -1.92
C ALA B 669 0.64 -0.83 -1.18
N PHE B 670 0.14 -1.81 -1.93
CA PHE B 670 -0.49 -2.97 -1.33
C PHE B 670 0.50 -3.82 -0.56
N ILE B 671 1.74 -3.91 -1.06
CA ILE B 671 2.71 -4.86 -0.53
C ILE B 671 3.05 -4.68 0.95
N PRO B 672 3.45 -3.48 1.45
CA PRO B 672 3.76 -3.42 2.88
C PRO B 672 2.54 -3.51 3.76
N GLN B 673 1.37 -3.24 3.20
CA GLN B 673 0.13 -3.34 3.97
C GLN B 673 -0.20 -4.78 4.28
N LEU B 674 -0.08 -5.64 3.27
CA LEU B 674 -0.27 -7.07 3.43
C LEU B 674 0.68 -7.68 4.46
N LEU B 675 1.98 -7.52 4.25
CA LEU B 675 2.97 -8.11 5.13
C LEU B 675 3.03 -7.46 6.52
N SER B 676 2.41 -6.29 6.69
CA SER B 676 2.38 -5.60 7.98
C SER B 676 1.89 -6.49 9.12
N ARG B 677 0.73 -7.10 8.97
CA ARG B 677 0.09 -7.76 10.09
C ARG B 677 -0.58 -9.06 9.65
N LEU B 678 -0.08 -10.17 10.17
CA LEU B 678 -0.46 -11.48 9.69
C LEU B 678 -0.26 -12.51 10.80
N HIS B 679 -0.69 -13.74 10.55
CA HIS B 679 -0.59 -14.83 11.51
C HIS B 679 0.23 -15.93 10.88
N ILE B 680 0.95 -16.67 11.73
CA ILE B 680 1.81 -17.73 11.24
C ILE B 680 1.27 -19.03 11.82
N GLU B 681 1.60 -20.12 11.14
CA GLU B 681 1.21 -21.46 11.52
C GLU B 681 2.24 -22.33 10.82
N ALA B 682 2.79 -23.32 11.52
CA ALA B 682 3.95 -24.01 10.98
C ALA B 682 3.96 -25.46 11.41
N LEU B 683 4.39 -26.32 10.50
CA LEU B 683 4.69 -27.71 10.80
C LEU B 683 6.19 -27.94 10.71
N LEU B 684 6.77 -28.47 11.78
CA LEU B 684 8.17 -28.86 11.86
C LEU B 684 8.19 -30.36 12.13
N HIS B 685 8.79 -31.14 11.23
CA HIS B 685 8.73 -32.59 11.41
C HIS B 685 10.03 -33.21 10.90
N GLY B 686 10.73 -33.92 11.77
CA GLY B 686 11.91 -34.65 11.38
C GLY B 686 12.79 -34.87 12.61
N ASN B 687 14.01 -35.33 12.35
CA ASN B 687 14.91 -35.55 13.49
C ASN B 687 15.49 -34.18 13.84
N ILE B 688 14.77 -33.49 14.72
CA ILE B 688 15.07 -32.13 15.13
C ILE B 688 14.68 -32.02 16.59
N THR B 689 14.99 -30.89 17.19
CA THR B 689 14.64 -30.71 18.58
C THR B 689 13.53 -29.68 18.70
N LYS B 690 12.96 -29.62 19.90
CA LYS B 690 11.88 -28.67 20.16
C LYS B 690 12.42 -27.29 20.47
N GLN B 691 13.49 -27.21 21.26
CA GLN B 691 14.02 -25.92 21.71
C GLN B 691 14.67 -25.15 20.57
N ALA B 692 15.47 -25.82 19.75
CA ALA B 692 16.04 -25.14 18.59
C ALA B 692 14.97 -24.78 17.58
N ALA B 693 13.91 -25.58 17.49
CA ALA B 693 12.78 -25.22 16.64
C ALA B 693 12.10 -23.96 17.12
N LEU B 694 11.94 -23.83 18.44
CA LEU B 694 11.37 -22.62 19.01
C LEU B 694 12.27 -21.41 18.80
N GLY B 695 13.58 -21.60 18.94
CA GLY B 695 14.50 -20.48 18.80
C GLY B 695 14.63 -20.01 17.37
N ILE B 696 14.68 -20.94 16.43
CA ILE B 696 14.70 -20.59 15.02
C ILE B 696 13.38 -19.95 14.59
N MET B 697 12.25 -20.51 15.01
CA MET B 697 10.95 -19.97 14.65
C MET B 697 10.79 -18.55 15.22
N GLN B 698 11.20 -18.38 16.48
CA GLN B 698 11.26 -17.09 17.14
C GLN B 698 12.06 -16.08 16.34
N MET B 699 13.34 -16.41 16.08
CA MET B 699 14.20 -15.70 15.14
C MET B 699 13.48 -15.26 13.85
N VAL B 700 12.70 -16.17 13.26
CA VAL B 700 12.01 -15.90 12.00
C VAL B 700 10.96 -14.82 12.17
N GLU B 701 10.06 -15.02 13.13
CA GLU B 701 9.02 -14.03 13.36
C GLU B 701 9.61 -12.71 13.87
N ASP B 702 10.75 -12.77 14.57
CA ASP B 702 11.45 -11.56 14.96
C ASP B 702 11.98 -10.81 13.74
N THR B 703 12.42 -11.54 12.72
CA THR B 703 12.83 -10.89 11.48
C THR B 703 11.63 -10.27 10.77
N LEU B 704 10.48 -10.94 10.87
CA LEU B 704 9.24 -10.40 10.31
C LEU B 704 8.90 -9.08 10.97
N ILE B 705 9.06 -9.01 12.28
CA ILE B 705 8.90 -7.75 13.02
C ILE B 705 10.02 -6.78 12.67
N GLU B 706 11.21 -7.30 12.34
CA GLU B 706 12.36 -6.45 12.04
C GLU B 706 12.12 -5.65 10.78
N HIS B 707 11.42 -6.21 9.80
CA HIS B 707 11.26 -5.44 8.57
C HIS B 707 10.19 -4.37 8.69
N ALA B 708 8.94 -4.75 8.90
CA ALA B 708 7.85 -3.80 8.77
C ALA B 708 7.13 -3.52 10.08
N HIS B 709 7.74 -3.89 11.21
CA HIS B 709 7.20 -3.70 12.56
C HIS B 709 5.91 -4.51 12.65
N THR B 710 6.04 -5.78 12.27
CA THR B 710 4.92 -6.72 12.30
C THR B 710 4.33 -6.85 13.69
N LYS B 711 3.01 -6.79 13.73
CA LYS B 711 2.20 -6.92 14.91
C LYS B 711 1.30 -8.13 14.69
N PRO B 712 0.88 -8.83 15.74
CA PRO B 712 0.04 -10.00 15.53
C PRO B 712 -1.38 -9.61 15.16
N LEU B 713 -2.12 -10.61 14.71
CA LEU B 713 -3.51 -10.40 14.36
C LEU B 713 -4.34 -10.54 15.63
N LEU B 714 -5.56 -10.12 15.51
CA LEU B 714 -6.56 -10.26 16.55
C LEU B 714 -7.27 -11.59 16.45
N PRO B 715 -7.57 -12.25 17.57
CA PRO B 715 -8.13 -13.60 17.49
C PRO B 715 -9.62 -13.65 17.14
N SER B 716 -10.20 -12.54 16.71
CA SER B 716 -11.55 -12.52 16.19
C SER B 716 -11.61 -12.50 14.68
N GLN B 717 -10.47 -12.35 14.03
CA GLN B 717 -10.45 -12.27 12.59
C GLN B 717 -9.69 -13.46 12.06
N LEU B 718 -9.72 -14.52 12.85
CA LEU B 718 -9.38 -15.83 12.34
C LEU B 718 -10.64 -16.55 11.90
N VAL B 719 -11.46 -15.87 11.09
CA VAL B 719 -12.74 -16.43 10.77
C VAL B 719 -12.54 -17.46 9.67
N ARG B 720 -13.56 -18.26 9.42
CA ARG B 720 -13.60 -19.08 8.25
C ARG B 720 -14.94 -18.86 7.59
N TYR B 721 -15.05 -19.27 6.34
CA TYR B 721 -16.31 -19.16 5.64
C TYR B 721 -17.19 -20.37 5.85
N ARG B 722 -18.45 -20.13 6.20
CA ARG B 722 -19.32 -21.27 6.40
C ARG B 722 -19.96 -21.68 5.10
N GLU B 723 -20.71 -22.76 5.18
CA GLU B 723 -21.34 -23.38 4.03
C GLU B 723 -22.85 -23.38 4.20
N VAL B 724 -23.52 -23.31 3.08
CA VAL B 724 -24.92 -22.92 3.02
C VAL B 724 -25.80 -24.10 3.39
N GLN B 725 -26.79 -23.84 4.23
CA GLN B 725 -27.71 -24.89 4.64
C GLN B 725 -28.90 -24.92 3.70
N LEU B 726 -29.07 -26.05 3.03
CA LEU B 726 -30.23 -26.20 2.16
C LEU B 726 -31.48 -26.26 3.04
N PRO B 727 -32.64 -25.78 2.55
CA PRO B 727 -33.85 -25.80 3.37
C PRO B 727 -34.53 -27.16 3.40
N ASP B 728 -33.74 -28.22 3.58
CA ASP B 728 -34.11 -29.54 4.08
C ASP B 728 -34.95 -30.34 3.11
N ARG B 729 -35.42 -29.73 2.04
CA ARG B 729 -36.23 -30.47 1.12
C ARG B 729 -35.83 -30.18 -0.31
N GLY B 730 -35.03 -29.15 -0.56
CA GLY B 730 -34.96 -28.58 -1.89
C GLY B 730 -34.19 -29.48 -2.82
N TRP B 731 -34.68 -29.56 -4.05
CA TRP B 731 -33.95 -30.12 -5.19
C TRP B 731 -33.93 -29.06 -6.27
N PHE B 732 -32.84 -28.32 -6.33
CA PHE B 732 -32.68 -27.16 -7.18
C PHE B 732 -31.70 -27.46 -8.29
N VAL B 733 -31.83 -26.75 -9.40
CA VAL B 733 -30.98 -26.98 -10.56
C VAL B 733 -30.91 -25.69 -11.37
N TYR B 734 -29.82 -25.55 -12.13
CA TYR B 734 -29.66 -24.50 -13.13
C TYR B 734 -28.64 -25.01 -14.15
N GLN B 735 -28.32 -24.15 -15.11
CA GLN B 735 -27.50 -24.53 -16.25
C GLN B 735 -26.38 -23.52 -16.44
N GLN B 736 -25.27 -23.98 -17.01
CA GLN B 736 -24.17 -23.12 -17.43
C GLN B 736 -23.72 -23.51 -18.81
N ARG B 737 -23.60 -22.54 -19.71
CA ARG B 737 -23.33 -22.87 -21.10
C ARG B 737 -21.85 -22.66 -21.33
N ASN B 738 -21.16 -23.72 -21.71
CA ASN B 738 -19.77 -23.59 -22.11
C ASN B 738 -19.71 -22.97 -23.51
N GLU B 739 -18.57 -22.37 -23.81
CA GLU B 739 -18.35 -21.79 -25.12
C GLU B 739 -17.49 -22.69 -25.99
N VAL B 740 -16.41 -23.22 -25.44
CA VAL B 740 -15.41 -23.91 -26.24
C VAL B 740 -15.72 -25.40 -26.40
N HIS B 741 -15.67 -26.12 -25.29
CA HIS B 741 -15.84 -27.57 -25.32
C HIS B 741 -17.27 -27.98 -25.64
N ASN B 742 -17.42 -28.86 -26.63
CA ASN B 742 -18.70 -29.46 -26.97
C ASN B 742 -18.93 -30.66 -26.06
N ASN B 743 -18.91 -30.38 -24.75
CA ASN B 743 -19.03 -31.38 -23.70
C ASN B 743 -19.86 -30.80 -22.58
N SER B 744 -20.67 -31.64 -21.97
CA SER B 744 -21.55 -31.23 -20.89
C SER B 744 -21.08 -31.89 -19.60
N GLY B 745 -20.51 -31.10 -18.70
CA GLY B 745 -20.26 -31.60 -17.37
C GLY B 745 -21.51 -31.52 -16.51
N ILE B 746 -21.45 -32.21 -15.37
CA ILE B 746 -22.57 -32.25 -14.43
C ILE B 746 -22.04 -32.71 -13.08
N GLU B 747 -22.38 -32.00 -12.02
CA GLU B 747 -22.01 -32.44 -10.68
C GLU B 747 -23.24 -32.42 -9.77
N ILE B 748 -23.49 -33.57 -9.12
CA ILE B 748 -24.74 -33.82 -8.40
C ILE B 748 -24.49 -33.82 -6.90
N TYR B 749 -24.57 -32.65 -6.28
CA TYR B 749 -24.16 -32.50 -4.90
C TYR B 749 -25.24 -32.90 -3.88
N TYR B 750 -24.76 -33.42 -2.76
CA TYR B 750 -25.55 -33.92 -1.63
C TYR B 750 -24.91 -33.44 -0.35
N GLN B 751 -25.66 -32.70 0.46
CA GLN B 751 -25.19 -32.34 1.79
C GLN B 751 -25.58 -33.47 2.72
N THR B 752 -24.59 -34.14 3.27
CA THR B 752 -24.88 -35.01 4.41
C THR B 752 -24.87 -34.24 5.72
N ASP B 753 -23.67 -33.80 6.12
CA ASP B 753 -23.42 -33.49 7.52
C ASP B 753 -21.99 -33.00 7.67
N MET B 754 -21.70 -32.41 8.82
CA MET B 754 -20.36 -32.16 9.33
C MET B 754 -19.61 -33.49 9.55
N GLN B 755 -18.28 -33.42 9.68
CA GLN B 755 -17.54 -34.66 9.97
C GLN B 755 -17.72 -34.95 11.45
N SER B 756 -18.72 -35.74 11.79
CA SER B 756 -18.62 -36.46 13.05
C SER B 756 -17.94 -37.80 12.77
N THR B 757 -17.58 -38.48 13.85
CA THR B 757 -16.85 -39.72 13.75
C THR B 757 -17.69 -40.81 13.11
N SER B 758 -19.01 -40.75 13.31
CA SER B 758 -19.90 -41.68 12.63
C SER B 758 -20.03 -41.36 11.15
N GLU B 759 -20.14 -40.07 10.83
CA GLU B 759 -20.44 -39.66 9.47
C GLU B 759 -19.30 -39.90 8.50
N ASN B 760 -18.05 -39.82 8.98
CA ASN B 760 -16.91 -40.17 8.13
C ASN B 760 -17.00 -41.60 7.63
N MET B 761 -17.40 -42.50 8.50
CA MET B 761 -17.38 -43.89 8.09
C MET B 761 -18.67 -44.27 7.38
N PHE B 762 -19.77 -43.60 7.72
CA PHE B 762 -20.98 -43.65 6.93
C PHE B 762 -20.71 -43.29 5.49
N LEU B 763 -20.06 -42.16 5.30
CA LEU B 763 -19.90 -41.64 3.96
C LEU B 763 -18.83 -42.38 3.20
N GLU B 764 -17.73 -42.76 3.85
CA GLU B 764 -16.69 -43.51 3.16
C GLU B 764 -17.17 -44.90 2.77
N LEU B 765 -17.85 -45.58 3.69
CA LEU B 765 -18.29 -46.94 3.43
C LEU B 765 -19.42 -46.96 2.41
N PHE B 766 -20.37 -46.04 2.53
CA PHE B 766 -21.45 -45.98 1.56
C PHE B 766 -20.93 -45.54 0.19
N ALA B 767 -19.90 -44.70 0.18
CA ALA B 767 -19.28 -44.28 -1.06
C ALA B 767 -18.63 -45.47 -1.74
N GLN B 768 -17.94 -46.29 -0.97
CA GLN B 768 -17.32 -47.43 -1.60
C GLN B 768 -18.36 -48.48 -1.99
N ILE B 769 -19.47 -48.58 -1.26
CA ILE B 769 -20.47 -49.57 -1.64
C ILE B 769 -21.20 -49.14 -2.90
N ILE B 770 -21.18 -47.86 -3.22
CA ILE B 770 -21.65 -47.48 -4.53
C ILE B 770 -20.50 -47.28 -5.52
N SER B 771 -19.26 -47.58 -5.11
CA SER B 771 -18.10 -47.44 -6.02
C SER B 771 -17.95 -48.58 -7.03
N GLU B 772 -17.68 -49.80 -6.56
CA GLU B 772 -17.35 -50.92 -7.45
C GLU B 772 -18.52 -51.41 -8.32
N PRO B 773 -19.77 -51.54 -7.84
CA PRO B 773 -20.85 -51.84 -8.80
C PRO B 773 -21.07 -50.71 -9.81
N ALA B 774 -20.71 -49.48 -9.47
CA ALA B 774 -20.69 -48.41 -10.48
C ALA B 774 -19.65 -48.67 -11.55
N PHE B 775 -18.49 -49.25 -11.16
CA PHE B 775 -17.51 -49.69 -12.16
C PHE B 775 -18.10 -50.78 -13.04
N ASN B 776 -18.99 -51.59 -12.46
CA ASN B 776 -19.64 -52.64 -13.24
C ASN B 776 -20.66 -52.05 -14.22
N THR B 777 -21.55 -51.19 -13.73
CA THR B 777 -22.71 -50.70 -14.48
C THR B 777 -22.53 -49.41 -15.29
N LEU B 778 -21.67 -48.45 -14.91
CA LEU B 778 -21.73 -47.15 -15.58
C LEU B 778 -21.02 -47.13 -16.92
N ARG B 779 -19.73 -47.47 -16.95
CA ARG B 779 -18.98 -47.45 -18.20
C ARG B 779 -19.44 -48.59 -19.11
N THR B 780 -19.57 -49.80 -18.55
CA THR B 780 -19.96 -50.96 -19.35
C THR B 780 -21.44 -50.92 -19.71
N LYS B 781 -22.33 -50.86 -18.72
CA LYS B 781 -23.74 -51.11 -19.00
C LYS B 781 -24.48 -49.83 -19.41
N GLU B 782 -24.33 -48.75 -18.63
CA GLU B 782 -25.08 -47.53 -18.95
C GLU B 782 -24.41 -46.68 -20.01
N GLN B 783 -23.08 -46.82 -20.15
CA GLN B 783 -22.26 -46.19 -21.19
C GLN B 783 -22.43 -44.67 -21.19
N LEU B 784 -22.30 -44.08 -20.00
CA LEU B 784 -22.47 -42.64 -19.86
C LEU B 784 -21.35 -41.88 -20.57
N GLY B 785 -20.12 -42.12 -20.14
CA GLY B 785 -18.96 -41.51 -20.75
C GLY B 785 -17.73 -42.24 -20.31
N TYR B 786 -16.58 -41.58 -20.46
CA TYR B 786 -15.31 -42.12 -20.00
C TYR B 786 -14.81 -41.43 -18.73
N ILE B 787 -15.09 -40.14 -18.57
CA ILE B 787 -14.73 -39.40 -17.36
C ILE B 787 -16.01 -39.33 -16.54
N VAL B 788 -16.21 -40.36 -15.73
CA VAL B 788 -17.36 -40.53 -14.88
C VAL B 788 -16.83 -40.75 -13.48
N PHE B 789 -17.23 -39.90 -12.54
CA PHE B 789 -16.69 -39.98 -11.21
C PHE B 789 -17.82 -39.74 -10.22
N SER B 790 -17.67 -40.33 -9.05
CA SER B 790 -18.60 -40.18 -7.94
C SER B 790 -17.82 -40.12 -6.65
N GLY B 791 -18.41 -39.55 -5.61
CA GLY B 791 -17.82 -39.70 -4.31
C GLY B 791 -17.88 -38.57 -3.32
N PRO B 792 -16.94 -38.58 -2.37
CA PRO B 792 -17.00 -37.67 -1.23
C PRO B 792 -16.65 -36.24 -1.60
N ARG B 793 -16.86 -35.36 -0.62
CA ARG B 793 -16.43 -33.99 -0.76
C ARG B 793 -15.99 -33.53 0.62
N ARG B 794 -14.76 -33.02 0.68
CA ARG B 794 -14.12 -32.58 1.91
C ARG B 794 -13.81 -31.11 1.73
N ALA B 795 -14.59 -30.25 2.37
CA ALA B 795 -14.44 -28.82 2.22
C ALA B 795 -15.07 -28.16 3.42
N ASN B 796 -14.32 -27.23 4.03
CA ASN B 796 -14.76 -26.39 5.16
C ASN B 796 -15.26 -27.24 6.32
N GLY B 797 -14.67 -28.42 6.52
CA GLY B 797 -15.17 -29.30 7.55
C GLY B 797 -16.54 -29.89 7.30
N ILE B 798 -16.99 -29.90 6.04
CA ILE B 798 -18.33 -30.38 5.70
C ILE B 798 -18.20 -31.51 4.70
N GLN B 799 -18.88 -32.61 4.97
CA GLN B 799 -18.90 -33.73 4.06
C GLN B 799 -19.87 -33.45 2.91
N GLY B 800 -19.74 -34.27 1.87
CA GLY B 800 -20.60 -34.11 0.71
C GLY B 800 -20.50 -35.30 -0.20
N LEU B 801 -21.46 -35.38 -1.11
CA LEU B 801 -21.52 -36.45 -2.09
C LEU B 801 -21.73 -35.89 -3.48
N ARG B 802 -21.00 -36.42 -4.44
CA ARG B 802 -20.91 -35.84 -5.76
C ARG B 802 -20.92 -36.92 -6.81
N PHE B 803 -21.25 -36.50 -8.02
CA PHE B 803 -21.21 -37.33 -9.23
C PHE B 803 -20.62 -36.43 -10.31
N ILE B 804 -19.32 -36.56 -10.54
CA ILE B 804 -18.66 -35.81 -11.59
C ILE B 804 -18.69 -36.62 -12.87
N ILE B 805 -19.44 -36.14 -13.86
CA ILE B 805 -19.51 -36.78 -15.16
C ILE B 805 -19.35 -35.70 -16.22
N GLN B 806 -18.33 -35.83 -17.06
CA GLN B 806 -18.25 -35.02 -18.28
C GLN B 806 -18.51 -35.92 -19.48
N SER B 807 -19.47 -35.53 -20.31
CA SER B 807 -19.80 -36.20 -21.56
C SER B 807 -20.52 -35.19 -22.44
N GLU B 808 -20.92 -35.61 -23.62
CA GLU B 808 -21.72 -34.77 -24.50
C GLU B 808 -23.14 -35.33 -24.53
N LYS B 809 -23.98 -34.88 -23.61
CA LYS B 809 -25.29 -35.47 -23.41
C LYS B 809 -26.28 -34.35 -23.14
N PRO B 810 -27.58 -34.61 -23.26
CA PRO B 810 -28.57 -33.79 -22.55
C PRO B 810 -28.47 -33.99 -21.06
N PRO B 811 -28.49 -32.90 -20.28
CA PRO B 811 -28.21 -33.05 -18.84
C PRO B 811 -29.33 -33.71 -18.07
N HIS B 812 -30.59 -33.56 -18.49
CA HIS B 812 -31.68 -34.20 -17.77
C HIS B 812 -31.80 -35.68 -18.08
N TYR B 813 -31.56 -36.03 -19.34
CA TYR B 813 -31.31 -37.41 -19.78
C TYR B 813 -30.23 -38.08 -18.95
N LEU B 814 -29.11 -37.39 -18.77
CA LEU B 814 -28.00 -37.90 -17.97
C LEU B 814 -28.36 -38.02 -16.50
N GLU B 815 -29.07 -37.03 -15.97
CA GLU B 815 -29.65 -37.12 -14.64
C GLU B 815 -30.55 -38.34 -14.48
N SER B 816 -31.38 -38.63 -15.50
CA SER B 816 -32.30 -39.76 -15.43
C SER B 816 -31.53 -41.08 -15.33
N ARG B 817 -30.44 -41.23 -16.07
CA ARG B 817 -29.68 -42.48 -15.87
C ARG B 817 -28.84 -42.47 -14.60
N VAL B 818 -28.51 -41.29 -14.07
CA VAL B 818 -27.93 -41.26 -12.72
C VAL B 818 -28.96 -41.74 -11.71
N GLU B 819 -30.20 -41.29 -11.83
CA GLU B 819 -31.27 -41.76 -10.95
C GLU B 819 -31.52 -43.26 -11.11
N ALA B 820 -31.34 -43.79 -12.33
CA ALA B 820 -31.38 -45.23 -12.52
C ALA B 820 -30.26 -45.92 -11.76
N PHE B 821 -29.07 -45.31 -11.76
CA PHE B 821 -27.97 -45.80 -10.92
C PHE B 821 -28.28 -45.69 -9.44
N LEU B 822 -29.02 -44.68 -9.05
CA LEU B 822 -29.43 -44.53 -7.65
C LEU B 822 -30.39 -45.63 -7.25
N ILE B 823 -31.31 -46.00 -8.15
CA ILE B 823 -32.20 -47.15 -7.92
C ILE B 823 -31.40 -48.44 -7.85
N THR B 824 -30.37 -48.53 -8.69
CA THR B 824 -29.50 -49.70 -8.72
C THR B 824 -28.74 -49.87 -7.42
N MET B 825 -28.27 -48.78 -6.85
CA MET B 825 -27.57 -48.89 -5.58
C MET B 825 -28.53 -49.06 -4.43
N GLU B 826 -29.75 -48.55 -4.58
CA GLU B 826 -30.73 -48.64 -3.50
C GLU B 826 -31.20 -50.07 -3.29
N LYS B 827 -31.58 -50.75 -4.37
CA LYS B 827 -31.88 -52.17 -4.23
C LYS B 827 -30.60 -52.98 -4.00
N SER B 828 -29.45 -52.51 -4.49
CA SER B 828 -28.18 -53.20 -4.25
C SER B 828 -27.73 -53.10 -2.80
N ILE B 829 -28.31 -52.20 -2.03
CA ILE B 829 -28.18 -52.26 -0.59
C ILE B 829 -28.94 -53.46 -0.06
N GLU B 830 -30.23 -53.55 -0.37
CA GLU B 830 -31.12 -54.52 0.25
C GLU B 830 -30.86 -55.94 -0.22
N ASP B 831 -30.16 -56.10 -1.33
CA ASP B 831 -29.76 -57.41 -1.82
C ASP B 831 -28.38 -57.84 -1.34
N MET B 832 -27.78 -57.12 -0.41
CA MET B 832 -26.46 -57.50 0.08
C MET B 832 -26.50 -58.72 0.99
N THR B 833 -25.61 -59.67 0.70
CA THR B 833 -25.39 -60.81 1.55
C THR B 833 -24.42 -60.45 2.65
N GLU B 834 -24.08 -61.43 3.46
CA GLU B 834 -23.01 -61.21 4.42
C GLU B 834 -21.67 -61.12 3.70
N GLU B 835 -21.53 -61.83 2.57
CA GLU B 835 -20.25 -61.91 1.88
C GLU B 835 -19.85 -60.60 1.25
N ALA B 836 -20.80 -59.95 0.55
CA ALA B 836 -20.57 -58.65 -0.05
C ALA B 836 -20.14 -57.65 1.00
N PHE B 837 -20.94 -57.54 2.06
CA PHE B 837 -20.61 -56.84 3.29
C PHE B 837 -19.19 -57.09 3.80
N GLN B 838 -18.80 -58.35 3.98
CA GLN B 838 -17.52 -58.64 4.65
C GLN B 838 -16.33 -58.36 3.76
N LYS B 839 -16.41 -58.76 2.50
CA LYS B 839 -15.36 -58.42 1.54
C LYS B 839 -15.29 -56.93 1.33
N HIS B 840 -16.42 -56.27 1.44
CA HIS B 840 -16.44 -54.84 1.21
C HIS B 840 -15.82 -54.07 2.36
N ILE B 841 -16.14 -54.47 3.59
CA ILE B 841 -15.56 -53.76 4.71
C ILE B 841 -14.10 -54.09 4.86
N GLN B 842 -13.67 -55.28 4.42
CA GLN B 842 -12.25 -55.53 4.39
C GLN B 842 -11.57 -54.72 3.30
N ALA B 843 -12.27 -54.50 2.19
CA ALA B 843 -11.79 -53.63 1.14
C ALA B 843 -11.57 -52.21 1.65
N LEU B 844 -12.60 -51.61 2.26
CA LEU B 844 -12.44 -50.36 3.01
C LEU B 844 -11.30 -50.38 4.00
N ALA B 845 -11.12 -51.49 4.70
CA ALA B 845 -10.08 -51.58 5.72
C ALA B 845 -8.70 -51.45 5.10
N ILE B 846 -8.44 -52.24 4.07
CA ILE B 846 -7.14 -52.18 3.43
C ILE B 846 -7.01 -50.90 2.61
N ARG B 847 -8.15 -50.36 2.16
CA ARG B 847 -8.19 -49.04 1.54
C ARG B 847 -7.70 -47.98 2.48
N ARG B 848 -8.14 -48.04 3.71
CA ARG B 848 -7.75 -47.03 4.67
C ARG B 848 -6.39 -47.33 5.27
N LEU B 849 -6.17 -48.56 5.69
CA LEU B 849 -4.97 -48.89 6.44
C LEU B 849 -3.74 -48.93 5.56
N ASP B 850 -2.76 -48.11 5.93
CA ASP B 850 -1.39 -48.20 5.44
C ASP B 850 -0.50 -47.36 6.35
N LYS B 851 0.66 -47.92 6.69
CA LYS B 851 1.70 -47.15 7.33
C LYS B 851 2.30 -46.15 6.33
N PRO B 852 2.86 -45.05 6.81
CA PRO B 852 3.49 -44.10 5.88
C PRO B 852 4.75 -44.69 5.27
N LYS B 853 5.23 -44.06 4.21
CA LYS B 853 6.40 -44.60 3.53
C LYS B 853 7.49 -43.56 3.39
N LYS B 854 7.24 -42.34 3.82
CA LYS B 854 8.16 -41.22 3.74
C LYS B 854 7.63 -40.14 4.65
N LEU B 855 8.53 -39.35 5.24
CA LEU B 855 8.15 -38.31 6.19
C LEU B 855 7.27 -37.26 5.52
N SER B 856 7.48 -37.01 4.23
CA SER B 856 6.62 -36.07 3.51
C SER B 856 5.19 -36.59 3.37
N ALA B 857 4.98 -37.90 3.32
CA ALA B 857 3.63 -38.43 3.18
C ALA B 857 2.83 -38.23 4.46
N GLU B 858 3.37 -38.73 5.57
CA GLU B 858 2.73 -38.53 6.87
C GLU B 858 2.67 -37.06 7.25
N SER B 859 3.72 -36.31 6.94
CA SER B 859 3.72 -34.88 7.19
C SER B 859 2.66 -34.18 6.35
N ALA B 860 2.42 -34.67 5.13
CA ALA B 860 1.37 -34.13 4.29
C ALA B 860 0.00 -34.47 4.81
N LYS B 861 -0.13 -35.61 5.46
CA LYS B 861 -1.43 -35.95 6.01
C LYS B 861 -1.69 -35.13 7.27
N TYR B 862 -0.63 -34.89 8.04
CA TYR B 862 -0.77 -34.09 9.25
C TYR B 862 -1.02 -32.65 8.90
N TRP B 863 -0.35 -32.16 7.85
CA TRP B 863 -0.60 -30.80 7.39
C TRP B 863 -2.03 -30.72 6.88
N GLY B 864 -2.47 -31.76 6.15
CA GLY B 864 -3.83 -31.88 5.65
C GLY B 864 -4.87 -31.91 6.74
N GLU B 865 -4.45 -32.18 7.98
CA GLU B 865 -5.32 -32.10 9.14
C GLU B 865 -5.20 -30.73 9.82
N ILE B 866 -4.05 -30.10 9.69
CA ILE B 866 -3.88 -28.79 10.31
C ILE B 866 -4.59 -27.75 9.49
N ILE B 867 -4.65 -27.95 8.17
CA ILE B 867 -5.39 -27.02 7.33
C ILE B 867 -6.89 -27.16 7.54
N SER B 868 -7.36 -28.28 8.06
CA SER B 868 -8.77 -28.38 8.39
C SER B 868 -8.98 -28.08 9.85
N GLN B 869 -7.90 -27.79 10.59
CA GLN B 869 -7.90 -27.38 11.99
C GLN B 869 -8.56 -28.40 12.90
N GLN B 870 -8.58 -29.65 12.49
CA GLN B 870 -9.21 -30.73 13.22
C GLN B 870 -8.29 -31.36 14.25
N TYR B 871 -7.07 -31.73 13.82
CA TYR B 871 -5.98 -32.26 14.64
C TYR B 871 -6.24 -33.68 15.13
N ASN B 872 -7.32 -34.32 14.71
CA ASN B 872 -7.64 -35.65 15.22
C ASN B 872 -6.66 -36.64 14.63
N PHE B 873 -5.55 -36.78 15.34
CA PHE B 873 -4.39 -37.52 14.88
C PHE B 873 -4.64 -39.01 14.84
N ASP B 874 -5.41 -39.53 15.78
CA ASP B 874 -5.79 -40.92 15.76
C ASP B 874 -7.24 -41.12 15.37
N ARG B 875 -7.73 -40.31 14.43
CA ARG B 875 -9.05 -40.61 13.88
C ARG B 875 -9.05 -41.95 13.18
N ASP B 876 -7.92 -42.30 12.57
CA ASP B 876 -7.70 -43.58 11.92
C ASP B 876 -8.14 -44.76 12.75
N ASN B 877 -7.57 -44.89 13.95
CA ASN B 877 -7.85 -46.05 14.79
C ASN B 877 -9.29 -46.04 15.30
N THR B 878 -9.81 -44.87 15.61
CA THR B 878 -11.17 -44.76 16.12
C THR B 878 -12.18 -45.07 15.03
N GLU B 879 -11.95 -44.53 13.86
CA GLU B 879 -12.86 -44.72 12.73
C GLU B 879 -12.84 -46.15 12.26
N VAL B 880 -11.67 -46.79 12.31
CA VAL B 880 -11.58 -48.20 11.96
C VAL B 880 -12.23 -49.05 13.03
N ALA B 881 -12.01 -48.72 14.30
CA ALA B 881 -12.63 -49.43 15.40
C ALA B 881 -14.14 -49.27 15.35
N TYR B 882 -14.61 -48.12 14.90
CA TYR B 882 -16.02 -47.94 14.67
C TYR B 882 -16.46 -48.71 13.45
N LEU B 883 -15.56 -48.88 12.49
CA LEU B 883 -15.95 -49.25 11.14
C LEU B 883 -16.43 -50.69 11.13
N LYS B 884 -15.82 -51.51 11.97
CA LYS B 884 -16.17 -52.91 12.02
C LYS B 884 -17.48 -53.09 12.76
N THR B 885 -17.91 -52.05 13.48
CA THR B 885 -19.15 -52.08 14.23
C THR B 885 -20.28 -51.50 13.38
N LEU B 886 -20.45 -52.07 12.21
CA LEU B 886 -21.58 -51.70 11.39
C LEU B 886 -22.33 -52.93 10.94
N THR B 887 -23.58 -52.70 10.56
CA THR B 887 -24.47 -53.75 10.11
C THR B 887 -24.88 -53.42 8.69
N LYS B 888 -25.63 -54.34 8.10
CA LYS B 888 -26.33 -54.03 6.86
C LYS B 888 -27.36 -52.94 7.10
N GLU B 889 -28.15 -53.11 8.17
CA GLU B 889 -29.18 -52.15 8.54
C GLU B 889 -28.62 -50.82 9.00
N ASP B 890 -27.32 -50.74 9.30
CA ASP B 890 -26.74 -49.48 9.74
C ASP B 890 -26.67 -48.46 8.62
N ILE B 891 -26.48 -48.91 7.39
CA ILE B 891 -26.41 -47.98 6.28
C ILE B 891 -27.77 -47.80 5.63
N ILE B 892 -28.71 -48.73 5.85
CA ILE B 892 -30.09 -48.56 5.43
C ILE B 892 -30.68 -47.36 6.14
N LYS B 893 -30.50 -47.32 7.45
CA LYS B 893 -30.94 -46.19 8.24
C LYS B 893 -30.12 -44.96 7.90
N PHE B 894 -28.91 -45.14 7.39
CA PHE B 894 -28.17 -44.01 6.87
C PHE B 894 -28.73 -43.57 5.53
N TYR B 895 -29.30 -44.50 4.76
CA TYR B 895 -29.64 -44.21 3.38
C TYR B 895 -30.88 -43.36 3.20
N LYS B 896 -31.92 -43.67 3.96
CA LYS B 896 -33.28 -43.36 3.53
C LYS B 896 -33.60 -41.87 3.62
N GLU B 897 -33.36 -41.26 4.78
CA GLU B 897 -33.80 -39.90 5.03
C GLU B 897 -33.14 -38.88 4.12
N MET B 898 -31.89 -39.09 3.72
CA MET B 898 -31.20 -38.17 2.82
C MET B 898 -31.36 -38.49 1.34
N LEU B 899 -31.51 -39.76 0.98
CA LEU B 899 -31.36 -40.17 -0.42
C LEU B 899 -32.64 -40.59 -1.12
N ALA B 900 -33.69 -40.99 -0.41
CA ALA B 900 -34.86 -41.54 -1.08
C ALA B 900 -35.65 -40.43 -1.80
N VAL B 901 -36.69 -40.83 -2.53
CA VAL B 901 -37.46 -39.83 -3.26
C VAL B 901 -38.50 -39.19 -2.36
N ASP B 902 -39.01 -39.93 -1.39
CA ASP B 902 -39.90 -39.41 -0.35
C ASP B 902 -39.11 -39.07 0.90
N ALA B 903 -38.07 -38.29 0.71
CA ALA B 903 -37.16 -38.16 1.83
C ALA B 903 -37.32 -36.81 2.54
N PRO B 904 -37.36 -36.84 3.87
CA PRO B 904 -37.38 -35.59 4.66
C PRO B 904 -36.07 -34.82 4.76
N ARG B 905 -34.92 -35.49 4.73
CA ARG B 905 -33.61 -34.85 4.79
C ARG B 905 -32.92 -34.83 3.44
N ARG B 906 -33.66 -34.88 2.34
CA ARG B 906 -33.05 -34.91 1.02
C ARG B 906 -32.46 -33.55 0.66
N HIS B 907 -31.13 -33.47 0.65
CA HIS B 907 -30.40 -32.27 0.27
C HIS B 907 -29.74 -32.58 -1.07
N LYS B 908 -30.46 -32.33 -2.16
CA LYS B 908 -29.95 -32.64 -3.48
C LYS B 908 -29.89 -31.35 -4.29
N VAL B 909 -28.85 -31.24 -5.11
CA VAL B 909 -28.63 -30.09 -5.98
C VAL B 909 -27.64 -30.48 -7.07
N SER B 910 -27.96 -30.16 -8.30
CA SER B 910 -27.09 -30.50 -9.40
C SER B 910 -26.64 -29.21 -10.07
N VAL B 911 -25.63 -29.31 -10.92
CA VAL B 911 -25.13 -28.18 -11.68
C VAL B 911 -25.00 -28.66 -13.12
N HIS B 912 -25.65 -27.96 -14.04
CA HIS B 912 -25.53 -28.31 -15.44
C HIS B 912 -24.50 -27.42 -16.12
N VAL B 913 -23.56 -28.06 -16.79
CA VAL B 913 -22.61 -27.41 -17.66
C VAL B 913 -23.02 -27.84 -19.05
N LEU B 914 -23.27 -26.87 -19.93
CA LEU B 914 -23.69 -27.25 -21.27
C LEU B 914 -22.51 -27.42 -22.20
N ALA B 915 -22.82 -27.88 -23.39
CA ALA B 915 -21.88 -28.01 -24.47
C ALA B 915 -22.05 -26.75 -25.30
N ARG B 916 -21.25 -26.60 -26.36
CA ARG B 916 -21.32 -25.42 -27.22
C ARG B 916 -22.72 -25.15 -27.83
N GLU B 917 -23.63 -26.12 -27.81
CA GLU B 917 -24.95 -25.95 -28.36
C GLU B 917 -26.03 -26.16 -27.30
N PRO B 944 -38.21 -28.25 -9.22
CA PRO B 944 -37.01 -27.49 -8.86
C PRO B 944 -37.22 -25.99 -8.88
N GLU B 945 -36.17 -25.18 -8.71
CA GLU B 945 -36.31 -23.76 -8.96
C GLU B 945 -35.16 -23.27 -9.84
N VAL B 946 -35.47 -22.24 -10.59
CA VAL B 946 -34.44 -21.55 -11.35
C VAL B 946 -33.66 -20.66 -10.40
N ILE B 947 -32.44 -20.31 -10.78
CA ILE B 947 -31.57 -19.50 -9.95
C ILE B 947 -31.23 -18.27 -10.77
N GLN B 948 -31.92 -17.16 -10.51
CA GLN B 948 -31.68 -15.98 -11.33
C GLN B 948 -30.37 -15.31 -10.91
N ASN B 949 -30.31 -14.78 -9.70
CA ASN B 949 -29.12 -14.13 -9.18
C ASN B 949 -28.61 -15.00 -8.04
N MET B 950 -27.37 -15.44 -8.15
CA MET B 950 -26.81 -16.30 -7.13
C MET B 950 -26.66 -15.58 -5.80
N THR B 951 -26.49 -14.26 -5.81
CA THR B 951 -26.57 -13.51 -4.56
C THR B 951 -27.98 -13.51 -4.00
N GLU B 952 -28.97 -13.22 -4.83
CA GLU B 952 -30.35 -13.28 -4.39
C GLU B 952 -30.82 -14.71 -4.14
N PHE B 953 -30.20 -15.68 -4.80
CA PHE B 953 -30.38 -17.07 -4.41
C PHE B 953 -29.89 -17.31 -2.99
N LYS B 954 -28.62 -16.98 -2.74
CA LYS B 954 -27.99 -17.23 -1.45
C LYS B 954 -28.46 -16.30 -0.35
N ARG B 955 -29.31 -15.33 -0.70
CA ARG B 955 -29.84 -14.35 0.24
C ARG B 955 -30.56 -15.01 1.41
N GLY B 956 -31.63 -15.73 1.14
CA GLY B 956 -32.41 -16.31 2.21
C GLY B 956 -32.19 -17.76 2.60
N LEU B 957 -30.97 -18.26 2.45
CA LEU B 957 -30.62 -19.63 2.84
C LEU B 957 -29.69 -19.65 4.05
N PRO B 958 -29.91 -20.56 5.02
CA PRO B 958 -29.05 -20.60 6.21
C PRO B 958 -27.61 -21.08 5.99
N LEU B 959 -26.83 -21.04 7.08
CA LEU B 959 -25.42 -21.41 7.13
C LEU B 959 -25.11 -22.48 8.17
N PHE B 960 -24.20 -23.38 7.85
CA PHE B 960 -23.85 -24.49 8.72
C PHE B 960 -22.95 -24.01 9.86
N PRO B 961 -22.96 -24.69 11.02
CA PRO B 961 -21.97 -24.37 12.06
C PRO B 961 -20.57 -24.80 11.72
N LEU B 962 -19.63 -24.50 12.60
CA LEU B 962 -18.24 -24.92 12.44
C LEU B 962 -17.94 -26.05 13.43
N VAL B 963 -16.71 -26.55 13.42
CA VAL B 963 -16.30 -27.69 14.25
C VAL B 963 -15.64 -27.19 15.52
N LYS B 964 -16.00 -27.79 16.66
CA LYS B 964 -15.30 -27.51 17.91
C LYS B 964 -13.88 -28.04 17.85
N PRO B 965 -12.86 -27.20 18.05
CA PRO B 965 -11.48 -27.70 17.99
C PRO B 965 -11.19 -28.54 19.23
N HIS B 966 -10.60 -29.72 19.06
CA HIS B 966 -10.37 -30.56 20.23
C HIS B 966 -9.06 -30.16 20.92
N GLU C 1 10.77 42.51 52.50
CA GLU C 1 9.38 42.13 52.72
C GLU C 1 8.97 41.07 51.73
N VAL C 2 9.66 41.06 50.59
CA VAL C 2 9.55 40.03 49.58
C VAL C 2 10.98 39.57 49.28
N GLN C 3 11.22 38.27 49.38
CA GLN C 3 12.58 37.74 49.31
C GLN C 3 12.53 36.43 48.52
N LEU C 4 13.34 36.37 47.48
CA LEU C 4 13.34 35.30 46.47
C LEU C 4 14.57 34.41 46.57
N VAL C 5 14.36 33.22 47.13
CA VAL C 5 15.40 32.25 47.42
C VAL C 5 15.29 31.14 46.40
N GLU C 6 16.17 31.15 45.41
CA GLU C 6 16.24 30.14 44.38
C GLU C 6 17.32 29.14 44.70
N SER C 7 17.24 27.99 44.04
CA SER C 7 18.16 26.87 44.23
C SER C 7 17.90 25.84 43.15
N GLY C 8 18.60 24.72 43.26
CA GLY C 8 18.50 23.63 42.33
C GLY C 8 19.54 23.70 41.24
N GLY C 9 20.21 24.84 41.10
CA GLY C 9 21.23 25.05 40.10
C GLY C 9 22.52 24.33 40.43
N GLY C 10 22.83 23.27 39.69
CA GLY C 10 24.02 22.50 39.97
C GLY C 10 24.86 22.38 38.73
N LEU C 11 25.35 21.17 38.48
CA LEU C 11 26.31 20.92 37.43
C LEU C 11 25.77 19.80 36.56
N VAL C 12 25.86 19.97 35.24
CA VAL C 12 25.30 19.00 34.31
C VAL C 12 26.11 19.03 33.03
N GLN C 13 26.07 17.94 32.30
CA GLN C 13 26.63 17.85 30.97
C GLN C 13 25.55 18.12 29.95
N PRO C 14 25.92 18.35 28.68
CA PRO C 14 24.88 18.48 27.65
C PRO C 14 24.12 17.18 27.48
N GLY C 15 22.86 17.29 27.07
CA GLY C 15 21.97 16.16 27.07
C GLY C 15 21.42 15.80 28.43
N GLY C 16 21.82 16.51 29.48
CA GLY C 16 21.45 16.17 30.83
C GLY C 16 20.24 16.96 31.31
N SER C 17 19.76 16.57 32.48
CA SER C 17 18.56 17.17 33.04
C SER C 17 18.85 17.80 34.39
N LEU C 18 18.20 18.93 34.66
CA LEU C 18 18.30 19.59 35.95
C LEU C 18 16.90 19.99 36.39
N ARG C 19 16.85 20.55 37.60
CA ARG C 19 15.62 21.05 38.16
C ARG C 19 15.99 22.29 38.96
N LEU C 20 15.20 23.34 38.80
CA LEU C 20 15.47 24.61 39.46
C LEU C 20 14.34 24.96 40.40
N SER C 21 14.65 25.82 41.36
CA SER C 21 13.70 26.22 42.38
C SER C 21 13.55 27.73 42.36
N CYS C 22 12.42 28.19 42.87
CA CYS C 22 12.19 29.62 43.11
C CYS C 22 11.16 29.73 44.22
N ALA C 23 11.54 30.35 45.34
CA ALA C 23 10.69 30.46 46.53
C ALA C 23 10.12 31.87 46.63
N ALA C 24 8.89 32.05 46.13
CA ALA C 24 8.22 33.35 46.11
C ALA C 24 7.59 33.68 47.46
N SER C 25 8.46 33.88 48.45
CA SER C 25 7.99 34.21 49.77
C SER C 25 7.58 35.67 49.88
N GLY C 26 6.75 35.94 50.89
CA GLY C 26 6.17 37.24 51.10
C GLY C 26 4.88 37.51 50.36
N PHE C 27 4.57 36.70 49.35
CA PHE C 27 3.34 36.83 48.60
C PHE C 27 3.00 35.47 48.02
N ASN C 28 1.89 35.40 47.31
CA ASN C 28 1.43 34.17 46.72
C ASN C 28 1.67 34.20 45.22
N ILE C 29 2.00 33.04 44.66
CA ILE C 29 2.12 32.97 43.21
C ILE C 29 0.72 33.04 42.63
N SER C 30 -0.28 32.64 43.42
CA SER C 30 -1.69 32.73 43.05
C SER C 30 -2.10 34.17 42.73
N SER C 31 -1.32 35.15 43.17
CA SER C 31 -1.41 36.56 42.80
C SER C 31 -0.71 36.73 41.46
N SER C 32 -0.44 37.99 41.06
CA SER C 32 0.35 38.30 39.87
C SER C 32 1.60 37.44 39.75
N SER C 33 1.84 36.92 38.54
CA SER C 33 2.60 35.68 38.33
C SER C 33 3.99 35.94 37.78
N ILE C 34 4.78 34.87 37.79
CA ILE C 34 6.22 34.96 37.72
C ILE C 34 6.71 34.58 36.33
N HIS C 35 7.97 34.90 36.06
CA HIS C 35 8.62 34.63 34.79
C HIS C 35 9.98 33.99 34.96
N TRP C 36 10.47 33.46 33.85
CA TRP C 36 11.83 32.93 33.76
C TRP C 36 12.69 33.63 32.73
N VAL C 37 13.94 33.82 33.15
CA VAL C 37 14.92 34.66 32.48
C VAL C 37 16.18 33.87 32.18
N ARG C 38 16.50 33.76 30.91
CA ARG C 38 17.82 33.39 30.45
C ARG C 38 18.68 34.64 30.42
N GLN C 39 19.87 34.59 31.02
CA GLN C 39 20.87 35.61 30.71
C GLN C 39 22.28 35.05 30.65
N ALA C 40 22.87 35.03 29.45
CA ALA C 40 24.27 34.64 29.41
C ALA C 40 25.13 35.82 29.88
N PRO C 41 26.30 35.55 30.45
CA PRO C 41 27.20 36.64 30.86
C PRO C 41 27.73 37.41 29.65
N GLY C 42 27.60 38.73 29.70
CA GLY C 42 27.96 39.53 28.56
C GLY C 42 26.97 39.47 27.43
N LYS C 43 25.81 38.84 27.64
CA LYS C 43 24.82 38.69 26.59
C LYS C 43 23.47 39.18 27.09
N GLY C 44 22.44 39.05 26.25
CA GLY C 44 21.11 39.53 26.56
C GLY C 44 20.09 38.49 26.98
N LEU C 45 18.99 39.02 27.51
CA LEU C 45 17.90 38.24 28.08
C LEU C 45 16.97 37.56 27.10
N GLU C 46 16.36 36.48 27.60
CA GLU C 46 15.37 35.67 26.91
C GLU C 46 14.24 35.38 27.87
N TRP C 47 13.02 35.70 27.48
CA TRP C 47 11.90 35.20 28.25
C TRP C 47 11.81 33.72 28.01
N VAL C 48 12.12 32.96 29.03
CA VAL C 48 12.05 31.53 28.89
C VAL C 48 10.62 31.06 29.05
N ALA C 49 10.05 31.33 30.22
CA ALA C 49 8.79 30.69 30.54
C ALA C 49 8.09 31.42 31.67
N SER C 50 6.80 31.13 31.78
CA SER C 50 5.95 31.70 32.79
C SER C 50 4.80 30.75 33.01
N ILE C 51 4.59 30.38 34.24
CA ILE C 51 3.45 29.58 34.59
C ILE C 51 2.45 30.56 35.20
N TYR C 52 1.19 30.23 35.09
CA TYR C 52 0.16 30.87 35.87
C TYR C 52 -0.37 29.86 36.86
N SER C 53 0.14 29.90 38.09
CA SER C 53 -0.11 28.82 39.03
C SER C 53 -1.51 28.90 39.56
N TYR C 54 -2.08 30.07 39.39
CA TYR C 54 -3.44 30.39 39.74
C TYR C 54 -4.39 29.85 38.69
N SER C 55 -3.98 29.77 37.43
CA SER C 55 -4.91 29.29 36.43
C SER C 55 -4.40 28.07 35.70
N GLY C 56 -3.18 27.61 35.98
CA GLY C 56 -2.67 26.43 35.32
C GLY C 56 -2.22 26.71 33.90
N SER C 57 -2.10 27.98 33.54
CA SER C 57 -1.72 28.37 32.20
C SER C 57 -0.21 28.30 31.98
N THR C 58 0.21 27.46 31.04
CA THR C 58 1.62 27.38 30.70
C THR C 58 1.95 28.32 29.56
N TYR C 59 3.17 28.86 29.60
CA TYR C 59 3.68 29.71 28.53
C TYR C 59 5.17 29.45 28.40
N TYR C 60 5.61 28.92 27.27
CA TYR C 60 7.01 28.62 27.01
C TYR C 60 7.53 29.48 25.87
N ALA C 61 8.85 29.53 25.74
CA ALA C 61 9.40 30.21 24.58
C ALA C 61 9.44 29.24 23.40
N ASP C 62 9.66 29.79 22.21
CA ASP C 62 9.73 28.96 21.00
C ASP C 62 11.12 28.41 20.75
N SER C 63 12.14 28.84 21.48
CA SER C 63 13.43 28.25 21.24
C SER C 63 13.55 26.99 22.05
N VAL C 64 12.99 27.03 23.25
CA VAL C 64 13.17 25.95 24.21
C VAL C 64 11.78 25.34 24.35
N LYS C 65 11.03 25.38 23.26
CA LYS C 65 9.70 24.78 23.19
C LYS C 65 9.76 23.27 23.36
N GLY C 66 8.96 22.75 24.27
CA GLY C 66 8.87 21.30 24.40
C GLY C 66 9.92 20.66 25.28
N ARG C 67 11.18 21.04 25.09
CA ARG C 67 12.29 20.40 25.80
C ARG C 67 12.32 20.72 27.29
N PHE C 68 11.71 21.81 27.73
CA PHE C 68 11.81 22.17 29.14
C PHE C 68 10.43 22.12 29.78
N THR C 69 10.41 21.93 31.09
CA THR C 69 9.15 21.70 31.81
C THR C 69 9.08 22.47 33.12
N ILE C 70 8.20 23.42 33.19
CA ILE C 70 8.02 24.24 34.37
C ILE C 70 7.03 23.54 35.29
N SER C 71 7.17 23.75 36.59
CA SER C 71 6.23 23.19 37.55
C SER C 71 6.11 24.16 38.71
N ALA C 72 5.03 24.01 39.46
CA ALA C 72 4.73 24.97 40.50
C ALA C 72 4.04 24.36 41.70
N ASP C 73 4.50 24.74 42.90
CA ASP C 73 3.88 24.33 44.15
C ASP C 73 3.19 25.56 44.71
N THR C 74 1.86 25.56 44.63
CA THR C 74 1.04 26.62 45.18
C THR C 74 0.91 26.53 46.69
N SER C 75 1.09 25.34 47.25
CA SER C 75 0.97 25.16 48.69
C SER C 75 2.14 25.77 49.43
N LYS C 76 3.28 25.91 48.76
CA LYS C 76 4.44 26.57 49.36
C LYS C 76 4.85 27.85 48.64
N ASN C 77 4.04 28.33 47.68
CA ASN C 77 4.30 29.56 46.93
C ASN C 77 5.61 29.49 46.15
N THR C 78 5.85 28.37 45.49
CA THR C 78 7.17 28.12 44.94
C THR C 78 7.06 27.37 43.63
N ALA C 79 7.72 27.91 42.61
CA ALA C 79 7.71 27.35 41.28
C ALA C 79 9.02 26.64 40.99
N TYR C 80 8.99 25.81 39.94
CA TYR C 80 10.15 25.01 39.63
C TYR C 80 10.30 24.87 38.12
N LEU C 81 11.47 24.42 37.70
CA LEU C 81 11.74 24.24 36.28
C LEU C 81 12.54 22.96 36.04
N GLN C 82 11.86 21.92 35.60
CA GLN C 82 12.53 20.74 35.12
C GLN C 82 13.02 21.00 33.70
N MET C 83 14.27 20.64 33.44
CA MET C 83 14.88 20.90 32.16
C MET C 83 15.32 19.58 31.57
N ASN C 84 15.20 19.45 30.25
CA ASN C 84 15.45 18.18 29.57
C ASN C 84 16.09 18.45 28.22
N SER C 85 16.93 17.50 27.78
CA SER C 85 17.59 17.45 26.47
C SER C 85 18.44 18.71 26.28
N LEU C 86 19.16 19.05 27.35
CA LEU C 86 19.90 20.30 27.46
C LEU C 86 21.10 20.36 26.55
N ARG C 87 21.30 21.53 25.94
CA ARG C 87 22.35 21.74 24.96
C ARG C 87 23.31 22.80 25.48
N ALA C 88 24.51 22.83 24.89
CA ALA C 88 25.65 23.58 25.41
C ALA C 88 25.45 25.08 25.38
N GLU C 89 24.45 25.56 24.64
CA GLU C 89 24.11 26.96 24.53
C GLU C 89 23.38 27.48 25.74
N ASP C 90 23.22 26.69 26.79
CA ASP C 90 22.40 27.04 27.93
C ASP C 90 23.25 27.44 29.13
N THR C 91 24.56 27.57 28.93
CA THR C 91 25.48 28.09 29.93
C THR C 91 25.20 29.58 30.14
N ALA C 92 24.55 29.90 31.26
CA ALA C 92 24.08 31.26 31.49
C ALA C 92 23.74 31.46 32.97
N VAL C 93 23.15 32.60 33.28
CA VAL C 93 22.62 32.87 34.61
C VAL C 93 21.12 33.00 34.48
N TYR C 94 20.39 32.35 35.37
CA TYR C 94 18.94 32.19 35.22
C TYR C 94 18.15 32.83 36.35
N TYR C 95 17.62 34.00 36.05
CA TYR C 95 16.80 34.72 37.00
C TYR C 95 15.37 34.22 37.00
N CYS C 96 14.80 34.20 38.19
CA CYS C 96 13.38 34.13 38.41
C CYS C 96 12.91 35.56 38.63
N ALA C 97 11.71 35.86 38.16
CA ALA C 97 11.28 37.26 38.19
C ALA C 97 9.77 37.27 38.25
N ARG C 98 9.23 38.18 39.04
CA ARG C 98 7.79 38.25 39.25
C ARG C 98 7.22 39.49 38.60
N HIS C 99 6.26 39.28 37.72
CA HIS C 99 5.54 40.36 37.08
C HIS C 99 4.49 40.83 38.07
N TYR C 100 4.23 42.12 38.14
CA TYR C 100 3.27 42.54 39.16
C TYR C 100 2.03 43.02 38.45
N SER C 101 1.08 43.50 39.24
CA SER C 101 -0.19 43.96 38.69
C SER C 101 0.04 45.24 37.91
N ALA C 102 0.22 45.06 36.60
CA ALA C 102 0.43 46.11 35.61
C ALA C 102 0.34 45.43 34.25
N VAL C 103 0.26 46.24 33.20
CA VAL C 103 0.18 45.70 31.86
C VAL C 103 1.52 45.09 31.43
N ALA C 104 2.64 45.75 31.74
CA ALA C 104 3.93 45.18 31.43
C ALA C 104 4.84 45.10 32.64
N GLY C 105 4.28 45.29 33.84
CA GLY C 105 5.06 45.47 35.05
C GLY C 105 5.71 44.23 35.61
N LEU C 106 7.02 44.14 35.49
CA LEU C 106 7.84 43.06 36.01
C LEU C 106 8.63 43.69 37.14
N ASP C 107 8.21 43.47 38.38
CA ASP C 107 8.92 44.19 39.43
C ASP C 107 9.96 43.31 40.09
N TYR C 108 9.59 42.13 40.55
CA TYR C 108 10.58 41.41 41.31
C TYR C 108 11.56 40.73 40.38
N TRP C 109 12.67 40.32 40.99
CA TRP C 109 13.76 39.68 40.32
C TRP C 109 14.25 38.66 41.32
N GLY C 110 15.28 37.92 40.98
CA GLY C 110 15.90 37.05 41.95
C GLY C 110 17.39 37.23 42.06
N GLN C 111 17.99 36.38 42.89
CA GLN C 111 19.43 36.33 43.04
C GLN C 111 20.10 35.90 41.76
N GLY C 112 19.38 35.14 40.92
CA GLY C 112 19.93 34.49 39.75
C GLY C 112 20.75 33.28 40.17
N THR C 113 21.16 32.46 39.22
CA THR C 113 22.03 31.35 39.57
C THR C 113 22.92 30.99 38.39
N LEU C 114 24.18 30.71 38.71
CA LEU C 114 25.14 30.41 37.67
C LEU C 114 24.86 29.02 37.13
N VAL C 115 24.67 28.93 35.83
CA VAL C 115 24.50 27.65 35.16
C VAL C 115 25.65 27.56 34.17
N THR C 116 26.19 26.37 33.99
CA THR C 116 27.32 26.23 33.09
C THR C 116 27.29 24.82 32.52
N VAL C 117 27.45 24.74 31.20
CA VAL C 117 27.24 23.51 30.47
C VAL C 117 28.59 23.06 29.97
N PHE C 118 29.01 21.91 30.46
CA PHE C 118 30.37 21.45 30.29
C PHE C 118 30.32 19.96 30.05
N ASN C 119 31.24 19.47 29.23
CA ASN C 119 31.47 18.04 29.29
C ASN C 119 32.26 17.74 30.56
N GLN C 120 33.30 18.53 30.80
CA GLN C 120 34.38 18.20 31.72
C GLN C 120 34.66 19.37 32.64
N ILE C 121 35.26 19.04 33.78
CA ILE C 121 35.73 19.99 34.76
C ILE C 121 37.24 19.89 34.68
N LYS C 122 37.92 21.03 34.62
CA LYS C 122 39.35 20.95 34.47
C LYS C 122 40.09 21.99 35.29
N PRO C 123 41.14 21.59 36.01
CA PRO C 123 41.95 22.56 36.73
C PRO C 123 42.72 23.44 35.78
N PRO C 124 43.11 24.63 36.23
CA PRO C 124 43.83 25.57 35.38
C PRO C 124 45.27 25.14 35.16
N SER C 125 45.90 25.80 34.21
CA SER C 125 47.34 25.73 34.05
C SER C 125 47.88 27.11 34.35
N VAL C 126 48.91 27.19 35.18
CA VAL C 126 49.36 28.45 35.73
C VAL C 126 50.71 28.79 35.13
N PHE C 127 50.74 29.79 34.27
CA PHE C 127 51.98 30.27 33.67
C PHE C 127 52.30 31.69 34.08
N PRO C 128 53.44 31.93 34.71
CA PRO C 128 53.80 33.30 35.08
C PRO C 128 54.15 34.08 33.82
N LEU C 129 53.76 35.35 33.77
CA LEU C 129 54.28 36.19 32.70
C LEU C 129 55.77 36.48 32.84
N ALA C 130 56.40 36.69 31.69
CA ALA C 130 57.85 36.82 31.55
C ALA C 130 58.15 38.20 30.99
N PRO C 131 58.35 39.21 31.84
CA PRO C 131 58.86 40.48 31.32
C PRO C 131 60.34 40.41 30.94
N SER C 132 60.61 40.30 29.64
CA SER C 132 61.98 40.17 29.15
C SER C 132 62.55 41.54 28.75
N SER C 133 63.78 41.50 28.22
CA SER C 133 64.46 42.69 27.71
C SER C 133 63.70 43.38 26.58
N LYS C 134 62.90 42.64 25.82
CA LYS C 134 62.08 43.23 24.78
C LYS C 134 60.88 43.99 25.33
N SER C 135 60.39 43.59 26.52
CA SER C 135 59.31 44.29 27.18
C SER C 135 59.77 45.58 27.85
N THR C 136 61.08 45.75 28.04
CA THR C 136 61.63 46.91 28.72
C THR C 136 61.48 48.14 27.84
N SER C 137 60.48 48.96 28.15
CA SER C 137 60.19 50.16 27.39
C SER C 137 59.65 51.20 28.35
N GLY C 138 60.41 52.26 28.59
CA GLY C 138 59.97 53.30 29.49
C GLY C 138 60.00 52.86 30.95
N GLY C 139 59.66 53.80 31.81
CA GLY C 139 59.61 53.59 33.26
C GLY C 139 58.44 52.76 33.73
N THR C 140 57.50 52.42 32.85
CA THR C 140 56.31 51.67 33.18
C THR C 140 56.40 50.23 32.69
N ALA C 141 55.98 49.29 33.53
CA ALA C 141 56.02 47.87 33.18
C ALA C 141 54.84 47.18 33.85
N ALA C 142 54.79 45.85 33.70
CA ALA C 142 53.76 45.03 34.34
C ALA C 142 54.25 43.59 34.46
N LEU C 143 53.54 42.81 35.29
CA LEU C 143 53.78 41.38 35.41
C LEU C 143 52.49 40.69 35.86
N GLY C 144 52.33 39.44 35.46
CA GLY C 144 51.09 38.73 35.69
C GLY C 144 51.26 37.24 35.68
N CYS C 145 50.13 36.54 35.70
CA CYS C 145 50.08 35.08 35.66
C CYS C 145 48.99 34.63 34.71
N LEU C 146 49.33 33.71 33.81
CA LEU C 146 48.34 33.08 32.93
C LEU C 146 47.61 31.93 33.60
N VAL C 147 46.29 32.07 33.70
CA VAL C 147 45.44 30.99 34.15
C VAL C 147 44.90 30.35 32.87
N LYS C 148 45.21 29.08 32.66
CA LYS C 148 44.94 28.46 31.37
C LYS C 148 44.11 27.20 31.48
N ASP C 149 43.12 27.06 30.58
CA ASP C 149 42.45 25.78 30.29
C ASP C 149 41.68 25.22 31.48
N TYR C 150 40.73 26.01 31.97
CA TYR C 150 39.93 25.53 33.09
C TYR C 150 38.44 25.61 32.77
N PRO C 152 35.07 26.44 35.75
CA PRO C 152 34.06 27.49 35.54
C PRO C 152 34.18 28.66 36.53
N GLU C 153 34.20 28.42 37.84
CA GLU C 153 34.25 29.52 38.81
C GLU C 153 35.69 29.99 38.90
N PRO C 154 35.98 31.25 38.55
CA PRO C 154 37.35 31.75 38.46
C PRO C 154 38.18 31.69 39.72
N VAL C 155 39.48 31.84 39.45
CA VAL C 155 40.53 31.89 40.44
C VAL C 155 40.54 33.24 41.15
N THR C 156 40.45 33.20 42.47
CA THR C 156 40.72 34.39 43.25
C THR C 156 42.23 34.58 43.33
N VAL C 157 42.71 35.72 42.87
CA VAL C 157 44.14 35.96 42.71
C VAL C 157 44.54 37.09 43.62
N SER C 158 45.70 36.95 44.27
CA SER C 158 46.30 38.00 45.06
C SER C 158 47.81 37.91 44.86
N TRP C 159 48.56 38.93 45.25
CA TRP C 159 50.00 39.00 44.95
C TRP C 159 50.78 39.01 46.25
N ASN C 160 51.51 37.91 46.49
CA ASN C 160 52.22 37.66 47.75
C ASN C 160 51.22 37.73 48.88
N SER C 161 50.11 37.01 48.70
CA SER C 161 48.92 37.10 49.54
C SER C 161 48.42 38.55 49.62
N GLY C 162 48.18 39.14 48.46
CA GLY C 162 47.61 40.48 48.45
C GLY C 162 48.53 41.61 48.82
N ALA C 163 49.84 41.48 48.66
CA ALA C 163 50.73 42.58 49.00
C ALA C 163 50.58 43.73 48.01
N LEU C 164 50.85 43.48 46.74
CA LEU C 164 50.65 44.52 45.72
C LEU C 164 49.27 44.38 45.09
N THR C 165 48.31 45.20 45.55
CA THR C 165 46.96 45.22 45.01
C THR C 165 46.71 46.32 44.00
N SER C 166 47.43 47.44 44.06
CA SER C 166 47.19 48.53 43.12
C SER C 166 47.78 48.20 41.77
N GLY C 167 47.09 48.59 40.72
CA GLY C 167 47.56 48.25 39.39
C GLY C 167 47.15 46.89 38.89
N VAL C 168 46.47 46.09 39.73
CA VAL C 168 46.03 44.77 39.33
C VAL C 168 44.92 44.86 38.29
N HIS C 169 45.08 44.14 37.19
CA HIS C 169 44.09 44.12 36.11
C HIS C 169 43.85 42.67 35.74
N THR C 170 42.61 42.24 35.88
CA THR C 170 42.19 40.87 35.58
C THR C 170 41.35 40.85 34.32
N PHE C 171 41.88 40.32 33.29
CA PHE C 171 41.13 40.26 32.04
C PHE C 171 40.16 39.10 32.09
N PRO C 172 38.91 39.30 31.66
CA PRO C 172 37.91 38.22 31.66
C PRO C 172 38.32 37.04 30.79
N ALA C 173 37.97 35.84 31.25
CA ALA C 173 38.34 34.61 30.55
C ALA C 173 37.52 34.44 29.27
N VAL C 174 38.01 33.57 28.40
CA VAL C 174 37.34 33.22 27.14
C VAL C 174 37.10 31.72 27.06
N LEU C 175 35.85 31.34 26.81
CA LEU C 175 35.51 29.94 26.58
C LEU C 175 36.16 29.50 25.28
N GLN C 176 36.94 28.43 25.34
CA GLN C 176 37.60 27.92 24.15
C GLN C 176 36.64 26.98 23.43
N SER C 177 37.14 26.33 22.38
CA SER C 177 36.30 25.38 21.67
C SER C 177 36.19 24.09 22.46
N SER C 178 37.11 23.88 23.40
CA SER C 178 37.19 22.69 24.20
C SER C 178 36.36 22.77 25.47
N GLY C 179 35.49 23.78 25.59
CA GLY C 179 34.78 24.00 26.84
C GLY C 179 35.65 24.46 27.97
N LEU C 180 36.71 25.23 27.68
CA LEU C 180 37.65 25.66 28.70
C LEU C 180 37.85 27.16 28.67
N TYR C 181 38.11 27.72 29.85
CA TYR C 181 38.40 29.13 29.97
C TYR C 181 39.88 29.34 30.16
N SER C 182 40.31 30.56 29.91
CA SER C 182 41.67 30.96 30.21
C SER C 182 41.74 32.46 30.41
N LEU C 183 42.38 32.93 31.47
CA LEU C 183 42.58 34.36 31.55
C LEU C 183 43.94 34.66 32.15
N SER C 184 44.23 35.95 32.22
CA SER C 184 45.39 36.42 32.95
C SER C 184 45.03 37.65 33.76
N SER C 185 45.57 37.70 34.96
CA SER C 185 45.43 38.86 35.81
C SER C 185 46.81 39.49 35.87
N VAL C 186 46.90 40.78 35.60
CA VAL C 186 48.19 41.44 35.50
C VAL C 186 48.20 42.57 36.50
N VAL C 187 49.37 42.90 36.99
CA VAL C 187 49.56 44.10 37.81
C VAL C 187 50.67 44.95 37.21
N THR C 188 50.40 46.25 37.11
CA THR C 188 51.37 47.23 36.61
C THR C 188 52.42 47.55 37.66
N VAL C 189 53.68 47.37 37.30
CA VAL C 189 54.81 47.57 38.21
C VAL C 189 55.74 48.64 37.64
N PRO C 190 56.50 49.34 38.47
CA PRO C 190 57.51 50.25 37.93
C PRO C 190 58.69 49.46 37.37
N SER C 191 59.56 50.18 36.66
CA SER C 191 60.82 49.60 36.22
C SER C 191 61.87 49.60 37.32
N SER C 192 61.64 50.30 38.41
CA SER C 192 62.47 50.18 39.59
C SER C 192 62.24 48.85 40.29
N SER C 193 61.01 48.34 40.22
CA SER C 193 60.56 47.09 40.83
C SER C 193 60.94 45.84 40.05
N LEU C 194 61.61 45.96 38.91
CA LEU C 194 62.06 44.80 38.14
C LEU C 194 63.23 44.06 38.79
N GLY C 195 62.94 42.89 39.39
CA GLY C 195 63.93 42.08 40.10
C GLY C 195 64.26 42.39 41.54
N THR C 196 63.81 43.51 42.10
CA THR C 196 64.04 43.75 43.53
C THR C 196 63.17 42.84 44.41
N GLN C 197 61.85 42.87 44.22
CA GLN C 197 60.95 41.97 44.93
C GLN C 197 60.15 41.14 43.95
N THR C 198 60.17 39.83 44.17
CA THR C 198 59.43 38.89 43.33
C THR C 198 58.05 38.58 43.91
N TYR C 199 57.01 38.94 43.18
CA TYR C 199 55.63 38.87 43.63
C TYR C 199 55.05 37.54 43.18
N ILE C 200 54.16 37.00 44.00
CA ILE C 200 53.60 35.68 43.75
C ILE C 200 52.09 35.78 43.68
N CYS C 201 51.55 35.46 42.51
CA CYS C 201 50.12 35.30 42.33
C CYS C 201 49.62 34.07 43.09
N ASN C 202 48.46 34.20 43.74
CA ASN C 202 48.03 33.20 44.74
C ASN C 202 46.71 32.55 44.33
N VAL C 203 46.86 31.51 43.51
CA VAL C 203 45.77 30.78 42.88
C VAL C 203 44.79 30.17 43.89
N ASN C 204 43.49 30.28 43.61
CA ASN C 204 42.46 29.42 44.20
C ASN C 204 41.43 29.19 43.10
N HIS C 205 41.56 28.09 42.38
CA HIS C 205 40.52 27.62 41.49
C HIS C 205 39.58 26.74 42.29
N LYS C 206 38.36 27.21 42.44
CA LYS C 206 37.45 26.68 43.45
C LYS C 206 36.94 25.26 43.16
N PRO C 207 36.43 24.91 41.96
CA PRO C 207 35.90 23.54 41.82
C PRO C 207 36.98 22.47 41.79
N SER C 208 38.04 22.71 41.05
CA SER C 208 39.13 21.74 41.00
C SER C 208 40.01 21.80 42.24
N ASN C 209 39.81 22.80 43.11
CA ASN C 209 40.52 22.99 44.38
C ASN C 209 42.00 23.17 44.09
N THR C 210 42.27 24.02 43.11
CA THR C 210 43.60 24.23 42.58
C THR C 210 44.16 25.51 43.18
N LYS C 211 45.29 25.38 43.86
CA LYS C 211 45.96 26.49 44.53
C LYS C 211 47.45 26.27 44.29
N VAL C 212 48.06 27.12 43.46
CA VAL C 212 49.48 26.98 43.14
C VAL C 212 50.10 28.37 43.20
N ASP C 213 50.87 28.63 44.25
CA ASP C 213 51.60 29.89 44.39
C ASP C 213 52.68 29.93 43.31
N LYS C 214 52.47 30.79 42.31
CA LYS C 214 53.37 30.92 41.17
C LYS C 214 54.16 32.21 41.20
N LYS C 215 55.48 32.10 41.10
CA LYS C 215 56.34 33.27 41.15
C LYS C 215 56.50 33.80 39.72
N VAL C 216 56.64 35.11 39.61
CA VAL C 216 56.79 35.85 38.35
C VAL C 216 58.20 36.37 38.27
N GLU C 217 58.95 35.88 37.27
CA GLU C 217 60.33 36.26 37.06
C GLU C 217 60.61 36.57 35.61
N PRO C 218 61.52 37.52 35.32
CA PRO C 218 61.98 37.83 33.96
C PRO C 218 62.72 36.67 33.30
N ASP D 1 6.14 37.59 18.07
CA ASP D 1 7.34 37.16 17.37
C ASP D 1 7.84 38.28 16.47
N ILE D 2 6.96 39.24 16.22
CA ILE D 2 7.33 40.39 15.40
C ILE D 2 8.25 41.28 16.22
N GLN D 3 9.42 41.59 15.68
CA GLN D 3 10.49 42.08 16.53
C GLN D 3 10.62 43.61 16.64
N MET D 4 11.64 43.99 17.42
CA MET D 4 11.83 45.31 18.01
C MET D 4 13.16 45.94 17.65
N THR D 5 13.12 47.17 17.14
CA THR D 5 14.30 47.87 16.66
C THR D 5 14.79 48.79 17.78
N GLN D 6 15.81 48.34 18.52
CA GLN D 6 16.30 49.12 19.65
C GLN D 6 17.28 50.17 19.16
N SER D 7 16.92 51.44 19.28
CA SER D 7 17.79 52.50 18.85
C SER D 7 18.15 53.42 20.01
N PRO D 8 19.43 53.74 20.22
CA PRO D 8 20.63 53.34 19.50
C PRO D 8 21.14 52.00 19.98
N SER D 9 22.38 51.66 19.63
CA SER D 9 23.01 50.47 20.17
C SER D 9 23.62 50.76 21.53
N SER D 10 24.34 51.88 21.63
CA SER D 10 24.92 52.39 22.86
C SER D 10 25.31 53.82 22.59
N LEU D 11 25.73 54.52 23.64
CA LEU D 11 26.26 55.88 23.52
C LEU D 11 27.13 56.18 24.74
N SER D 12 27.71 57.38 24.73
CA SER D 12 28.56 57.89 25.80
C SER D 12 28.18 59.35 26.03
N ALA D 13 27.92 59.71 27.27
CA ALA D 13 27.49 61.06 27.64
C ALA D 13 27.86 61.29 29.10
N SER D 14 27.82 62.55 29.53
CA SER D 14 28.27 62.90 30.86
C SER D 14 27.09 63.20 31.79
N VAL D 15 27.42 63.51 33.05
CA VAL D 15 26.44 63.78 34.11
C VAL D 15 25.66 65.05 33.81
N GLY D 16 24.42 64.89 33.34
CA GLY D 16 23.68 66.09 33.05
C GLY D 16 23.29 66.15 31.59
N ASP D 17 22.95 65.02 30.98
CA ASP D 17 22.64 65.04 29.56
C ASP D 17 21.43 64.18 29.29
N ARG D 18 20.42 64.79 28.69
CA ARG D 18 19.24 64.06 28.29
C ARG D 18 19.60 62.98 27.28
N VAL D 19 19.08 61.77 27.51
CA VAL D 19 19.41 60.60 26.71
C VAL D 19 18.07 59.99 26.29
N THR D 20 17.59 60.38 25.12
CA THR D 20 16.35 59.82 24.64
C THR D 20 16.69 58.58 23.85
N ILE D 21 16.01 57.48 24.19
CA ILE D 21 16.28 56.18 23.61
C ILE D 21 14.99 55.65 23.06
N THR D 22 14.95 55.44 21.75
CA THR D 22 13.76 54.98 21.07
C THR D 22 13.83 53.50 20.77
N CYS D 23 12.93 52.73 21.35
CA CYS D 23 12.72 51.45 20.74
C CYS D 23 11.69 51.64 19.65
N ARG D 24 11.83 50.87 18.58
CA ARG D 24 11.02 51.04 17.41
C ARG D 24 10.33 49.72 17.18
N ALA D 25 9.00 49.73 17.30
CA ALA D 25 8.24 48.51 17.07
C ALA D 25 7.92 48.29 15.61
N SER D 26 7.76 47.02 15.29
CA SER D 26 7.28 46.62 13.99
C SER D 26 5.76 46.66 13.93
N GLN D 27 5.10 46.48 15.07
CA GLN D 27 3.64 46.48 15.14
C GLN D 27 3.15 47.61 16.01
N SER D 28 1.83 47.79 16.03
CA SER D 28 1.21 48.80 16.88
C SER D 28 0.96 48.16 18.23
N VAL D 29 1.85 48.42 19.19
CA VAL D 29 1.73 47.82 20.51
C VAL D 29 0.75 48.73 21.23
N SER D 30 0.27 48.33 22.38
CA SER D 30 -0.74 49.07 23.14
C SER D 30 -0.14 49.50 24.47
N SER D 31 1.15 49.88 24.43
CA SER D 31 1.99 50.37 25.54
C SER D 31 2.49 49.22 26.39
N ALA D 32 2.42 48.01 25.87
CA ALA D 32 2.84 46.81 26.59
C ALA D 32 4.34 46.60 26.39
N VAL D 33 5.11 47.51 26.98
CA VAL D 33 6.55 47.58 26.83
C VAL D 33 7.18 47.96 28.17
N ALA D 34 8.26 47.27 28.54
CA ALA D 34 8.95 47.58 29.78
C ALA D 34 10.43 47.84 29.51
N TRP D 35 10.88 49.04 29.88
CA TRP D 35 12.29 49.38 29.92
C TRP D 35 12.99 48.83 31.15
N TYR D 36 14.20 48.31 30.97
CA TYR D 36 14.93 47.63 32.02
C TYR D 36 16.24 48.27 32.38
N GLN D 37 16.81 47.79 33.50
CA GLN D 37 18.07 48.28 34.05
C GLN D 37 18.87 47.22 34.78
N GLN D 38 20.08 46.89 34.35
CA GLN D 38 20.85 45.88 35.06
C GLN D 38 22.25 46.41 35.34
N LYS D 39 22.59 46.46 36.56
CA LYS D 39 23.83 46.89 37.15
C LYS D 39 24.79 45.70 37.24
N PRO D 40 26.09 45.97 37.10
CA PRO D 40 27.07 44.87 37.12
C PRO D 40 27.14 44.19 38.46
N GLY D 41 27.17 42.86 38.41
CA GLY D 41 27.19 42.05 39.60
C GLY D 41 25.91 42.14 40.38
N LYS D 42 24.83 42.57 39.75
CA LYS D 42 23.57 42.79 40.44
C LYS D 42 22.38 42.34 39.62
N ALA D 43 21.29 42.11 40.33
CA ALA D 43 20.01 41.73 39.74
C ALA D 43 19.48 42.90 38.92
N PRO D 44 18.74 42.61 37.85
CA PRO D 44 18.22 43.70 37.00
C PRO D 44 17.09 44.48 37.66
N LYS D 45 16.69 45.54 36.98
CA LYS D 45 15.67 46.47 37.46
C LYS D 45 14.79 46.92 36.31
N LEU D 46 13.52 47.11 36.63
CA LEU D 46 12.51 47.72 35.77
C LEU D 46 12.61 49.25 35.79
N LEU D 47 12.96 49.86 34.65
CA LEU D 47 12.86 51.31 34.56
C LEU D 47 11.40 51.76 34.39
N ILE D 48 10.77 51.38 33.30
CA ILE D 48 9.51 51.98 32.88
C ILE D 48 8.51 50.87 32.68
N TYR D 49 7.35 51.00 33.30
CA TYR D 49 6.23 50.12 33.05
C TYR D 49 5.17 50.89 32.30
N SER D 50 4.34 50.13 31.58
CA SER D 50 3.26 50.63 30.74
C SER D 50 3.78 51.51 29.61
N ALA D 51 5.07 51.35 29.30
CA ALA D 51 5.84 52.01 28.24
C ALA D 51 5.93 53.52 28.38
N SER D 52 5.38 54.08 29.45
CA SER D 52 5.50 55.50 29.72
C SER D 52 5.71 55.83 31.19
N SER D 53 5.48 54.90 32.11
CA SER D 53 5.30 55.25 33.50
C SER D 53 6.50 54.86 34.34
N LEU D 54 6.74 55.66 35.37
CA LEU D 54 7.82 55.47 36.30
C LEU D 54 7.22 54.81 37.53
N TYR D 55 7.79 53.70 37.94
CA TYR D 55 7.34 53.06 39.16
C TYR D 55 7.82 53.81 40.39
N SER D 56 6.96 53.82 41.40
CA SER D 56 7.23 54.56 42.62
C SER D 56 8.33 53.85 43.39
N GLY D 57 9.36 54.61 43.76
CA GLY D 57 10.50 54.05 44.44
C GLY D 57 11.70 54.15 43.56
N VAL D 58 11.56 54.85 42.44
CA VAL D 58 12.62 55.05 41.46
C VAL D 58 12.79 56.54 41.28
N PRO D 59 14.03 57.04 41.23
CA PRO D 59 14.26 58.45 40.95
C PRO D 59 13.76 58.89 39.59
N SER D 60 13.46 60.18 39.49
CA SER D 60 12.71 60.81 38.41
C SER D 60 13.60 61.27 37.27
N ARG D 61 14.68 60.56 36.98
CA ARG D 61 15.55 60.93 35.87
C ARG D 61 15.15 60.20 34.61
N PHE D 62 13.87 59.87 34.46
CA PHE D 62 13.42 59.08 33.34
C PHE D 62 12.01 59.51 32.97
N SER D 63 11.70 59.43 31.68
CA SER D 63 10.33 59.68 31.22
C SER D 63 10.16 58.97 29.90
N GLY D 64 9.27 57.99 29.85
CA GLY D 64 8.96 57.38 28.57
C GLY D 64 8.06 58.26 27.74
N SER D 65 7.87 57.84 26.49
CA SER D 65 7.06 58.59 25.55
C SER D 65 6.58 57.62 24.48
N ARG D 66 5.26 57.49 24.36
CA ARG D 66 4.67 56.59 23.39
C ARG D 66 4.35 57.39 22.12
N SER D 67 5.11 57.13 21.05
CA SER D 67 4.94 57.81 19.78
C SER D 67 4.48 56.81 18.74
N GLY D 68 3.16 56.57 18.73
CA GLY D 68 2.55 55.60 17.84
C GLY D 68 3.10 54.20 18.07
N THR D 69 3.70 53.60 17.05
CA THR D 69 4.29 52.28 17.24
C THR D 69 5.60 52.35 18.01
N ASP D 70 6.37 53.40 17.81
CA ASP D 70 7.69 53.53 18.40
C ASP D 70 7.60 54.21 19.75
N TYR D 71 8.36 53.72 20.70
CA TYR D 71 8.30 54.25 22.06
C TYR D 71 9.69 54.73 22.43
N THR D 72 9.76 55.82 23.18
CA THR D 72 11.04 56.46 23.44
C THR D 72 11.17 56.83 24.90
N LEU D 73 12.20 56.29 25.53
CA LEU D 73 12.58 56.65 26.89
C LEU D 73 13.52 57.84 26.92
N THR D 74 13.11 58.90 27.61
CA THR D 74 13.87 60.13 27.73
C THR D 74 14.51 60.10 29.11
N ILE D 75 15.83 60.16 29.15
CA ILE D 75 16.56 60.14 30.41
C ILE D 75 17.12 61.52 30.72
N SER D 76 16.28 62.35 31.33
CA SER D 76 16.50 63.77 31.62
C SER D 76 17.91 64.17 32.06
N SER D 77 18.36 63.62 33.19
CA SER D 77 19.65 63.98 33.76
C SER D 77 20.38 62.71 34.13
N LEU D 78 21.60 62.59 33.64
CA LEU D 78 22.44 61.45 33.96
C LEU D 78 23.04 61.55 35.35
N GLN D 79 23.51 60.41 35.85
CA GLN D 79 24.08 60.27 37.18
C GLN D 79 25.37 59.46 37.08
N PRO D 80 26.27 59.57 38.07
CA PRO D 80 27.49 58.73 38.05
C PRO D 80 27.23 57.24 38.24
N GLU D 81 26.09 56.88 38.80
CA GLU D 81 25.65 55.50 38.97
C GLU D 81 24.70 55.02 37.87
N ASP D 82 24.29 55.89 36.96
CA ASP D 82 23.38 55.58 35.87
C ASP D 82 24.08 55.01 34.64
N PHE D 83 24.84 53.93 34.84
CA PHE D 83 25.57 53.27 33.74
C PHE D 83 25.21 51.79 33.72
N ALA D 84 24.13 51.44 33.02
CA ALA D 84 23.66 50.07 33.06
C ALA D 84 23.00 49.74 31.73
N THR D 85 22.82 48.45 31.46
CA THR D 85 22.21 48.09 30.19
C THR D 85 20.73 48.35 30.27
N TYR D 86 20.21 49.00 29.24
CA TYR D 86 18.82 49.39 29.22
C TYR D 86 18.20 49.01 27.90
N TYR D 87 16.94 48.58 27.92
CA TYR D 87 16.25 48.11 26.72
C TYR D 87 14.81 47.87 27.09
N CYS D 88 13.99 47.75 26.07
CA CYS D 88 12.55 47.59 26.18
C CYS D 88 12.20 46.12 26.13
N GLN D 89 10.97 45.82 26.53
CA GLN D 89 10.46 44.46 26.56
C GLN D 89 9.03 44.51 26.03
N GLN D 90 8.83 44.35 24.73
CA GLN D 90 7.49 43.99 24.29
C GLN D 90 7.00 42.74 25.00
N SER D 91 5.77 42.80 25.45
CA SER D 91 5.09 41.65 26.04
C SER D 91 3.69 41.65 25.50
N TYR D 92 3.21 40.49 25.06
CA TYR D 92 1.82 40.15 24.84
C TYR D 92 1.64 38.72 25.30
N PHE D 93 0.42 38.22 25.18
CA PHE D 93 0.26 36.78 25.25
C PHE D 93 1.00 36.10 24.12
N ASN D 94 1.17 36.82 23.01
CA ASN D 94 2.09 36.46 21.97
C ASN D 94 3.49 36.48 22.57
N PRO D 95 4.46 35.77 21.96
CA PRO D 95 5.79 35.69 22.56
C PRO D 95 6.50 37.02 22.76
N ILE D 96 7.35 37.01 23.77
CA ILE D 96 7.88 38.22 24.37
C ILE D 96 9.17 38.61 23.68
N THR D 97 9.26 39.86 23.24
CA THR D 97 10.54 40.31 22.70
C THR D 97 11.21 41.23 23.71
N PHE D 98 12.47 41.53 23.44
CA PHE D 98 13.26 42.45 24.23
C PHE D 98 13.97 43.40 23.28
N GLY D 99 14.72 44.29 23.86
CA GLY D 99 15.69 45.01 23.07
C GLY D 99 16.99 44.24 22.98
N GLN D 100 17.89 44.77 22.16
CA GLN D 100 19.18 44.16 21.90
C GLN D 100 20.22 44.54 22.94
N GLY D 101 19.84 45.37 23.92
CA GLY D 101 20.72 45.79 24.98
C GLY D 101 21.40 47.10 24.63
N THR D 102 21.37 48.07 25.54
CA THR D 102 22.07 49.33 25.37
C THR D 102 22.86 49.63 26.64
N LYS D 103 24.17 49.57 26.52
CA LYS D 103 25.06 49.85 27.63
C LYS D 103 25.40 51.32 27.63
N VAL D 104 25.39 51.90 28.82
CA VAL D 104 25.64 53.32 29.02
C VAL D 104 27.04 53.49 29.56
N GLU D 105 27.83 54.27 28.84
CA GLU D 105 29.19 54.56 29.25
C GLU D 105 29.38 56.06 29.31
N ILE D 106 30.54 56.46 29.80
CA ILE D 106 30.80 57.83 30.19
C ILE D 106 31.62 58.50 29.10
N LYS D 107 31.62 59.84 29.12
CA LYS D 107 32.55 60.58 28.30
C LYS D 107 33.79 60.85 29.13
N ARG D 108 34.94 60.67 28.50
CA ARG D 108 36.23 60.88 29.11
C ARG D 108 37.10 61.49 28.04
N THR D 109 38.26 62.01 28.44
CA THR D 109 39.21 62.55 27.48
C THR D 109 39.75 61.41 26.61
N VAL D 110 40.44 61.79 25.53
CA VAL D 110 41.03 60.79 24.65
C VAL D 110 42.26 60.25 25.37
N ALA D 111 42.16 59.04 25.88
CA ALA D 111 43.22 58.41 26.62
C ALA D 111 43.94 57.41 25.72
N ALA D 112 45.23 57.61 25.57
CA ALA D 112 46.03 56.72 24.75
C ALA D 112 46.46 55.52 25.59
N PRO D 113 46.53 54.33 24.99
CA PRO D 113 46.87 53.13 25.78
C PRO D 113 48.34 53.07 26.14
N SER D 114 48.66 52.13 27.01
CA SER D 114 50.04 51.83 27.36
C SER D 114 50.33 50.45 26.80
N VAL D 115 51.35 50.36 25.96
CA VAL D 115 51.54 49.22 25.08
C VAL D 115 52.71 48.40 25.60
N PHE D 116 52.42 47.19 26.06
CA PHE D 116 53.41 46.23 26.51
C PHE D 116 53.18 44.96 25.70
N ILE D 117 54.06 43.98 25.88
CA ILE D 117 53.93 42.71 25.19
C ILE D 117 54.64 41.69 26.07
N PHE D 118 54.28 40.42 25.91
CA PHE D 118 54.81 39.38 26.78
C PHE D 118 55.05 38.05 26.11
N PRO D 119 56.32 37.66 25.95
CA PRO D 119 56.65 36.44 25.21
C PRO D 119 56.31 35.21 26.05
N PRO D 120 56.16 34.04 25.43
CA PRO D 120 55.89 32.83 26.21
C PRO D 120 57.14 32.37 26.96
N SER D 121 56.90 31.63 28.04
CA SER D 121 57.99 31.14 28.87
C SER D 121 58.54 29.83 28.32
N ASP D 122 59.54 29.29 29.03
CA ASP D 122 60.26 28.13 28.53
C ASP D 122 59.46 26.86 28.74
N GLU D 123 58.98 26.66 29.96
CA GLU D 123 58.21 25.47 30.30
C GLU D 123 56.83 25.48 29.66
N GLN D 124 56.33 26.67 29.32
CA GLN D 124 55.16 26.76 28.45
C GLN D 124 55.46 26.13 27.10
N LEU D 125 56.64 26.39 26.55
CA LEU D 125 57.07 25.73 25.32
C LEU D 125 57.37 24.26 25.56
N LYS D 126 57.70 23.88 26.80
CA LYS D 126 57.85 22.49 27.15
C LYS D 126 56.51 21.81 27.39
N SER D 127 55.41 22.56 27.34
CA SER D 127 54.07 22.02 27.37
C SER D 127 53.44 21.97 25.98
N GLY D 128 54.22 22.28 24.95
CA GLY D 128 53.69 22.38 23.60
C GLY D 128 52.79 23.58 23.44
N THR D 129 53.17 24.71 24.01
CA THR D 129 52.32 25.88 24.05
C THR D 129 53.16 27.13 23.87
N ALA D 130 52.73 28.02 22.99
CA ALA D 130 53.35 29.33 22.84
C ALA D 130 52.24 30.35 22.85
N SER D 131 52.43 31.43 23.61
CA SER D 131 51.44 32.49 23.65
C SER D 131 52.13 33.81 23.89
N VAL D 132 51.72 34.83 23.15
CA VAL D 132 52.30 36.16 23.26
C VAL D 132 51.19 37.13 23.62
N VAL D 133 51.33 37.74 24.78
CA VAL D 133 50.28 38.61 25.31
C VAL D 133 50.72 40.05 25.09
N CYS D 134 50.12 40.69 24.09
CA CYS D 134 50.30 42.11 23.89
C CYS D 134 49.34 42.85 24.81
N LEU D 135 49.87 43.83 25.53
CA LEU D 135 49.11 44.50 26.57
C LEU D 135 48.72 45.91 26.15
N LEU D 136 47.50 46.27 26.48
CA LEU D 136 47.04 47.66 26.45
C LEU D 136 46.46 47.99 27.81
N ASN D 137 46.65 49.23 28.21
CA ASN D 137 46.09 49.69 29.47
C ASN D 137 45.79 51.17 29.36
N ASN D 138 44.70 51.58 30.04
CA ASN D 138 44.34 52.98 30.27
C ASN D 138 44.02 53.73 28.98
N PHE D 139 43.27 53.12 28.08
CA PHE D 139 42.82 53.81 26.88
C PHE D 139 41.33 54.09 26.91
N TYR D 140 40.96 55.23 26.35
CA TYR D 140 39.61 55.64 26.15
C TYR D 140 39.63 56.28 24.77
N PRO D 141 38.65 55.99 23.92
CA PRO D 141 37.50 55.08 24.10
C PRO D 141 37.80 53.65 23.69
N ARG D 142 36.75 52.84 23.79
CA ARG D 142 36.81 51.40 23.53
C ARG D 142 37.29 51.09 22.11
N GLU D 143 37.04 51.97 21.16
CA GLU D 143 37.34 51.72 19.75
C GLU D 143 38.84 51.80 19.51
N ALA D 144 39.42 50.65 19.21
CA ALA D 144 40.83 50.51 18.89
C ALA D 144 40.95 49.47 17.78
N LYS D 145 42.20 49.14 17.45
CA LYS D 145 42.48 48.14 16.44
C LYS D 145 43.85 47.57 16.75
N VAL D 146 43.90 46.27 17.01
CA VAL D 146 45.18 45.60 17.23
C VAL D 146 45.23 44.41 16.30
N GLN D 147 46.23 44.38 15.45
CA GLN D 147 46.42 43.29 14.54
C GLN D 147 47.79 42.68 14.82
N TRP D 148 47.96 41.44 14.39
CA TRP D 148 49.17 40.72 14.72
C TRP D 148 50.01 40.57 13.47
N LYS D 149 51.32 40.58 13.67
CA LYS D 149 52.25 40.33 12.58
C LYS D 149 53.17 39.27 13.15
N VAL D 150 53.08 38.07 12.60
CA VAL D 150 53.89 36.95 13.03
C VAL D 150 54.85 36.65 11.89
N ASP D 151 56.11 37.01 12.09
CA ASP D 151 57.11 37.17 11.02
C ASP D 151 56.50 38.06 9.93
N ASN D 152 55.94 39.20 10.39
CA ASN D 152 55.27 40.19 9.56
C ASN D 152 54.07 39.63 8.79
N ALA D 153 53.37 38.63 9.35
CA ALA D 153 52.23 38.02 8.69
C ALA D 153 51.01 38.05 9.59
N LEU D 154 49.88 38.50 9.03
CA LEU D 154 48.66 38.62 9.80
C LEU D 154 48.10 37.24 10.13
N GLN D 155 47.66 37.08 11.37
CA GLN D 155 47.14 35.80 11.83
C GLN D 155 45.75 36.00 12.38
N SER D 156 44.95 34.92 12.34
CA SER D 156 43.59 34.93 12.84
C SER D 156 43.19 33.52 13.25
N GLY D 157 42.35 33.42 14.28
CA GLY D 157 41.74 32.16 14.70
C GLY D 157 42.23 31.64 16.04
N ASN D 158 43.44 32.02 16.45
CA ASN D 158 44.02 31.49 17.68
C ASN D 158 44.44 32.58 18.64
N SER D 159 44.19 33.84 18.29
CA SER D 159 44.45 34.97 19.15
C SER D 159 43.10 35.51 19.62
N GLN D 160 43.12 36.24 20.74
CA GLN D 160 41.88 36.61 21.43
C GLN D 160 42.10 37.93 22.15
N GLU D 161 41.29 38.92 21.76
CA GLU D 161 41.33 40.27 22.33
C GLU D 161 40.43 40.32 23.55
N SER D 162 40.99 39.94 24.69
CA SER D 162 40.29 40.15 25.95
C SER D 162 40.33 41.64 26.27
N VAL D 163 39.18 42.29 26.13
CA VAL D 163 39.04 43.72 26.31
C VAL D 163 38.29 43.97 27.61
N THR D 164 38.88 44.74 28.51
CA THR D 164 38.14 45.05 29.73
C THR D 164 37.04 46.07 29.43
N GLU D 165 36.14 46.21 30.39
CA GLU D 165 35.04 47.15 30.28
C GLU D 165 35.42 48.46 30.96
N GLN D 166 34.44 49.36 31.02
CA GLN D 166 34.53 50.64 31.72
C GLN D 166 34.97 50.41 33.15
N ASP D 167 36.12 50.96 33.50
CA ASP D 167 36.69 50.78 34.83
C ASP D 167 35.88 51.51 35.89
N SER D 168 35.68 50.84 37.01
CA SER D 168 34.99 51.45 38.13
C SER D 168 35.85 52.53 38.80
N LYS D 169 37.16 52.50 38.59
CA LYS D 169 38.05 53.48 39.21
C LYS D 169 38.10 54.78 38.41
N ASP D 170 38.52 54.69 37.15
CA ASP D 170 38.71 55.88 36.34
C ASP D 170 38.06 55.79 34.96
N SER D 171 37.31 54.71 34.69
CA SER D 171 36.67 54.43 33.39
C SER D 171 37.68 54.40 32.24
N THR D 172 38.78 53.71 32.48
CA THR D 172 39.75 53.40 31.45
C THR D 172 39.66 51.94 31.07
N TYR D 173 40.14 51.63 29.88
CA TYR D 173 40.02 50.28 29.35
C TYR D 173 41.42 49.68 29.26
N SER D 174 41.50 48.38 29.53
CA SER D 174 42.74 47.64 29.35
C SER D 174 42.49 46.50 28.38
N LEU D 175 43.28 46.43 27.32
CA LEU D 175 43.13 45.35 26.36
C LEU D 175 44.29 44.38 26.48
N SER D 176 44.02 43.13 26.13
CA SER D 176 45.04 42.11 26.08
C SER D 176 44.70 41.21 24.90
N SER D 177 45.70 40.95 24.06
CA SER D 177 45.57 39.98 22.99
C SER D 177 46.62 38.90 23.17
N THR D 178 46.18 37.65 23.10
CA THR D 178 47.08 36.55 23.41
C THR D 178 47.25 35.77 22.13
N LEU D 179 48.41 35.95 21.52
CA LEU D 179 48.84 35.23 20.34
C LEU D 179 49.21 33.80 20.72
N THR D 180 48.20 32.97 20.95
CA THR D 180 48.45 31.55 21.20
C THR D 180 48.96 30.88 19.92
N LEU D 181 50.10 30.19 20.03
CA LEU D 181 50.72 29.56 18.87
C LEU D 181 51.45 28.27 19.25
N SER D 182 51.95 27.59 18.20
CA SER D 182 52.79 26.40 18.32
C SER D 182 54.26 26.79 18.43
N LYS D 183 55.08 25.82 18.88
CA LYS D 183 56.52 26.04 18.88
C LYS D 183 57.13 25.98 17.48
N ALA D 184 56.53 25.17 16.60
CA ALA D 184 56.98 25.09 15.21
C ALA D 184 56.77 26.37 14.43
N ASP D 185 55.83 27.19 14.87
CA ASP D 185 55.69 28.53 14.32
C ASP D 185 56.38 29.56 15.21
N TYR D 186 56.79 29.18 16.41
CA TYR D 186 57.49 30.10 17.29
C TYR D 186 58.94 30.29 16.88
N GLU D 187 59.68 29.20 16.76
CA GLU D 187 61.09 29.31 16.38
C GLU D 187 61.26 29.67 14.92
N LYS D 188 60.24 29.43 14.10
CA LYS D 188 60.28 29.81 12.70
C LYS D 188 60.06 31.30 12.52
N HIS D 189 58.93 31.80 13.01
CA HIS D 189 58.56 33.20 12.84
C HIS D 189 59.36 34.08 13.78
N LYS D 190 60.23 34.92 13.22
CA LYS D 190 61.06 35.80 14.03
C LYS D 190 60.43 37.14 14.39
N VAL D 191 59.47 37.68 13.64
CA VAL D 191 59.03 39.05 13.86
C VAL D 191 57.65 39.03 14.49
N TYR D 192 57.55 39.58 15.69
CA TYR D 192 56.32 39.56 16.46
C TYR D 192 55.82 40.98 16.70
N ALA D 193 55.10 41.52 15.73
CA ALA D 193 54.69 42.91 15.81
C ALA D 193 53.24 42.99 16.28
N CYS D 194 52.95 44.00 17.11
CA CYS D 194 51.64 44.22 17.70
C CYS D 194 51.02 45.53 17.22
N GLU D 195 50.20 45.46 16.17
CA GLU D 195 49.71 46.66 15.48
C GLU D 195 48.69 47.46 16.27
N VAL D 196 49.10 48.03 17.40
CA VAL D 196 48.19 48.78 18.28
C VAL D 196 47.73 50.06 17.60
N THR D 197 46.48 50.10 17.16
CA THR D 197 45.93 51.34 16.61
C THR D 197 44.76 51.76 17.49
N HIS D 198 44.90 52.91 18.15
CA HIS D 198 43.85 53.48 18.98
C HIS D 198 43.60 54.92 18.48
N GLN D 199 42.61 55.58 19.04
CA GLN D 199 42.43 57.01 18.82
C GLN D 199 43.55 57.82 19.45
N GLY D 200 43.89 57.53 20.71
CA GLY D 200 44.98 58.24 21.37
C GLY D 200 46.34 57.92 20.81
N LEU D 201 46.62 56.64 20.56
CA LEU D 201 47.82 56.26 19.81
C LEU D 201 47.44 56.03 18.36
N SER D 202 47.15 57.15 17.70
CA SER D 202 46.85 57.12 16.28
C SER D 202 48.05 56.67 15.47
N SER D 203 49.25 57.06 15.88
CA SER D 203 50.45 56.42 15.35
C SER D 203 50.59 55.04 15.96
N PRO D 204 50.55 53.96 15.17
CA PRO D 204 50.67 52.62 15.76
C PRO D 204 52.09 52.29 16.16
N VAL D 205 52.24 51.60 17.29
CA VAL D 205 53.55 51.18 17.75
C VAL D 205 53.52 49.67 17.94
N THR D 206 54.44 48.98 17.28
CA THR D 206 54.52 47.53 17.31
C THR D 206 55.86 47.11 17.91
N LYS D 207 55.84 46.51 19.10
CA LYS D 207 57.08 46.03 19.68
C LYS D 207 57.52 44.73 19.00
N SER D 208 58.16 44.88 17.83
CA SER D 208 58.69 43.73 17.11
C SER D 208 59.80 43.09 17.93
N PHE D 209 59.70 41.79 18.17
CA PHE D 209 60.69 41.11 18.99
C PHE D 209 61.02 39.73 18.43
N ASN D 210 62.32 39.45 18.33
CA ASN D 210 62.79 38.15 17.85
C ASN D 210 62.80 37.20 19.03
N ARG D 211 61.76 36.36 19.09
CA ARG D 211 61.47 35.32 20.10
C ARG D 211 62.02 35.50 21.52
N GLU E 1 33.38 -15.26 -62.19
CA GLU E 1 33.54 -16.22 -61.11
C GLU E 1 32.50 -15.95 -60.05
N VAL E 2 32.05 -14.68 -60.05
CA VAL E 2 30.98 -14.18 -59.21
C VAL E 2 29.96 -13.49 -60.10
N GLN E 3 28.70 -13.83 -59.92
CA GLN E 3 27.62 -13.30 -60.74
C GLN E 3 26.46 -13.08 -59.79
N LEU E 4 26.15 -11.82 -59.53
CA LEU E 4 25.05 -11.44 -58.64
C LEU E 4 24.04 -10.64 -59.45
N VAL E 5 23.01 -11.34 -59.93
CA VAL E 5 21.99 -10.74 -60.78
C VAL E 5 20.75 -10.55 -59.92
N GLU E 6 20.61 -9.38 -59.31
CA GLU E 6 19.39 -9.05 -58.61
C GLU E 6 18.51 -8.20 -59.52
N SER E 7 17.21 -8.45 -59.45
CA SER E 7 16.28 -7.89 -60.42
C SER E 7 14.89 -7.98 -59.82
N GLY E 8 13.90 -7.54 -60.59
CA GLY E 8 12.53 -7.52 -60.12
C GLY E 8 12.15 -6.29 -59.32
N GLY E 9 13.13 -5.56 -58.81
CA GLY E 9 12.88 -4.35 -58.05
C GLY E 9 12.40 -3.19 -58.89
N GLY E 10 11.14 -2.84 -58.71
CA GLY E 10 10.55 -1.75 -59.45
C GLY E 10 9.94 -0.70 -58.55
N LEU E 11 8.73 -0.29 -58.89
CA LEU E 11 8.05 0.81 -58.22
C LEU E 11 6.71 0.31 -57.73
N VAL E 12 6.34 0.65 -56.49
CA VAL E 12 5.18 0.06 -55.86
C VAL E 12 4.55 1.05 -54.86
N GLN E 13 3.29 0.85 -54.61
CA GLN E 13 2.48 1.60 -53.66
C GLN E 13 2.58 0.96 -52.29
N PRO E 14 2.22 1.67 -51.23
CA PRO E 14 2.17 1.04 -49.91
C PRO E 14 1.06 0.00 -49.85
N GLY E 15 1.18 -0.90 -48.88
CA GLY E 15 0.22 -1.99 -48.77
C GLY E 15 0.47 -3.21 -49.63
N GLY E 16 1.52 -3.22 -50.44
CA GLY E 16 1.76 -4.35 -51.31
C GLY E 16 2.66 -5.38 -50.66
N SER E 17 2.90 -6.45 -51.42
CA SER E 17 3.76 -7.55 -50.94
C SER E 17 4.34 -8.25 -52.15
N LEU E 18 5.65 -8.07 -52.34
CA LEU E 18 6.37 -8.63 -53.47
C LEU E 18 7.68 -9.28 -53.04
N ARG E 19 8.14 -10.18 -53.91
CA ARG E 19 9.36 -10.94 -53.75
C ARG E 19 10.56 -10.07 -54.13
N LEU E 20 11.77 -10.60 -53.96
CA LEU E 20 13.01 -9.90 -54.34
C LEU E 20 14.01 -10.90 -54.88
N SER E 21 14.06 -11.04 -56.20
CA SER E 21 14.96 -12.02 -56.79
C SER E 21 16.42 -11.62 -56.66
N CYS E 22 17.29 -12.62 -56.66
CA CYS E 22 18.74 -12.46 -56.75
C CYS E 22 19.31 -13.74 -57.34
N ALA E 23 19.98 -13.65 -58.48
CA ALA E 23 20.59 -14.83 -59.09
C ALA E 23 22.09 -14.83 -58.81
N ALA E 24 22.51 -15.73 -57.91
CA ALA E 24 23.89 -15.81 -57.43
C ALA E 24 24.67 -16.89 -58.18
N SER E 25 24.87 -16.66 -59.46
CA SER E 25 25.63 -17.61 -60.25
C SER E 25 27.12 -17.45 -59.98
N GLY E 26 27.88 -18.48 -60.32
CA GLY E 26 29.29 -18.52 -60.04
C GLY E 26 29.67 -19.04 -58.67
N PHE E 27 28.72 -19.10 -57.73
CA PHE E 27 28.96 -19.69 -56.43
C PHE E 27 27.65 -20.21 -55.87
N ASN E 28 27.72 -20.80 -54.69
CA ASN E 28 26.54 -21.33 -54.01
C ASN E 28 26.15 -20.46 -52.83
N ILE E 29 24.83 -20.31 -52.66
CA ILE E 29 24.31 -19.73 -51.44
C ILE E 29 24.49 -20.74 -50.30
N SER E 30 24.68 -22.02 -50.62
CA SER E 30 25.13 -23.00 -49.65
C SER E 30 26.56 -22.75 -49.21
N SER E 31 27.35 -22.08 -50.04
CA SER E 31 28.64 -21.52 -49.68
C SER E 31 28.42 -20.15 -49.05
N SER E 32 29.50 -19.38 -48.93
CA SER E 32 29.49 -18.00 -48.44
C SER E 32 28.34 -17.18 -49.03
N SER E 33 27.58 -16.52 -48.16
CA SER E 33 26.18 -16.22 -48.41
C SER E 33 25.89 -14.74 -48.59
N ILE E 34 24.67 -14.50 -49.09
CA ILE E 34 24.25 -13.25 -49.70
C ILE E 34 23.64 -12.36 -48.63
N HIS E 35 23.49 -11.07 -48.94
CA HIS E 35 22.91 -10.11 -48.01
C HIS E 35 22.02 -9.12 -48.78
N TRP E 36 21.14 -8.41 -48.06
CA TRP E 36 20.37 -7.36 -48.70
C TRP E 36 20.70 -6.02 -48.03
N VAL E 37 20.67 -4.93 -48.81
CA VAL E 37 21.19 -3.63 -48.39
C VAL E 37 20.26 -2.51 -48.81
N ARG E 38 19.90 -1.62 -47.88
CA ARG E 38 19.00 -0.52 -48.14
C ARG E 38 19.82 0.74 -48.37
N GLN E 39 19.89 1.18 -49.63
CA GLN E 39 20.52 2.46 -49.96
C GLN E 39 19.43 3.39 -50.51
N ALA E 40 19.02 4.35 -49.70
CA ALA E 40 18.09 5.36 -50.19
C ALA E 40 18.84 6.37 -51.06
N PRO E 41 18.15 7.02 -52.00
CA PRO E 41 18.82 8.06 -52.80
C PRO E 41 19.21 9.24 -51.93
N GLY E 42 20.47 9.64 -52.06
CA GLY E 42 21.00 10.74 -51.27
C GLY E 42 21.14 10.44 -49.79
N LYS E 43 21.33 9.16 -49.44
CA LYS E 43 21.42 8.74 -48.05
C LYS E 43 22.50 7.66 -47.92
N GLY E 44 22.74 7.23 -46.67
CA GLY E 44 23.72 6.20 -46.40
C GLY E 44 23.15 4.80 -46.62
N LEU E 45 24.00 3.81 -46.38
CA LEU E 45 23.60 2.42 -46.56
C LEU E 45 22.93 1.85 -45.32
N GLU E 46 22.34 0.66 -45.49
CA GLU E 46 21.71 -0.06 -44.39
C GLU E 46 21.48 -1.51 -44.78
N TRP E 47 22.07 -2.43 -44.03
CA TRP E 47 21.92 -3.85 -44.29
C TRP E 47 20.51 -4.32 -44.02
N VAL E 48 19.79 -4.76 -45.05
CA VAL E 48 18.42 -5.19 -44.83
C VAL E 48 18.34 -6.55 -44.15
N ALA E 49 18.75 -7.59 -44.85
CA ALA E 49 18.44 -8.94 -44.40
C ALA E 49 19.48 -9.92 -44.89
N SER E 50 19.42 -11.12 -44.33
CA SER E 50 20.33 -12.20 -44.70
C SER E 50 19.69 -13.56 -44.43
N ILE E 51 19.64 -14.39 -45.47
CA ILE E 51 19.22 -15.79 -45.37
C ILE E 51 20.48 -16.66 -45.36
N TYR E 52 20.44 -17.75 -44.61
CA TYR E 52 21.45 -18.80 -44.72
C TYR E 52 20.75 -20.04 -45.24
N SER E 53 20.90 -20.30 -46.55
CA SER E 53 20.05 -21.30 -47.20
C SER E 53 20.46 -22.70 -46.81
N TYR E 54 21.64 -22.85 -46.25
CA TYR E 54 22.09 -24.14 -45.77
C TYR E 54 21.38 -24.46 -44.46
N SER E 55 21.05 -23.42 -43.69
CA SER E 55 20.38 -23.62 -42.41
C SER E 55 19.04 -22.90 -42.28
N GLY E 56 18.61 -22.12 -43.27
CA GLY E 56 17.35 -21.41 -43.15
C GLY E 56 17.41 -20.24 -42.19
N SER E 57 18.60 -19.81 -41.80
CA SER E 57 18.77 -18.77 -40.78
C SER E 57 18.49 -17.40 -41.36
N THR E 58 17.42 -16.76 -40.90
CA THR E 58 17.12 -15.39 -41.28
C THR E 58 17.65 -14.47 -40.19
N TYR E 59 18.05 -13.26 -40.59
CA TYR E 59 18.48 -12.23 -39.66
C TYR E 59 18.02 -10.90 -40.23
N TYR E 60 17.27 -10.15 -39.42
CA TYR E 60 16.73 -8.85 -39.80
C TYR E 60 17.37 -7.72 -39.01
N ALA E 61 17.10 -6.50 -39.47
CA ALA E 61 17.54 -5.30 -38.79
C ALA E 61 16.56 -4.94 -37.67
N ASP E 62 16.95 -3.94 -36.86
CA ASP E 62 16.08 -3.49 -35.78
C ASP E 62 14.84 -2.78 -36.29
N SER E 63 14.93 -2.13 -37.45
CA SER E 63 13.80 -1.35 -37.94
C SER E 63 12.75 -2.23 -38.61
N VAL E 64 13.20 -3.18 -39.43
CA VAL E 64 12.32 -3.92 -40.31
C VAL E 64 12.26 -5.38 -39.92
N LYS E 65 12.43 -5.64 -38.63
CA LYS E 65 12.31 -6.98 -38.11
C LYS E 65 10.86 -7.43 -38.21
N GLY E 66 10.65 -8.64 -38.73
CA GLY E 66 9.32 -9.21 -38.80
C GLY E 66 8.54 -8.88 -40.06
N ARG E 67 8.58 -7.64 -40.49
CA ARG E 67 7.80 -7.21 -41.64
C ARG E 67 8.35 -7.73 -42.96
N PHE E 68 9.55 -8.27 -42.99
CA PHE E 68 10.11 -8.81 -44.22
C PHE E 68 10.32 -10.31 -44.05
N THR E 69 10.28 -11.02 -45.18
CA THR E 69 10.35 -12.48 -45.15
C THR E 69 11.28 -12.96 -46.26
N ILE E 70 12.46 -13.39 -45.90
CA ILE E 70 13.44 -13.81 -46.89
C ILE E 70 13.28 -15.32 -47.11
N SER E 71 13.60 -15.78 -48.32
CA SER E 71 13.46 -17.20 -48.63
C SER E 71 14.56 -17.59 -49.61
N ALA E 72 14.79 -18.90 -49.74
CA ALA E 72 15.93 -19.36 -50.52
C ALA E 72 15.68 -20.68 -51.22
N ASP E 73 15.95 -20.73 -52.53
CA ASP E 73 15.91 -21.96 -53.33
C ASP E 73 17.35 -22.39 -53.61
N THR E 74 17.79 -23.46 -52.94
CA THR E 74 19.12 -24.00 -53.18
C THR E 74 19.18 -24.84 -54.45
N SER E 75 18.04 -25.35 -54.91
CA SER E 75 18.02 -26.21 -56.10
C SER E 75 18.29 -25.39 -57.35
N LYS E 76 18.02 -24.10 -57.31
CA LYS E 76 18.35 -23.20 -58.40
C LYS E 76 19.36 -22.17 -57.93
N ASN E 77 19.85 -22.33 -56.68
CA ASN E 77 20.90 -21.50 -56.08
C ASN E 77 20.46 -20.04 -56.06
N THR E 78 19.20 -19.83 -55.65
CA THR E 78 18.51 -18.56 -55.88
C THR E 78 17.66 -18.17 -54.67
N ALA E 79 17.89 -16.99 -54.11
CA ALA E 79 17.14 -16.57 -52.92
C ALA E 79 16.11 -15.49 -53.28
N TYR E 80 15.19 -15.27 -52.36
CA TYR E 80 14.09 -14.32 -52.55
C TYR E 80 13.81 -13.63 -51.23
N LEU E 81 13.13 -12.48 -51.29
CA LEU E 81 12.77 -11.79 -50.04
C LEU E 81 11.36 -11.23 -50.17
N GLN E 82 10.39 -11.89 -49.54
CA GLN E 82 9.04 -11.35 -49.50
C GLN E 82 8.99 -10.17 -48.54
N MET E 83 8.28 -9.12 -48.94
CA MET E 83 8.19 -7.87 -48.22
C MET E 83 6.75 -7.59 -47.82
N ASN E 84 6.58 -6.93 -46.67
CA ASN E 84 5.26 -6.66 -46.13
C ASN E 84 5.33 -5.31 -45.44
N SER E 85 4.15 -4.67 -45.33
CA SER E 85 3.93 -3.44 -44.56
C SER E 85 4.69 -2.24 -45.15
N LEU E 86 4.56 -2.07 -46.47
CA LEU E 86 5.36 -1.10 -47.23
C LEU E 86 5.06 0.34 -46.81
N ARG E 87 6.12 1.08 -46.50
CA ARG E 87 6.01 2.45 -46.02
C ARG E 87 6.84 3.39 -46.89
N ALA E 88 6.53 4.68 -46.81
CA ALA E 88 7.05 5.67 -47.76
C ALA E 88 8.55 5.92 -47.66
N GLU E 89 9.20 5.48 -46.58
CA GLU E 89 10.65 5.55 -46.45
C GLU E 89 11.38 4.42 -47.18
N ASP E 90 10.68 3.61 -47.97
CA ASP E 90 11.28 2.46 -48.62
C ASP E 90 11.67 2.74 -50.06
N THR E 91 11.57 3.98 -50.50
CA THR E 91 12.14 4.38 -51.77
C THR E 91 13.66 4.36 -51.64
N ALA E 92 14.29 3.39 -52.29
CA ALA E 92 15.71 3.17 -52.10
C ALA E 92 16.27 2.37 -53.26
N VAL E 93 17.54 2.07 -53.18
CA VAL E 93 18.19 1.18 -54.13
C VAL E 93 18.73 0.00 -53.34
N TYR E 94 18.39 -1.20 -53.76
CA TYR E 94 18.78 -2.38 -53.02
C TYR E 94 19.79 -3.18 -53.83
N TYR E 95 20.71 -3.82 -53.11
CA TYR E 95 21.80 -4.58 -53.69
C TYR E 95 21.83 -5.98 -53.12
N CYS E 96 22.06 -6.95 -53.99
CA CYS E 96 22.41 -8.28 -53.56
C CYS E 96 23.93 -8.36 -53.64
N ALA E 97 24.54 -9.07 -52.70
CA ALA E 97 25.98 -8.96 -52.53
C ALA E 97 26.50 -10.22 -51.87
N ARG E 98 27.70 -10.63 -52.25
CA ARG E 98 28.31 -11.83 -51.70
C ARG E 98 29.23 -11.43 -50.58
N HIS E 99 29.02 -12.03 -49.41
CA HIS E 99 29.99 -11.91 -48.34
C HIS E 99 30.96 -13.04 -48.52
N TYR E 100 32.25 -12.78 -48.33
CA TYR E 100 33.20 -13.85 -48.51
C TYR E 100 33.81 -14.17 -47.16
N SER E 101 34.75 -15.10 -47.18
CA SER E 101 35.39 -15.60 -45.98
C SER E 101 36.30 -14.50 -45.42
N ALA E 102 35.78 -13.76 -44.45
CA ALA E 102 36.46 -12.71 -43.71
C ALA E 102 35.55 -12.37 -42.53
N VAL E 103 36.05 -11.52 -41.63
CA VAL E 103 35.22 -11.12 -40.49
C VAL E 103 34.14 -10.11 -40.90
N ALA E 104 34.46 -9.13 -41.72
CA ALA E 104 33.44 -8.22 -42.25
C ALA E 104 33.42 -8.23 -43.77
N GLY E 105 34.06 -9.21 -44.38
CA GLY E 105 34.25 -9.17 -45.82
C GLY E 105 33.07 -9.51 -46.69
N LEU E 106 32.44 -8.46 -47.20
CA LEU E 106 31.32 -8.48 -48.13
C LEU E 106 31.91 -7.74 -49.34
N ASP E 107 32.46 -8.49 -50.29
CA ASP E 107 33.18 -7.85 -51.38
C ASP E 107 32.38 -7.68 -52.66
N TYR E 108 31.79 -8.75 -53.20
CA TYR E 108 31.17 -8.58 -54.50
C TYR E 108 29.75 -8.05 -54.34
N TRP E 109 29.20 -7.57 -55.45
CA TRP E 109 27.92 -6.92 -55.47
C TRP E 109 27.22 -7.26 -56.77
N GLY E 110 26.06 -6.64 -56.96
CA GLY E 110 25.40 -6.63 -58.24
C GLY E 110 25.12 -5.19 -58.62
N GLN E 111 24.55 -5.01 -59.81
CA GLN E 111 24.18 -3.66 -60.28
C GLN E 111 23.17 -2.98 -59.37
N GLY E 112 22.41 -3.73 -58.58
CA GLY E 112 21.32 -3.18 -57.82
C GLY E 112 20.08 -2.92 -58.63
N THR E 113 19.00 -2.63 -57.90
CA THR E 113 17.74 -2.28 -58.51
C THR E 113 17.06 -1.24 -57.63
N LEU E 114 16.14 -0.50 -58.24
CA LEU E 114 15.47 0.59 -57.57
C LEU E 114 14.18 0.05 -56.97
N VAL E 115 14.01 0.22 -55.68
CA VAL E 115 12.79 -0.18 -55.01
C VAL E 115 12.15 1.09 -54.47
N THR E 116 10.89 1.30 -54.82
CA THR E 116 10.29 2.60 -54.57
C THR E 116 8.88 2.46 -54.03
N VAL E 117 8.67 3.05 -52.86
CA VAL E 117 7.36 3.18 -52.24
C VAL E 117 7.19 4.69 -52.16
N PHE E 118 6.27 5.21 -52.97
CA PHE E 118 6.28 6.61 -53.36
C PHE E 118 4.95 7.34 -53.15
N ASN E 119 5.05 8.60 -52.71
CA ASN E 119 3.88 9.45 -52.54
C ASN E 119 3.36 9.97 -53.88
N GLN E 120 4.16 10.75 -54.60
CA GLN E 120 3.66 11.49 -55.76
C GLN E 120 4.64 11.43 -56.91
N ILE E 121 4.09 11.45 -58.12
CA ILE E 121 4.84 11.50 -59.37
C ILE E 121 4.42 12.77 -60.09
N LYS E 122 5.39 13.56 -60.54
CA LYS E 122 5.00 14.69 -61.33
C LYS E 122 6.10 14.87 -62.36
N PRO E 123 5.76 15.00 -63.65
CA PRO E 123 6.77 15.32 -64.64
C PRO E 123 7.26 16.73 -64.46
N PRO E 124 8.47 17.04 -64.93
CA PRO E 124 8.99 18.40 -64.77
C PRO E 124 8.29 19.38 -65.69
N SER E 125 8.43 20.65 -65.31
CA SER E 125 8.08 21.77 -66.15
C SER E 125 9.35 22.56 -66.37
N VAL E 126 9.58 22.98 -67.60
CA VAL E 126 10.87 23.52 -68.01
C VAL E 126 10.68 25.00 -68.25
N PHE E 127 11.25 25.81 -67.37
CA PHE E 127 11.17 27.25 -67.45
C PHE E 127 12.57 27.79 -67.65
N PRO E 128 12.84 28.57 -68.70
CA PRO E 128 14.19 29.10 -68.88
C PRO E 128 14.48 30.17 -67.84
N LEU E 129 15.68 30.16 -67.30
CA LEU E 129 16.10 31.35 -66.58
C LEU E 129 16.34 32.44 -67.59
N ALA E 130 16.08 33.68 -67.20
CA ALA E 130 16.07 34.80 -68.13
C ALA E 130 17.10 35.83 -67.72
N PRO E 131 18.37 35.67 -68.13
CA PRO E 131 19.30 36.78 -67.93
C PRO E 131 19.05 37.89 -68.93
N SER E 132 18.41 38.94 -68.44
CA SER E 132 18.05 40.10 -69.25
C SER E 132 19.13 41.17 -69.11
N SER E 133 18.89 42.30 -69.77
CA SER E 133 19.76 43.48 -69.67
C SER E 133 19.96 43.96 -68.24
N LYS E 134 19.00 43.71 -67.34
CA LYS E 134 19.21 44.06 -65.93
C LYS E 134 20.22 43.15 -65.24
N SER E 135 20.35 41.91 -65.70
CA SER E 135 21.37 41.02 -65.14
C SER E 135 22.77 41.36 -65.63
N THR E 136 22.89 42.12 -66.72
CA THR E 136 24.18 42.48 -67.31
C THR E 136 24.90 43.47 -66.41
N SER E 137 25.97 43.01 -65.77
CA SER E 137 26.76 43.84 -64.88
C SER E 137 28.18 43.30 -64.89
N GLY E 138 29.14 44.13 -65.28
CA GLY E 138 30.52 43.70 -65.40
C GLY E 138 30.73 42.73 -66.56
N GLY E 139 31.98 42.32 -66.71
CA GLY E 139 32.34 41.43 -67.80
C GLY E 139 31.88 40.00 -67.64
N THR E 140 31.29 39.65 -66.50
CA THR E 140 30.87 38.29 -66.22
C THR E 140 29.35 38.18 -66.29
N ALA E 141 28.88 37.12 -66.93
CA ALA E 141 27.46 36.84 -67.08
C ALA E 141 27.31 35.33 -67.15
N ALA E 142 26.07 34.88 -67.36
CA ALA E 142 25.77 33.46 -67.47
C ALA E 142 24.42 33.30 -68.19
N LEU E 143 24.05 32.05 -68.45
CA LEU E 143 22.78 31.75 -69.08
C LEU E 143 22.29 30.43 -68.47
N GLY E 144 21.00 30.30 -68.22
CA GLY E 144 20.53 29.07 -67.58
C GLY E 144 19.06 28.72 -67.76
N CYS E 145 18.67 27.61 -67.13
CA CYS E 145 17.29 27.11 -67.09
C CYS E 145 16.98 26.55 -65.71
N LEU E 146 15.82 26.94 -65.17
CA LEU E 146 15.23 26.35 -63.96
C LEU E 146 14.35 25.15 -64.29
N VAL E 147 14.72 23.97 -63.81
CA VAL E 147 13.85 22.80 -63.90
C VAL E 147 13.14 22.66 -62.55
N LYS E 148 11.81 22.72 -62.57
CA LYS E 148 11.01 22.91 -61.37
C LYS E 148 10.00 21.77 -61.19
N ASP E 149 9.85 21.32 -59.94
CA ASP E 149 8.69 20.55 -59.46
C ASP E 149 8.52 19.17 -60.07
N TYR E 150 9.59 18.39 -60.18
CA TYR E 150 9.39 17.04 -60.71
C TYR E 150 9.46 16.00 -59.59
N PRO E 152 10.47 12.81 -59.81
CA PRO E 152 10.59 11.74 -58.83
C PRO E 152 11.98 11.12 -58.85
N GLU E 153 12.52 10.97 -60.05
CA GLU E 153 13.86 10.43 -60.30
C GLU E 153 14.54 11.40 -61.23
N PRO E 154 15.80 11.78 -60.97
CA PRO E 154 16.29 13.10 -61.44
C PRO E 154 16.33 13.24 -62.94
N VAL E 155 16.15 14.49 -63.37
CA VAL E 155 16.09 14.83 -64.78
C VAL E 155 17.49 14.98 -65.37
N THR E 156 17.74 14.32 -66.49
CA THR E 156 18.93 14.61 -67.25
C THR E 156 18.70 15.92 -67.99
N VAL E 157 19.51 16.94 -67.69
CA VAL E 157 19.38 18.25 -68.30
C VAL E 157 20.68 18.55 -69.03
N SER E 158 20.61 19.07 -70.25
CA SER E 158 21.83 19.34 -70.99
C SER E 158 21.67 20.60 -71.82
N TRP E 159 22.79 21.03 -72.40
CA TRP E 159 22.90 22.26 -73.19
C TRP E 159 23.40 21.99 -74.61
N ASN E 160 22.54 22.27 -75.61
CA ASN E 160 22.78 21.99 -77.03
C ASN E 160 23.02 20.51 -77.28
N SER E 161 22.01 19.73 -76.92
CA SER E 161 22.01 18.26 -76.87
C SER E 161 23.30 17.68 -76.30
N GLY E 162 23.68 18.18 -75.13
CA GLY E 162 24.83 17.65 -74.41
C GLY E 162 26.17 17.96 -75.00
N ALA E 163 26.28 19.01 -75.81
CA ALA E 163 27.57 19.32 -76.43
C ALA E 163 28.54 19.91 -75.42
N LEU E 164 28.17 21.03 -74.80
CA LEU E 164 29.04 21.72 -73.85
C LEU E 164 28.80 21.13 -72.47
N THR E 165 29.70 20.25 -72.02
CA THR E 165 29.63 19.71 -70.67
C THR E 165 30.54 20.46 -69.69
N SER E 166 31.69 20.96 -70.16
CA SER E 166 32.68 21.61 -69.32
C SER E 166 32.24 23.02 -68.96
N GLY E 167 32.36 23.39 -67.69
CA GLY E 167 31.85 24.68 -67.19
C GLY E 167 30.35 24.74 -66.99
N VAL E 168 29.61 23.82 -67.59
CA VAL E 168 28.19 23.66 -67.39
C VAL E 168 27.98 22.95 -66.07
N HIS E 169 27.07 23.46 -65.25
CA HIS E 169 26.79 22.86 -63.96
C HIS E 169 25.30 22.67 -63.85
N THR E 170 24.90 21.42 -63.73
CA THR E 170 23.53 20.99 -63.56
C THR E 170 23.44 20.62 -62.09
N PHE E 171 23.19 21.65 -61.27
CA PHE E 171 23.12 21.55 -59.81
C PHE E 171 22.18 20.42 -59.40
N PRO E 172 22.58 19.59 -58.44
CA PRO E 172 21.70 18.50 -57.98
C PRO E 172 20.42 19.04 -57.39
N ALA E 173 19.32 18.31 -57.59
CA ALA E 173 18.06 18.81 -57.10
C ALA E 173 17.97 18.69 -55.59
N VAL E 174 17.09 19.51 -55.02
CA VAL E 174 16.76 19.48 -53.60
C VAL E 174 15.26 19.27 -53.51
N LEU E 175 14.84 18.29 -52.72
CA LEU E 175 13.43 17.98 -52.56
C LEU E 175 12.68 19.14 -51.95
N GLN E 176 11.61 19.58 -52.62
CA GLN E 176 10.86 20.71 -52.13
C GLN E 176 9.76 20.17 -51.20
N SER E 177 9.00 21.07 -50.57
CA SER E 177 7.93 20.73 -49.63
C SER E 177 6.82 19.86 -50.23
N SER E 178 6.67 19.84 -51.56
CA SER E 178 5.59 19.10 -52.18
C SER E 178 5.97 17.65 -52.48
N GLY E 179 7.09 17.18 -51.94
CA GLY E 179 7.60 15.86 -52.27
C GLY E 179 8.08 15.75 -53.69
N LEU E 180 8.55 16.86 -54.25
CA LEU E 180 8.99 16.93 -55.63
C LEU E 180 10.36 17.59 -55.66
N TYR E 181 11.12 17.29 -56.70
CA TYR E 181 12.46 17.84 -56.87
C TYR E 181 12.48 19.08 -57.77
N SER E 182 13.54 19.86 -57.62
CA SER E 182 13.80 21.03 -58.43
C SER E 182 15.30 21.28 -58.46
N LEU E 183 15.83 21.53 -59.66
CA LEU E 183 17.26 21.76 -59.84
C LEU E 183 17.48 22.90 -60.81
N SER E 184 18.75 23.20 -61.05
CA SER E 184 19.12 24.17 -62.07
C SER E 184 20.33 23.67 -62.84
N SER E 185 20.31 23.92 -64.15
CA SER E 185 21.46 23.70 -65.01
C SER E 185 21.86 25.03 -65.61
N VAL E 186 23.14 25.37 -65.53
CA VAL E 186 23.59 26.67 -65.99
C VAL E 186 24.70 26.47 -67.01
N VAL E 187 25.06 27.58 -67.66
CA VAL E 187 26.22 27.62 -68.54
C VAL E 187 26.77 29.04 -68.48
N THR E 188 28.07 29.16 -68.23
CA THR E 188 28.68 30.48 -68.15
C THR E 188 28.90 31.00 -69.57
N VAL E 189 28.36 32.17 -69.86
CA VAL E 189 28.46 32.78 -71.17
C VAL E 189 29.11 34.15 -70.94
N PRO E 190 29.83 34.71 -71.91
CA PRO E 190 30.30 36.08 -71.75
C PRO E 190 29.16 37.09 -71.94
N SER E 191 29.46 38.35 -71.62
CA SER E 191 28.55 39.43 -71.94
C SER E 191 28.68 39.88 -73.38
N SER E 192 29.73 39.41 -74.08
CA SER E 192 29.80 39.56 -75.52
C SER E 192 28.79 38.67 -76.22
N SER E 193 28.47 37.54 -75.60
CA SER E 193 27.48 36.60 -76.10
C SER E 193 26.04 37.01 -75.81
N LEU E 194 25.81 38.17 -75.19
CA LEU E 194 24.47 38.64 -74.91
C LEU E 194 23.76 38.95 -76.23
N GLY E 195 22.84 38.08 -76.64
CA GLY E 195 22.17 38.23 -77.91
C GLY E 195 22.92 37.65 -79.10
N THR E 196 24.17 37.24 -78.93
CA THR E 196 24.92 36.63 -80.02
C THR E 196 24.38 35.24 -80.32
N GLN E 197 24.41 34.35 -79.32
CA GLN E 197 23.86 33.02 -79.44
C GLN E 197 22.91 32.78 -78.29
N THR E 198 21.69 32.38 -78.61
CA THR E 198 20.71 31.99 -77.60
C THR E 198 20.75 30.47 -77.50
N TYR E 199 21.16 29.97 -76.35
CA TYR E 199 21.34 28.55 -76.12
C TYR E 199 20.02 27.89 -75.74
N ILE E 200 19.94 26.59 -75.99
CA ILE E 200 18.74 25.81 -75.70
C ILE E 200 19.12 24.71 -74.73
N CYS E 201 18.55 24.79 -73.52
CA CYS E 201 18.69 23.72 -72.57
C CYS E 201 17.81 22.54 -72.99
N ASN E 202 18.32 21.34 -72.80
CA ASN E 202 17.70 20.13 -73.32
C ASN E 202 17.40 19.24 -72.13
N VAL E 203 16.11 19.07 -71.86
CA VAL E 203 15.61 18.33 -70.71
C VAL E 203 15.15 16.95 -71.15
N ASN E 204 15.53 15.92 -70.38
CA ASN E 204 14.90 14.60 -70.46
C ASN E 204 14.77 14.07 -69.04
N HIS E 205 13.53 13.77 -68.64
CA HIS E 205 13.21 13.10 -67.39
C HIS E 205 12.70 11.70 -67.70
N LYS E 206 13.46 10.68 -67.28
CA LYS E 206 13.27 9.34 -67.81
C LYS E 206 11.96 8.65 -67.40
N PRO E 207 11.53 8.61 -66.12
CA PRO E 207 10.27 7.90 -65.84
C PRO E 207 9.03 8.62 -66.35
N SER E 208 8.97 9.94 -66.20
CA SER E 208 7.86 10.72 -66.74
C SER E 208 7.94 10.99 -68.24
N ASN E 209 9.08 10.70 -68.90
CA ASN E 209 9.26 10.80 -70.36
C ASN E 209 9.12 12.24 -70.89
N THR E 210 9.65 13.21 -70.13
CA THR E 210 9.43 14.64 -70.39
C THR E 210 10.61 15.26 -71.16
N LYS E 211 10.46 15.38 -72.48
CA LYS E 211 11.51 15.90 -73.37
C LYS E 211 11.16 17.32 -73.83
N VAL E 212 11.76 18.34 -73.21
CA VAL E 212 11.48 19.74 -73.53
C VAL E 212 12.77 20.49 -73.85
N ASP E 213 12.96 20.84 -75.12
CA ASP E 213 14.09 21.65 -75.57
C ASP E 213 13.67 23.11 -75.48
N LYS E 214 14.19 23.84 -74.49
CA LYS E 214 13.74 25.18 -74.17
C LYS E 214 14.82 26.23 -74.44
N LYS E 215 14.46 27.27 -75.18
CA LYS E 215 15.37 28.34 -75.58
C LYS E 215 15.42 29.41 -74.49
N VAL E 216 16.62 29.98 -74.30
CA VAL E 216 16.85 31.09 -73.37
C VAL E 216 17.12 32.38 -74.13
N GLU E 217 16.30 33.40 -73.88
CA GLU E 217 16.46 34.72 -74.47
C GLU E 217 16.17 35.76 -73.41
N PRO E 218 16.87 36.91 -73.43
CA PRO E 218 16.59 38.03 -72.51
C PRO E 218 15.21 38.66 -72.73
N ASP F 1 23.96 -4.23 -32.86
CA ASP F 1 23.23 -3.04 -32.44
C ASP F 1 24.23 -1.96 -32.07
N ILE F 2 25.50 -2.38 -31.96
CA ILE F 2 26.56 -1.44 -31.67
C ILE F 2 26.76 -0.55 -32.89
N GLN F 3 26.49 0.73 -32.73
CA GLN F 3 26.41 1.67 -33.85
C GLN F 3 27.81 2.08 -34.32
N MET F 4 27.85 3.04 -35.25
CA MET F 4 29.09 3.46 -35.87
C MET F 4 29.14 4.96 -36.06
N THR F 5 30.21 5.58 -35.58
CA THR F 5 30.43 7.02 -35.67
C THR F 5 31.35 7.25 -36.86
N GLN F 6 30.78 7.60 -38.01
CA GLN F 6 31.57 7.83 -39.21
C GLN F 6 32.15 9.24 -39.16
N SER F 7 33.47 9.34 -39.00
CA SER F 7 34.11 10.64 -38.98
C SER F 7 35.23 10.67 -40.02
N PRO F 8 35.28 11.70 -40.88
CA PRO F 8 34.32 12.80 -40.98
C PRO F 8 33.22 12.50 -41.98
N SER F 9 32.31 13.47 -42.14
CA SER F 9 31.29 13.38 -43.18
C SER F 9 31.92 13.36 -44.56
N SER F 10 32.91 14.22 -44.76
CA SER F 10 33.69 14.30 -45.98
C SER F 10 34.97 15.04 -45.64
N LEU F 11 35.88 15.08 -46.61
CA LEU F 11 37.13 15.82 -46.46
C LEU F 11 37.63 16.16 -47.84
N SER F 12 38.74 16.90 -47.89
CA SER F 12 39.31 17.30 -49.16
C SER F 12 40.83 17.20 -49.14
N ALA F 13 41.39 16.52 -50.15
CA ALA F 13 42.83 16.40 -50.31
C ALA F 13 43.11 16.09 -51.77
N SER F 14 44.34 16.37 -52.18
CA SER F 14 44.64 16.29 -53.60
C SER F 14 45.37 15.01 -53.90
N VAL F 15 45.68 14.81 -55.19
CA VAL F 15 46.38 13.63 -55.64
C VAL F 15 47.74 13.58 -54.98
N GLY F 16 48.09 12.43 -54.42
CA GLY F 16 49.36 12.31 -53.72
C GLY F 16 49.32 12.88 -52.32
N ASP F 17 48.26 12.60 -51.58
CA ASP F 17 48.10 13.07 -50.19
C ASP F 17 47.75 11.90 -49.31
N ARG F 18 48.04 12.07 -48.02
CA ARG F 18 47.83 11.02 -47.03
C ARG F 18 46.54 11.29 -46.28
N VAL F 19 45.59 10.37 -46.42
CA VAL F 19 44.23 10.54 -45.93
C VAL F 19 43.93 9.45 -44.90
N THR F 20 43.70 9.85 -43.66
CA THR F 20 43.32 8.93 -42.60
C THR F 20 41.90 9.26 -42.14
N ILE F 21 41.03 8.26 -42.15
CA ILE F 21 39.60 8.41 -41.87
C ILE F 21 39.23 7.47 -40.72
N THR F 22 38.76 8.04 -39.61
CA THR F 22 38.47 7.24 -38.42
C THR F 22 36.96 7.06 -38.26
N CYS F 23 36.48 5.84 -38.45
CA CYS F 23 35.18 5.45 -37.92
C CYS F 23 35.33 4.91 -36.51
N ARG F 24 34.25 5.00 -35.75
CA ARG F 24 34.29 4.65 -34.33
C ARG F 24 33.03 3.93 -33.92
N ALA F 25 33.20 2.73 -33.38
CA ALA F 25 32.11 1.92 -32.87
C ALA F 25 31.59 2.46 -31.54
N SER F 26 30.37 2.05 -31.20
CA SER F 26 29.78 2.50 -29.94
C SER F 26 30.41 1.76 -28.78
N GLN F 27 30.92 0.55 -29.02
CA GLN F 27 31.53 -0.32 -28.02
C GLN F 27 32.95 -0.67 -28.44
N SER F 28 33.73 -1.17 -27.47
CA SER F 28 35.10 -1.62 -27.69
C SER F 28 35.08 -3.05 -28.20
N VAL F 29 35.01 -3.21 -29.52
CA VAL F 29 34.94 -4.51 -30.16
C VAL F 29 36.19 -4.72 -30.99
N SER F 30 36.26 -5.84 -31.72
CA SER F 30 37.39 -6.13 -32.59
C SER F 30 37.41 -5.19 -33.78
N ALA F 32 35.94 -6.58 -36.19
CA ALA F 32 35.07 -7.03 -37.26
C ALA F 32 34.53 -5.85 -38.04
N VAL F 33 35.38 -5.15 -38.80
CA VAL F 33 35.00 -3.88 -39.40
C VAL F 33 35.55 -3.81 -40.82
N ALA F 34 34.68 -3.42 -41.76
CA ALA F 34 35.02 -3.24 -43.16
C ALA F 34 35.33 -1.78 -43.49
N TRP F 35 35.77 -1.54 -44.73
CA TRP F 35 35.81 -0.22 -45.35
C TRP F 35 35.44 -0.29 -46.81
N TYR F 36 34.61 0.64 -47.26
CA TYR F 36 34.09 0.59 -48.60
C TYR F 36 34.53 1.78 -49.44
N GLN F 37 34.02 1.76 -50.67
CA GLN F 37 34.13 2.83 -51.64
C GLN F 37 33.07 2.57 -52.69
N GLN F 38 32.37 3.63 -53.09
CA GLN F 38 31.31 3.47 -54.08
C GLN F 38 31.08 4.80 -54.78
N LYS F 39 31.39 4.85 -56.08
CA LYS F 39 31.05 6.03 -56.83
C LYS F 39 29.53 6.01 -57.03
N PRO F 40 28.91 7.17 -57.19
CA PRO F 40 27.43 7.21 -57.23
C PRO F 40 26.84 6.52 -58.46
N GLY F 41 25.70 5.86 -58.24
CA GLY F 41 25.06 5.08 -59.28
C GLY F 41 25.78 3.80 -59.61
N LYS F 42 26.61 3.30 -58.70
CA LYS F 42 27.46 2.16 -58.95
C LYS F 42 27.43 1.24 -57.73
N ALA F 43 27.86 0.01 -57.95
CA ALA F 43 28.01 -0.93 -56.86
C ALA F 43 29.24 -0.58 -56.02
N PRO F 44 29.20 -0.83 -54.71
CA PRO F 44 30.37 -0.55 -53.87
C PRO F 44 31.53 -1.50 -54.02
N LYS F 45 32.61 -1.26 -53.27
CA LYS F 45 33.80 -2.09 -53.28
C LYS F 45 34.30 -2.28 -51.87
N LEU F 46 34.79 -3.47 -51.53
CA LEU F 46 35.45 -3.69 -50.24
C LEU F 46 36.89 -3.21 -50.32
N LEU F 47 37.19 -2.06 -49.73
CA LEU F 47 38.58 -1.64 -49.61
C LEU F 47 39.34 -2.46 -48.56
N ILE F 48 38.91 -2.40 -47.32
CA ILE F 48 39.68 -2.91 -46.19
C ILE F 48 38.82 -3.85 -45.37
N TYR F 49 39.13 -5.13 -45.43
CA TYR F 49 38.48 -6.12 -44.59
C TYR F 49 39.31 -6.31 -43.33
N SER F 50 38.61 -6.66 -42.25
CA SER F 50 39.17 -6.89 -40.90
C SER F 50 39.84 -5.66 -40.31
N ALA F 51 39.54 -4.48 -40.82
CA ALA F 51 39.99 -3.16 -40.37
C ALA F 51 41.51 -2.96 -40.40
N SER F 52 42.27 -3.94 -40.91
CA SER F 52 43.71 -3.80 -41.06
C SER F 52 44.26 -4.37 -42.35
N SER F 53 43.51 -5.18 -43.09
CA SER F 53 44.02 -5.92 -44.23
C SER F 53 43.41 -5.37 -45.53
N LEU F 54 44.15 -5.50 -46.61
CA LEU F 54 43.73 -4.99 -47.92
C LEU F 54 43.16 -6.11 -48.78
N TYR F 55 41.95 -5.88 -49.28
CA TYR F 55 41.30 -6.81 -50.20
C TYR F 55 41.94 -6.75 -51.59
N SER F 56 42.03 -7.92 -52.23
CA SER F 56 42.62 -8.04 -53.56
C SER F 56 41.71 -7.41 -54.61
N GLY F 57 42.28 -6.56 -55.45
CA GLY F 57 41.54 -5.88 -56.49
C GLY F 57 41.44 -4.40 -56.27
N VAL F 58 42.20 -3.86 -55.33
CA VAL F 58 42.20 -2.45 -54.94
C VAL F 58 43.64 -2.02 -55.13
N PRO F 59 43.90 -0.82 -55.63
CA PRO F 59 45.27 -0.32 -55.68
C PRO F 59 45.89 -0.24 -54.29
N SER F 60 47.22 -0.36 -54.24
CA SER F 60 47.88 -0.61 -52.97
C SER F 60 48.23 0.69 -52.25
N ARG F 61 47.46 1.74 -52.50
CA ARG F 61 47.58 3.01 -51.81
C ARG F 61 46.53 3.13 -50.74
N PHE F 62 46.11 1.99 -50.20
CA PHE F 62 45.09 1.94 -49.18
C PHE F 62 45.50 0.93 -48.15
N SER F 63 45.29 1.26 -46.88
CA SER F 63 45.54 0.34 -45.78
C SER F 63 44.56 0.66 -44.66
N GLY F 64 44.34 -0.33 -43.78
CA GLY F 64 43.54 -0.13 -42.60
C GLY F 64 44.38 -0.36 -41.35
N SER F 65 43.82 0.08 -40.23
CA SER F 65 44.48 -0.01 -38.94
C SER F 65 43.41 -0.03 -37.87
N ARG F 66 43.62 -0.87 -36.86
CA ARG F 66 42.81 -0.87 -35.65
C ARG F 66 43.62 -0.34 -34.48
N SER F 67 43.08 0.65 -33.78
CA SER F 67 43.70 1.19 -32.56
C SER F 67 42.68 1.23 -31.41
N GLY F 68 42.55 0.12 -30.70
CA GLY F 68 41.54 -0.01 -29.67
C GLY F 68 40.14 0.07 -30.24
N THR F 69 39.46 1.19 -29.98
CA THR F 69 38.19 1.49 -30.60
C THR F 69 38.35 2.26 -31.88
N ASP F 70 39.48 2.93 -32.07
CA ASP F 70 39.69 3.76 -33.24
C ASP F 70 39.91 2.88 -34.46
N TYR F 71 39.06 3.04 -35.47
CA TYR F 71 39.09 2.21 -36.66
C TYR F 71 39.41 3.16 -37.81
N THR F 72 40.59 3.01 -38.39
CA THR F 72 41.10 4.02 -39.31
C THR F 72 41.37 3.42 -40.68
N LEU F 73 40.74 4.00 -41.69
CA LEU F 73 41.15 3.78 -43.07
C LEU F 73 42.34 4.68 -43.34
N THR F 74 43.38 4.14 -43.95
CA THR F 74 44.60 4.90 -44.22
C THR F 74 44.83 4.89 -45.72
N ILE F 75 44.83 6.08 -46.32
CA ILE F 75 45.17 6.24 -47.71
C ILE F 75 46.54 6.88 -47.77
N SER F 76 47.48 6.20 -48.42
CA SER F 76 48.82 6.75 -48.53
C SER F 76 48.85 7.89 -49.54
N SER F 77 48.44 7.61 -50.77
CA SER F 77 48.47 8.56 -51.87
C SER F 77 47.14 8.57 -52.59
N LEU F 78 46.55 9.75 -52.74
CA LEU F 78 45.31 9.88 -53.49
C LEU F 78 45.60 9.89 -54.98
N GLN F 79 44.56 9.63 -55.77
CA GLN F 79 44.59 9.53 -57.22
C GLN F 79 43.41 10.31 -57.76
N PRO F 80 43.44 10.71 -59.04
CA PRO F 80 42.27 11.41 -59.61
C PRO F 80 41.02 10.58 -59.72
N GLU F 81 41.12 9.26 -59.68
CA GLU F 81 39.93 8.42 -59.68
C GLU F 81 39.50 8.06 -58.27
N ASP F 82 40.31 8.38 -57.27
CA ASP F 82 40.01 8.01 -55.89
C ASP F 82 39.28 9.15 -55.17
N PHE F 83 38.21 9.64 -55.78
CA PHE F 83 37.32 10.65 -55.21
C PHE F 83 35.91 10.04 -55.21
N ALA F 84 35.57 9.29 -54.18
CA ALA F 84 34.31 8.56 -54.15
C ALA F 84 33.81 8.41 -52.71
N THR F 85 32.55 8.00 -52.60
CA THR F 85 31.91 7.86 -51.30
C THR F 85 32.42 6.60 -50.62
N TYR F 86 32.74 6.71 -49.33
CA TYR F 86 33.24 5.61 -48.51
C TYR F 86 32.21 5.19 -47.47
N TYR F 87 32.42 3.99 -46.92
CA TYR F 87 31.52 3.42 -45.93
C TYR F 87 32.25 2.40 -45.08
N CYS F 88 32.19 2.58 -43.77
CA CYS F 88 32.73 1.65 -42.79
C CYS F 88 31.59 0.84 -42.19
N GLN F 89 31.93 -0.35 -41.68
CA GLN F 89 30.90 -1.37 -41.46
C GLN F 89 31.34 -2.40 -40.41
N GLN F 90 30.77 -2.31 -39.22
CA GLN F 90 30.92 -3.40 -38.26
C GLN F 90 29.94 -4.49 -38.65
N SER F 91 30.37 -5.74 -38.48
CA SER F 91 29.52 -6.88 -38.81
C SER F 91 29.55 -7.85 -37.64
N TYR F 92 28.35 -8.24 -37.19
CA TYR F 92 28.08 -9.37 -36.30
C TYR F 92 26.81 -10.04 -36.79
N PHE F 93 26.42 -11.12 -36.13
CA PHE F 93 25.03 -11.58 -36.19
C PHE F 93 24.03 -10.56 -35.72
N ASN F 94 24.45 -9.61 -34.88
CA ASN F 94 23.67 -8.44 -34.56
C ASN F 94 23.36 -7.65 -35.84
N PRO F 95 22.26 -6.89 -35.85
CA PRO F 95 21.91 -6.12 -37.06
C PRO F 95 22.93 -5.07 -37.42
N ILE F 96 23.18 -4.94 -38.71
CA ILE F 96 24.33 -4.23 -39.24
C ILE F 96 23.89 -2.82 -39.59
N THR F 97 24.58 -1.84 -39.05
CA THR F 97 24.35 -0.45 -39.41
C THR F 97 25.51 0.04 -40.26
N PHE F 98 25.29 1.16 -40.91
CA PHE F 98 26.34 1.84 -41.66
C PHE F 98 26.54 3.26 -41.16
N GLY F 99 27.48 3.92 -41.80
CA GLY F 99 27.61 5.36 -41.72
C GLY F 99 26.87 6.03 -42.86
N GLN F 100 26.88 7.36 -42.80
CA GLN F 100 26.23 8.21 -43.78
C GLN F 100 27.04 8.42 -45.05
N GLY F 101 28.21 7.81 -45.18
CA GLY F 101 29.01 8.09 -46.35
C GLY F 101 30.14 9.07 -46.12
N THR F 102 31.33 8.76 -46.65
CA THR F 102 32.50 9.64 -46.54
C THR F 102 32.95 9.98 -47.95
N LYS F 103 32.79 11.25 -48.32
CA LYS F 103 33.14 11.73 -49.65
C LYS F 103 34.56 12.27 -49.65
N VAL F 104 35.30 11.91 -50.70
CA VAL F 104 36.68 12.37 -50.87
C VAL F 104 36.66 13.44 -51.93
N GLU F 105 37.11 14.62 -51.57
CA GLU F 105 37.20 15.79 -52.42
C GLU F 105 38.64 16.26 -52.48
N ILE F 106 38.88 17.34 -53.21
CA ILE F 106 40.25 17.74 -53.53
C ILE F 106 40.61 19.06 -52.83
N LYS F 107 41.90 19.26 -52.62
CA LYS F 107 42.46 20.53 -52.17
C LYS F 107 42.96 21.35 -53.35
N ARG F 108 42.69 22.65 -53.29
CA ARG F 108 43.10 23.59 -54.32
C ARG F 108 43.35 24.91 -53.61
N THR F 109 44.07 25.82 -54.28
CA THR F 109 44.32 27.17 -53.75
C THR F 109 43.00 27.90 -53.44
N VAL F 110 43.13 28.98 -52.66
CA VAL F 110 41.96 29.78 -52.29
C VAL F 110 41.43 30.49 -53.53
N ALA F 111 40.23 30.15 -53.93
CA ALA F 111 39.62 30.63 -55.17
C ALA F 111 38.38 31.43 -54.84
N ALA F 112 38.35 32.66 -55.33
CA ALA F 112 37.20 33.54 -55.14
C ALA F 112 36.15 33.18 -56.18
N PRO F 113 34.87 33.21 -55.83
CA PRO F 113 33.85 32.75 -56.77
C PRO F 113 33.57 33.76 -57.86
N SER F 114 32.83 33.27 -58.84
CA SER F 114 32.23 34.08 -59.90
C SER F 114 30.74 34.01 -59.65
N VAL F 115 30.10 35.15 -59.52
CA VAL F 115 28.75 35.22 -58.96
C VAL F 115 27.82 35.64 -60.08
N PHE F 116 26.83 34.81 -60.36
CA PHE F 116 25.86 35.07 -61.40
C PHE F 116 24.49 35.14 -60.76
N ILE F 117 23.48 35.50 -61.55
CA ILE F 117 22.12 35.66 -61.01
C ILE F 117 21.14 35.47 -62.15
N PHE F 118 19.90 35.04 -61.81
CA PHE F 118 18.90 34.66 -62.81
C PHE F 118 17.48 35.00 -62.43
N PRO F 119 16.94 36.11 -62.94
CA PRO F 119 15.50 36.43 -62.78
C PRO F 119 14.60 35.29 -63.22
N PRO F 120 13.40 35.19 -62.63
CA PRO F 120 12.44 34.16 -63.07
C PRO F 120 11.81 34.50 -64.40
N SER F 121 11.30 33.46 -65.06
CA SER F 121 10.62 33.68 -66.34
C SER F 121 9.15 33.99 -66.12
N ASP F 122 8.42 34.17 -67.23
CA ASP F 122 7.02 34.54 -67.19
C ASP F 122 6.14 33.34 -66.89
N GLU F 123 6.44 32.20 -67.51
CA GLU F 123 5.68 30.99 -67.30
C GLU F 123 5.85 30.44 -65.88
N GLN F 124 6.90 30.86 -65.16
CA GLN F 124 6.97 30.53 -63.74
C GLN F 124 5.86 31.26 -62.99
N LEU F 125 5.64 32.53 -63.30
CA LEU F 125 4.53 33.27 -62.72
C LEU F 125 3.19 32.73 -63.21
N LYS F 126 3.15 32.08 -64.38
CA LYS F 126 1.96 31.34 -64.77
C LYS F 126 1.87 29.96 -64.14
N SER F 127 2.92 29.51 -63.45
CA SER F 127 2.88 28.28 -62.67
C SER F 127 2.86 28.53 -61.16
N GLY F 128 2.73 29.78 -60.74
CA GLY F 128 2.81 30.06 -59.31
C GLY F 128 4.19 29.96 -58.73
N THR F 129 5.21 30.49 -59.43
CA THR F 129 6.61 30.37 -59.02
C THR F 129 7.36 31.65 -59.32
N ALA F 130 8.14 32.12 -58.36
CA ALA F 130 9.09 33.20 -58.57
C ALA F 130 10.42 32.77 -57.96
N SER F 131 11.40 32.44 -58.80
CA SER F 131 12.68 31.97 -58.28
C SER F 131 13.80 32.82 -58.86
N VAL F 132 14.80 33.12 -58.03
CA VAL F 132 15.97 33.86 -58.45
C VAL F 132 17.15 32.99 -58.09
N VAL F 133 18.03 32.74 -59.04
CA VAL F 133 19.09 31.76 -58.85
C VAL F 133 20.42 32.50 -58.89
N CYS F 134 20.99 32.73 -57.70
CA CYS F 134 22.34 33.28 -57.54
C CYS F 134 23.37 32.16 -57.62
N LEU F 135 24.41 32.34 -58.45
CA LEU F 135 25.36 31.26 -58.69
C LEU F 135 26.84 31.57 -58.45
N LEU F 136 27.35 31.16 -57.30
CA LEU F 136 28.78 31.23 -57.08
C LEU F 136 29.41 30.16 -57.98
N ASN F 137 30.57 30.44 -58.55
CA ASN F 137 31.16 29.43 -59.39
C ASN F 137 32.67 29.49 -59.27
N ASN F 138 33.29 28.31 -59.38
CA ASN F 138 34.74 28.14 -59.50
C ASN F 138 35.45 28.64 -58.25
N PHE F 139 34.85 28.39 -57.10
CA PHE F 139 35.43 28.74 -55.82
C PHE F 139 35.88 27.48 -55.10
N TYR F 140 37.02 27.58 -54.43
CA TYR F 140 37.49 26.61 -53.48
C TYR F 140 38.21 27.48 -52.48
N PRO F 141 38.04 27.27 -51.18
CA PRO F 141 37.24 26.28 -50.44
C PRO F 141 35.78 26.67 -50.24
N ARG F 142 35.06 25.86 -49.45
CA ARG F 142 33.62 26.00 -49.29
C ARG F 142 33.20 27.32 -48.64
N GLU F 143 34.08 27.97 -47.86
CA GLU F 143 33.70 29.07 -46.99
C GLU F 143 33.27 30.28 -47.80
N ALA F 144 31.98 30.54 -47.76
CA ALA F 144 31.36 31.69 -48.41
C ALA F 144 30.11 32.04 -47.62
N LYS F 145 29.57 33.21 -47.92
CA LYS F 145 28.34 33.68 -47.31
C LYS F 145 27.42 34.20 -48.40
N VAL F 146 26.18 33.73 -48.41
CA VAL F 146 25.22 34.14 -49.43
C VAL F 146 24.02 34.73 -48.71
N GLN F 147 23.70 35.98 -49.02
CA GLN F 147 22.59 36.67 -48.38
C GLN F 147 21.69 37.29 -49.43
N TRP F 148 20.39 37.03 -49.33
CA TRP F 148 19.47 37.62 -50.27
C TRP F 148 19.09 39.02 -49.83
N LYS F 149 18.87 39.90 -50.82
CA LYS F 149 18.43 41.26 -50.55
C LYS F 149 17.28 41.60 -51.48
N VAL F 150 16.10 41.82 -50.92
CA VAL F 150 14.96 42.31 -51.70
C VAL F 150 14.75 43.78 -51.30
N ASP F 151 15.07 44.68 -52.24
CA ASP F 151 15.12 46.14 -52.04
C ASP F 151 15.91 46.49 -50.75
N ASN F 152 17.14 45.97 -50.66
CA ASN F 152 18.06 46.16 -49.53
C ASN F 152 17.52 45.63 -48.20
N ALA F 153 16.74 44.56 -48.23
CA ALA F 153 16.20 43.94 -47.01
C ALA F 153 16.61 42.48 -46.98
N LEU F 154 17.18 42.04 -45.86
CA LEU F 154 17.76 40.70 -45.75
C LEU F 154 16.70 39.62 -45.72
N GLN F 155 16.96 38.52 -46.45
CA GLN F 155 16.05 37.41 -46.55
C GLN F 155 16.73 36.11 -46.14
N SER F 156 15.91 35.21 -45.60
CA SER F 156 16.31 33.89 -45.17
C SER F 156 15.04 33.05 -45.03
N GLY F 157 15.19 31.75 -45.22
CA GLY F 157 14.11 30.82 -44.94
C GLY F 157 13.41 30.28 -46.16
N ASN F 158 13.82 30.69 -47.36
CA ASN F 158 13.20 30.20 -48.58
C ASN F 158 14.22 29.72 -49.63
N SER F 159 15.49 29.63 -49.26
CA SER F 159 16.53 29.25 -50.19
C SER F 159 17.09 27.87 -49.86
N GLN F 160 17.77 27.30 -50.86
CA GLN F 160 18.37 25.98 -50.80
C GLN F 160 19.73 26.14 -51.46
N GLU F 161 20.75 25.44 -50.95
CA GLU F 161 22.09 25.53 -51.52
C GLU F 161 22.48 24.24 -52.23
N SER F 162 22.07 24.13 -53.49
CA SER F 162 22.49 23.03 -54.35
C SER F 162 23.91 23.27 -54.83
N VAL F 163 24.86 22.47 -54.35
CA VAL F 163 26.28 22.61 -54.66
C VAL F 163 26.66 21.46 -55.59
N THR F 164 27.23 21.78 -56.75
CA THR F 164 27.67 20.71 -57.64
C THR F 164 28.91 20.00 -57.08
N GLU F 165 29.30 18.97 -57.81
CA GLU F 165 30.45 18.15 -57.49
C GLU F 165 31.71 18.76 -58.06
N GLN F 166 32.81 17.99 -58.02
CA GLN F 166 34.10 18.36 -58.56
C GLN F 166 33.99 18.81 -60.00
N ASP F 167 34.37 20.06 -60.25
CA ASP F 167 34.26 20.65 -61.58
C ASP F 167 35.16 19.96 -62.58
N SER F 168 34.67 19.87 -63.82
CA SER F 168 35.47 19.27 -64.88
C SER F 168 36.58 20.21 -65.32
N LYS F 169 36.49 21.50 -64.98
CA LYS F 169 37.48 22.48 -65.42
C LYS F 169 38.71 22.46 -64.54
N ASP F 170 38.53 22.76 -63.25
CA ASP F 170 39.62 23.00 -62.33
C ASP F 170 39.48 22.25 -61.00
N SER F 171 38.47 21.38 -60.90
CA SER F 171 38.11 20.67 -59.65
C SER F 171 37.70 21.65 -58.55
N THR F 172 36.93 22.65 -58.93
CA THR F 172 36.24 23.53 -57.99
C THR F 172 34.79 23.12 -57.86
N TYR F 173 34.00 23.94 -57.19
CA TYR F 173 32.63 23.61 -56.88
C TYR F 173 31.76 24.82 -57.20
N SER F 174 30.54 24.55 -57.66
CA SER F 174 29.59 25.58 -58.03
C SER F 174 28.38 25.48 -57.11
N LEU F 175 28.03 26.60 -56.50
CA LEU F 175 26.93 26.69 -55.56
C LEU F 175 25.78 27.46 -56.20
N SER F 176 24.56 27.12 -55.80
CA SER F 176 23.36 27.81 -56.28
C SER F 176 22.39 28.02 -55.14
N SER F 177 21.96 29.28 -54.95
CA SER F 177 20.92 29.65 -54.01
C SER F 177 19.68 30.07 -54.79
N THR F 178 18.50 29.82 -54.24
CA THR F 178 17.25 30.02 -54.99
C THR F 178 16.25 30.71 -54.07
N LEU F 179 16.11 32.02 -54.27
CA LEU F 179 15.13 32.83 -53.55
C LEU F 179 13.73 32.56 -54.09
N THR F 180 12.95 31.78 -53.34
CA THR F 180 11.57 31.47 -53.69
C THR F 180 10.65 32.44 -52.96
N LEU F 181 9.80 33.14 -53.71
CA LEU F 181 8.90 34.13 -53.14
C LEU F 181 7.57 34.00 -53.86
N SER F 182 6.73 35.03 -53.76
CA SER F 182 5.43 35.07 -54.43
C SER F 182 5.45 36.20 -55.45
N LYS F 183 4.45 36.22 -56.33
CA LYS F 183 4.36 37.29 -57.31
C LYS F 183 4.03 38.61 -56.63
N ALA F 184 3.32 38.53 -55.49
CA ALA F 184 3.00 39.71 -54.70
C ALA F 184 4.26 40.29 -54.06
N ASP F 185 5.28 39.47 -53.86
CA ASP F 185 6.59 39.96 -53.44
C ASP F 185 7.55 40.07 -54.62
N TYR F 186 7.21 39.50 -55.77
CA TYR F 186 8.05 39.59 -56.96
C TYR F 186 7.93 40.93 -57.65
N GLU F 187 6.71 41.35 -57.95
CA GLU F 187 6.52 42.64 -58.60
C GLU F 187 6.75 43.79 -57.64
N LYS F 188 6.70 43.52 -56.32
CA LYS F 188 6.94 44.56 -55.33
C LYS F 188 8.42 44.88 -55.24
N HIS F 189 9.26 43.88 -54.95
CA HIS F 189 10.69 44.08 -54.76
C HIS F 189 11.42 43.96 -56.10
N LYS F 190 11.92 45.08 -56.61
CA LYS F 190 12.60 45.08 -57.89
C LYS F 190 14.08 44.74 -57.77
N VAL F 191 14.72 45.14 -56.67
CA VAL F 191 16.16 44.99 -56.50
C VAL F 191 16.44 43.63 -55.85
N TYR F 192 17.00 42.71 -56.63
CA TYR F 192 17.32 41.37 -56.17
C TYR F 192 18.84 41.23 -56.10
N ALA F 193 19.41 41.72 -55.01
CA ALA F 193 20.85 41.69 -54.78
C ALA F 193 21.26 40.39 -54.08
N CYS F 194 22.43 39.88 -54.48
CA CYS F 194 23.04 38.68 -53.88
C CYS F 194 24.35 39.09 -53.21
N GLU F 195 24.32 39.27 -51.88
CA GLU F 195 25.50 39.71 -51.11
C GLU F 195 26.43 38.52 -50.84
N VAL F 196 27.37 38.29 -51.74
CA VAL F 196 28.33 37.19 -51.58
C VAL F 196 29.56 37.69 -50.84
N THR F 197 29.99 36.91 -49.83
CA THR F 197 31.20 37.16 -49.04
C THR F 197 31.91 35.84 -48.90
N HIS F 198 33.12 35.74 -49.43
CA HIS F 198 33.90 34.50 -49.48
C HIS F 198 35.31 34.77 -48.93
N GLN F 199 36.04 33.69 -48.61
CA GLN F 199 37.41 33.84 -48.13
C GLN F 199 38.31 34.49 -49.18
N GLY F 200 38.30 33.96 -50.40
CA GLY F 200 39.06 34.56 -51.48
C GLY F 200 38.49 35.89 -51.91
N LEU F 201 37.16 36.00 -51.93
CA LEU F 201 36.49 37.25 -52.26
C LEU F 201 36.14 37.94 -50.95
N SER F 202 37.20 38.36 -50.24
CA SER F 202 37.05 38.98 -48.93
C SER F 202 36.40 40.35 -49.02
N SER F 203 36.68 41.10 -50.07
CA SER F 203 35.85 42.26 -50.41
C SER F 203 34.55 41.73 -50.99
N PRO F 204 33.40 41.97 -50.37
CA PRO F 204 32.17 41.34 -50.86
C PRO F 204 31.68 41.99 -52.15
N VAL F 205 31.18 41.15 -53.05
CA VAL F 205 30.61 41.59 -54.31
C VAL F 205 29.13 41.31 -54.22
N THR F 206 28.33 42.11 -54.91
CA THR F 206 26.87 41.99 -54.77
C THR F 206 26.26 42.15 -56.16
N LYS F 207 26.04 41.01 -56.82
CA LYS F 207 25.47 41.00 -58.16
C LYS F 207 23.95 41.15 -58.06
N SER F 208 23.44 42.19 -58.71
CA SER F 208 22.04 42.56 -58.65
C SER F 208 21.45 42.69 -60.05
N PHE F 209 20.13 42.77 -60.09
CA PHE F 209 19.36 43.11 -61.27
C PHE F 209 18.10 43.80 -60.79
N ASN F 210 17.31 44.30 -61.74
CA ASN F 210 16.10 45.02 -61.36
C ASN F 210 14.88 44.34 -61.97
N ARG F 211 14.40 43.31 -61.26
CA ARG F 211 13.18 42.50 -61.48
C ARG F 211 13.40 41.47 -62.58
#